data_3LY2
#
_entry.id   3LY2
#
_cell.length_a   214.796
_cell.length_b   233.964
_cell.length_c   165.258
_cell.angle_alpha   90.00
_cell.angle_beta   90.00
_cell.angle_gamma   90.00
#
_symmetry.space_group_name_H-M   'C 2 2 21'
#
loop_
_entity.id
_entity.type
_entity.pdbx_description
1 polymer "cAMP-specific 3',5'-cyclic phosphodiesterase 4B"
2 non-polymer 8-(cyclopentyloxy)-4-[(3,5-dichloropyridin-4-yl)amino]-7-methoxy-2H-chromen-2-one
3 non-polymer 'ZINC ION'
4 non-polymer 'MAGNESIUM ION'
5 non-polymer 'SULFATE ION'
6 water water
#
_entity_poly.entity_id   1
_entity_poly.type   'polypeptide(L)'
_entity_poly.pdbx_seq_one_letter_code
;MGSSHHHHHHSSGLVPRGSHMSISRFGVNTENEDHLAKELEDLNKWGLNIFNVAGYSHNRPLTCIMYAIFQERDLLKTFR
ISSDTFITYMMTLEDHYHSDVAYHNSLHAADVAQSTHVLLSTPALDAVFTDLEILAAIFAAAIHDVDHPGVSNQFLINTN
SELALMYNDESVLENHHLAVGFKLLQEEHCDIFMNLTKKQRQTLRKMVIDMVLATDMSKHMSLLADLKTMVETKKVTSSG
VLLLDNYTDRIQVLRNMVHCADLSNPTKSLELYRQWTDRIMEEFFQQGDKERERGMEISPMCDKHTASVEKSQVGFIDYI
VHPLWETWADLVQPDAQDILDTLEDNRNWYQSMIPQS
;
_entity_poly.pdbx_strand_id   A,B,C,D,E,F,G,H
#
loop_
_chem_comp.id
_chem_comp.type
_chem_comp.name
_chem_comp.formula
MG non-polymer 'MAGNESIUM ION' 'Mg 2'
SO4 non-polymer 'SULFATE ION' 'O4 S -2'
Z72 non-polymer 8-(cyclopentyloxy)-4-[(3,5-dichloropyridin-4-yl)amino]-7-methoxy-2H-chromen-2-one 'C20 H18 Cl2 N2 O4'
ZN non-polymer 'ZINC ION' 'Zn 2'
#
# COMPACT_ATOMS: atom_id res chain seq x y z
N SER A 11 1.55 18.81 -32.06
CA SER A 11 0.55 18.01 -31.28
C SER A 11 -0.73 18.83 -31.01
N SER A 12 -1.69 18.21 -30.35
CA SER A 12 -2.96 18.89 -30.04
C SER A 12 -2.87 19.76 -28.79
N GLY A 13 -3.63 20.86 -28.80
CA GLY A 13 -3.66 21.78 -27.68
C GLY A 13 -4.46 21.14 -26.55
N LEU A 14 -5.03 19.97 -26.83
CA LEU A 14 -5.82 19.24 -25.86
C LEU A 14 -4.92 18.36 -24.99
N VAL A 15 -3.65 18.25 -25.35
CA VAL A 15 -2.71 17.44 -24.55
C VAL A 15 -1.50 18.28 -24.12
N PRO A 16 -0.79 17.86 -23.07
CA PRO A 16 0.38 18.62 -22.61
C PRO A 16 1.43 18.75 -23.70
N ARG A 17 2.24 19.80 -23.62
CA ARG A 17 3.30 20.04 -24.59
C ARG A 17 4.23 18.84 -24.60
N GLY A 18 4.60 18.38 -25.80
CA GLY A 18 5.49 17.24 -25.93
C GLY A 18 4.91 15.86 -25.63
N SER A 19 3.62 15.78 -25.33
CA SER A 19 3.01 14.49 -25.03
C SER A 19 2.67 13.66 -26.25
N HIS A 20 2.77 12.34 -26.09
CA HIS A 20 2.48 11.41 -27.18
C HIS A 20 1.01 10.98 -27.14
N MET A 21 0.30 11.40 -26.09
CA MET A 21 -1.11 11.04 -25.94
C MET A 21 -1.92 11.46 -27.17
N SER A 22 -2.74 10.56 -27.68
CA SER A 22 -3.57 10.85 -28.83
C SER A 22 -4.96 11.24 -28.35
N ILE A 23 -5.48 12.36 -28.84
CA ILE A 23 -6.80 12.77 -28.41
C ILE A 23 -7.84 11.73 -28.84
N SER A 24 -7.50 10.88 -29.81
CA SER A 24 -8.44 9.85 -30.24
C SER A 24 -8.55 8.76 -29.18
N ARG A 25 -7.56 8.66 -28.32
CA ARG A 25 -7.59 7.65 -27.27
C ARG A 25 -8.75 7.91 -26.31
N PHE A 26 -9.01 9.19 -26.00
CA PHE A 26 -10.12 9.48 -25.11
C PHE A 26 -11.38 9.95 -25.85
N GLY A 27 -11.58 9.40 -27.03
CA GLY A 27 -12.76 9.68 -27.84
C GLY A 27 -12.99 10.93 -28.65
N VAL A 28 -11.95 11.70 -28.98
CA VAL A 28 -12.18 12.90 -29.78
C VAL A 28 -11.70 12.75 -31.21
N ASN A 29 -12.60 13.03 -32.16
CA ASN A 29 -12.27 12.97 -33.58
C ASN A 29 -11.81 14.35 -33.98
N THR A 30 -11.10 14.43 -35.10
CA THR A 30 -10.60 15.70 -35.59
C THR A 30 -11.76 16.66 -35.93
N GLU A 31 -12.88 16.10 -36.39
CA GLU A 31 -14.06 16.90 -36.76
C GLU A 31 -14.59 17.70 -35.57
N ASN A 32 -14.34 17.23 -34.36
CA ASN A 32 -14.84 17.91 -33.18
C ASN A 32 -13.79 18.58 -32.30
N GLU A 33 -12.53 18.55 -32.72
CA GLU A 33 -11.47 19.15 -31.92
C GLU A 33 -11.71 20.64 -31.66
N ASP A 34 -12.01 21.39 -32.72
CA ASP A 34 -12.26 22.81 -32.56
C ASP A 34 -13.53 23.08 -31.76
N HIS A 35 -14.62 22.39 -32.08
CA HIS A 35 -15.86 22.57 -31.35
C HIS A 35 -15.64 22.36 -29.85
N LEU A 36 -14.89 21.31 -29.51
CA LEU A 36 -14.60 20.98 -28.12
C LEU A 36 -13.67 22.01 -27.46
N ALA A 37 -12.61 22.41 -28.15
CA ALA A 37 -11.68 23.38 -27.60
C ALA A 37 -12.42 24.68 -27.32
N LYS A 38 -13.41 24.99 -28.15
CA LYS A 38 -14.18 26.20 -27.97
C LYS A 38 -15.00 26.06 -26.69
N GLU A 39 -15.66 24.92 -26.55
CA GLU A 39 -16.46 24.63 -25.37
C GLU A 39 -15.60 24.73 -24.13
N LEU A 40 -14.37 24.23 -24.23
CA LEU A 40 -13.45 24.23 -23.10
C LEU A 40 -12.91 25.61 -22.74
N GLU A 41 -13.32 26.63 -23.50
CA GLU A 41 -12.87 27.98 -23.15
C GLU A 41 -13.67 28.41 -21.94
N ASP A 42 -14.74 27.66 -21.66
CA ASP A 42 -15.59 27.93 -20.53
C ASP A 42 -15.28 27.01 -19.36
N LEU A 43 -14.17 26.28 -19.48
CA LEU A 43 -13.80 25.35 -18.42
C LEU A 43 -13.85 25.96 -17.03
N ASN A 44 -13.40 27.20 -16.89
CA ASN A 44 -13.41 27.83 -15.56
C ASN A 44 -14.69 28.61 -15.23
N LYS A 45 -15.75 28.39 -16.01
CA LYS A 45 -16.98 29.12 -15.78
C LYS A 45 -18.18 28.23 -15.45
N TRP A 46 -19.12 28.80 -14.70
CA TRP A 46 -20.34 28.08 -14.31
C TRP A 46 -21.17 27.72 -15.53
N GLY A 47 -21.05 28.54 -16.57
CA GLY A 47 -21.82 28.31 -17.79
C GLY A 47 -21.40 27.17 -18.72
N LEU A 48 -20.29 26.50 -18.43
CA LEU A 48 -19.84 25.40 -19.27
C LEU A 48 -20.96 24.38 -19.54
N ASN A 49 -21.04 23.88 -20.77
CA ASN A 49 -22.06 22.90 -21.13
C ASN A 49 -21.43 21.50 -21.22
N ILE A 50 -21.60 20.72 -20.16
CA ILE A 50 -21.04 19.38 -20.09
C ILE A 50 -21.66 18.44 -21.11
N PHE A 51 -22.88 18.75 -21.55
CA PHE A 51 -23.59 17.94 -22.55
C PHE A 51 -22.90 18.01 -23.91
N ASN A 52 -22.39 19.20 -24.25
CA ASN A 52 -21.70 19.38 -25.54
C ASN A 52 -20.38 18.64 -25.49
N VAL A 53 -19.69 18.76 -24.36
CA VAL A 53 -18.41 18.10 -24.15
C VAL A 53 -18.60 16.60 -24.36
N ALA A 54 -19.68 16.06 -23.81
CA ALA A 54 -19.98 14.65 -23.93
C ALA A 54 -20.19 14.28 -25.39
N GLY A 55 -20.93 15.12 -26.11
CA GLY A 55 -21.19 14.86 -27.51
C GLY A 55 -19.94 14.92 -28.37
N TYR A 56 -19.00 15.76 -27.99
CA TYR A 56 -17.76 15.91 -28.74
C TYR A 56 -16.68 14.91 -28.34
N SER A 57 -17.01 13.96 -27.48
CA SER A 57 -15.99 13.01 -27.07
C SER A 57 -16.49 11.60 -26.98
N HIS A 58 -17.37 11.23 -27.91
CA HIS A 58 -17.92 9.88 -27.93
C HIS A 58 -18.42 9.45 -26.56
N ASN A 59 -19.03 10.41 -25.87
CA ASN A 59 -19.62 10.22 -24.56
C ASN A 59 -18.69 9.75 -23.44
N ARG A 60 -17.61 10.51 -23.26
CA ARG A 60 -16.62 10.26 -22.24
C ARG A 60 -16.31 11.64 -21.68
N PRO A 61 -17.34 12.33 -21.16
CA PRO A 61 -17.15 13.68 -20.61
C PRO A 61 -16.31 13.75 -19.34
N LEU A 62 -16.36 12.69 -18.54
CA LEU A 62 -15.62 12.67 -17.29
C LEU A 62 -14.12 12.68 -17.57
N THR A 63 -13.65 11.73 -18.37
CA THR A 63 -12.24 11.66 -18.72
C THR A 63 -11.83 12.96 -19.41
N CYS A 64 -12.68 13.43 -20.31
CA CYS A 64 -12.37 14.62 -21.06
C CYS A 64 -12.27 15.87 -20.16
N ILE A 65 -13.27 16.09 -19.31
CA ILE A 65 -13.25 17.26 -18.44
C ILE A 65 -12.16 17.19 -17.36
N MET A 66 -11.93 15.99 -16.82
CA MET A 66 -10.90 15.81 -15.79
C MET A 66 -9.50 16.09 -16.34
N TYR A 67 -9.27 15.68 -17.59
CA TYR A 67 -7.99 15.87 -18.24
C TYR A 67 -7.75 17.36 -18.44
N ALA A 68 -8.79 18.06 -18.88
CA ALA A 68 -8.67 19.51 -19.08
C ALA A 68 -8.41 20.21 -17.76
N ILE A 69 -9.13 19.79 -16.70
CA ILE A 69 -8.97 20.40 -15.39
C ILE A 69 -7.57 20.20 -14.84
N PHE A 70 -7.05 18.97 -14.96
CA PHE A 70 -5.71 18.68 -14.45
C PHE A 70 -4.60 19.40 -15.20
N GLN A 71 -4.81 19.70 -16.49
CA GLN A 71 -3.78 20.43 -17.25
C GLN A 71 -3.92 21.90 -16.85
N GLU A 72 -5.16 22.38 -16.79
CA GLU A 72 -5.45 23.76 -16.41
C GLU A 72 -4.85 24.09 -15.02
N ARG A 73 -5.04 23.21 -14.05
CA ARG A 73 -4.52 23.42 -12.70
C ARG A 73 -3.09 22.92 -12.51
N ASP A 74 -2.49 22.45 -13.60
CA ASP A 74 -1.11 21.94 -13.61
C ASP A 74 -0.87 20.77 -12.64
N LEU A 75 -1.93 20.03 -12.32
CA LEU A 75 -1.83 18.91 -11.39
C LEU A 75 -1.03 17.70 -11.89
N LEU A 76 -0.96 17.48 -13.20
CA LEU A 76 -0.20 16.35 -13.70
C LEU A 76 1.29 16.53 -13.38
N LYS A 77 1.79 17.75 -13.58
CA LYS A 77 3.18 18.05 -13.29
C LYS A 77 3.44 18.16 -11.80
N THR A 78 2.52 18.77 -11.06
CA THR A 78 2.71 18.92 -9.62
C THR A 78 2.82 17.58 -8.90
N PHE A 79 1.94 16.63 -9.22
CA PHE A 79 1.99 15.33 -8.56
C PHE A 79 2.60 14.21 -9.38
N ARG A 80 3.34 14.61 -10.40
CA ARG A 80 4.04 13.69 -11.30
C ARG A 80 3.19 12.55 -11.83
N ILE A 81 2.07 12.92 -12.46
CA ILE A 81 1.17 11.94 -13.05
C ILE A 81 1.37 12.03 -14.55
N SER A 82 1.68 10.91 -15.19
CA SER A 82 1.88 10.90 -16.63
C SER A 82 0.51 10.86 -17.31
N SER A 83 0.42 11.41 -18.52
CA SER A 83 -0.86 11.40 -19.22
C SER A 83 -1.39 9.98 -19.39
N ASP A 84 -0.49 9.04 -19.63
CA ASP A 84 -0.88 7.65 -19.81
C ASP A 84 -1.55 7.09 -18.55
N THR A 85 -0.90 7.26 -17.40
CA THR A 85 -1.46 6.77 -16.14
C THR A 85 -2.81 7.41 -15.89
N PHE A 86 -2.87 8.73 -16.05
CA PHE A 86 -4.10 9.46 -15.83
C PHE A 86 -5.27 8.99 -16.71
N ILE A 87 -5.07 8.99 -18.02
CA ILE A 87 -6.09 8.56 -18.96
C ILE A 87 -6.50 7.10 -18.72
N THR A 88 -5.55 6.26 -18.31
CA THR A 88 -5.91 4.86 -18.08
C THR A 88 -6.85 4.79 -16.88
N TYR A 89 -6.53 5.52 -15.82
CA TYR A 89 -7.38 5.51 -14.63
C TYR A 89 -8.75 6.12 -14.89
N MET A 90 -8.78 7.27 -15.56
CA MET A 90 -10.04 7.95 -15.84
C MET A 90 -10.97 7.13 -16.71
N MET A 91 -10.45 6.54 -17.78
CA MET A 91 -11.29 5.74 -18.66
C MET A 91 -11.82 4.54 -17.89
N THR A 92 -11.00 3.99 -17.00
CA THR A 92 -11.39 2.84 -16.19
C THR A 92 -12.51 3.25 -15.24
N LEU A 93 -12.34 4.41 -14.60
CA LEU A 93 -13.35 4.93 -13.69
C LEU A 93 -14.64 5.26 -14.46
N GLU A 94 -14.52 6.00 -15.55
CA GLU A 94 -15.71 6.38 -16.33
C GLU A 94 -16.48 5.12 -16.73
N ASP A 95 -15.73 4.08 -17.08
CA ASP A 95 -16.26 2.79 -17.47
C ASP A 95 -17.05 2.14 -16.34
N HIS A 96 -16.81 2.57 -15.10
CA HIS A 96 -17.51 2.01 -13.95
C HIS A 96 -18.74 2.79 -13.53
N TYR A 97 -19.06 3.81 -14.30
CA TYR A 97 -20.29 4.56 -14.06
C TYR A 97 -21.24 3.85 -15.03
N HIS A 98 -22.42 3.47 -14.55
CA HIS A 98 -23.39 2.75 -15.38
C HIS A 98 -24.01 3.64 -16.44
N SER A 99 -23.78 3.31 -17.70
CA SER A 99 -24.34 4.08 -18.79
C SER A 99 -25.86 3.95 -18.87
N ASP A 100 -26.41 2.82 -18.43
CA ASP A 100 -27.85 2.62 -18.50
C ASP A 100 -28.63 3.22 -17.33
N VAL A 101 -27.93 3.93 -16.44
CA VAL A 101 -28.60 4.58 -15.33
C VAL A 101 -28.84 6.01 -15.83
N ALA A 102 -30.10 6.44 -15.81
CA ALA A 102 -30.49 7.75 -16.32
C ALA A 102 -29.77 9.00 -15.81
N TYR A 103 -29.59 9.13 -14.51
CA TYR A 103 -28.95 10.32 -13.96
C TYR A 103 -27.51 10.11 -13.48
N HIS A 104 -27.33 9.15 -12.57
CA HIS A 104 -26.01 8.86 -12.00
C HIS A 104 -24.99 8.13 -12.89
N ASN A 105 -24.76 8.66 -14.07
CA ASN A 105 -23.77 8.09 -14.99
C ASN A 105 -22.59 9.06 -15.02
N SER A 106 -21.60 8.79 -15.87
CA SER A 106 -20.40 9.64 -15.91
C SER A 106 -20.64 11.11 -16.23
N LEU A 107 -21.78 11.43 -16.83
CA LEU A 107 -22.05 12.82 -17.15
C LEU A 107 -22.26 13.63 -15.86
N HIS A 108 -23.00 13.05 -14.92
CA HIS A 108 -23.26 13.70 -13.64
C HIS A 108 -21.95 13.95 -12.90
N ALA A 109 -21.08 12.95 -12.89
CA ALA A 109 -19.78 13.06 -12.23
C ALA A 109 -18.94 14.17 -12.87
N ALA A 110 -18.93 14.23 -14.21
CA ALA A 110 -18.18 15.23 -14.94
C ALA A 110 -18.66 16.62 -14.59
N ASP A 111 -19.96 16.75 -14.40
CA ASP A 111 -20.58 18.01 -14.05
C ASP A 111 -20.16 18.44 -12.65
N VAL A 112 -20.16 17.50 -11.70
CA VAL A 112 -19.79 17.80 -10.31
C VAL A 112 -18.30 18.17 -10.27
N ALA A 113 -17.48 17.41 -10.98
CA ALA A 113 -16.04 17.66 -11.02
C ALA A 113 -15.79 19.07 -11.55
N GLN A 114 -16.36 19.37 -12.71
CA GLN A 114 -16.21 20.66 -13.36
C GLN A 114 -16.72 21.81 -12.47
N SER A 115 -17.86 21.59 -11.83
CA SER A 115 -18.44 22.59 -10.94
C SER A 115 -17.54 22.79 -9.73
N THR A 116 -17.06 21.69 -9.16
CA THR A 116 -16.16 21.75 -7.99
C THR A 116 -14.94 22.56 -8.42
N HIS A 117 -14.46 22.28 -9.62
CA HIS A 117 -13.33 22.99 -10.18
C HIS A 117 -13.58 24.51 -10.19
N VAL A 118 -14.79 24.92 -10.57
CA VAL A 118 -15.11 26.33 -10.61
C VAL A 118 -15.21 26.94 -9.21
N LEU A 119 -15.85 26.22 -8.28
CA LEU A 119 -16.00 26.70 -6.91
C LEU A 119 -14.63 26.90 -6.22
N LEU A 120 -13.71 25.96 -6.43
CA LEU A 120 -12.36 26.03 -5.84
C LEU A 120 -11.64 27.32 -6.17
N SER A 121 -12.04 27.96 -7.28
CA SER A 121 -11.41 29.20 -7.72
C SER A 121 -12.17 30.48 -7.36
N THR A 122 -13.24 30.36 -6.58
CA THR A 122 -14.01 31.53 -6.19
C THR A 122 -13.05 32.49 -5.45
N PRO A 123 -13.07 33.78 -5.82
CA PRO A 123 -12.21 34.81 -5.22
C PRO A 123 -12.05 34.76 -3.69
N ALA A 124 -13.15 34.55 -2.98
CA ALA A 124 -13.11 34.51 -1.53
C ALA A 124 -12.22 33.40 -0.97
N LEU A 125 -12.03 32.31 -1.71
CA LEU A 125 -11.22 31.19 -1.24
C LEU A 125 -9.79 31.15 -1.77
N ASP A 126 -9.41 32.20 -2.49
CA ASP A 126 -8.09 32.28 -3.08
C ASP A 126 -6.95 32.06 -2.08
N ALA A 127 -5.98 31.23 -2.46
CA ALA A 127 -4.81 30.92 -1.63
C ALA A 127 -5.11 30.20 -0.32
N VAL A 128 -6.32 29.66 -0.19
CA VAL A 128 -6.69 28.95 1.02
C VAL A 128 -6.22 27.50 1.01
N PHE A 129 -6.46 26.81 -0.09
CA PHE A 129 -6.13 25.40 -0.20
C PHE A 129 -4.80 25.03 -0.83
N THR A 130 -4.21 23.95 -0.33
CA THR A 130 -2.95 23.43 -0.85
C THR A 130 -3.27 22.68 -2.14
N ASP A 131 -2.25 22.40 -2.95
CA ASP A 131 -2.51 21.69 -4.19
C ASP A 131 -3.08 20.32 -3.87
N LEU A 132 -2.67 19.76 -2.74
CA LEU A 132 -3.13 18.45 -2.31
C LEU A 132 -4.63 18.47 -2.01
N GLU A 133 -5.10 19.52 -1.34
CA GLU A 133 -6.51 19.63 -1.00
C GLU A 133 -7.31 19.82 -2.29
N ILE A 134 -6.78 20.62 -3.20
CA ILE A 134 -7.41 20.84 -4.49
C ILE A 134 -7.50 19.49 -5.20
N LEU A 135 -6.40 18.73 -5.17
CA LEU A 135 -6.36 17.42 -5.83
C LEU A 135 -7.44 16.49 -5.27
N ALA A 136 -7.58 16.49 -3.96
CA ALA A 136 -8.57 15.63 -3.32
C ALA A 136 -9.99 16.05 -3.59
N ALA A 137 -10.24 17.35 -3.66
CA ALA A 137 -11.61 17.82 -3.91
C ALA A 137 -12.11 17.36 -5.30
N ILE A 138 -11.29 17.61 -6.32
CA ILE A 138 -11.65 17.25 -7.67
C ILE A 138 -11.74 15.72 -7.85
N PHE A 139 -10.81 14.99 -7.24
CA PHE A 139 -10.82 13.53 -7.32
C PHE A 139 -12.08 13.00 -6.67
N ALA A 140 -12.41 13.54 -5.52
CA ALA A 140 -13.62 13.12 -4.79
C ALA A 140 -14.85 13.33 -5.66
N ALA A 141 -14.93 14.49 -6.30
CA ALA A 141 -16.05 14.81 -7.17
C ALA A 141 -16.16 13.80 -8.29
N ALA A 142 -15.02 13.44 -8.88
CA ALA A 142 -14.98 12.50 -9.98
C ALA A 142 -15.43 11.09 -9.63
N ILE A 143 -15.15 10.63 -8.40
CA ILE A 143 -15.52 9.27 -8.01
C ILE A 143 -16.75 9.21 -7.14
N HIS A 144 -17.25 10.37 -6.72
CA HIS A 144 -18.37 10.41 -5.78
C HIS A 144 -19.60 9.56 -6.01
N ASP A 145 -19.89 9.18 -7.25
CA ASP A 145 -21.06 8.33 -7.53
C ASP A 145 -20.71 7.13 -8.40
N VAL A 146 -19.43 6.77 -8.47
CA VAL A 146 -19.02 5.64 -9.30
C VAL A 146 -19.70 4.34 -8.95
N ASP A 147 -20.12 3.63 -9.99
CA ASP A 147 -20.79 2.34 -9.86
C ASP A 147 -22.13 2.44 -9.13
N HIS A 148 -22.82 3.56 -9.33
CA HIS A 148 -24.13 3.80 -8.73
C HIS A 148 -25.10 2.89 -9.47
N PRO A 149 -25.96 2.16 -8.74
CA PRO A 149 -26.90 1.28 -9.43
C PRO A 149 -28.23 1.88 -9.89
N GLY A 150 -28.50 3.12 -9.56
CA GLY A 150 -29.75 3.74 -9.99
C GLY A 150 -30.90 3.65 -9.01
N VAL A 151 -30.61 3.17 -7.80
CA VAL A 151 -31.61 3.06 -6.75
C VAL A 151 -31.01 3.71 -5.52
N SER A 152 -31.86 4.06 -4.56
CA SER A 152 -31.41 4.73 -3.34
C SER A 152 -30.87 3.78 -2.28
N ASN A 153 -30.29 4.36 -1.24
CA ASN A 153 -29.78 3.56 -0.15
C ASN A 153 -30.93 2.77 0.47
N GLN A 154 -32.08 3.42 0.62
CA GLN A 154 -33.23 2.78 1.22
C GLN A 154 -33.68 1.55 0.43
N PHE A 155 -33.53 1.61 -0.90
CA PHE A 155 -33.91 0.48 -1.73
C PHE A 155 -32.95 -0.67 -1.39
N LEU A 156 -31.66 -0.35 -1.32
CA LEU A 156 -30.65 -1.35 -1.01
C LEU A 156 -30.87 -1.93 0.38
N ILE A 157 -31.28 -1.08 1.32
CA ILE A 157 -31.53 -1.54 2.68
C ILE A 157 -32.73 -2.48 2.73
N ASN A 158 -33.81 -2.08 2.05
CA ASN A 158 -35.03 -2.89 2.03
C ASN A 158 -34.92 -4.25 1.34
N THR A 159 -34.08 -4.35 0.30
CA THR A 159 -33.91 -5.61 -0.42
C THR A 159 -32.84 -6.48 0.19
N ASN A 160 -32.31 -6.06 1.34
CA ASN A 160 -31.24 -6.77 2.04
C ASN A 160 -30.02 -6.98 1.15
N SER A 161 -29.64 -5.90 0.49
CA SER A 161 -28.50 -5.90 -0.39
C SER A 161 -27.23 -6.30 0.36
N GLU A 162 -26.38 -7.06 -0.31
CA GLU A 162 -25.09 -7.49 0.24
C GLU A 162 -24.33 -6.24 0.74
N LEU A 163 -24.37 -5.17 -0.05
CA LEU A 163 -23.70 -3.93 0.33
C LEU A 163 -24.26 -3.36 1.62
N ALA A 164 -25.59 -3.37 1.74
CA ALA A 164 -26.23 -2.85 2.93
C ALA A 164 -25.82 -3.61 4.18
N LEU A 165 -25.63 -4.92 4.05
CA LEU A 165 -25.24 -5.75 5.18
C LEU A 165 -23.81 -5.39 5.56
N MET A 166 -22.97 -5.36 4.54
CA MET A 166 -21.55 -5.05 4.64
C MET A 166 -21.32 -3.74 5.43
N TYR A 167 -22.10 -2.71 5.09
CA TYR A 167 -21.95 -1.41 5.73
C TYR A 167 -22.95 -1.09 6.83
N ASN A 168 -23.66 -2.10 7.31
CA ASN A 168 -24.63 -1.89 8.39
C ASN A 168 -25.63 -0.77 8.11
N ASP A 169 -26.16 -0.77 6.89
CA ASP A 169 -27.15 0.21 6.46
C ASP A 169 -26.75 1.67 6.59
N GLU A 170 -25.47 1.94 6.84
CA GLU A 170 -25.02 3.31 7.01
C GLU A 170 -24.27 3.83 5.77
N SER A 171 -24.87 4.81 5.09
CA SER A 171 -24.30 5.40 3.88
C SER A 171 -23.83 4.32 2.91
N VAL A 172 -24.69 3.36 2.63
CA VAL A 172 -24.35 2.25 1.75
C VAL A 172 -23.67 2.63 0.44
N LEU A 173 -24.37 3.42 -0.38
CA LEU A 173 -23.82 3.83 -1.67
C LEU A 173 -22.50 4.59 -1.59
N GLU A 174 -22.48 5.62 -0.76
CA GLU A 174 -21.30 6.47 -0.60
C GLU A 174 -20.06 5.66 -0.22
N ASN A 175 -20.21 4.73 0.71
CA ASN A 175 -19.08 3.89 1.13
C ASN A 175 -18.62 3.08 -0.06
N HIS A 176 -19.59 2.57 -0.83
CA HIS A 176 -19.30 1.77 -1.99
C HIS A 176 -18.58 2.59 -3.07
N HIS A 177 -19.04 3.83 -3.31
CA HIS A 177 -18.40 4.69 -4.29
C HIS A 177 -16.91 4.85 -3.89
N LEU A 178 -16.66 5.02 -2.59
CA LEU A 178 -15.29 5.17 -2.09
C LEU A 178 -14.49 3.89 -2.33
N ALA A 179 -15.06 2.74 -2.01
CA ALA A 179 -14.34 1.49 -2.20
C ALA A 179 -13.95 1.29 -3.66
N VAL A 180 -14.88 1.55 -4.57
CA VAL A 180 -14.60 1.39 -5.99
C VAL A 180 -13.59 2.43 -6.50
N GLY A 181 -13.85 3.70 -6.20
CA GLY A 181 -12.95 4.75 -6.62
C GLY A 181 -11.49 4.46 -6.31
N PHE A 182 -11.21 3.97 -5.10
CA PHE A 182 -9.83 3.65 -4.72
C PHE A 182 -9.35 2.29 -5.24
N LYS A 183 -10.24 1.31 -5.28
CA LYS A 183 -9.85 -0.01 -5.76
C LYS A 183 -9.35 0.04 -7.19
N LEU A 184 -9.95 0.89 -8.02
CA LEU A 184 -9.54 0.99 -9.42
C LEU A 184 -8.12 1.54 -9.59
N LEU A 185 -7.56 2.15 -8.54
CA LEU A 185 -6.21 2.68 -8.60
C LEU A 185 -5.23 1.52 -8.78
N GLN A 186 -5.68 0.32 -8.44
CA GLN A 186 -4.84 -0.86 -8.53
C GLN A 186 -4.87 -1.62 -9.83
N GLU A 187 -5.71 -1.21 -10.77
CA GLU A 187 -5.71 -1.93 -12.05
C GLU A 187 -4.46 -1.51 -12.82
N GLU A 188 -4.15 -2.24 -13.89
CA GLU A 188 -2.98 -1.98 -14.72
C GLU A 188 -2.80 -0.52 -15.19
N HIS A 189 -1.67 0.08 -14.83
CA HIS A 189 -1.33 1.46 -15.17
C HIS A 189 -2.32 2.49 -14.66
N CYS A 190 -2.96 2.22 -13.53
CA CYS A 190 -3.95 3.16 -13.01
C CYS A 190 -3.56 3.92 -11.74
N ASP A 191 -2.34 3.74 -11.24
CA ASP A 191 -2.01 4.42 -10.01
C ASP A 191 -1.58 5.88 -10.14
N ILE A 192 -2.57 6.77 -10.21
CA ILE A 192 -2.27 8.19 -10.35
C ILE A 192 -1.69 8.84 -9.09
N PHE A 193 -1.69 8.14 -7.96
CA PHE A 193 -1.14 8.71 -6.73
C PHE A 193 0.19 8.09 -6.37
N MET A 194 0.74 7.30 -7.28
CA MET A 194 2.01 6.63 -7.04
C MET A 194 3.13 7.54 -6.55
N ASN A 195 3.21 8.75 -7.09
CA ASN A 195 4.30 9.65 -6.69
C ASN A 195 4.01 10.64 -5.58
N LEU A 196 2.89 10.50 -4.87
CA LEU A 196 2.65 11.40 -3.75
C LEU A 196 3.43 10.71 -2.63
N THR A 197 3.74 11.43 -1.56
CA THR A 197 4.48 10.81 -0.47
C THR A 197 3.47 9.97 0.33
N LYS A 198 3.97 9.18 1.27
CA LYS A 198 3.12 8.34 2.09
C LYS A 198 2.17 9.24 2.90
N LYS A 199 2.74 10.31 3.46
CA LYS A 199 1.98 11.27 4.25
C LYS A 199 0.90 11.91 3.40
N GLN A 200 1.22 12.23 2.14
CA GLN A 200 0.24 12.84 1.24
C GLN A 200 -0.89 11.90 0.85
N ARG A 201 -0.58 10.62 0.65
CA ARG A 201 -1.62 9.66 0.28
C ARG A 201 -2.54 9.42 1.49
N GLN A 202 -1.98 9.46 2.69
CA GLN A 202 -2.80 9.23 3.85
C GLN A 202 -3.77 10.41 4.02
N THR A 203 -3.24 11.63 3.91
CA THR A 203 -4.04 12.82 4.05
C THR A 203 -5.10 12.96 2.96
N LEU A 204 -4.74 12.57 1.74
CA LEU A 204 -5.69 12.64 0.65
C LEU A 204 -6.81 11.63 0.85
N ARG A 205 -6.47 10.42 1.29
CA ARG A 205 -7.48 9.40 1.49
C ARG A 205 -8.55 9.89 2.48
N LYS A 206 -8.09 10.42 3.60
CA LYS A 206 -8.95 10.92 4.65
C LYS A 206 -9.86 12.04 4.14
N MET A 207 -9.31 12.97 3.35
CA MET A 207 -10.11 14.07 2.83
C MET A 207 -11.15 13.62 1.83
N VAL A 208 -10.80 12.64 0.99
CA VAL A 208 -11.74 12.11 -0.02
C VAL A 208 -12.89 11.37 0.67
N ILE A 209 -12.54 10.52 1.64
CA ILE A 209 -13.52 9.76 2.39
C ILE A 209 -14.55 10.74 2.97
N ASP A 210 -14.03 11.80 3.57
CA ASP A 210 -14.82 12.83 4.21
C ASP A 210 -15.80 13.51 3.26
N MET A 211 -15.29 13.91 2.10
CA MET A 211 -16.10 14.58 1.11
C MET A 211 -17.16 13.70 0.46
N VAL A 212 -16.83 12.45 0.17
CA VAL A 212 -17.80 11.57 -0.46
C VAL A 212 -18.91 11.14 0.50
N LEU A 213 -18.58 10.94 1.78
CA LEU A 213 -19.61 10.56 2.73
C LEU A 213 -20.57 11.73 2.92
N ALA A 214 -20.07 12.94 2.79
CA ALA A 214 -20.92 14.12 2.95
C ALA A 214 -21.90 14.30 1.79
N THR A 215 -21.77 13.51 0.72
CA THR A 215 -22.71 13.64 -0.39
C THR A 215 -23.97 12.82 -0.08
N ASP A 216 -23.97 12.16 1.07
CA ASP A 216 -25.13 11.38 1.52
C ASP A 216 -26.18 12.41 1.96
N MET A 217 -27.32 12.43 1.26
CA MET A 217 -28.37 13.38 1.57
C MET A 217 -28.88 13.39 3.00
N SER A 218 -28.88 12.23 3.64
CA SER A 218 -29.34 12.12 5.01
C SER A 218 -28.45 12.94 5.95
N LYS A 219 -27.29 13.37 5.45
CA LYS A 219 -26.36 14.15 6.25
C LYS A 219 -26.50 15.63 5.94
N HIS A 220 -27.27 15.96 4.93
CA HIS A 220 -27.46 17.34 4.51
C HIS A 220 -27.78 18.34 5.61
N MET A 221 -28.79 18.04 6.43
CA MET A 221 -29.20 18.92 7.51
C MET A 221 -28.04 19.24 8.44
N SER A 222 -27.38 18.19 8.92
CA SER A 222 -26.24 18.35 9.81
C SER A 222 -25.12 19.15 9.14
N LEU A 223 -24.90 18.90 7.86
CA LEU A 223 -23.87 19.59 7.10
C LEU A 223 -24.21 21.07 6.95
N LEU A 224 -25.46 21.38 6.60
CA LEU A 224 -25.89 22.77 6.44
C LEU A 224 -25.79 23.56 7.74
N ALA A 225 -26.10 22.90 8.85
CA ALA A 225 -26.05 23.55 10.14
C ALA A 225 -24.64 23.97 10.49
N ASP A 226 -23.69 23.04 10.39
CA ASP A 226 -22.30 23.35 10.69
C ASP A 226 -21.78 24.48 9.83
N LEU A 227 -22.19 24.50 8.57
CA LEU A 227 -21.75 25.56 7.65
C LEU A 227 -22.24 26.93 8.12
N LYS A 228 -23.51 27.01 8.54
CA LYS A 228 -24.05 28.28 9.01
C LYS A 228 -23.28 28.77 10.21
N THR A 229 -22.83 27.84 11.05
CA THR A 229 -22.07 28.18 12.24
C THR A 229 -20.74 28.80 11.83
N MET A 230 -20.11 28.21 10.83
CA MET A 230 -18.85 28.71 10.32
C MET A 230 -19.01 30.11 9.73
N VAL A 231 -20.08 30.34 8.98
CA VAL A 231 -20.34 31.63 8.39
C VAL A 231 -20.37 32.72 9.46
N GLU A 232 -20.93 32.36 10.63
CA GLU A 232 -21.06 33.26 11.78
C GLU A 232 -19.72 33.78 12.29
N THR A 233 -18.79 32.86 12.46
CA THR A 233 -17.47 33.16 12.99
C THR A 233 -16.42 33.40 11.91
N LYS A 234 -16.84 33.49 10.65
CA LYS A 234 -15.85 33.66 9.59
C LYS A 234 -14.94 34.87 9.78
N LYS A 235 -13.66 34.65 9.49
CA LYS A 235 -12.64 35.68 9.57
C LYS A 235 -12.28 35.98 8.13
N VAL A 236 -11.95 37.24 7.84
CA VAL A 236 -11.62 37.61 6.47
C VAL A 236 -10.45 38.59 6.46
N THR A 237 -9.77 38.70 5.32
CA THR A 237 -8.63 39.61 5.23
C THR A 237 -9.09 40.99 4.78
N SER A 238 -8.13 41.92 4.78
CA SER A 238 -8.39 43.29 4.38
C SER A 238 -9.00 43.30 2.97
N SER A 239 -8.43 42.48 2.09
CA SER A 239 -8.90 42.38 0.71
C SER A 239 -10.24 41.64 0.59
N GLY A 240 -10.67 41.01 1.68
CA GLY A 240 -11.93 40.28 1.67
C GLY A 240 -11.84 38.79 1.41
N VAL A 241 -10.64 38.23 1.50
CA VAL A 241 -10.45 36.81 1.28
C VAL A 241 -10.62 36.02 2.58
N LEU A 242 -11.33 34.90 2.52
CA LEU A 242 -11.56 34.08 3.70
C LEU A 242 -10.25 33.58 4.32
N LEU A 243 -10.24 33.49 5.64
CA LEU A 243 -9.07 33.02 6.37
C LEU A 243 -9.40 31.70 7.06
N LEU A 244 -8.95 30.59 6.48
CA LEU A 244 -9.20 29.28 7.06
C LEU A 244 -7.90 28.73 7.63
N ASP A 245 -7.58 29.24 8.82
CA ASP A 245 -6.36 28.88 9.54
C ASP A 245 -6.04 27.39 9.70
N ASN A 246 -7.00 26.62 10.19
CA ASN A 246 -6.77 25.20 10.44
C ASN A 246 -7.48 24.21 9.52
N TYR A 247 -6.97 22.98 9.54
CA TYR A 247 -7.48 21.88 8.75
C TYR A 247 -8.99 21.72 8.89
N THR A 248 -9.49 21.80 10.12
CA THR A 248 -10.92 21.63 10.38
C THR A 248 -11.82 22.52 9.54
N ASP A 249 -11.50 23.81 9.48
CA ASP A 249 -12.31 24.74 8.71
C ASP A 249 -12.18 24.50 7.22
N ARG A 250 -10.99 24.12 6.78
CA ARG A 250 -10.77 23.87 5.36
C ARG A 250 -11.54 22.66 4.84
N ILE A 251 -11.50 21.55 5.58
CA ILE A 251 -12.20 20.35 5.15
C ILE A 251 -13.70 20.52 5.31
N GLN A 252 -14.12 21.42 6.19
CA GLN A 252 -15.54 21.62 6.36
C GLN A 252 -16.05 22.38 5.14
N VAL A 253 -15.28 23.36 4.69
CA VAL A 253 -15.65 24.12 3.51
C VAL A 253 -15.66 23.19 2.29
N LEU A 254 -14.63 22.35 2.17
CA LEU A 254 -14.54 21.41 1.05
C LEU A 254 -15.69 20.38 1.06
N ARG A 255 -16.12 19.99 2.26
CA ARG A 255 -17.23 19.04 2.39
C ARG A 255 -18.44 19.71 1.75
N ASN A 256 -18.66 20.97 2.13
CA ASN A 256 -19.79 21.73 1.62
C ASN A 256 -19.66 22.09 0.14
N MET A 257 -18.43 22.31 -0.32
CA MET A 257 -18.21 22.65 -1.72
C MET A 257 -18.66 21.53 -2.65
N VAL A 258 -18.25 20.30 -2.35
CA VAL A 258 -18.66 19.16 -3.18
C VAL A 258 -20.15 18.88 -3.06
N HIS A 259 -20.70 19.12 -1.87
CA HIS A 259 -22.12 18.92 -1.62
C HIS A 259 -22.88 19.95 -2.47
N CYS A 260 -22.35 21.16 -2.57
CA CYS A 260 -22.97 22.22 -3.38
C CYS A 260 -22.88 21.89 -4.86
N ALA A 261 -21.74 21.35 -5.28
CA ALA A 261 -21.54 20.96 -6.67
C ALA A 261 -22.53 19.84 -7.01
N ASP A 262 -22.71 18.89 -6.08
CA ASP A 262 -23.64 17.78 -6.27
C ASP A 262 -25.07 18.34 -6.42
N LEU A 263 -25.37 19.41 -5.69
CA LEU A 263 -26.69 20.03 -5.75
C LEU A 263 -26.65 21.35 -6.52
N SER A 264 -25.96 21.37 -7.65
CA SER A 264 -25.87 22.59 -8.43
C SER A 264 -26.76 22.64 -9.70
N ASN A 265 -27.47 21.56 -9.98
CA ASN A 265 -28.32 21.52 -11.16
C ASN A 265 -29.27 22.73 -11.33
N PRO A 266 -30.05 23.07 -10.28
CA PRO A 266 -30.98 24.20 -10.36
C PRO A 266 -30.34 25.57 -10.49
N THR A 267 -29.03 25.65 -10.27
CA THR A 267 -28.33 26.93 -10.36
C THR A 267 -27.64 27.14 -11.70
N LYS A 268 -27.81 26.19 -12.61
CA LYS A 268 -27.21 26.30 -13.94
C LYS A 268 -28.26 26.93 -14.85
N SER A 269 -27.89 27.26 -16.08
CA SER A 269 -28.85 27.86 -17.00
C SER A 269 -30.08 26.96 -17.07
N LEU A 270 -31.24 27.57 -17.32
CA LEU A 270 -32.48 26.81 -17.39
C LEU A 270 -32.38 25.69 -18.44
N GLU A 271 -31.65 25.97 -19.52
CA GLU A 271 -31.47 25.00 -20.60
C GLU A 271 -30.87 23.68 -20.07
N LEU A 272 -29.86 23.79 -19.23
CA LEU A 272 -29.20 22.62 -18.64
C LEU A 272 -30.05 22.03 -17.52
N TYR A 273 -30.49 22.89 -16.61
CA TYR A 273 -31.31 22.47 -15.47
C TYR A 273 -32.44 21.54 -15.91
N ARG A 274 -33.18 21.94 -16.95
CA ARG A 274 -34.28 21.13 -17.44
C ARG A 274 -33.84 19.73 -17.88
N GLN A 275 -32.68 19.63 -18.51
CA GLN A 275 -32.18 18.33 -18.95
C GLN A 275 -31.84 17.48 -17.73
N TRP A 276 -31.22 18.11 -16.72
CA TRP A 276 -30.87 17.40 -15.50
C TRP A 276 -32.13 16.88 -14.83
N THR A 277 -33.20 17.68 -14.87
CA THR A 277 -34.45 17.29 -14.26
C THR A 277 -35.09 16.08 -14.94
N ASP A 278 -35.02 16.03 -16.27
CA ASP A 278 -35.60 14.89 -16.99
C ASP A 278 -34.88 13.61 -16.61
N ARG A 279 -33.55 13.68 -16.50
CA ARG A 279 -32.74 12.53 -16.16
C ARG A 279 -32.98 11.98 -14.76
N ILE A 280 -33.10 12.86 -13.77
CA ILE A 280 -33.33 12.40 -12.42
C ILE A 280 -34.73 11.78 -12.29
N MET A 281 -35.71 12.35 -12.99
CA MET A 281 -37.08 11.81 -12.95
C MET A 281 -37.11 10.44 -13.61
N GLU A 282 -36.38 10.31 -14.72
CA GLU A 282 -36.32 9.06 -15.44
C GLU A 282 -35.74 7.97 -14.55
N GLU A 283 -34.68 8.30 -13.82
CA GLU A 283 -34.04 7.33 -12.93
C GLU A 283 -34.95 6.95 -11.77
N PHE A 284 -35.60 7.94 -11.18
CA PHE A 284 -36.53 7.68 -10.08
C PHE A 284 -37.64 6.74 -10.55
N PHE A 285 -38.10 6.92 -11.79
CA PHE A 285 -39.14 6.04 -12.32
C PHE A 285 -38.58 4.63 -12.51
N GLN A 286 -37.31 4.53 -12.89
CA GLN A 286 -36.68 3.23 -13.06
C GLN A 286 -36.78 2.51 -11.73
N GLN A 287 -36.52 3.23 -10.64
CA GLN A 287 -36.59 2.63 -9.32
C GLN A 287 -38.03 2.27 -9.03
N GLY A 288 -38.94 3.14 -9.45
CA GLY A 288 -40.36 2.88 -9.25
C GLY A 288 -40.73 1.55 -9.86
N ASP A 289 -40.35 1.33 -11.11
CA ASP A 289 -40.66 0.08 -11.77
C ASP A 289 -40.01 -1.08 -11.03
N LYS A 290 -38.72 -0.96 -10.69
CA LYS A 290 -38.02 -2.03 -9.97
C LYS A 290 -38.77 -2.40 -8.70
N GLU A 291 -39.29 -1.40 -8.01
CA GLU A 291 -40.02 -1.64 -6.78
C GLU A 291 -41.29 -2.46 -7.05
N ARG A 292 -42.00 -2.11 -8.12
CA ARG A 292 -43.23 -2.82 -8.49
C ARG A 292 -42.90 -4.27 -8.84
N GLU A 293 -41.89 -4.46 -9.68
CA GLU A 293 -41.47 -5.78 -10.11
C GLU A 293 -41.11 -6.69 -8.93
N ARG A 294 -40.60 -6.10 -7.86
CA ARG A 294 -40.20 -6.88 -6.69
C ARG A 294 -41.27 -6.91 -5.60
N GLY A 295 -42.44 -6.37 -5.94
CA GLY A 295 -43.54 -6.36 -5.01
C GLY A 295 -43.30 -5.54 -3.77
N MET A 296 -42.72 -4.36 -3.95
CA MET A 296 -42.43 -3.44 -2.85
C MET A 296 -43.33 -2.24 -3.00
N GLU A 297 -43.43 -1.44 -1.93
CA GLU A 297 -44.23 -0.23 -2.00
C GLU A 297 -43.44 0.78 -2.85
N ILE A 298 -44.10 1.41 -3.81
CA ILE A 298 -43.44 2.38 -4.68
C ILE A 298 -43.05 3.64 -3.90
N SER A 299 -41.74 3.94 -3.88
CA SER A 299 -41.21 5.10 -3.17
C SER A 299 -41.72 6.44 -3.73
N PRO A 300 -41.75 7.48 -2.88
CA PRO A 300 -42.21 8.81 -3.29
C PRO A 300 -41.46 9.34 -4.51
N MET A 301 -42.22 9.83 -5.48
CA MET A 301 -41.67 10.39 -6.70
C MET A 301 -41.12 9.36 -7.64
N CYS A 302 -41.23 8.09 -7.28
CA CYS A 302 -40.75 7.04 -8.15
C CYS A 302 -41.91 6.47 -8.93
N ASP A 303 -43.08 7.08 -8.74
CA ASP A 303 -44.30 6.66 -9.43
C ASP A 303 -44.56 7.65 -10.57
N LYS A 304 -44.29 7.22 -11.79
CA LYS A 304 -44.48 8.05 -12.96
C LYS A 304 -45.94 8.52 -13.11
N HIS A 305 -46.86 7.71 -12.62
CA HIS A 305 -48.28 8.05 -12.71
C HIS A 305 -48.71 9.19 -11.78
N THR A 306 -48.29 9.16 -10.53
CA THR A 306 -48.67 10.21 -9.58
C THR A 306 -47.60 11.25 -9.34
N ALA A 307 -46.70 11.41 -10.31
CA ALA A 307 -45.62 12.39 -10.17
C ALA A 307 -46.06 13.80 -10.53
N SER A 308 -45.35 14.79 -9.96
CA SER A 308 -45.61 16.19 -10.22
C SER A 308 -44.25 16.87 -10.27
N VAL A 309 -43.57 16.65 -11.39
CA VAL A 309 -42.23 17.16 -11.64
C VAL A 309 -42.00 18.62 -11.26
N GLU A 310 -42.76 19.53 -11.86
CA GLU A 310 -42.61 20.96 -11.60
C GLU A 310 -42.70 21.30 -10.12
N LYS A 311 -43.77 20.82 -9.48
CA LYS A 311 -44.00 21.09 -8.06
C LYS A 311 -42.81 20.59 -7.23
N SER A 312 -42.34 19.38 -7.53
CA SER A 312 -41.22 18.79 -6.81
C SER A 312 -39.94 19.63 -6.92
N GLN A 313 -39.65 20.14 -8.11
CA GLN A 313 -38.46 20.95 -8.27
C GLN A 313 -38.52 22.16 -7.36
N VAL A 314 -39.67 22.83 -7.35
CA VAL A 314 -39.84 24.01 -6.50
C VAL A 314 -39.60 23.66 -5.04
N GLY A 315 -40.11 22.52 -4.62
CA GLY A 315 -39.93 22.09 -3.24
C GLY A 315 -38.46 21.76 -2.95
N PHE A 316 -37.80 21.16 -3.94
CA PHE A 316 -36.38 20.78 -3.83
C PHE A 316 -35.58 22.07 -3.66
N ILE A 317 -35.95 23.11 -4.40
CA ILE A 317 -35.23 24.37 -4.28
C ILE A 317 -35.51 25.08 -2.94
N ASP A 318 -36.78 25.15 -2.55
CA ASP A 318 -37.14 25.85 -1.32
C ASP A 318 -36.64 25.21 -0.03
N TYR A 319 -36.67 23.88 0.02
CA TYR A 319 -36.23 23.19 1.22
C TYR A 319 -34.77 22.78 1.24
N ILE A 320 -34.21 22.46 0.08
CA ILE A 320 -32.83 22.00 0.00
C ILE A 320 -31.80 22.88 -0.70
N VAL A 321 -31.98 23.14 -1.99
CA VAL A 321 -31.02 23.93 -2.73
C VAL A 321 -30.86 25.39 -2.33
N HIS A 322 -31.95 26.13 -2.21
CA HIS A 322 -31.81 27.54 -1.85
C HIS A 322 -31.19 27.74 -0.46
N PRO A 323 -31.65 26.97 0.55
CA PRO A 323 -31.04 27.16 1.88
C PRO A 323 -29.53 26.92 1.88
N LEU A 324 -29.10 25.90 1.13
CA LEU A 324 -27.67 25.58 1.06
C LEU A 324 -26.84 26.62 0.32
N TRP A 325 -27.32 27.08 -0.83
CA TRP A 325 -26.60 28.07 -1.59
C TRP A 325 -26.64 29.47 -0.97
N GLU A 326 -27.70 29.75 -0.23
CA GLU A 326 -27.84 31.05 0.42
C GLU A 326 -26.71 31.16 1.45
N THR A 327 -26.43 30.05 2.12
CA THR A 327 -25.38 30.01 3.13
C THR A 327 -24.00 30.07 2.45
N TRP A 328 -23.84 29.39 1.33
CA TRP A 328 -22.58 29.39 0.60
C TRP A 328 -22.32 30.81 0.08
N ALA A 329 -23.37 31.41 -0.48
CA ALA A 329 -23.29 32.75 -1.02
C ALA A 329 -22.86 33.70 0.10
N ASP A 330 -23.31 33.38 1.31
CA ASP A 330 -23.00 34.15 2.50
C ASP A 330 -21.52 34.06 2.83
N LEU A 331 -20.99 32.84 2.79
CA LEU A 331 -19.59 32.58 3.09
C LEU A 331 -18.61 33.24 2.13
N VAL A 332 -18.90 33.15 0.84
CA VAL A 332 -18.02 33.70 -0.18
C VAL A 332 -18.55 34.99 -0.79
N GLN A 333 -19.37 35.68 -0.02
CA GLN A 333 -19.96 36.94 -0.42
C GLN A 333 -18.91 37.91 -1.00
N PRO A 334 -19.20 38.53 -2.15
CA PRO A 334 -20.41 38.44 -2.98
C PRO A 334 -20.27 37.55 -4.23
N ASP A 335 -19.28 36.66 -4.21
CA ASP A 335 -18.99 35.78 -5.34
C ASP A 335 -20.10 34.91 -5.91
N ALA A 336 -21.06 34.50 -5.09
CA ALA A 336 -22.14 33.64 -5.57
C ALA A 336 -23.48 34.33 -5.83
N GLN A 337 -23.50 35.66 -5.91
CA GLN A 337 -24.76 36.35 -6.14
C GLN A 337 -25.44 35.93 -7.45
N ASP A 338 -24.67 35.75 -8.51
CA ASP A 338 -25.24 35.34 -9.79
C ASP A 338 -25.89 33.97 -9.72
N ILE A 339 -25.24 33.04 -9.04
CA ILE A 339 -25.79 31.70 -8.89
C ILE A 339 -27.11 31.82 -8.16
N LEU A 340 -27.14 32.70 -7.16
CA LEU A 340 -28.34 32.94 -6.36
C LEU A 340 -29.50 33.48 -7.21
N ASP A 341 -29.20 34.40 -8.13
CA ASP A 341 -30.24 34.97 -9.01
C ASP A 341 -30.76 33.95 -10.02
N THR A 342 -29.86 33.15 -10.57
CA THR A 342 -30.24 32.15 -11.55
C THR A 342 -31.12 31.11 -10.87
N LEU A 343 -30.75 30.76 -9.64
CA LEU A 343 -31.51 29.77 -8.89
C LEU A 343 -32.91 30.30 -8.68
N GLU A 344 -33.01 31.59 -8.37
CA GLU A 344 -34.32 32.21 -8.15
C GLU A 344 -35.13 32.25 -9.45
N ASP A 345 -34.48 32.64 -10.55
CA ASP A 345 -35.17 32.69 -11.84
C ASP A 345 -35.70 31.31 -12.18
N ASN A 346 -34.86 30.30 -12.01
CA ASN A 346 -35.27 28.94 -12.35
C ASN A 346 -36.42 28.45 -11.46
N ARG A 347 -36.43 28.85 -10.19
CA ARG A 347 -37.50 28.43 -9.30
C ARG A 347 -38.84 28.94 -9.80
N ASN A 348 -38.89 30.23 -10.14
CA ASN A 348 -40.12 30.84 -10.63
C ASN A 348 -40.62 30.22 -11.92
N TRP A 349 -39.70 29.81 -12.79
CA TRP A 349 -40.09 29.22 -14.05
C TRP A 349 -40.83 27.91 -13.76
N TYR A 350 -40.23 27.05 -12.96
CA TYR A 350 -40.87 25.78 -12.61
C TYR A 350 -42.14 26.06 -11.82
N GLN A 351 -42.13 27.17 -11.10
CA GLN A 351 -43.28 27.59 -10.30
C GLN A 351 -44.42 27.84 -11.28
N SER A 352 -44.13 28.58 -12.34
CA SER A 352 -45.13 28.92 -13.35
C SER A 352 -45.53 27.77 -14.26
N MET A 353 -44.78 26.67 -14.26
CA MET A 353 -45.14 25.55 -15.11
C MET A 353 -46.00 24.51 -14.41
N ILE A 354 -46.23 24.68 -13.10
CA ILE A 354 -47.06 23.74 -12.36
C ILE A 354 -48.47 23.78 -12.96
N PRO A 355 -48.99 22.62 -13.39
CA PRO A 355 -50.33 22.53 -13.99
C PRO A 355 -51.47 22.89 -13.04
N SER B 11 10.61 3.27 -5.87
CA SER B 11 10.96 2.86 -7.27
C SER B 11 12.42 2.41 -7.37
N SER B 12 12.88 2.22 -8.60
CA SER B 12 14.25 1.80 -8.86
C SER B 12 15.17 3.00 -9.13
N GLY B 13 16.44 2.86 -8.74
CA GLY B 13 17.41 3.91 -8.97
C GLY B 13 17.90 3.85 -10.40
N LEU B 14 17.43 2.83 -11.13
CA LEU B 14 17.79 2.62 -12.53
C LEU B 14 16.84 3.36 -13.47
N VAL B 15 15.76 3.93 -12.93
CA VAL B 15 14.82 4.66 -13.76
C VAL B 15 14.65 6.06 -13.17
N PRO B 16 14.21 7.04 -13.98
CA PRO B 16 14.02 8.41 -13.50
C PRO B 16 13.05 8.48 -12.30
N ARG B 17 13.22 9.51 -11.47
CA ARG B 17 12.34 9.65 -10.32
C ARG B 17 10.88 9.77 -10.79
N GLY B 18 9.99 9.01 -10.15
CA GLY B 18 8.58 9.06 -10.51
C GLY B 18 8.13 8.32 -11.76
N SER B 19 9.05 7.64 -12.44
CA SER B 19 8.72 6.90 -13.65
C SER B 19 8.05 5.54 -13.36
N HIS B 20 7.12 5.14 -14.22
CA HIS B 20 6.43 3.87 -14.06
C HIS B 20 7.20 2.77 -14.77
N MET B 21 8.31 3.13 -15.40
CA MET B 21 9.15 2.18 -16.13
C MET B 21 9.62 1.04 -15.25
N SER B 22 9.38 -0.19 -15.68
CA SER B 22 9.83 -1.35 -14.92
C SER B 22 11.21 -1.78 -15.47
N ILE B 23 12.16 -2.02 -14.58
CA ILE B 23 13.47 -2.45 -15.06
C ILE B 23 13.40 -3.84 -15.68
N SER B 24 12.38 -4.62 -15.33
CA SER B 24 12.23 -5.96 -15.90
C SER B 24 11.88 -5.82 -17.38
N ARG B 25 11.39 -4.65 -17.77
CA ARG B 25 11.02 -4.45 -19.15
C ARG B 25 12.27 -4.50 -20.03
N PHE B 26 13.37 -3.90 -19.57
CA PHE B 26 14.61 -3.96 -20.34
C PHE B 26 15.61 -5.01 -19.86
N GLY B 27 15.08 -6.16 -19.46
CA GLY B 27 15.90 -7.28 -19.04
C GLY B 27 16.56 -7.38 -17.67
N VAL B 28 16.18 -6.56 -16.71
CA VAL B 28 16.85 -6.67 -15.43
C VAL B 28 16.01 -7.30 -14.34
N ASN B 29 16.56 -8.36 -13.75
CA ASN B 29 15.93 -9.07 -12.64
C ASN B 29 16.38 -8.45 -11.33
N THR B 30 15.58 -8.65 -10.30
CA THR B 30 15.87 -8.10 -8.99
C THR B 30 17.19 -8.62 -8.44
N GLU B 31 17.51 -9.87 -8.73
CA GLU B 31 18.77 -10.48 -8.25
C GLU B 31 20.01 -9.86 -8.89
N ASN B 32 19.83 -9.08 -9.94
CA ASN B 32 20.97 -8.46 -10.58
C ASN B 32 20.96 -6.95 -10.49
N GLU B 33 19.92 -6.39 -9.88
CA GLU B 33 19.82 -4.94 -9.77
C GLU B 33 21.04 -4.31 -9.11
N ASP B 34 21.49 -4.86 -7.98
CA ASP B 34 22.66 -4.31 -7.29
C ASP B 34 23.98 -4.53 -8.04
N HIS B 35 24.19 -5.72 -8.59
CA HIS B 35 25.41 -5.95 -9.33
C HIS B 35 25.50 -4.93 -10.46
N LEU B 36 24.41 -4.77 -11.21
CA LEU B 36 24.36 -3.84 -12.32
C LEU B 36 24.59 -2.39 -11.90
N ALA B 37 23.93 -1.98 -10.82
CA ALA B 37 24.07 -0.61 -10.33
C ALA B 37 25.52 -0.35 -9.94
N LYS B 38 26.19 -1.39 -9.45
CA LYS B 38 27.58 -1.23 -9.04
C LYS B 38 28.42 -1.03 -10.29
N GLU B 39 28.11 -1.83 -11.31
CA GLU B 39 28.80 -1.76 -12.58
C GLU B 39 28.62 -0.37 -13.20
N LEU B 40 27.39 0.16 -13.13
CA LEU B 40 27.10 1.47 -13.69
C LEU B 40 27.79 2.61 -12.98
N GLU B 41 28.44 2.32 -11.85
CA GLU B 41 29.15 3.36 -11.13
C GLU B 41 30.38 3.78 -11.96
N ASP B 42 30.72 2.98 -12.97
CA ASP B 42 31.84 3.27 -13.84
C ASP B 42 31.35 3.76 -15.20
N LEU B 43 30.11 4.23 -15.23
CA LEU B 43 29.50 4.71 -16.45
C LEU B 43 30.30 5.80 -17.16
N ASN B 44 30.95 6.65 -16.37
CA ASN B 44 31.74 7.75 -16.93
C ASN B 44 33.23 7.42 -16.99
N LYS B 45 33.57 6.14 -16.88
CA LYS B 45 34.96 5.73 -16.92
C LYS B 45 35.26 4.78 -18.05
N TRP B 46 36.47 4.89 -18.58
CA TRP B 46 36.96 4.05 -19.67
C TRP B 46 36.95 2.59 -19.18
N GLY B 47 37.09 2.41 -17.87
CA GLY B 47 37.12 1.08 -17.28
C GLY B 47 35.82 0.28 -17.18
N LEU B 48 34.68 0.88 -17.52
CA LEU B 48 33.42 0.15 -17.44
C LEU B 48 33.55 -1.15 -18.22
N ASN B 49 32.93 -2.21 -17.70
CA ASN B 49 32.96 -3.52 -18.33
C ASN B 49 31.59 -3.77 -18.97
N ILE B 50 31.50 -3.66 -20.29
CA ILE B 50 30.23 -3.84 -20.98
C ILE B 50 29.75 -5.29 -21.00
N PHE B 51 30.66 -6.23 -20.81
CA PHE B 51 30.32 -7.65 -20.80
C PHE B 51 29.50 -7.96 -19.55
N ASN B 52 29.88 -7.36 -18.41
CA ASN B 52 29.15 -7.60 -17.19
C ASN B 52 27.76 -7.00 -17.32
N VAL B 53 27.69 -5.80 -17.88
CA VAL B 53 26.41 -5.13 -18.07
C VAL B 53 25.48 -6.01 -18.88
N ALA B 54 26.00 -6.57 -19.97
CA ALA B 54 25.20 -7.44 -20.82
C ALA B 54 24.73 -8.63 -20.01
N GLY B 55 25.60 -9.14 -19.14
CA GLY B 55 25.24 -10.29 -18.33
C GLY B 55 24.12 -10.00 -17.37
N TYR B 56 24.11 -8.80 -16.80
CA TYR B 56 23.08 -8.44 -15.84
C TYR B 56 21.80 -7.90 -16.47
N SER B 57 21.70 -7.94 -17.80
CA SER B 57 20.50 -7.42 -18.45
C SER B 57 19.92 -8.34 -19.52
N HIS B 58 20.10 -9.63 -19.32
CA HIS B 58 19.59 -10.61 -20.26
C HIS B 58 20.04 -10.28 -21.66
N ASN B 59 21.27 -9.82 -21.72
CA ASN B 59 21.92 -9.48 -22.96
C ASN B 59 21.24 -8.38 -23.78
N ARG B 60 20.96 -7.26 -23.12
CA ARG B 60 20.36 -6.10 -23.75
C ARG B 60 21.21 -4.92 -23.32
N PRO B 61 22.54 -5.03 -23.50
CA PRO B 61 23.45 -3.95 -23.10
C PRO B 61 23.27 -2.60 -23.80
N LEU B 62 22.81 -2.62 -25.05
CA LEU B 62 22.64 -1.36 -25.76
C LEU B 62 21.58 -0.51 -25.10
N THR B 63 20.42 -1.09 -24.88
CA THR B 63 19.30 -0.38 -24.24
C THR B 63 19.71 0.04 -22.84
N CYS B 64 20.31 -0.90 -22.12
CA CYS B 64 20.71 -0.67 -20.76
C CYS B 64 21.71 0.47 -20.60
N ILE B 65 22.82 0.44 -21.32
CA ILE B 65 23.82 1.49 -21.19
C ILE B 65 23.32 2.84 -21.74
N MET B 66 22.54 2.80 -22.81
CA MET B 66 22.02 4.04 -23.37
C MET B 66 21.08 4.71 -22.38
N TYR B 67 20.21 3.93 -21.78
CA TYR B 67 19.27 4.47 -20.81
C TYR B 67 20.03 5.11 -19.65
N ALA B 68 21.13 4.49 -19.23
CA ALA B 68 21.92 5.05 -18.14
C ALA B 68 22.59 6.36 -18.58
N ILE B 69 23.19 6.34 -19.76
CA ILE B 69 23.87 7.51 -20.33
C ILE B 69 22.90 8.68 -20.43
N PHE B 70 21.73 8.41 -20.98
CA PHE B 70 20.72 9.44 -21.14
C PHE B 70 20.22 10.05 -19.83
N GLN B 71 20.11 9.26 -18.76
CA GLN B 71 19.69 9.81 -17.47
C GLN B 71 20.87 10.58 -16.88
N GLU B 72 22.06 10.04 -17.10
CA GLU B 72 23.29 10.65 -16.62
C GLU B 72 23.47 12.07 -17.18
N ARG B 73 23.22 12.22 -18.49
CA ARG B 73 23.36 13.52 -19.14
C ARG B 73 22.08 14.35 -19.18
N ASP B 74 21.03 13.84 -18.53
CA ASP B 74 19.74 14.52 -18.46
C ASP B 74 19.14 14.79 -19.85
N LEU B 75 19.38 13.89 -20.80
CA LEU B 75 18.89 14.07 -22.16
C LEU B 75 17.38 13.82 -22.34
N LEU B 76 16.79 12.99 -21.49
CA LEU B 76 15.37 12.70 -21.60
C LEU B 76 14.55 13.95 -21.24
N LYS B 77 15.00 14.66 -20.20
CA LYS B 77 14.32 15.86 -19.77
C LYS B 77 14.52 16.95 -20.80
N THR B 78 15.78 17.17 -21.20
CA THR B 78 16.16 18.20 -22.15
C THR B 78 15.47 18.12 -23.50
N PHE B 79 15.29 16.91 -24.03
CA PHE B 79 14.65 16.77 -25.32
C PHE B 79 13.25 16.18 -25.21
N ARG B 80 12.71 16.19 -23.99
CA ARG B 80 11.38 15.69 -23.71
C ARG B 80 11.09 14.33 -24.35
N ILE B 81 11.90 13.34 -23.98
CA ILE B 81 11.75 11.98 -24.46
C ILE B 81 11.28 11.16 -23.27
N SER B 82 10.09 10.58 -23.35
CA SER B 82 9.61 9.78 -22.24
C SER B 82 10.34 8.44 -22.18
N SER B 83 10.41 7.86 -20.98
CA SER B 83 11.05 6.56 -20.82
C SER B 83 10.45 5.56 -21.79
N ASP B 84 9.12 5.56 -21.85
CA ASP B 84 8.41 4.64 -22.73
C ASP B 84 8.88 4.75 -24.18
N THR B 85 8.96 5.97 -24.69
CA THR B 85 9.40 6.16 -26.07
C THR B 85 10.86 5.73 -26.22
N PHE B 86 11.71 6.19 -25.31
CA PHE B 86 13.12 5.85 -25.35
C PHE B 86 13.35 4.34 -25.29
N ILE B 87 12.77 3.68 -24.30
CA ILE B 87 12.95 2.24 -24.16
C ILE B 87 12.37 1.48 -25.34
N THR B 88 11.24 1.93 -25.88
CA THR B 88 10.65 1.23 -27.02
C THR B 88 11.57 1.31 -28.23
N TYR B 89 12.18 2.48 -28.46
CA TYR B 89 13.08 2.62 -29.58
C TYR B 89 14.36 1.79 -29.40
N MET B 90 15.03 1.95 -28.26
CA MET B 90 16.27 1.21 -28.00
C MET B 90 16.11 -0.30 -28.14
N MET B 91 15.05 -0.85 -27.55
CA MET B 91 14.79 -2.28 -27.64
C MET B 91 14.55 -2.65 -29.10
N THR B 92 13.83 -1.80 -29.84
CA THR B 92 13.57 -2.07 -31.24
C THR B 92 14.89 -2.02 -32.03
N LEU B 93 15.71 -1.01 -31.76
CA LEU B 93 17.01 -0.86 -32.41
C LEU B 93 17.93 -2.03 -32.05
N GLU B 94 18.03 -2.34 -30.77
CA GLU B 94 18.89 -3.44 -30.32
C GLU B 94 18.50 -4.72 -31.03
N ASP B 95 17.20 -4.93 -31.18
CA ASP B 95 16.68 -6.10 -31.83
C ASP B 95 17.17 -6.19 -33.28
N HIS B 96 17.57 -5.05 -33.84
CA HIS B 96 18.03 -5.05 -35.23
C HIS B 96 19.52 -5.30 -35.40
N TYR B 97 20.20 -5.54 -34.29
CA TYR B 97 21.61 -5.91 -34.34
C TYR B 97 21.53 -7.45 -34.31
N HIS B 98 22.15 -8.10 -35.28
CA HIS B 98 22.14 -9.57 -35.37
C HIS B 98 22.87 -10.20 -34.20
N SER B 99 22.15 -10.93 -33.36
CA SER B 99 22.81 -11.56 -32.22
C SER B 99 23.74 -12.69 -32.64
N ASP B 100 23.55 -13.21 -33.87
CA ASP B 100 24.38 -14.30 -34.36
C ASP B 100 25.62 -13.87 -35.13
N VAL B 101 25.94 -12.58 -35.14
CA VAL B 101 27.15 -12.11 -35.80
C VAL B 101 28.11 -11.96 -34.63
N ALA B 102 29.25 -12.62 -34.70
CA ALA B 102 30.21 -12.62 -33.60
C ALA B 102 30.69 -11.29 -33.01
N TYR B 103 30.93 -10.28 -33.85
CA TYR B 103 31.42 -9.01 -33.34
C TYR B 103 30.44 -7.85 -33.44
N HIS B 104 29.89 -7.64 -34.64
CA HIS B 104 28.99 -6.52 -34.84
C HIS B 104 27.56 -6.71 -34.36
N ASN B 105 27.43 -7.10 -33.09
CA ASN B 105 26.12 -7.29 -32.45
C ASN B 105 25.93 -6.11 -31.49
N SER B 106 24.83 -6.10 -30.74
CA SER B 106 24.55 -4.96 -29.87
C SER B 106 25.58 -4.68 -28.79
N LEU B 107 26.38 -5.67 -28.42
CA LEU B 107 27.40 -5.45 -27.41
C LEU B 107 28.46 -4.47 -27.93
N HIS B 108 28.79 -4.56 -29.22
CA HIS B 108 29.76 -3.64 -29.82
C HIS B 108 29.14 -2.23 -29.83
N ALA B 109 27.89 -2.14 -30.28
CA ALA B 109 27.20 -0.85 -30.32
C ALA B 109 27.22 -0.19 -28.94
N ALA B 110 26.87 -0.97 -27.92
CA ALA B 110 26.85 -0.48 -26.55
C ALA B 110 28.21 0.06 -26.14
N ASP B 111 29.25 -0.70 -26.49
CA ASP B 111 30.62 -0.33 -26.16
C ASP B 111 31.04 0.99 -26.81
N VAL B 112 30.65 1.22 -28.05
CA VAL B 112 31.01 2.47 -28.72
C VAL B 112 30.20 3.64 -28.13
N ALA B 113 28.93 3.37 -27.83
CA ALA B 113 28.05 4.38 -27.26
C ALA B 113 28.67 4.86 -25.93
N GLN B 114 28.96 3.91 -25.04
CA GLN B 114 29.55 4.23 -23.74
C GLN B 114 30.95 4.88 -23.87
N SER B 115 31.77 4.37 -24.79
CA SER B 115 33.10 4.95 -24.98
C SER B 115 32.96 6.39 -25.50
N THR B 116 32.01 6.61 -26.40
CA THR B 116 31.78 7.96 -26.93
C THR B 116 31.32 8.89 -25.79
N HIS B 117 30.44 8.37 -24.94
CA HIS B 117 29.94 9.11 -23.79
C HIS B 117 31.11 9.57 -22.91
N VAL B 118 32.09 8.69 -22.69
CA VAL B 118 33.24 9.07 -21.88
C VAL B 118 34.07 10.14 -22.58
N LEU B 119 34.37 9.91 -23.87
CA LEU B 119 35.16 10.86 -24.63
C LEU B 119 34.53 12.25 -24.67
N LEU B 120 33.20 12.31 -24.74
CA LEU B 120 32.51 13.58 -24.79
C LEU B 120 32.78 14.42 -23.52
N SER B 121 33.09 13.75 -22.41
CA SER B 121 33.35 14.46 -21.17
C SER B 121 34.83 14.71 -20.89
N THR B 122 35.69 14.45 -21.86
CA THR B 122 37.11 14.68 -21.68
C THR B 122 37.29 16.17 -21.36
N PRO B 123 38.04 16.49 -20.29
CA PRO B 123 38.31 17.87 -19.84
C PRO B 123 38.67 18.92 -20.88
N ALA B 124 39.43 18.55 -21.90
CA ALA B 124 39.85 19.51 -22.92
C ALA B 124 38.70 19.97 -23.80
N LEU B 125 37.62 19.18 -23.86
CA LEU B 125 36.47 19.51 -24.68
C LEU B 125 35.33 20.13 -23.88
N ASP B 126 35.60 20.43 -22.62
CA ASP B 126 34.58 21.01 -21.75
C ASP B 126 33.93 22.30 -22.25
N ALA B 127 32.60 22.32 -22.21
CA ALA B 127 31.80 23.47 -22.64
C ALA B 127 31.87 23.74 -24.13
N VAL B 128 32.40 22.78 -24.88
CA VAL B 128 32.51 22.94 -26.33
C VAL B 128 31.21 22.62 -27.07
N PHE B 129 30.63 21.46 -26.79
CA PHE B 129 29.41 21.03 -27.49
C PHE B 129 28.06 21.34 -26.84
N THR B 130 27.07 21.60 -27.68
CA THR B 130 25.71 21.86 -27.22
C THR B 130 25.06 20.52 -26.89
N ASP B 131 23.89 20.56 -26.27
CA ASP B 131 23.20 19.32 -25.93
C ASP B 131 22.79 18.56 -27.20
N LEU B 132 22.44 19.30 -28.25
CA LEU B 132 22.03 18.66 -29.48
C LEU B 132 23.19 17.89 -30.10
N GLU B 133 24.41 18.43 -29.99
CA GLU B 133 25.57 17.77 -30.57
C GLU B 133 25.88 16.51 -29.77
N ILE B 134 25.66 16.58 -28.47
CA ILE B 134 25.91 15.46 -27.57
C ILE B 134 24.90 14.36 -27.88
N LEU B 135 23.64 14.76 -28.09
CA LEU B 135 22.57 13.81 -28.41
C LEU B 135 22.95 13.12 -29.74
N ALA B 136 23.37 13.93 -30.70
CA ALA B 136 23.74 13.41 -32.01
C ALA B 136 24.87 12.37 -31.94
N ALA B 137 25.96 12.69 -31.25
CA ALA B 137 27.10 11.79 -31.15
C ALA B 137 26.75 10.44 -30.50
N ILE B 138 26.03 10.48 -29.38
CA ILE B 138 25.68 9.25 -28.69
C ILE B 138 24.65 8.44 -29.49
N PHE B 139 23.73 9.13 -30.16
CA PHE B 139 22.75 8.43 -30.99
C PHE B 139 23.50 7.78 -32.16
N ALA B 140 24.40 8.52 -32.77
CA ALA B 140 25.16 8.00 -33.90
C ALA B 140 25.94 6.75 -33.48
N ALA B 141 26.59 6.82 -32.33
CA ALA B 141 27.35 5.68 -31.85
C ALA B 141 26.43 4.46 -31.67
N ALA B 142 25.23 4.68 -31.14
CA ALA B 142 24.31 3.59 -30.90
C ALA B 142 23.80 2.90 -32.17
N ILE B 143 23.62 3.66 -33.24
CA ILE B 143 23.12 3.07 -34.50
C ILE B 143 24.19 2.81 -35.54
N HIS B 144 25.44 3.19 -35.27
CA HIS B 144 26.49 3.05 -36.29
C HIS B 144 26.70 1.73 -37.00
N ASP B 145 26.35 0.60 -36.38
CA ASP B 145 26.52 -0.70 -37.06
C ASP B 145 25.22 -1.52 -37.08
N VAL B 146 24.08 -0.87 -36.92
CA VAL B 146 22.82 -1.60 -36.89
C VAL B 146 22.53 -2.42 -38.16
N ASP B 147 22.00 -3.62 -37.95
CA ASP B 147 21.67 -4.54 -39.02
C ASP B 147 22.89 -4.97 -39.84
N HIS B 148 24.08 -4.92 -39.22
CA HIS B 148 25.30 -5.34 -39.89
C HIS B 148 25.17 -6.86 -40.15
N PRO B 149 25.46 -7.30 -41.39
CA PRO B 149 25.35 -8.74 -41.70
C PRO B 149 26.57 -9.60 -41.35
N GLY B 150 27.66 -8.97 -40.93
CA GLY B 150 28.82 -9.75 -40.57
C GLY B 150 29.85 -9.93 -41.68
N VAL B 151 29.66 -9.24 -42.79
CA VAL B 151 30.62 -9.30 -43.89
C VAL B 151 31.03 -7.88 -44.21
N SER B 152 32.16 -7.72 -44.88
CA SER B 152 32.68 -6.40 -45.22
C SER B 152 31.93 -5.73 -46.38
N ASN B 153 32.29 -4.48 -46.67
CA ASN B 153 31.68 -3.76 -47.78
C ASN B 153 32.07 -4.44 -49.08
N GLN B 154 33.35 -4.82 -49.19
CA GLN B 154 33.86 -5.47 -50.39
C GLN B 154 33.11 -6.75 -50.70
N PHE B 155 32.73 -7.49 -49.66
CA PHE B 155 31.99 -8.73 -49.86
C PHE B 155 30.64 -8.43 -50.51
N LEU B 156 29.94 -7.43 -49.99
CA LEU B 156 28.64 -7.03 -50.54
C LEU B 156 28.77 -6.54 -51.97
N ILE B 157 29.88 -5.86 -52.27
CA ILE B 157 30.11 -5.38 -53.62
C ILE B 157 30.41 -6.55 -54.56
N ASN B 158 31.33 -7.43 -54.16
CA ASN B 158 31.69 -8.59 -54.99
C ASN B 158 30.53 -9.52 -55.31
N THR B 159 29.58 -9.61 -54.39
CA THR B 159 28.43 -10.50 -54.58
C THR B 159 27.24 -9.81 -55.24
N ASN B 160 27.41 -8.55 -55.64
CA ASN B 160 26.34 -7.78 -56.26
C ASN B 160 25.12 -7.67 -55.39
N SER B 161 25.31 -7.48 -54.08
CA SER B 161 24.16 -7.38 -53.21
C SER B 161 23.34 -6.14 -53.57
N GLU B 162 22.05 -6.22 -53.27
CA GLU B 162 21.08 -5.17 -53.50
C GLU B 162 21.56 -3.84 -52.89
N LEU B 163 22.11 -3.92 -51.68
CA LEU B 163 22.60 -2.72 -51.01
C LEU B 163 23.74 -2.05 -51.76
N ALA B 164 24.65 -2.84 -52.33
CA ALA B 164 25.76 -2.26 -53.06
C ALA B 164 25.30 -1.57 -54.36
N LEU B 165 24.27 -2.13 -55.00
CA LEU B 165 23.77 -1.54 -56.24
C LEU B 165 23.07 -0.22 -55.90
N MET B 166 22.31 -0.28 -54.81
CA MET B 166 21.53 0.86 -54.31
C MET B 166 22.39 2.08 -53.96
N TYR B 167 23.54 1.83 -53.32
CA TYR B 167 24.44 2.90 -52.91
C TYR B 167 25.68 3.09 -53.78
N ASN B 168 25.67 2.49 -54.96
CA ASN B 168 26.79 2.62 -55.87
C ASN B 168 28.13 2.28 -55.22
N ASP B 169 28.19 1.13 -54.58
CA ASP B 169 29.40 0.63 -53.91
C ASP B 169 30.14 1.62 -53.03
N GLU B 170 29.46 2.65 -52.55
CA GLU B 170 30.10 3.67 -51.71
C GLU B 170 29.59 3.66 -50.27
N SER B 171 30.44 3.23 -49.33
CA SER B 171 30.08 3.15 -47.90
C SER B 171 28.75 2.40 -47.78
N VAL B 172 28.68 1.23 -48.39
CA VAL B 172 27.46 0.44 -48.39
C VAL B 172 26.84 0.17 -47.03
N LEU B 173 27.57 -0.48 -46.13
CA LEU B 173 27.03 -0.78 -44.81
C LEU B 173 26.67 0.49 -44.03
N GLU B 174 27.57 1.45 -44.04
CA GLU B 174 27.36 2.70 -43.31
C GLU B 174 26.06 3.39 -43.76
N ASN B 175 25.84 3.47 -45.06
CA ASN B 175 24.61 4.10 -45.54
C ASN B 175 23.42 3.27 -45.04
N HIS B 176 23.57 1.95 -45.05
CA HIS B 176 22.50 1.08 -44.59
C HIS B 176 22.22 1.26 -43.09
N HIS B 177 23.26 1.39 -42.28
CA HIS B 177 23.10 1.60 -40.84
C HIS B 177 22.29 2.89 -40.60
N LEU B 178 22.60 3.94 -41.37
CA LEU B 178 21.90 5.21 -41.27
C LEU B 178 20.43 5.04 -41.60
N ALA B 179 20.16 4.39 -42.72
CA ALA B 179 18.78 4.18 -43.16
C ALA B 179 17.97 3.43 -42.11
N VAL B 180 18.50 2.32 -41.60
CA VAL B 180 17.78 1.52 -40.60
C VAL B 180 17.58 2.30 -39.30
N GLY B 181 18.67 2.86 -38.78
CA GLY B 181 18.61 3.64 -37.54
C GLY B 181 17.51 4.68 -37.55
N PHE B 182 17.36 5.39 -38.67
CA PHE B 182 16.32 6.42 -38.78
C PHE B 182 14.95 5.85 -39.09
N LYS B 183 14.90 4.84 -39.95
CA LYS B 183 13.62 4.24 -40.33
C LYS B 183 12.89 3.72 -39.08
N LEU B 184 13.65 3.16 -38.13
CA LEU B 184 13.05 2.62 -36.92
C LEU B 184 12.37 3.66 -36.03
N LEU B 185 12.64 4.94 -36.26
CA LEU B 185 11.99 5.98 -35.46
C LEU B 185 10.49 6.02 -35.77
N GLN B 186 10.14 5.48 -36.94
CA GLN B 186 8.75 5.47 -37.42
C GLN B 186 7.92 4.30 -36.98
N GLU B 187 8.48 3.39 -36.19
CA GLU B 187 7.67 2.27 -35.75
C GLU B 187 6.87 2.75 -34.54
N GLU B 188 5.89 1.96 -34.13
CA GLU B 188 5.01 2.30 -33.02
C GLU B 188 5.72 2.77 -31.74
N HIS B 189 5.33 3.95 -31.27
CA HIS B 189 5.90 4.53 -30.05
C HIS B 189 7.42 4.64 -30.06
N CYS B 190 8.02 4.89 -31.22
CA CYS B 190 9.48 4.96 -31.29
C CYS B 190 10.11 6.32 -31.62
N ASP B 191 9.32 7.36 -31.81
CA ASP B 191 9.90 8.65 -32.19
C ASP B 191 10.53 9.49 -31.08
N ILE B 192 11.76 9.15 -30.72
CA ILE B 192 12.46 9.87 -29.66
C ILE B 192 12.82 11.33 -30.00
N PHE B 193 12.69 11.72 -31.26
CA PHE B 193 13.01 13.08 -31.64
C PHE B 193 11.78 13.91 -31.92
N MET B 194 10.61 13.38 -31.59
CA MET B 194 9.37 14.10 -31.83
C MET B 194 9.37 15.51 -31.27
N ASN B 195 9.99 15.71 -30.11
CA ASN B 195 9.96 17.03 -29.53
C ASN B 195 11.10 17.99 -29.84
N LEU B 196 11.99 17.62 -30.75
CA LEU B 196 13.04 18.54 -31.12
C LEU B 196 12.37 19.46 -32.13
N THR B 197 12.90 20.66 -32.33
CA THR B 197 12.30 21.56 -33.31
C THR B 197 12.64 21.07 -34.72
N LYS B 198 11.99 21.64 -35.73
CA LYS B 198 12.25 21.25 -37.12
C LYS B 198 13.74 21.48 -37.40
N LYS B 199 14.23 22.63 -36.95
CA LYS B 199 15.61 23.03 -37.13
C LYS B 199 16.58 22.06 -36.46
N GLN B 200 16.25 21.62 -35.25
CA GLN B 200 17.10 20.69 -34.51
C GLN B 200 17.13 19.30 -35.15
N ARG B 201 16.00 18.84 -35.70
CA ARG B 201 15.99 17.52 -36.32
C ARG B 201 16.82 17.55 -37.57
N GLN B 202 16.79 18.67 -38.28
CA GLN B 202 17.56 18.80 -39.49
C GLN B 202 19.05 18.84 -39.15
N THR B 203 19.43 19.60 -38.13
CA THR B 203 20.82 19.68 -37.74
C THR B 203 21.35 18.35 -37.22
N LEU B 204 20.57 17.68 -36.38
CA LEU B 204 20.99 16.40 -35.81
C LEU B 204 21.17 15.33 -36.88
N ARG B 205 20.25 15.29 -37.84
CA ARG B 205 20.32 14.32 -38.92
C ARG B 205 21.63 14.50 -39.70
N LYS B 206 21.99 15.75 -39.98
CA LYS B 206 23.20 16.02 -40.74
C LYS B 206 24.46 15.61 -39.97
N MET B 207 24.50 15.89 -38.67
CA MET B 207 25.65 15.51 -37.88
C MET B 207 25.76 13.99 -37.76
N VAL B 208 24.61 13.32 -37.64
CA VAL B 208 24.62 11.88 -37.52
C VAL B 208 25.07 11.18 -38.81
N ILE B 209 24.57 11.65 -39.95
CA ILE B 209 24.95 11.09 -41.25
C ILE B 209 26.46 11.17 -41.35
N ASP B 210 26.97 12.34 -40.98
CA ASP B 210 28.38 12.65 -41.01
C ASP B 210 29.21 11.76 -40.12
N MET B 211 28.73 11.52 -38.90
CA MET B 211 29.47 10.69 -37.97
C MET B 211 29.45 9.22 -38.34
N VAL B 212 28.31 8.72 -38.80
CA VAL B 212 28.23 7.32 -39.16
C VAL B 212 29.02 6.99 -40.42
N LEU B 213 29.09 7.93 -41.37
CA LEU B 213 29.84 7.68 -42.59
C LEU B 213 31.33 7.75 -42.32
N ALA B 214 31.72 8.40 -41.24
CA ALA B 214 33.12 8.53 -40.90
C ALA B 214 33.64 7.20 -40.33
N THR B 215 32.75 6.26 -40.05
CA THR B 215 33.20 4.98 -39.52
C THR B 215 33.59 3.99 -40.63
N ASP B 216 33.52 4.43 -41.88
CA ASP B 216 33.92 3.60 -43.00
C ASP B 216 35.45 3.66 -42.99
N MET B 217 36.08 2.52 -42.72
CA MET B 217 37.54 2.45 -42.68
C MET B 217 38.26 3.03 -43.88
N SER B 218 37.66 2.92 -45.06
CA SER B 218 38.31 3.45 -46.25
C SER B 218 38.48 4.97 -46.21
N LYS B 219 37.89 5.61 -45.20
CA LYS B 219 38.00 7.06 -45.03
C LYS B 219 38.95 7.37 -43.88
N HIS B 220 39.47 6.33 -43.23
CA HIS B 220 40.36 6.51 -42.09
C HIS B 220 41.56 7.41 -42.34
N MET B 221 42.33 7.08 -43.38
CA MET B 221 43.53 7.84 -43.73
C MET B 221 43.26 9.34 -43.88
N SER B 222 42.22 9.67 -44.65
CA SER B 222 41.84 11.04 -44.90
C SER B 222 41.36 11.74 -43.62
N LEU B 223 40.58 11.01 -42.84
CA LEU B 223 40.03 11.50 -41.59
C LEU B 223 41.17 11.87 -40.64
N LEU B 224 42.20 11.03 -40.60
CA LEU B 224 43.37 11.26 -39.75
C LEU B 224 44.21 12.44 -40.25
N ALA B 225 44.39 12.54 -41.56
CA ALA B 225 45.18 13.62 -42.11
C ALA B 225 44.52 14.95 -41.73
N ASP B 226 43.20 14.97 -41.81
CA ASP B 226 42.45 16.18 -41.45
C ASP B 226 42.61 16.51 -39.98
N LEU B 227 42.50 15.49 -39.13
CA LEU B 227 42.61 15.71 -37.70
C LEU B 227 43.97 16.26 -37.33
N LYS B 228 45.02 15.75 -37.97
CA LYS B 228 46.37 16.25 -37.68
C LYS B 228 46.46 17.73 -38.00
N THR B 229 45.85 18.11 -39.13
CA THR B 229 45.84 19.51 -39.56
C THR B 229 45.20 20.39 -38.51
N MET B 230 44.05 19.96 -38.02
CA MET B 230 43.34 20.72 -37.00
C MET B 230 44.18 20.92 -35.74
N VAL B 231 44.80 19.85 -35.27
CA VAL B 231 45.62 19.92 -34.07
C VAL B 231 46.75 20.96 -34.21
N GLU B 232 47.30 21.08 -35.42
CA GLU B 232 48.37 22.03 -35.68
C GLU B 232 47.97 23.47 -35.41
N THR B 233 46.70 23.79 -35.65
CA THR B 233 46.20 25.15 -35.47
C THR B 233 45.19 25.31 -34.33
N LYS B 234 45.19 24.36 -33.40
CA LYS B 234 44.25 24.43 -32.29
C LYS B 234 44.46 25.65 -31.41
N LYS B 235 43.36 26.29 -31.06
CA LYS B 235 43.39 27.45 -30.18
C LYS B 235 42.92 26.87 -28.86
N VAL B 236 43.40 27.41 -27.75
CA VAL B 236 43.02 26.89 -26.46
C VAL B 236 42.73 28.05 -25.50
N THR B 237 42.18 27.75 -24.33
CA THR B 237 41.91 28.80 -23.36
C THR B 237 43.09 28.86 -22.39
N SER B 238 43.10 29.89 -21.55
CA SER B 238 44.16 30.04 -20.56
C SER B 238 44.26 28.76 -19.73
N SER B 239 43.11 28.16 -19.45
CA SER B 239 43.03 26.92 -18.67
C SER B 239 43.38 25.65 -19.45
N GLY B 240 43.54 25.77 -20.77
CA GLY B 240 43.88 24.60 -21.57
C GLY B 240 42.71 23.88 -22.22
N VAL B 241 41.56 24.54 -22.26
CA VAL B 241 40.38 23.94 -22.86
C VAL B 241 40.35 24.35 -24.33
N LEU B 242 40.05 23.41 -25.21
CA LEU B 242 39.99 23.69 -26.63
C LEU B 242 38.90 24.70 -26.97
N LEU B 243 39.14 25.46 -28.04
CA LEU B 243 38.17 26.46 -28.50
C LEU B 243 37.75 26.10 -29.93
N LEU B 244 36.56 25.55 -30.05
CA LEU B 244 36.05 25.16 -31.36
C LEU B 244 34.80 25.97 -31.64
N ASP B 245 34.97 27.26 -31.85
CA ASP B 245 33.85 28.15 -32.10
C ASP B 245 33.21 28.02 -33.48
N ASN B 246 33.76 27.17 -34.35
CA ASN B 246 33.18 27.00 -35.68
C ASN B 246 32.68 25.57 -35.90
N TYR B 247 31.50 25.44 -36.48
CA TYR B 247 30.91 24.12 -36.72
C TYR B 247 31.82 23.14 -37.44
N THR B 248 32.51 23.60 -38.49
CA THR B 248 33.39 22.74 -39.25
C THR B 248 34.37 21.94 -38.39
N ASP B 249 34.98 22.61 -37.40
CA ASP B 249 35.93 21.95 -36.52
C ASP B 249 35.25 21.08 -35.48
N ARG B 250 34.08 21.52 -35.05
CA ARG B 250 33.32 20.78 -34.06
C ARG B 250 32.89 19.43 -34.62
N ILE B 251 32.34 19.43 -35.82
CA ILE B 251 31.89 18.19 -36.44
C ILE B 251 33.08 17.32 -36.79
N GLN B 252 34.23 17.95 -37.04
CA GLN B 252 35.41 17.15 -37.37
C GLN B 252 35.88 16.41 -36.14
N VAL B 253 35.82 17.07 -34.99
CA VAL B 253 36.21 16.46 -33.72
C VAL B 253 35.24 15.32 -33.40
N LEU B 254 33.96 15.55 -33.63
CA LEU B 254 32.94 14.53 -33.36
C LEU B 254 33.07 13.32 -34.29
N ARG B 255 33.42 13.56 -35.55
CA ARG B 255 33.60 12.46 -36.50
C ARG B 255 34.72 11.56 -35.95
N ASN B 256 35.86 12.15 -35.66
CA ASN B 256 37.00 11.40 -35.13
C ASN B 256 36.72 10.78 -33.77
N MET B 257 35.85 11.42 -33.00
CA MET B 257 35.53 10.92 -31.68
C MET B 257 34.85 9.57 -31.79
N VAL B 258 33.82 9.49 -32.63
CA VAL B 258 33.11 8.24 -32.80
C VAL B 258 34.00 7.25 -33.49
N HIS B 259 34.92 7.75 -34.31
CA HIS B 259 35.86 6.89 -35.04
C HIS B 259 36.82 6.26 -34.01
N CYS B 260 37.30 7.07 -33.06
CA CYS B 260 38.19 6.55 -32.02
C CYS B 260 37.47 5.53 -31.15
N ALA B 261 36.20 5.78 -30.86
CA ALA B 261 35.40 4.88 -30.03
C ALA B 261 35.20 3.57 -30.77
N ASP B 262 35.07 3.66 -32.10
CA ASP B 262 34.89 2.46 -32.90
C ASP B 262 36.20 1.64 -32.89
N LEU B 263 37.32 2.33 -32.74
CA LEU B 263 38.64 1.66 -32.70
C LEU B 263 39.26 1.75 -31.32
N SER B 264 38.44 1.58 -30.29
CA SER B 264 38.92 1.68 -28.92
C SER B 264 39.25 0.37 -28.22
N ASN B 265 38.95 -0.77 -28.87
CA ASN B 265 39.21 -2.06 -28.25
C ASN B 265 40.64 -2.23 -27.72
N PRO B 266 41.65 -1.93 -28.54
CA PRO B 266 43.04 -2.10 -28.07
C PRO B 266 43.45 -1.18 -26.93
N THR B 267 42.65 -0.16 -26.65
CA THR B 267 42.99 0.79 -25.59
C THR B 267 42.32 0.47 -24.26
N LYS B 268 41.48 -0.56 -24.26
CA LYS B 268 40.81 -0.94 -23.01
C LYS B 268 41.78 -1.82 -22.23
N SER B 269 41.32 -2.35 -21.10
CA SER B 269 42.16 -3.23 -20.31
C SER B 269 42.38 -4.47 -21.15
N LEU B 270 43.50 -5.16 -20.93
CA LEU B 270 43.83 -6.36 -21.68
C LEU B 270 42.74 -7.42 -21.60
N GLU B 271 42.10 -7.53 -20.44
CA GLU B 271 41.04 -8.52 -20.25
C GLU B 271 39.88 -8.31 -21.25
N LEU B 272 39.51 -7.05 -21.48
CA LEU B 272 38.43 -6.75 -22.41
C LEU B 272 38.95 -6.86 -23.86
N TYR B 273 40.12 -6.26 -24.11
CA TYR B 273 40.73 -6.27 -25.43
C TYR B 273 40.80 -7.70 -26.00
N ARG B 274 41.25 -8.65 -25.17
CA ARG B 274 41.35 -10.04 -25.61
C ARG B 274 40.00 -10.65 -25.97
N GLN B 275 38.95 -10.18 -25.31
CA GLN B 275 37.60 -10.68 -25.59
C GLN B 275 37.11 -10.14 -26.93
N TRP B 276 37.43 -8.88 -27.21
CA TRP B 276 37.03 -8.28 -28.47
C TRP B 276 37.79 -8.95 -29.62
N THR B 277 39.08 -9.18 -29.43
CA THR B 277 39.88 -9.83 -30.46
C THR B 277 39.29 -11.18 -30.83
N ASP B 278 38.91 -11.97 -29.83
CA ASP B 278 38.32 -13.28 -30.10
C ASP B 278 37.10 -13.11 -30.99
N ARG B 279 36.30 -12.10 -30.70
CA ARG B 279 35.09 -11.85 -31.46
C ARG B 279 35.28 -11.40 -32.90
N ILE B 280 36.20 -10.46 -33.12
CA ILE B 280 36.41 -9.98 -34.47
C ILE B 280 37.00 -11.09 -35.34
N MET B 281 37.86 -11.92 -34.76
CA MET B 281 38.45 -13.02 -35.51
C MET B 281 37.37 -14.03 -35.87
N GLU B 282 36.49 -14.29 -34.92
CA GLU B 282 35.39 -15.23 -35.12
C GLU B 282 34.47 -14.80 -36.26
N GLU B 283 34.28 -13.50 -36.43
CA GLU B 283 33.42 -12.98 -37.49
C GLU B 283 34.14 -13.01 -38.85
N PHE B 284 35.43 -12.65 -38.86
CA PHE B 284 36.19 -12.69 -40.10
C PHE B 284 36.19 -14.10 -40.65
N PHE B 285 36.37 -15.09 -39.78
CA PHE B 285 36.37 -16.49 -40.21
C PHE B 285 35.00 -16.89 -40.74
N GLN B 286 33.94 -16.30 -40.18
CA GLN B 286 32.58 -16.59 -40.65
C GLN B 286 32.53 -16.11 -42.08
N GLN B 287 33.08 -14.92 -42.32
CA GLN B 287 33.09 -14.37 -43.67
C GLN B 287 33.88 -15.30 -44.60
N GLY B 288 35.00 -15.82 -44.10
CA GLY B 288 35.81 -16.72 -44.89
C GLY B 288 34.98 -17.92 -45.33
N ASP B 289 34.29 -18.54 -44.38
CA ASP B 289 33.46 -19.68 -44.69
C ASP B 289 32.39 -19.33 -45.74
N LYS B 290 31.75 -18.17 -45.60
CA LYS B 290 30.74 -17.75 -46.56
C LYS B 290 31.36 -17.61 -47.94
N GLU B 291 32.62 -17.14 -47.97
CA GLU B 291 33.34 -16.96 -49.22
C GLU B 291 33.67 -18.30 -49.87
N ARG B 292 34.08 -19.26 -49.05
CA ARG B 292 34.39 -20.59 -49.55
C ARG B 292 33.11 -21.22 -50.09
N GLU B 293 32.05 -21.16 -49.31
CA GLU B 293 30.76 -21.74 -49.70
C GLU B 293 30.23 -21.18 -51.02
N ARG B 294 30.57 -19.92 -51.33
CA ARG B 294 30.09 -19.30 -52.56
C ARG B 294 31.12 -19.31 -53.68
N GLY B 295 32.23 -19.98 -53.44
CA GLY B 295 33.29 -20.08 -54.44
C GLY B 295 34.04 -18.80 -54.70
N MET B 296 34.31 -18.03 -53.64
CA MET B 296 35.02 -16.76 -53.77
C MET B 296 36.39 -16.90 -53.18
N GLU B 297 37.25 -15.93 -53.45
CA GLU B 297 38.59 -15.97 -52.89
C GLU B 297 38.46 -15.57 -51.43
N ILE B 298 39.09 -16.34 -50.55
CA ILE B 298 39.03 -16.04 -49.13
C ILE B 298 39.79 -14.74 -48.83
N SER B 299 39.09 -13.74 -48.33
CA SER B 299 39.68 -12.45 -48.00
C SER B 299 40.81 -12.58 -46.98
N PRO B 300 41.71 -11.58 -46.95
CA PRO B 300 42.82 -11.65 -45.99
C PRO B 300 42.31 -11.56 -44.56
N MET B 301 42.93 -12.34 -43.68
CA MET B 301 42.55 -12.37 -42.28
C MET B 301 41.18 -12.99 -42.08
N CYS B 302 40.73 -13.75 -43.07
CA CYS B 302 39.44 -14.40 -42.99
C CYS B 302 39.58 -15.91 -43.08
N ASP B 303 40.83 -16.37 -43.19
CA ASP B 303 41.09 -17.80 -43.27
C ASP B 303 41.57 -18.28 -41.91
N LYS B 304 40.77 -19.14 -41.28
CA LYS B 304 41.11 -19.68 -39.97
C LYS B 304 42.45 -20.42 -40.02
N HIS B 305 42.74 -21.03 -41.16
CA HIS B 305 43.97 -21.79 -41.32
C HIS B 305 45.27 -20.99 -41.40
N THR B 306 45.24 -19.86 -42.12
CA THR B 306 46.46 -19.07 -42.26
C THR B 306 46.50 -17.78 -41.44
N ALA B 307 45.57 -17.61 -40.52
CA ALA B 307 45.57 -16.40 -39.71
C ALA B 307 46.63 -16.42 -38.62
N SER B 308 47.04 -15.24 -38.18
CA SER B 308 48.02 -15.10 -37.12
C SER B 308 47.57 -13.95 -36.23
N VAL B 309 46.56 -14.25 -35.43
CA VAL B 309 45.94 -13.33 -34.50
C VAL B 309 46.84 -12.29 -33.83
N GLU B 310 47.79 -12.73 -33.02
CA GLU B 310 48.68 -11.81 -32.31
C GLU B 310 49.45 -10.86 -33.24
N LYS B 311 49.96 -11.39 -34.34
CA LYS B 311 50.72 -10.58 -35.28
C LYS B 311 49.79 -9.53 -35.89
N SER B 312 48.59 -9.95 -36.29
CA SER B 312 47.62 -9.05 -36.87
C SER B 312 47.22 -7.90 -35.94
N GLN B 313 47.11 -8.19 -34.64
CA GLN B 313 46.78 -7.15 -33.69
C GLN B 313 47.88 -6.11 -33.62
N VAL B 314 49.13 -6.57 -33.63
CA VAL B 314 50.26 -5.66 -33.59
C VAL B 314 50.19 -4.76 -34.81
N GLY B 315 49.88 -5.35 -35.96
CA GLY B 315 49.78 -4.59 -37.19
C GLY B 315 48.67 -3.54 -37.12
N PHE B 316 47.51 -3.99 -36.65
CA PHE B 316 46.32 -3.14 -36.49
C PHE B 316 46.66 -1.95 -35.59
N ILE B 317 47.38 -2.22 -34.51
CA ILE B 317 47.76 -1.14 -33.60
C ILE B 317 48.79 -0.20 -34.20
N ASP B 318 49.82 -0.76 -34.83
CA ASP B 318 50.88 0.07 -35.42
C ASP B 318 50.45 0.92 -36.61
N TYR B 319 49.60 0.39 -37.47
CA TYR B 319 49.19 1.14 -38.65
C TYR B 319 47.89 1.95 -38.54
N ILE B 320 47.01 1.60 -37.60
CA ILE B 320 45.75 2.31 -37.51
C ILE B 320 45.40 2.94 -36.16
N VAL B 321 45.31 2.10 -35.14
CA VAL B 321 44.93 2.55 -33.82
C VAL B 321 45.90 3.51 -33.17
N HIS B 322 47.16 3.13 -33.06
CA HIS B 322 48.13 4.01 -32.43
C HIS B 322 48.24 5.35 -33.15
N PRO B 323 48.40 5.34 -34.49
CA PRO B 323 48.49 6.63 -35.19
C PRO B 323 47.28 7.50 -34.88
N LEU B 324 46.10 6.89 -34.86
CA LEU B 324 44.88 7.62 -34.57
C LEU B 324 44.88 8.18 -33.15
N TRP B 325 45.02 7.29 -32.17
CA TRP B 325 45.01 7.72 -30.79
C TRP B 325 46.14 8.66 -30.38
N GLU B 326 47.26 8.60 -31.09
CA GLU B 326 48.37 9.47 -30.79
C GLU B 326 47.96 10.92 -31.13
N THR B 327 47.23 11.07 -32.22
CA THR B 327 46.75 12.38 -32.67
C THR B 327 45.63 12.89 -31.76
N TRP B 328 44.74 11.99 -31.35
CA TRP B 328 43.66 12.38 -30.45
C TRP B 328 44.28 12.83 -29.13
N ALA B 329 45.29 12.09 -28.67
CA ALA B 329 45.94 12.40 -27.41
C ALA B 329 46.55 13.79 -27.48
N ASP B 330 47.01 14.15 -28.67
CA ASP B 330 47.62 15.44 -28.95
C ASP B 330 46.58 16.56 -28.82
N LEU B 331 45.43 16.34 -29.45
CA LEU B 331 44.34 17.29 -29.43
C LEU B 331 43.82 17.56 -28.02
N VAL B 332 43.59 16.51 -27.24
CA VAL B 332 43.07 16.67 -25.89
C VAL B 332 44.13 16.56 -24.79
N GLN B 333 45.39 16.72 -25.17
CA GLN B 333 46.52 16.65 -24.25
C GLN B 333 46.26 17.42 -22.95
N PRO B 334 46.53 16.79 -21.79
CA PRO B 334 47.05 15.43 -21.57
C PRO B 334 46.00 14.40 -21.20
N ASP B 335 44.72 14.73 -21.38
CA ASP B 335 43.63 13.83 -21.01
C ASP B 335 43.71 12.37 -21.45
N ALA B 336 44.34 12.08 -22.58
CA ALA B 336 44.39 10.70 -23.05
C ALA B 336 45.69 9.95 -22.82
N GLN B 337 46.57 10.49 -21.98
CA GLN B 337 47.84 9.83 -21.74
C GLN B 337 47.70 8.38 -21.24
N ASP B 338 46.84 8.16 -20.25
CA ASP B 338 46.64 6.82 -19.71
C ASP B 338 46.19 5.83 -20.78
N ILE B 339 45.28 6.29 -21.64
CA ILE B 339 44.77 5.45 -22.73
C ILE B 339 45.91 5.06 -23.64
N LEU B 340 46.80 6.02 -23.89
CA LEU B 340 47.95 5.79 -24.74
C LEU B 340 48.89 4.79 -24.04
N ASP B 341 49.02 4.90 -22.72
CA ASP B 341 49.88 3.98 -21.98
C ASP B 341 49.36 2.56 -22.11
N THR B 342 48.05 2.39 -21.89
CA THR B 342 47.43 1.08 -21.97
C THR B 342 47.57 0.52 -23.37
N LEU B 343 47.49 1.40 -24.37
CA LEU B 343 47.61 0.96 -25.75
C LEU B 343 48.98 0.34 -25.96
N GLU B 344 50.02 1.03 -25.50
CA GLU B 344 51.39 0.53 -25.62
C GLU B 344 51.54 -0.81 -24.90
N ASP B 345 51.08 -0.89 -23.65
CA ASP B 345 51.16 -2.13 -22.88
C ASP B 345 50.49 -3.27 -23.63
N ASN B 346 49.30 -3.02 -24.17
CA ASN B 346 48.58 -4.06 -24.89
C ASN B 346 49.30 -4.50 -26.15
N ARG B 347 49.97 -3.57 -26.82
CA ARG B 347 50.68 -3.91 -28.04
C ARG B 347 51.82 -4.88 -27.70
N ASN B 348 52.63 -4.52 -26.71
CA ASN B 348 53.72 -5.36 -26.32
C ASN B 348 53.29 -6.75 -25.89
N TRP B 349 52.15 -6.85 -25.22
CA TRP B 349 51.66 -8.16 -24.78
C TRP B 349 51.42 -9.04 -25.99
N TYR B 350 50.67 -8.51 -26.96
CA TYR B 350 50.35 -9.27 -28.17
C TYR B 350 51.62 -9.59 -28.94
N GLN B 351 52.56 -8.64 -28.91
CA GLN B 351 53.85 -8.79 -29.57
C GLN B 351 54.52 -10.06 -29.04
N SER B 352 54.68 -10.09 -27.72
CA SER B 352 55.31 -11.21 -27.04
C SER B 352 54.54 -12.53 -27.18
N MET B 353 53.28 -12.48 -27.62
CA MET B 353 52.50 -13.70 -27.76
C MET B 353 52.56 -14.29 -29.15
N ILE B 354 53.29 -13.64 -30.06
CA ILE B 354 53.41 -14.15 -31.42
C ILE B 354 54.25 -15.42 -31.33
N PRO B 355 53.72 -16.56 -31.80
CA PRO B 355 54.43 -17.85 -31.77
C PRO B 355 55.82 -17.84 -32.42
N ARG C 25 -32.86 -29.49 27.64
CA ARG C 25 -33.24 -28.43 28.61
C ARG C 25 -32.02 -27.59 29.00
N PHE C 26 -30.82 -28.14 28.76
CA PHE C 26 -29.57 -27.44 29.08
C PHE C 26 -29.03 -26.70 27.85
N GLY C 27 -29.14 -27.36 26.69
CA GLY C 27 -28.71 -26.78 25.42
C GLY C 27 -27.27 -26.88 25.00
N VAL C 28 -26.58 -27.91 25.44
CA VAL C 28 -25.18 -28.09 25.08
C VAL C 28 -24.74 -29.40 25.70
N ASN C 29 -23.70 -30.01 25.16
CA ASN C 29 -23.21 -31.25 25.71
C ASN C 29 -22.65 -30.99 27.12
N THR C 30 -22.89 -31.94 28.03
CA THR C 30 -22.41 -31.83 29.40
C THR C 30 -22.52 -33.18 30.11
N GLU C 31 -21.68 -33.39 31.13
CA GLU C 31 -21.68 -34.63 31.89
C GLU C 31 -22.05 -34.37 33.36
N ASN C 32 -21.68 -33.18 33.84
CA ASN C 32 -21.94 -32.75 35.22
C ASN C 32 -23.17 -31.84 35.28
N GLU C 33 -24.17 -32.21 34.51
CA GLU C 33 -25.43 -31.49 34.40
C GLU C 33 -26.06 -30.96 35.68
N ASP C 34 -25.90 -31.69 36.77
CA ASP C 34 -26.47 -31.28 38.05
C ASP C 34 -25.97 -29.94 38.55
N HIS C 35 -24.66 -29.78 38.52
CA HIS C 35 -24.03 -28.54 38.98
C HIS C 35 -24.48 -27.37 38.11
N LEU C 36 -24.53 -27.61 36.81
CA LEU C 36 -24.96 -26.58 35.86
C LEU C 36 -26.38 -26.13 36.13
N ALA C 37 -27.25 -27.06 36.50
CA ALA C 37 -28.63 -26.72 36.80
C ALA C 37 -28.73 -25.80 38.02
N LYS C 38 -27.87 -26.02 39.02
CA LYS C 38 -27.90 -25.19 40.22
C LYS C 38 -27.26 -23.84 39.93
N GLU C 39 -26.21 -23.87 39.11
CA GLU C 39 -25.51 -22.65 38.75
C GLU C 39 -26.48 -21.73 38.02
N LEU C 40 -27.33 -22.33 37.18
CA LEU C 40 -28.33 -21.59 36.41
C LEU C 40 -29.51 -21.11 37.25
N GLU C 41 -29.50 -21.45 38.53
CA GLU C 41 -30.57 -21.04 39.42
C GLU C 41 -30.48 -19.53 39.66
N ASP C 42 -29.29 -18.98 39.44
CA ASP C 42 -29.07 -17.55 39.63
C ASP C 42 -29.19 -16.77 38.32
N LEU C 43 -29.82 -17.41 37.33
CA LEU C 43 -30.01 -16.79 36.02
C LEU C 43 -30.51 -15.35 36.03
N ASN C 44 -31.44 -15.03 36.94
CA ASN C 44 -31.98 -13.68 36.99
C ASN C 44 -31.31 -12.80 38.03
N LYS C 45 -30.18 -13.26 38.56
CA LYS C 45 -29.45 -12.51 39.58
C LYS C 45 -28.11 -11.97 39.08
N TRP C 46 -27.69 -10.84 39.65
CA TRP C 46 -26.42 -10.21 39.30
C TRP C 46 -25.28 -11.11 39.74
N GLY C 47 -25.53 -11.89 40.79
CA GLY C 47 -24.51 -12.77 41.34
C GLY C 47 -24.22 -14.05 40.59
N LEU C 48 -24.80 -14.25 39.41
CA LEU C 48 -24.54 -15.46 38.65
C LEU C 48 -23.05 -15.60 38.36
N ASN C 49 -22.55 -16.84 38.34
CA ASN C 49 -21.14 -17.08 38.06
C ASN C 49 -20.99 -17.73 36.69
N ILE C 50 -20.73 -16.89 35.69
CA ILE C 50 -20.59 -17.36 34.32
C ILE C 50 -19.38 -18.27 34.15
N PHE C 51 -18.39 -18.13 35.01
CA PHE C 51 -17.17 -18.96 34.95
C PHE C 51 -17.49 -20.43 35.20
N ASN C 52 -18.36 -20.69 36.18
CA ASN C 52 -18.73 -22.07 36.48
C ASN C 52 -19.67 -22.60 35.40
N VAL C 53 -20.51 -21.71 34.85
CA VAL C 53 -21.42 -22.10 33.80
C VAL C 53 -20.58 -22.65 32.66
N ALA C 54 -19.47 -21.96 32.36
CA ALA C 54 -18.58 -22.38 31.30
C ALA C 54 -17.94 -23.71 31.66
N GLY C 55 -17.59 -23.86 32.94
CA GLY C 55 -16.96 -25.08 33.40
C GLY C 55 -17.83 -26.33 33.30
N TYR C 56 -19.14 -26.16 33.48
CA TYR C 56 -20.05 -27.29 33.40
C TYR C 56 -20.76 -27.37 32.06
N SER C 57 -20.14 -26.88 30.99
CA SER C 57 -20.78 -26.93 29.68
C SER C 57 -19.78 -27.10 28.54
N HIS C 58 -18.63 -27.70 28.83
CA HIS C 58 -17.58 -27.92 27.84
C HIS C 58 -17.20 -26.60 27.20
N ASN C 59 -17.16 -25.56 28.04
CA ASN C 59 -16.82 -24.21 27.66
C ASN C 59 -17.69 -23.60 26.55
N ARG C 60 -19.00 -23.68 26.76
CA ARG C 60 -19.98 -23.12 25.83
C ARG C 60 -20.94 -22.28 26.66
N PRO C 61 -20.41 -21.31 27.43
CA PRO C 61 -21.27 -20.46 28.26
C PRO C 61 -22.24 -19.58 27.49
N LEU C 62 -21.88 -19.17 26.28
CA LEU C 62 -22.74 -18.30 25.50
C LEU C 62 -23.98 -19.05 25.02
N THR C 63 -23.76 -20.22 24.42
CA THR C 63 -24.88 -21.02 23.94
C THR C 63 -25.73 -21.44 25.13
N CYS C 64 -25.06 -21.88 26.19
CA CYS C 64 -25.75 -22.33 27.38
C CYS C 64 -26.59 -21.23 28.05
N ILE C 65 -25.95 -20.10 28.38
CA ILE C 65 -26.66 -19.01 29.04
C ILE C 65 -27.73 -18.38 28.16
N MET C 66 -27.48 -18.32 26.85
CA MET C 66 -28.46 -17.73 25.93
C MET C 66 -29.69 -18.63 25.78
N TYR C 67 -29.45 -19.94 25.75
CA TYR C 67 -30.55 -20.88 25.62
C TYR C 67 -31.41 -20.83 26.87
N ALA C 68 -30.79 -20.52 28.00
CA ALA C 68 -31.50 -20.43 29.26
C ALA C 68 -32.30 -19.13 29.33
N ILE C 69 -31.69 -18.03 28.88
CA ILE C 69 -32.36 -16.74 28.88
C ILE C 69 -33.57 -16.76 27.97
N PHE C 70 -33.43 -17.40 26.81
CA PHE C 70 -34.52 -17.48 25.87
C PHE C 70 -35.71 -18.30 26.36
N GLN C 71 -35.46 -19.37 27.09
CA GLN C 71 -36.56 -20.17 27.61
C GLN C 71 -37.22 -19.42 28.77
N GLU C 72 -36.40 -18.83 29.62
CA GLU C 72 -36.91 -18.07 30.75
C GLU C 72 -37.84 -16.95 30.28
N ARG C 73 -37.49 -16.31 29.17
CA ARG C 73 -38.31 -15.23 28.63
C ARG C 73 -39.33 -15.69 27.60
N ASP C 74 -39.37 -17.00 27.36
CA ASP C 74 -40.32 -17.58 26.40
C ASP C 74 -40.17 -16.94 25.02
N LEU C 75 -38.94 -16.57 24.67
CA LEU C 75 -38.67 -15.95 23.38
C LEU C 75 -38.75 -16.91 22.20
N LEU C 76 -38.40 -18.18 22.45
CA LEU C 76 -38.46 -19.16 21.38
C LEU C 76 -39.88 -19.29 20.83
N LYS C 77 -40.87 -19.37 21.73
CA LYS C 77 -42.27 -19.49 21.32
C LYS C 77 -42.80 -18.19 20.71
N THR C 78 -42.57 -17.08 21.40
CA THR C 78 -43.02 -15.77 20.95
C THR C 78 -42.60 -15.46 19.51
N PHE C 79 -41.39 -15.87 19.12
CA PHE C 79 -40.89 -15.58 17.79
C PHE C 79 -40.71 -16.82 16.92
N ARG C 80 -41.36 -17.90 17.33
CA ARG C 80 -41.30 -19.15 16.57
C ARG C 80 -39.89 -19.55 16.13
N ILE C 81 -39.03 -19.81 17.10
CA ILE C 81 -37.67 -20.23 16.84
C ILE C 81 -37.52 -21.64 17.40
N SER C 82 -37.25 -22.62 16.56
CA SER C 82 -37.08 -23.98 17.06
C SER C 82 -35.75 -24.04 17.81
N SER C 83 -35.66 -24.91 18.81
CA SER C 83 -34.42 -25.05 19.57
C SER C 83 -33.31 -25.45 18.60
N ASP C 84 -33.69 -26.24 17.60
CA ASP C 84 -32.77 -26.73 16.57
C ASP C 84 -32.02 -25.55 15.94
N THR C 85 -32.79 -24.59 15.44
CA THR C 85 -32.26 -23.41 14.80
C THR C 85 -31.47 -22.56 15.79
N PHE C 86 -32.06 -22.31 16.95
CA PHE C 86 -31.42 -21.48 17.96
C PHE C 86 -30.05 -22.00 18.40
N ILE C 87 -29.99 -23.28 18.77
CA ILE C 87 -28.74 -23.88 19.21
C ILE C 87 -27.71 -23.88 18.09
N THR C 88 -28.15 -24.16 16.87
CA THR C 88 -27.21 -24.17 15.75
C THR C 88 -26.59 -22.79 15.56
N TYR C 89 -27.41 -21.75 15.58
CA TYR C 89 -26.89 -20.39 15.43
C TYR C 89 -25.94 -20.04 16.56
N MET C 90 -26.40 -20.19 17.80
CA MET C 90 -25.58 -19.85 18.96
C MET C 90 -24.25 -20.57 18.97
N MET C 91 -24.22 -21.82 18.55
CA MET C 91 -22.98 -22.57 18.53
C MET C 91 -22.05 -22.00 17.46
N THR C 92 -22.64 -21.55 16.36
CA THR C 92 -21.87 -20.97 15.27
C THR C 92 -21.34 -19.62 15.73
N LEU C 93 -22.21 -18.82 16.34
CA LEU C 93 -21.82 -17.51 16.84
C LEU C 93 -20.70 -17.68 17.86
N GLU C 94 -20.90 -18.55 18.84
CA GLU C 94 -19.90 -18.80 19.88
C GLU C 94 -18.58 -19.29 19.31
N ASP C 95 -18.64 -20.04 18.21
CA ASP C 95 -17.45 -20.55 17.55
C ASP C 95 -16.67 -19.44 16.87
N HIS C 96 -17.34 -18.33 16.57
CA HIS C 96 -16.68 -17.21 15.93
C HIS C 96 -16.06 -16.23 16.89
N TYR C 97 -16.07 -16.58 18.18
CA TYR C 97 -15.42 -15.79 19.20
C TYR C 97 -14.08 -16.53 19.33
N HIS C 98 -12.96 -15.81 19.35
CA HIS C 98 -11.67 -16.46 19.43
C HIS C 98 -11.36 -16.95 20.83
N SER C 99 -11.19 -18.25 21.00
CA SER C 99 -10.91 -18.79 22.31
C SER C 99 -9.50 -18.41 22.78
N ASP C 100 -8.60 -18.13 21.85
CA ASP C 100 -7.23 -17.77 22.24
C ASP C 100 -7.09 -16.30 22.65
N VAL C 101 -8.20 -15.58 22.64
CA VAL C 101 -8.23 -14.19 23.06
C VAL C 101 -8.57 -14.22 24.54
N ALA C 102 -7.69 -13.66 25.37
CA ALA C 102 -7.87 -13.67 26.82
C ALA C 102 -9.17 -13.11 27.40
N TYR C 103 -9.60 -11.96 26.93
CA TYR C 103 -10.81 -11.33 27.46
C TYR C 103 -12.01 -11.35 26.53
N HIS C 104 -11.84 -10.88 25.30
CA HIS C 104 -12.95 -10.84 24.37
C HIS C 104 -13.28 -12.16 23.68
N ASN C 105 -13.62 -13.16 24.50
CA ASN C 105 -13.99 -14.48 23.99
C ASN C 105 -15.46 -14.70 24.34
N SER C 106 -16.02 -15.88 24.03
CA SER C 106 -17.45 -16.09 24.30
C SER C 106 -17.86 -15.93 25.75
N LEU C 107 -16.92 -16.05 26.67
CA LEU C 107 -17.24 -15.90 28.09
C LEU C 107 -17.66 -14.46 28.40
N HIS C 108 -17.00 -13.49 27.77
CA HIS C 108 -17.33 -12.08 27.98
C HIS C 108 -18.70 -11.81 27.40
N ALA C 109 -18.97 -12.42 26.24
CA ALA C 109 -20.25 -12.26 25.55
C ALA C 109 -21.39 -12.83 26.40
N ALA C 110 -21.19 -14.04 26.93
CA ALA C 110 -22.20 -14.67 27.77
C ALA C 110 -22.48 -13.76 28.96
N ASP C 111 -21.41 -13.22 29.54
CA ASP C 111 -21.53 -12.33 30.68
C ASP C 111 -22.38 -11.09 30.38
N VAL C 112 -22.07 -10.41 29.28
CA VAL C 112 -22.83 -9.22 28.92
C VAL C 112 -24.29 -9.55 28.59
N ALA C 113 -24.51 -10.69 27.95
CA ALA C 113 -25.86 -11.11 27.60
C ALA C 113 -26.66 -11.36 28.89
N GLN C 114 -26.07 -12.12 29.82
CA GLN C 114 -26.72 -12.43 31.08
C GLN C 114 -26.96 -11.15 31.89
N SER C 115 -25.97 -10.27 31.93
CA SER C 115 -26.09 -9.01 32.67
C SER C 115 -27.16 -8.11 32.06
N THR C 116 -27.32 -8.20 30.75
CA THR C 116 -28.32 -7.41 30.04
C THR C 116 -29.68 -8.00 30.40
N HIS C 117 -29.72 -9.33 30.48
CA HIS C 117 -30.93 -10.04 30.83
C HIS C 117 -31.41 -9.55 32.20
N VAL C 118 -30.49 -9.45 33.16
CA VAL C 118 -30.88 -9.01 34.49
C VAL C 118 -31.30 -7.53 34.47
N LEU C 119 -30.54 -6.69 33.78
CA LEU C 119 -30.89 -5.27 33.73
C LEU C 119 -32.26 -4.99 33.12
N LEU C 120 -32.66 -5.81 32.15
CA LEU C 120 -33.96 -5.63 31.50
C LEU C 120 -35.12 -5.89 32.44
N SER C 121 -34.85 -6.59 33.53
CA SER C 121 -35.90 -6.89 34.50
C SER C 121 -35.93 -5.90 35.67
N THR C 122 -35.12 -4.85 35.59
CA THR C 122 -35.08 -3.89 36.68
C THR C 122 -36.49 -3.30 36.85
N PRO C 123 -36.98 -3.23 38.10
CA PRO C 123 -38.32 -2.70 38.41
C PRO C 123 -38.70 -1.39 37.73
N ALA C 124 -37.78 -0.42 37.72
CA ALA C 124 -38.05 0.87 37.12
C ALA C 124 -38.37 0.81 35.63
N LEU C 125 -38.04 -0.29 34.97
CA LEU C 125 -38.29 -0.44 33.53
C LEU C 125 -39.32 -1.52 33.24
N ASP C 126 -40.05 -1.94 34.26
CA ASP C 126 -41.08 -2.97 34.12
C ASP C 126 -42.15 -2.59 33.10
N ALA C 127 -42.37 -3.49 32.15
CA ALA C 127 -43.37 -3.30 31.09
C ALA C 127 -43.12 -2.08 30.19
N VAL C 128 -41.88 -1.63 30.10
CA VAL C 128 -41.54 -0.47 29.27
C VAL C 128 -41.18 -0.91 27.85
N PHE C 129 -40.56 -2.07 27.72
CA PHE C 129 -40.13 -2.58 26.42
C PHE C 129 -40.97 -3.72 25.86
N THR C 130 -41.09 -3.74 24.54
CA THR C 130 -41.85 -4.77 23.84
C THR C 130 -40.97 -6.02 23.75
N ASP C 131 -41.54 -7.17 23.39
CA ASP C 131 -40.75 -8.38 23.28
C ASP C 131 -39.68 -8.26 22.20
N LEU C 132 -39.99 -7.54 21.12
CA LEU C 132 -39.04 -7.34 20.04
C LEU C 132 -37.81 -6.59 20.56
N GLU C 133 -38.04 -5.57 21.37
CA GLU C 133 -36.96 -4.77 21.94
C GLU C 133 -36.10 -5.62 22.89
N ILE C 134 -36.77 -6.48 23.65
CA ILE C 134 -36.07 -7.36 24.58
C ILE C 134 -35.20 -8.30 23.73
N LEU C 135 -35.78 -8.87 22.67
CA LEU C 135 -35.05 -9.77 21.78
C LEU C 135 -33.80 -9.07 21.20
N ALA C 136 -33.99 -7.85 20.72
CA ALA C 136 -32.91 -7.06 20.14
C ALA C 136 -31.75 -6.81 21.11
N ALA C 137 -32.07 -6.35 22.32
CA ALA C 137 -31.04 -6.07 23.32
C ALA C 137 -30.20 -7.29 23.71
N ILE C 138 -30.86 -8.42 23.96
CA ILE C 138 -30.13 -9.62 24.34
C ILE C 138 -29.32 -10.16 23.17
N PHE C 139 -29.88 -10.08 21.96
CA PHE C 139 -29.18 -10.54 20.76
C PHE C 139 -27.96 -9.66 20.51
N ALA C 140 -28.14 -8.35 20.66
CA ALA C 140 -27.06 -7.40 20.45
C ALA C 140 -25.92 -7.66 21.44
N ALA C 141 -26.28 -7.94 22.69
CA ALA C 141 -25.28 -8.22 23.72
C ALA C 141 -24.52 -9.48 23.38
N ALA C 142 -25.22 -10.48 22.86
CA ALA C 142 -24.59 -11.74 22.52
C ALA C 142 -23.58 -11.64 21.36
N ILE C 143 -23.85 -10.78 20.38
CA ILE C 143 -22.95 -10.64 19.24
C ILE C 143 -22.03 -9.43 19.30
N HIS C 144 -22.23 -8.54 20.28
CA HIS C 144 -21.45 -7.30 20.35
C HIS C 144 -19.93 -7.31 20.23
N ASP C 145 -19.29 -8.47 20.39
CA ASP C 145 -17.84 -8.56 20.27
C ASP C 145 -17.39 -9.77 19.44
N VAL C 146 -18.31 -10.37 18.69
CA VAL C 146 -17.96 -11.54 17.90
C VAL C 146 -16.81 -11.32 16.92
N ASP C 147 -15.93 -12.31 16.87
CA ASP C 147 -14.76 -12.30 15.99
C ASP C 147 -13.75 -11.22 16.34
N HIS C 148 -13.71 -10.85 17.62
CA HIS C 148 -12.77 -9.84 18.10
C HIS C 148 -11.36 -10.42 17.98
N PRO C 149 -10.40 -9.65 17.42
CA PRO C 149 -9.03 -10.14 17.27
C PRO C 149 -8.14 -10.04 18.51
N GLY C 150 -8.58 -9.32 19.54
CA GLY C 150 -7.77 -9.20 20.73
C GLY C 150 -6.92 -7.94 20.73
N VAL C 151 -7.15 -7.07 19.76
CA VAL C 151 -6.41 -5.81 19.66
C VAL C 151 -7.41 -4.66 19.50
N SER C 152 -7.00 -3.45 19.85
CA SER C 152 -7.89 -2.28 19.76
C SER C 152 -8.13 -1.78 18.33
N ASN C 153 -9.04 -0.83 18.19
CA ASN C 153 -9.33 -0.25 16.89
C ASN C 153 -8.10 0.50 16.41
N GLN C 154 -7.45 1.22 17.32
CA GLN C 154 -6.28 1.99 16.96
C GLN C 154 -5.15 1.10 16.44
N PHE C 155 -5.07 -0.12 16.95
CA PHE C 155 -4.04 -1.07 16.50
C PHE C 155 -4.38 -1.48 15.07
N LEU C 156 -5.67 -1.66 14.79
CA LEU C 156 -6.08 -2.06 13.45
C LEU C 156 -5.79 -0.92 12.49
N ILE C 157 -6.00 0.30 12.95
CA ILE C 157 -5.76 1.47 12.12
C ILE C 157 -4.25 1.63 11.85
N ASN C 158 -3.44 1.50 12.90
CA ASN C 158 -1.99 1.66 12.75
C ASN C 158 -1.32 0.60 11.89
N THR C 159 -1.89 -0.59 11.81
CA THR C 159 -1.31 -1.64 10.99
C THR C 159 -1.90 -1.67 9.59
N ASN C 160 -2.75 -0.69 9.29
CA ASN C 160 -3.39 -0.61 7.98
C ASN C 160 -4.15 -1.90 7.69
N SER C 161 -4.92 -2.33 8.70
CA SER C 161 -5.72 -3.54 8.63
C SER C 161 -6.80 -3.42 7.57
N GLU C 162 -7.08 -4.52 6.90
CA GLU C 162 -8.11 -4.56 5.88
C GLU C 162 -9.44 -4.07 6.46
N LEU C 163 -9.68 -4.33 7.75
CA LEU C 163 -10.91 -3.91 8.41
C LEU C 163 -10.96 -2.40 8.64
N ALA C 164 -9.82 -1.81 9.01
CA ALA C 164 -9.78 -0.37 9.24
C ALA C 164 -10.10 0.34 7.95
N LEU C 165 -9.59 -0.19 6.84
CA LEU C 165 -9.83 0.40 5.53
C LEU C 165 -11.29 0.28 5.09
N MET C 166 -11.89 -0.86 5.35
CA MET C 166 -13.28 -1.07 4.96
C MET C 166 -14.26 -0.18 5.68
N TYR C 167 -13.96 0.23 6.91
CA TYR C 167 -14.87 1.07 7.66
C TYR C 167 -14.35 2.48 7.89
N ASN C 168 -13.39 2.89 7.07
CA ASN C 168 -12.81 4.23 7.16
C ASN C 168 -12.33 4.61 8.57
N ASP C 169 -11.70 3.67 9.26
CA ASP C 169 -11.19 3.90 10.61
C ASP C 169 -12.26 4.28 11.64
N GLU C 170 -13.54 4.20 11.27
CA GLU C 170 -14.60 4.56 12.22
C GLU C 170 -15.27 3.33 12.84
N SER C 171 -15.16 3.19 14.16
CA SER C 171 -15.75 2.05 14.88
C SER C 171 -15.50 0.77 14.12
N VAL C 172 -14.25 0.56 13.74
CA VAL C 172 -13.85 -0.61 12.97
C VAL C 172 -14.37 -1.92 13.51
N LEU C 173 -13.97 -2.27 14.73
CA LEU C 173 -14.39 -3.52 15.35
C LEU C 173 -15.91 -3.66 15.48
N GLU C 174 -16.55 -2.59 15.97
CA GLU C 174 -17.99 -2.61 16.17
C GLU C 174 -18.77 -2.87 14.87
N ASN C 175 -18.33 -2.26 13.76
CA ASN C 175 -18.98 -2.48 12.48
C ASN C 175 -18.78 -3.93 12.08
N HIS C 176 -17.60 -4.45 12.37
CA HIS C 176 -17.27 -5.82 12.05
C HIS C 176 -18.11 -6.82 12.86
N HIS C 177 -18.31 -6.55 14.15
CA HIS C 177 -19.09 -7.44 15.00
C HIS C 177 -20.50 -7.59 14.42
N LEU C 178 -21.11 -6.46 14.05
CA LEU C 178 -22.44 -6.47 13.48
C LEU C 178 -22.48 -7.28 12.20
N ALA C 179 -21.53 -7.03 11.30
CA ALA C 179 -21.49 -7.72 10.04
C ALA C 179 -21.42 -9.24 10.21
N VAL C 180 -20.56 -9.70 11.09
CA VAL C 180 -20.42 -11.12 11.35
C VAL C 180 -21.68 -11.66 12.02
N GLY C 181 -22.18 -10.93 13.01
CA GLY C 181 -23.37 -11.35 13.73
C GLY C 181 -24.55 -11.63 12.82
N PHE C 182 -24.82 -10.73 11.88
CA PHE C 182 -25.93 -10.90 10.96
C PHE C 182 -25.63 -11.86 9.81
N LYS C 183 -24.38 -11.89 9.37
CA LYS C 183 -23.99 -12.77 8.27
C LYS C 183 -24.14 -14.24 8.65
N LEU C 184 -23.84 -14.56 9.91
CA LEU C 184 -23.94 -15.94 10.34
C LEU C 184 -25.38 -16.47 10.28
N LEU C 185 -26.35 -15.56 10.23
CA LEU C 185 -27.75 -15.97 10.14
C LEU C 185 -28.00 -16.72 8.84
N GLN C 186 -27.04 -16.67 7.93
CA GLN C 186 -27.18 -17.34 6.63
C GLN C 186 -26.55 -18.71 6.57
N GLU C 187 -25.89 -19.14 7.64
CA GLU C 187 -25.29 -20.46 7.59
C GLU C 187 -26.41 -21.50 7.72
N GLU C 188 -26.08 -22.76 7.45
CA GLU C 188 -27.07 -23.84 7.48
C GLU C 188 -27.93 -23.93 8.74
N HIS C 189 -29.23 -23.73 8.55
CA HIS C 189 -30.19 -23.81 9.64
C HIS C 189 -29.89 -22.85 10.81
N CYS C 190 -29.50 -21.62 10.49
CA CYS C 190 -29.16 -20.64 11.53
C CYS C 190 -30.02 -19.38 11.60
N ASP C 191 -31.00 -19.22 10.72
CA ASP C 191 -31.82 -18.01 10.73
C ASP C 191 -32.86 -17.96 11.83
N ILE C 192 -32.44 -17.51 13.01
CA ILE C 192 -33.36 -17.42 14.16
C ILE C 192 -34.41 -16.32 14.00
N PHE C 193 -34.31 -15.50 12.95
CA PHE C 193 -35.28 -14.44 12.72
C PHE C 193 -36.13 -14.75 11.50
N MET C 194 -36.03 -15.99 11.03
CA MET C 194 -36.79 -16.43 9.87
C MET C 194 -38.29 -16.15 9.96
N ASN C 195 -38.89 -16.35 11.12
CA ASN C 195 -40.32 -16.14 11.24
C ASN C 195 -40.78 -14.80 11.78
N LEU C 196 -39.96 -13.77 11.70
CA LEU C 196 -40.39 -12.44 12.13
C LEU C 196 -40.90 -11.78 10.85
N THR C 197 -41.69 -10.72 10.98
CA THR C 197 -42.20 -10.04 9.79
C THR C 197 -41.10 -9.14 9.25
N LYS C 198 -41.25 -8.67 8.02
CA LYS C 198 -40.24 -7.78 7.44
C LYS C 198 -40.16 -6.56 8.35
N LYS C 199 -41.32 -6.10 8.80
CA LYS C 199 -41.42 -4.95 9.69
C LYS C 199 -40.61 -5.21 10.96
N GLN C 200 -40.79 -6.37 11.55
CA GLN C 200 -40.06 -6.70 12.78
C GLN C 200 -38.56 -6.85 12.56
N ARG C 201 -38.18 -7.49 11.47
CA ARG C 201 -36.76 -7.68 11.19
C ARG C 201 -36.05 -6.35 10.94
N GLN C 202 -36.73 -5.43 10.26
CA GLN C 202 -36.13 -4.13 9.99
C GLN C 202 -35.96 -3.36 11.28
N THR C 203 -36.95 -3.45 12.15
CA THR C 203 -36.89 -2.75 13.43
C THR C 203 -35.80 -3.35 14.33
N LEU C 204 -35.72 -4.68 14.36
CA LEU C 204 -34.72 -5.33 15.17
C LEU C 204 -33.31 -4.97 14.71
N ARG C 205 -33.14 -4.96 13.39
CA ARG C 205 -31.84 -4.64 12.81
C ARG C 205 -31.42 -3.20 13.14
N LYS C 206 -32.36 -2.27 13.06
CA LYS C 206 -32.07 -0.88 13.36
C LYS C 206 -31.60 -0.76 14.81
N MET C 207 -32.29 -1.44 15.71
CA MET C 207 -31.94 -1.39 17.12
C MET C 207 -30.62 -2.07 17.45
N VAL C 208 -30.38 -3.23 16.86
CA VAL C 208 -29.14 -3.94 17.13
C VAL C 208 -27.92 -3.16 16.65
N ILE C 209 -28.02 -2.60 15.45
CA ILE C 209 -26.91 -1.81 14.90
C ILE C 209 -26.64 -0.62 15.81
N ASP C 210 -27.70 -0.01 16.32
CA ASP C 210 -27.58 1.14 17.20
C ASP C 210 -26.86 0.75 18.50
N MET C 211 -27.29 -0.33 19.13
CA MET C 211 -26.69 -0.77 20.38
C MET C 211 -25.25 -1.22 20.27
N VAL C 212 -24.93 -2.03 19.27
CA VAL C 212 -23.57 -2.52 19.11
C VAL C 212 -22.59 -1.37 18.82
N LEU C 213 -22.97 -0.48 17.92
CA LEU C 213 -22.11 0.65 17.59
C LEU C 213 -21.89 1.56 18.80
N ALA C 214 -22.81 1.51 19.75
CA ALA C 214 -22.72 2.33 20.95
C ALA C 214 -21.74 1.76 21.95
N THR C 215 -21.27 0.54 21.69
CA THR C 215 -20.32 -0.08 22.60
C THR C 215 -18.89 0.38 22.33
N ASP C 216 -18.72 1.22 21.31
CA ASP C 216 -17.41 1.76 20.98
C ASP C 216 -17.11 2.76 22.09
N MET C 217 -16.01 2.55 22.83
CA MET C 217 -15.66 3.42 23.93
C MET C 217 -15.50 4.89 23.56
N SER C 218 -15.23 5.17 22.30
CA SER C 218 -15.06 6.55 21.89
C SER C 218 -16.38 7.32 21.94
N LYS C 219 -17.50 6.60 22.02
CA LYS C 219 -18.82 7.22 22.09
C LYS C 219 -19.28 7.31 23.54
N HIS C 220 -18.41 6.94 24.47
CA HIS C 220 -18.75 6.95 25.88
C HIS C 220 -19.23 8.29 26.44
N MET C 221 -18.41 9.33 26.33
CA MET C 221 -18.80 10.65 26.86
C MET C 221 -20.13 11.09 26.26
N SER C 222 -20.30 10.81 24.96
CA SER C 222 -21.53 11.15 24.26
C SER C 222 -22.72 10.42 24.90
N LEU C 223 -22.63 9.09 25.00
CA LEU C 223 -23.68 8.30 25.60
C LEU C 223 -24.04 8.80 27.00
N LEU C 224 -23.01 9.07 27.80
CA LEU C 224 -23.20 9.52 29.17
C LEU C 224 -23.90 10.88 29.22
N ALA C 225 -23.44 11.83 28.41
CA ALA C 225 -24.05 13.16 28.41
C ALA C 225 -25.54 13.06 28.09
N ASP C 226 -25.87 12.15 27.17
CA ASP C 226 -27.27 11.96 26.80
C ASP C 226 -28.05 11.29 27.91
N LEU C 227 -27.47 10.27 28.51
CA LEU C 227 -28.17 9.57 29.58
C LEU C 227 -28.47 10.51 30.74
N LYS C 228 -27.57 11.46 30.98
CA LYS C 228 -27.76 12.42 32.06
C LYS C 228 -28.97 13.29 31.78
N THR C 229 -29.01 13.87 30.59
CA THR C 229 -30.13 14.73 30.18
C THR C 229 -31.43 13.96 30.31
N MET C 230 -31.37 12.66 30.07
CA MET C 230 -32.57 11.83 30.16
C MET C 230 -33.06 11.78 31.60
N VAL C 231 -32.13 11.67 32.54
CA VAL C 231 -32.48 11.61 33.96
C VAL C 231 -33.08 12.93 34.44
N GLU C 232 -32.57 14.04 33.93
CA GLU C 232 -33.06 15.35 34.32
C GLU C 232 -34.54 15.51 34.03
N THR C 233 -34.97 15.04 32.88
CA THR C 233 -36.36 15.16 32.46
C THR C 233 -37.18 13.90 32.59
N LYS C 234 -36.65 12.89 33.26
CA LYS C 234 -37.39 11.64 33.39
C LYS C 234 -38.77 11.83 34.00
N LYS C 235 -39.75 11.14 33.42
CA LYS C 235 -41.11 11.18 33.88
C LYS C 235 -41.35 9.79 34.44
N VAL C 236 -41.84 9.72 35.67
CA VAL C 236 -42.09 8.45 36.31
C VAL C 236 -43.56 8.30 36.67
N THR C 237 -44.05 7.05 36.74
CA THR C 237 -45.45 6.81 37.08
C THR C 237 -45.66 6.89 38.57
N SER C 238 -46.93 6.94 38.97
CA SER C 238 -47.31 7.00 40.38
C SER C 238 -46.82 5.77 41.13
N SER C 239 -46.39 4.76 40.38
CA SER C 239 -45.90 3.52 40.95
C SER C 239 -44.37 3.52 41.09
N GLY C 240 -43.71 4.40 40.35
CA GLY C 240 -42.27 4.48 40.39
C GLY C 240 -41.59 3.97 39.13
N VAL C 241 -42.41 3.48 38.20
CA VAL C 241 -41.91 2.96 36.92
C VAL C 241 -41.63 4.09 35.93
N LEU C 242 -40.58 3.95 35.13
CA LEU C 242 -40.21 4.95 34.15
C LEU C 242 -41.21 5.06 33.02
N LEU C 243 -41.34 6.28 32.50
CA LEU C 243 -42.26 6.56 31.42
C LEU C 243 -41.47 6.92 30.16
N LEU C 244 -41.38 5.98 29.22
CA LEU C 244 -40.67 6.22 27.98
C LEU C 244 -41.67 6.17 26.83
N ASP C 245 -42.19 7.34 26.48
CA ASP C 245 -43.20 7.47 25.43
C ASP C 245 -42.80 7.09 24.00
N ASN C 246 -41.79 7.74 23.44
CA ASN C 246 -41.40 7.44 22.06
C ASN C 246 -40.23 6.45 21.90
N TYR C 247 -40.00 6.02 20.67
CA TYR C 247 -38.93 5.08 20.33
C TYR C 247 -37.55 5.63 20.68
N THR C 248 -37.34 6.90 20.40
CA THR C 248 -36.06 7.54 20.69
C THR C 248 -35.63 7.32 22.14
N ASP C 249 -36.53 7.59 23.08
CA ASP C 249 -36.21 7.43 24.48
C ASP C 249 -35.93 5.97 24.82
N ARG C 250 -36.74 5.06 24.27
CA ARG C 250 -36.54 3.65 24.55
C ARG C 250 -35.19 3.15 24.05
N ILE C 251 -34.86 3.45 22.80
CA ILE C 251 -33.58 2.99 22.25
C ILE C 251 -32.40 3.63 22.97
N GLN C 252 -32.59 4.84 23.50
CA GLN C 252 -31.50 5.50 24.22
C GLN C 252 -31.20 4.75 25.52
N VAL C 253 -32.24 4.30 26.21
CA VAL C 253 -32.06 3.56 27.44
C VAL C 253 -31.46 2.19 27.15
N LEU C 254 -31.85 1.59 26.03
CA LEU C 254 -31.31 0.27 25.66
C LEU C 254 -29.84 0.40 25.28
N ARG C 255 -29.48 1.52 24.64
CA ARG C 255 -28.10 1.79 24.24
C ARG C 255 -27.23 1.79 25.49
N ASN C 256 -27.65 2.60 26.46
CA ASN C 256 -26.92 2.72 27.71
C ASN C 256 -26.93 1.45 28.55
N MET C 257 -28.01 0.70 28.46
CA MET C 257 -28.11 -0.55 29.21
C MET C 257 -27.02 -1.54 28.79
N VAL C 258 -26.91 -1.77 27.49
CA VAL C 258 -25.92 -2.69 26.96
C VAL C 258 -24.52 -2.14 27.22
N HIS C 259 -24.39 -0.81 27.20
CA HIS C 259 -23.12 -0.16 27.47
C HIS C 259 -22.73 -0.44 28.92
N CYS C 260 -23.72 -0.38 29.81
CA CYS C 260 -23.49 -0.65 31.23
C CYS C 260 -23.13 -2.12 31.45
N ALA C 261 -23.78 -3.02 30.73
CA ALA C 261 -23.49 -4.43 30.87
C ALA C 261 -22.04 -4.68 30.43
N ASP C 262 -21.65 -4.02 29.34
CA ASP C 262 -20.31 -4.14 28.80
C ASP C 262 -19.31 -3.64 29.86
N LEU C 263 -19.72 -2.65 30.64
CA LEU C 263 -18.86 -2.09 31.68
C LEU C 263 -19.30 -2.50 33.08
N SER C 264 -19.83 -3.72 33.22
CA SER C 264 -20.32 -4.19 34.50
C SER C 264 -19.30 -4.94 35.38
N ASN C 265 -18.15 -5.29 34.82
CA ASN C 265 -17.15 -6.03 35.58
C ASN C 265 -16.86 -5.52 37.00
N PRO C 266 -16.55 -4.23 37.16
CA PRO C 266 -16.27 -3.76 38.52
C PRO C 266 -17.48 -3.74 39.45
N THR C 267 -18.66 -4.05 38.91
CA THR C 267 -19.86 -4.03 39.73
C THR C 267 -20.26 -5.42 40.20
N LYS C 268 -19.54 -6.45 39.74
CA LYS C 268 -19.82 -7.82 40.14
C LYS C 268 -19.10 -8.12 41.44
N SER C 269 -19.36 -9.29 42.04
CA SER C 269 -18.70 -9.64 43.29
C SER C 269 -17.20 -9.67 43.04
N LEU C 270 -16.43 -9.22 44.03
CA LEU C 270 -14.98 -9.16 43.91
C LEU C 270 -14.36 -10.43 43.34
N GLU C 271 -14.94 -11.58 43.68
CA GLU C 271 -14.42 -12.85 43.18
C GLU C 271 -14.44 -12.88 41.65
N LEU C 272 -15.54 -12.43 41.07
CA LEU C 272 -15.69 -12.40 39.61
C LEU C 272 -14.84 -11.27 39.02
N TYR C 273 -15.03 -10.07 39.55
CA TYR C 273 -14.31 -8.89 39.09
C TYR C 273 -12.81 -9.13 38.94
N ARG C 274 -12.20 -9.79 39.91
CA ARG C 274 -10.75 -10.04 39.83
C ARG C 274 -10.36 -10.96 38.68
N GLN C 275 -11.24 -11.90 38.33
CA GLN C 275 -10.95 -12.79 37.22
C GLN C 275 -11.04 -12.03 35.91
N TRP C 276 -11.96 -11.06 35.86
CA TRP C 276 -12.13 -10.23 34.67
C TRP C 276 -10.91 -9.32 34.50
N THR C 277 -10.40 -8.79 35.61
CA THR C 277 -9.24 -7.92 35.56
C THR C 277 -8.01 -8.67 35.04
N ASP C 278 -7.84 -9.92 35.45
CA ASP C 278 -6.69 -10.67 34.97
C ASP C 278 -6.78 -10.93 33.48
N ARG C 279 -7.99 -11.22 33.00
CA ARG C 279 -8.20 -11.49 31.60
C ARG C 279 -7.95 -10.26 30.72
N ILE C 280 -8.50 -9.13 31.12
CA ILE C 280 -8.32 -7.91 30.33
C ILE C 280 -6.84 -7.50 30.30
N MET C 281 -6.13 -7.70 31.41
CA MET C 281 -4.72 -7.35 31.46
C MET C 281 -3.92 -8.29 30.58
N GLU C 282 -4.29 -9.57 30.59
CA GLU C 282 -3.59 -10.55 29.78
C GLU C 282 -3.77 -10.24 28.29
N GLU C 283 -4.95 -9.77 27.91
CA GLU C 283 -5.20 -9.43 26.50
C GLU C 283 -4.39 -8.21 26.11
N PHE C 284 -4.41 -7.20 26.96
CA PHE C 284 -3.66 -5.97 26.71
C PHE C 284 -2.17 -6.25 26.56
N PHE C 285 -1.63 -7.14 27.39
CA PHE C 285 -0.22 -7.48 27.27
C PHE C 285 0.04 -8.22 25.97
N GLN C 286 -0.93 -9.01 25.52
CA GLN C 286 -0.79 -9.73 24.26
C GLN C 286 -0.66 -8.72 23.14
N GLN C 287 -1.44 -7.64 23.19
CA GLN C 287 -1.36 -6.61 22.15
C GLN C 287 0.02 -5.97 22.25
N GLY C 288 0.43 -5.72 23.49
CA GLY C 288 1.74 -5.12 23.73
C GLY C 288 2.84 -5.94 23.10
N ASP C 289 2.75 -7.27 23.19
CA ASP C 289 3.76 -8.14 22.59
C ASP C 289 3.68 -8.04 21.06
N LYS C 290 2.48 -8.09 20.52
CA LYS C 290 2.30 -7.99 19.07
C LYS C 290 2.94 -6.72 18.55
N GLU C 291 2.80 -5.64 19.31
CA GLU C 291 3.36 -4.34 18.93
C GLU C 291 4.89 -4.39 18.91
N ARG C 292 5.47 -5.02 19.92
CA ARG C 292 6.92 -5.15 20.00
C ARG C 292 7.43 -5.97 18.80
N GLU C 293 6.81 -7.12 18.56
CA GLU C 293 7.19 -8.00 17.45
C GLU C 293 7.11 -7.30 16.08
N ARG C 294 6.24 -6.30 15.98
CA ARG C 294 6.06 -5.57 14.73
C ARG C 294 6.77 -4.23 14.76
N GLY C 295 7.59 -4.03 15.79
CA GLY C 295 8.34 -2.80 15.93
C GLY C 295 7.50 -1.55 16.01
N MET C 296 6.39 -1.64 16.73
CA MET C 296 5.50 -0.49 16.91
C MET C 296 5.72 -0.01 18.33
N GLU C 297 5.10 1.11 18.68
CA GLU C 297 5.25 1.62 20.03
C GLU C 297 4.24 0.90 20.92
N ILE C 298 4.68 0.47 22.10
CA ILE C 298 3.80 -0.23 23.04
C ILE C 298 2.77 0.75 23.59
N SER C 299 1.49 0.42 23.38
CA SER C 299 0.39 1.27 23.85
C SER C 299 0.32 1.37 25.37
N PRO C 300 -0.40 2.38 25.88
CA PRO C 300 -0.52 2.55 27.32
C PRO C 300 -1.23 1.35 27.97
N MET C 301 -0.64 0.82 29.03
CA MET C 301 -1.20 -0.32 29.75
C MET C 301 -1.04 -1.66 29.04
N CYS C 302 -0.26 -1.67 27.96
CA CYS C 302 -0.04 -2.91 27.22
C CYS C 302 1.36 -3.44 27.51
N ASP C 303 2.10 -2.68 28.30
CA ASP C 303 3.46 -3.07 28.67
C ASP C 303 3.40 -3.82 30.00
N LYS C 304 3.59 -5.13 29.94
CA LYS C 304 3.54 -5.98 31.12
C LYS C 304 4.59 -5.67 32.17
N HIS C 305 5.54 -4.80 31.82
CA HIS C 305 6.61 -4.44 32.75
C HIS C 305 6.28 -3.15 33.49
N THR C 306 5.76 -2.17 32.77
CA THR C 306 5.42 -0.89 33.35
C THR C 306 3.94 -0.77 33.74
N ALA C 307 3.26 -1.91 33.83
CA ALA C 307 1.84 -1.88 34.16
C ALA C 307 1.54 -1.89 35.65
N SER C 308 0.53 -1.11 36.03
CA SER C 308 0.10 -1.04 37.42
C SER C 308 -1.40 -1.38 37.46
N VAL C 309 -1.68 -2.68 37.42
CA VAL C 309 -3.03 -3.23 37.42
C VAL C 309 -4.00 -2.55 38.40
N GLU C 310 -3.64 -2.56 39.68
CA GLU C 310 -4.49 -1.97 40.70
C GLU C 310 -4.83 -0.49 40.48
N LYS C 311 -3.80 0.34 40.25
CA LYS C 311 -4.03 1.76 40.01
C LYS C 311 -4.98 1.97 38.83
N SER C 312 -4.78 1.17 37.79
CA SER C 312 -5.59 1.24 36.59
C SER C 312 -7.07 0.92 36.83
N GLN C 313 -7.35 -0.07 37.68
CA GLN C 313 -8.75 -0.40 37.97
C GLN C 313 -9.40 0.76 38.72
N VAL C 314 -8.64 1.42 39.58
CA VAL C 314 -9.18 2.54 40.34
C VAL C 314 -9.47 3.71 39.41
N GLY C 315 -8.59 3.91 38.43
CA GLY C 315 -8.81 5.00 37.48
C GLY C 315 -9.99 4.66 36.58
N PHE C 316 -10.07 3.39 36.20
CA PHE C 316 -11.15 2.89 35.35
C PHE C 316 -12.49 3.13 36.05
N ILE C 317 -12.53 2.88 37.35
CA ILE C 317 -13.76 3.08 38.11
C ILE C 317 -14.04 4.56 38.37
N ASP C 318 -13.04 5.31 38.82
CA ASP C 318 -13.22 6.74 39.10
C ASP C 318 -13.60 7.62 37.89
N TYR C 319 -13.07 7.33 36.71
CA TYR C 319 -13.36 8.15 35.54
C TYR C 319 -14.37 7.59 34.53
N ILE C 320 -14.55 6.27 34.50
CA ILE C 320 -15.49 5.69 33.54
C ILE C 320 -16.65 4.89 34.14
N VAL C 321 -16.36 3.80 34.84
CA VAL C 321 -17.41 2.96 35.40
C VAL C 321 -18.34 3.61 36.42
N HIS C 322 -17.79 4.28 37.42
CA HIS C 322 -18.63 4.90 38.44
C HIS C 322 -19.51 6.04 37.92
N PRO C 323 -18.95 6.96 37.12
CA PRO C 323 -19.80 8.04 36.61
C PRO C 323 -21.00 7.48 35.81
N LEU C 324 -20.77 6.41 35.06
CA LEU C 324 -21.83 5.82 34.27
C LEU C 324 -22.89 5.17 35.16
N TRP C 325 -22.48 4.25 36.02
CA TRP C 325 -23.42 3.57 36.89
C TRP C 325 -24.12 4.49 37.88
N GLU C 326 -23.47 5.60 38.19
CA GLU C 326 -24.03 6.58 39.11
C GLU C 326 -25.25 7.19 38.41
N THR C 327 -25.08 7.45 37.10
CA THR C 327 -26.16 8.02 36.30
C THR C 327 -27.25 7.01 36.04
N TRP C 328 -26.87 5.75 35.83
CA TRP C 328 -27.86 4.72 35.59
C TRP C 328 -28.67 4.51 36.86
N ALA C 329 -28.00 4.56 38.01
CA ALA C 329 -28.66 4.39 39.30
C ALA C 329 -29.72 5.48 39.49
N ASP C 330 -29.41 6.67 38.99
CA ASP C 330 -30.30 7.83 39.07
C ASP C 330 -31.57 7.52 38.31
N LEU C 331 -31.42 7.01 37.10
CA LEU C 331 -32.54 6.68 36.24
C LEU C 331 -33.44 5.60 36.85
N VAL C 332 -32.85 4.46 37.22
CA VAL C 332 -33.61 3.36 37.78
C VAL C 332 -33.74 3.37 39.30
N GLN C 333 -33.43 4.52 39.90
CA GLN C 333 -33.52 4.72 41.33
C GLN C 333 -34.77 4.09 41.96
N PRO C 334 -34.60 3.31 43.04
CA PRO C 334 -33.37 2.95 43.75
C PRO C 334 -32.93 1.52 43.44
N ASP C 335 -33.32 1.00 42.29
CA ASP C 335 -32.98 -0.36 41.90
C ASP C 335 -31.51 -0.74 41.78
N ALA C 336 -30.64 0.24 41.49
CA ALA C 336 -29.21 -0.07 41.33
C ALA C 336 -28.33 0.27 42.53
N GLN C 337 -28.93 0.62 43.65
CA GLN C 337 -28.16 0.98 44.83
C GLN C 337 -27.21 -0.13 45.30
N ASP C 338 -27.62 -1.39 45.17
CA ASP C 338 -26.77 -2.50 45.58
C ASP C 338 -25.52 -2.56 44.71
N ILE C 339 -25.73 -2.45 43.41
CA ILE C 339 -24.64 -2.47 42.44
C ILE C 339 -23.69 -1.30 42.73
N LEU C 340 -24.27 -0.14 42.99
CA LEU C 340 -23.49 1.05 43.28
C LEU C 340 -22.61 0.85 44.52
N ASP C 341 -23.12 0.14 45.52
CA ASP C 341 -22.36 -0.12 46.74
C ASP C 341 -21.22 -1.10 46.49
N THR C 342 -21.52 -2.17 45.77
CA THR C 342 -20.51 -3.18 45.44
C THR C 342 -19.36 -2.53 44.67
N LEU C 343 -19.74 -1.61 43.77
CA LEU C 343 -18.76 -0.91 42.96
C LEU C 343 -17.80 -0.12 43.83
N GLU C 344 -18.34 0.62 44.79
CA GLU C 344 -17.50 1.42 45.68
C GLU C 344 -16.62 0.58 46.59
N ASP C 345 -17.08 -0.61 46.97
CA ASP C 345 -16.26 -1.48 47.80
C ASP C 345 -15.11 -2.02 46.97
N ASN C 346 -15.42 -2.58 45.80
CA ASN C 346 -14.38 -3.12 44.92
C ASN C 346 -13.33 -2.07 44.59
N ARG C 347 -13.77 -0.83 44.52
CA ARG C 347 -12.86 0.27 44.21
C ARG C 347 -11.82 0.42 45.32
N ASN C 348 -12.30 0.56 46.56
CA ASN C 348 -11.40 0.70 47.70
C ASN C 348 -10.47 -0.50 47.84
N TRP C 349 -11.00 -1.70 47.58
CA TRP C 349 -10.20 -2.91 47.67
C TRP C 349 -8.98 -2.79 46.76
N TYR C 350 -9.22 -2.52 45.48
CA TYR C 350 -8.14 -2.38 44.52
C TYR C 350 -7.25 -1.19 44.91
N GLN C 351 -7.84 -0.19 45.56
CA GLN C 351 -7.11 0.99 46.00
C GLN C 351 -6.07 0.59 47.04
N SER C 352 -6.48 -0.26 47.98
CA SER C 352 -5.60 -0.73 49.04
C SER C 352 -4.52 -1.67 48.53
N MET C 353 -4.82 -2.39 47.44
CA MET C 353 -3.88 -3.33 46.85
C MET C 353 -2.80 -2.70 45.99
N ILE C 354 -2.74 -1.37 45.98
CA ILE C 354 -1.73 -0.69 45.19
C ILE C 354 -0.40 -0.81 45.91
N PRO C 355 0.65 -1.27 45.19
CA PRO C 355 1.99 -1.43 45.77
C PRO C 355 2.57 -0.18 46.41
N GLN C 356 3.81 -0.29 46.88
CA GLN C 356 4.49 0.83 47.53
C GLN C 356 5.58 1.49 46.67
N VAL D 28 13.22 -14.10 22.16
CA VAL D 28 14.17 -15.15 22.62
C VAL D 28 15.03 -14.65 23.78
N ASN D 29 15.29 -15.53 24.75
CA ASN D 29 16.08 -15.20 25.93
C ASN D 29 17.55 -15.57 25.82
N THR D 30 18.37 -14.98 26.69
CA THR D 30 19.82 -15.24 26.69
C THR D 30 20.19 -16.72 26.89
N GLU D 31 19.51 -17.42 27.82
CA GLU D 31 19.81 -18.83 28.06
C GLU D 31 19.26 -19.67 26.92
N ASN D 32 18.20 -19.16 26.29
CA ASN D 32 17.54 -19.81 25.16
C ASN D 32 18.26 -19.55 23.85
N GLU D 33 19.06 -18.50 23.82
CA GLU D 33 19.78 -18.13 22.62
C GLU D 33 20.75 -19.23 22.22
N ASP D 34 21.45 -19.77 23.21
CA ASP D 34 22.41 -20.86 22.97
C ASP D 34 21.69 -22.10 22.49
N HIS D 35 20.64 -22.47 23.22
CA HIS D 35 19.85 -23.64 22.88
C HIS D 35 19.24 -23.54 21.49
N LEU D 36 18.74 -22.36 21.14
CA LEU D 36 18.14 -22.14 19.83
C LEU D 36 19.17 -22.29 18.74
N ALA D 37 20.31 -21.62 18.92
CA ALA D 37 21.38 -21.69 17.93
C ALA D 37 21.79 -23.14 17.69
N LYS D 38 21.98 -23.88 18.77
CA LYS D 38 22.38 -25.28 18.70
C LYS D 38 21.35 -26.09 17.93
N GLU D 39 20.08 -25.79 18.16
CA GLU D 39 18.99 -26.48 17.51
C GLU D 39 18.96 -26.16 16.01
N LEU D 40 19.30 -24.93 15.67
CA LEU D 40 19.30 -24.50 14.27
C LEU D 40 20.49 -25.05 13.49
N GLU D 41 21.38 -25.77 14.16
CA GLU D 41 22.52 -26.35 13.47
C GLU D 41 22.01 -27.42 12.50
N ASP D 42 20.79 -27.86 12.71
CA ASP D 42 20.19 -28.88 11.85
C ASP D 42 19.22 -28.29 10.85
N LEU D 43 19.31 -26.99 10.62
CA LEU D 43 18.43 -26.29 9.70
C LEU D 43 18.35 -26.94 8.32
N ASN D 44 19.45 -27.48 7.84
CA ASN D 44 19.48 -28.12 6.53
C ASN D 44 19.26 -29.63 6.58
N LYS D 45 18.98 -30.15 7.77
CA LYS D 45 18.77 -31.58 7.92
C LYS D 45 17.30 -31.98 8.10
N TRP D 46 16.95 -33.15 7.59
CA TRP D 46 15.60 -33.68 7.68
C TRP D 46 15.28 -33.95 9.15
N GLY D 47 16.33 -34.13 9.95
CA GLY D 47 16.16 -34.41 11.36
C GLY D 47 16.01 -33.23 12.30
N LEU D 48 15.89 -32.02 11.77
CA LEU D 48 15.73 -30.87 12.64
C LEU D 48 14.48 -31.07 13.47
N ASN D 49 14.51 -30.58 14.70
CA ASN D 49 13.37 -30.72 15.60
C ASN D 49 12.67 -29.38 15.73
N ILE D 50 11.60 -29.20 14.99
CA ILE D 50 10.88 -27.94 15.01
C ILE D 50 10.22 -27.67 16.36
N PHE D 51 9.88 -28.73 17.09
CA PHE D 51 9.26 -28.60 18.40
C PHE D 51 10.18 -27.88 19.38
N ASN D 52 11.47 -28.19 19.33
CA ASN D 52 12.44 -27.55 20.22
C ASN D 52 12.61 -26.08 19.81
N VAL D 53 12.64 -25.85 18.51
CA VAL D 53 12.78 -24.49 18.01
C VAL D 53 11.65 -23.65 18.59
N ALA D 54 10.43 -24.16 18.51
CA ALA D 54 9.26 -23.46 19.04
C ALA D 54 9.43 -23.15 20.53
N GLY D 55 10.03 -24.10 21.26
CA GLY D 55 10.25 -23.91 22.69
C GLY D 55 11.28 -22.85 23.05
N TYR D 56 12.27 -22.65 22.19
CA TYR D 56 13.31 -21.66 22.47
C TYR D 56 13.08 -20.32 21.78
N SER D 57 11.88 -20.11 21.21
CA SER D 57 11.57 -18.87 20.52
C SER D 57 10.23 -18.28 20.92
N HIS D 58 9.80 -18.56 22.15
CA HIS D 58 8.53 -18.06 22.64
C HIS D 58 7.38 -18.41 21.71
N ASN D 59 7.41 -19.65 21.22
CA ASN D 59 6.39 -20.18 20.33
C ASN D 59 6.19 -19.39 19.04
N ARG D 60 7.30 -19.09 18.38
CA ARG D 60 7.27 -18.39 17.10
C ARG D 60 8.17 -19.19 16.16
N PRO D 61 7.86 -20.48 15.97
CA PRO D 61 8.67 -21.30 15.09
C PRO D 61 8.66 -20.91 13.62
N LEU D 62 7.54 -20.36 13.13
CA LEU D 62 7.45 -19.98 11.74
C LEU D 62 8.36 -18.79 11.43
N THR D 63 8.28 -17.75 12.26
CA THR D 63 9.13 -16.57 12.08
C THR D 63 10.60 -16.94 12.24
N CYS D 64 10.90 -17.72 13.27
CA CYS D 64 12.27 -18.13 13.53
C CYS D 64 12.88 -18.98 12.42
N ILE D 65 12.20 -20.04 12.01
CA ILE D 65 12.75 -20.89 10.97
C ILE D 65 12.84 -20.16 9.61
N MET D 66 11.83 -19.36 9.27
CA MET D 66 11.84 -18.64 8.00
C MET D 66 13.03 -17.69 7.90
N TYR D 67 13.28 -16.96 8.98
CA TYR D 67 14.40 -16.03 9.02
C TYR D 67 15.69 -16.81 8.80
N ALA D 68 15.82 -17.94 9.49
CA ALA D 68 17.02 -18.76 9.35
C ALA D 68 17.21 -19.23 7.90
N ILE D 69 16.13 -19.75 7.31
CA ILE D 69 16.18 -20.24 5.94
C ILE D 69 16.60 -19.13 4.99
N PHE D 70 15.94 -17.98 5.09
CA PHE D 70 16.26 -16.85 4.23
C PHE D 70 17.69 -16.36 4.39
N GLN D 71 18.25 -16.48 5.58
CA GLN D 71 19.63 -16.06 5.78
C GLN D 71 20.57 -17.11 5.21
N GLU D 72 20.24 -18.38 5.43
CA GLU D 72 21.04 -19.49 4.93
C GLU D 72 21.12 -19.45 3.40
N ARG D 73 20.02 -19.14 2.74
CA ARG D 73 19.98 -19.07 1.29
C ARG D 73 20.29 -17.69 0.75
N ASP D 74 20.55 -16.75 1.65
CA ASP D 74 20.87 -15.36 1.30
C ASP D 74 19.76 -14.67 0.48
N LEU D 75 18.51 -15.08 0.69
CA LEU D 75 17.35 -14.52 -0.01
C LEU D 75 17.04 -13.06 0.34
N LEU D 76 17.33 -12.64 1.56
CA LEU D 76 17.05 -11.26 1.95
C LEU D 76 17.88 -10.31 1.10
N LYS D 77 19.13 -10.68 0.83
CA LYS D 77 20.00 -9.83 0.02
C LYS D 77 19.63 -9.94 -1.45
N THR D 78 19.47 -11.17 -1.92
CA THR D 78 19.13 -11.43 -3.31
C THR D 78 17.88 -10.69 -3.79
N PHE D 79 16.82 -10.70 -2.99
CA PHE D 79 15.59 -10.04 -3.39
C PHE D 79 15.32 -8.70 -2.73
N ARG D 80 16.37 -8.10 -2.19
CA ARG D 80 16.28 -6.80 -1.57
C ARG D 80 15.12 -6.66 -0.59
N ILE D 81 15.15 -7.47 0.46
CA ILE D 81 14.13 -7.46 1.50
C ILE D 81 14.86 -7.07 2.79
N SER D 82 14.47 -5.99 3.43
CA SER D 82 15.14 -5.60 4.66
C SER D 82 14.66 -6.55 5.75
N SER D 83 15.50 -6.79 6.75
CA SER D 83 15.15 -7.67 7.85
C SER D 83 13.88 -7.18 8.54
N ASP D 84 13.82 -5.88 8.74
CA ASP D 84 12.69 -5.24 9.40
C ASP D 84 11.37 -5.65 8.74
N THR D 85 11.30 -5.51 7.42
CA THR D 85 10.11 -5.84 6.66
C THR D 85 9.80 -7.34 6.76
N PHE D 86 10.84 -8.16 6.62
CA PHE D 86 10.67 -9.60 6.67
C PHE D 86 10.11 -10.09 8.01
N ILE D 87 10.70 -9.62 9.12
CA ILE D 87 10.23 -10.02 10.43
C ILE D 87 8.81 -9.54 10.68
N THR D 88 8.50 -8.31 10.27
CA THR D 88 7.17 -7.76 10.49
C THR D 88 6.13 -8.57 9.71
N TYR D 89 6.43 -8.92 8.47
CA TYR D 89 5.50 -9.73 7.69
C TYR D 89 5.34 -11.10 8.33
N MET D 90 6.48 -11.73 8.67
CA MET D 90 6.45 -13.05 9.28
C MET D 90 5.70 -13.10 10.61
N MET D 91 5.96 -12.13 11.49
CA MET D 91 5.27 -12.11 12.77
C MET D 91 3.76 -11.93 12.55
N THR D 92 3.42 -11.21 11.49
CA THR D 92 2.02 -10.97 11.17
C THR D 92 1.38 -12.23 10.60
N LEU D 93 2.11 -12.92 9.72
CA LEU D 93 1.63 -14.15 9.12
C LEU D 93 1.44 -15.20 10.21
N GLU D 94 2.48 -15.39 11.02
CA GLU D 94 2.44 -16.38 12.09
C GLU D 94 1.26 -16.13 13.01
N ASP D 95 0.98 -14.85 13.26
CA ASP D 95 -0.12 -14.44 14.12
C ASP D 95 -1.47 -14.81 13.53
N HIS D 96 -1.52 -15.11 12.23
CA HIS D 96 -2.78 -15.48 11.63
C HIS D 96 -3.01 -16.99 11.60
N TYR D 97 -2.08 -17.73 12.20
CA TYR D 97 -2.24 -19.17 12.31
C TYR D 97 -2.86 -19.27 13.70
N HIS D 98 -3.97 -20.01 13.82
CA HIS D 98 -4.66 -20.14 15.10
C HIS D 98 -3.93 -21.02 16.09
N SER D 99 -3.54 -20.43 17.22
CA SER D 99 -2.83 -21.19 18.24
C SER D 99 -3.74 -22.23 18.87
N ASP D 100 -5.05 -22.00 18.80
CA ASP D 100 -6.01 -22.94 19.38
C ASP D 100 -6.38 -24.13 18.47
N VAL D 101 -5.79 -24.17 17.28
CA VAL D 101 -6.03 -25.28 16.36
C VAL D 101 -4.89 -26.26 16.65
N ALA D 102 -5.26 -27.48 17.01
CA ALA D 102 -4.29 -28.51 17.37
C ALA D 102 -3.18 -28.85 16.38
N TYR D 103 -3.51 -28.95 15.11
CA TYR D 103 -2.51 -29.30 14.12
C TYR D 103 -2.11 -28.17 13.17
N HIS D 104 -3.10 -27.61 12.48
CA HIS D 104 -2.83 -26.54 11.52
C HIS D 104 -2.53 -25.16 12.09
N ASN D 105 -1.50 -25.10 12.93
CA ASN D 105 -1.05 -23.86 13.55
C ASN D 105 0.34 -23.55 12.99
N SER D 106 0.96 -22.48 13.47
CA SER D 106 2.27 -22.09 12.96
C SER D 106 3.34 -23.18 13.00
N LEU D 107 3.25 -24.11 13.95
CA LEU D 107 4.25 -25.16 14.04
C LEU D 107 4.24 -26.03 12.77
N HIS D 108 3.05 -26.32 12.25
CA HIS D 108 2.94 -27.12 11.04
C HIS D 108 3.53 -26.35 9.88
N ALA D 109 3.21 -25.06 9.80
CA ALA D 109 3.72 -24.19 8.74
C ALA D 109 5.25 -24.14 8.73
N ALA D 110 5.85 -23.99 9.91
CA ALA D 110 7.30 -23.93 10.04
C ALA D 110 7.89 -25.26 9.58
N ASP D 111 7.20 -26.33 9.94
CA ASP D 111 7.64 -27.67 9.58
C ASP D 111 7.64 -27.87 8.07
N VAL D 112 6.55 -27.51 7.40
CA VAL D 112 6.47 -27.68 5.95
C VAL D 112 7.50 -26.77 5.27
N ALA D 113 7.67 -25.57 5.82
CA ALA D 113 8.62 -24.60 5.30
C ALA D 113 10.04 -25.16 5.36
N GLN D 114 10.42 -25.64 6.55
CA GLN D 114 11.74 -26.19 6.76
C GLN D 114 11.94 -27.47 5.94
N SER D 115 10.89 -28.28 5.79
CA SER D 115 10.98 -29.50 5.01
C SER D 115 11.15 -29.20 3.51
N THR D 116 10.47 -28.16 3.04
CA THR D 116 10.59 -27.76 1.65
C THR D 116 12.02 -27.27 1.43
N HIS D 117 12.54 -26.54 2.41
CA HIS D 117 13.90 -26.02 2.37
C HIS D 117 14.93 -27.11 2.14
N VAL D 118 14.72 -28.27 2.78
CA VAL D 118 15.63 -29.39 2.64
C VAL D 118 15.44 -30.08 1.29
N LEU D 119 14.19 -30.29 0.90
CA LEU D 119 13.89 -30.95 -0.37
C LEU D 119 14.44 -30.17 -1.57
N LEU D 120 14.50 -28.85 -1.44
CA LEU D 120 15.02 -28.03 -2.53
C LEU D 120 16.50 -28.29 -2.77
N SER D 121 17.19 -28.76 -1.72
CA SER D 121 18.62 -29.03 -1.83
C SER D 121 18.95 -30.48 -2.13
N THR D 122 17.95 -31.26 -2.53
CA THR D 122 18.19 -32.65 -2.86
C THR D 122 19.14 -32.66 -4.08
N PRO D 123 20.29 -33.35 -3.96
CA PRO D 123 21.31 -33.45 -5.01
C PRO D 123 20.82 -33.62 -6.45
N ALA D 124 19.80 -34.43 -6.64
CA ALA D 124 19.28 -34.67 -7.99
C ALA D 124 18.63 -33.46 -8.66
N LEU D 125 18.22 -32.49 -7.85
CA LEU D 125 17.56 -31.30 -8.36
C LEU D 125 18.50 -30.09 -8.30
N ASP D 126 19.79 -30.34 -8.19
CA ASP D 126 20.75 -29.25 -8.10
C ASP D 126 20.79 -28.38 -9.36
N ALA D 127 20.87 -27.06 -9.15
CA ALA D 127 20.93 -26.09 -10.24
C ALA D 127 19.75 -26.19 -11.20
N VAL D 128 18.65 -26.79 -10.77
CA VAL D 128 17.49 -26.94 -11.62
C VAL D 128 16.53 -25.75 -11.47
N PHE D 129 16.36 -25.28 -10.24
CA PHE D 129 15.45 -24.16 -9.95
C PHE D 129 16.11 -22.80 -9.86
N THR D 130 15.37 -21.78 -10.30
CA THR D 130 15.84 -20.41 -10.28
C THR D 130 15.65 -19.84 -8.88
N ASP D 131 16.29 -18.71 -8.60
CA ASP D 131 16.16 -18.10 -7.29
C ASP D 131 14.71 -17.72 -7.00
N LEU D 132 13.99 -17.28 -8.02
CA LEU D 132 12.60 -16.89 -7.85
C LEU D 132 11.74 -18.09 -7.49
N GLU D 133 12.02 -19.24 -8.12
CA GLU D 133 11.26 -20.45 -7.85
C GLU D 133 11.51 -20.96 -6.43
N ILE D 134 12.74 -20.80 -5.95
CA ILE D 134 13.08 -21.21 -4.59
C ILE D 134 12.32 -20.31 -3.60
N LEU D 135 12.32 -19.02 -3.87
CA LEU D 135 11.61 -18.05 -3.03
C LEU D 135 10.12 -18.37 -3.00
N ALA D 136 9.57 -18.70 -4.17
CA ALA D 136 8.16 -19.02 -4.28
C ALA D 136 7.80 -20.24 -3.44
N ALA D 137 8.56 -21.31 -3.61
CA ALA D 137 8.32 -22.55 -2.89
C ALA D 137 8.31 -22.36 -1.38
N ILE D 138 9.35 -21.74 -0.85
CA ILE D 138 9.42 -21.53 0.58
C ILE D 138 8.31 -20.60 1.09
N PHE D 139 7.97 -19.58 0.31
CA PHE D 139 6.93 -18.64 0.71
C PHE D 139 5.59 -19.37 0.69
N ALA D 140 5.38 -20.19 -0.33
CA ALA D 140 4.15 -20.96 -0.46
C ALA D 140 3.97 -21.86 0.76
N ALA D 141 5.03 -22.57 1.11
CA ALA D 141 5.01 -23.48 2.26
C ALA D 141 4.62 -22.75 3.54
N ALA D 142 5.18 -21.57 3.74
CA ALA D 142 4.90 -20.80 4.96
C ALA D 142 3.45 -20.29 5.07
N ILE D 143 2.81 -20.00 3.95
CA ILE D 143 1.45 -19.50 4.00
C ILE D 143 0.40 -20.55 3.66
N HIS D 144 0.84 -21.74 3.26
CA HIS D 144 -0.09 -22.77 2.81
C HIS D 144 -1.30 -23.16 3.67
N ASP D 145 -1.27 -22.89 4.96
CA ASP D 145 -2.42 -23.21 5.82
C ASP D 145 -2.80 -22.05 6.73
N VAL D 146 -2.34 -20.84 6.43
CA VAL D 146 -2.64 -19.70 7.30
C VAL D 146 -4.14 -19.45 7.48
N ASP D 147 -4.49 -19.14 8.73
CA ASP D 147 -5.87 -18.86 9.12
C ASP D 147 -6.78 -20.08 8.95
N HIS D 148 -6.22 -21.27 9.14
CA HIS D 148 -6.98 -22.51 9.05
C HIS D 148 -7.91 -22.58 10.27
N PRO D 149 -9.23 -22.78 10.05
CA PRO D 149 -10.19 -22.84 11.15
C PRO D 149 -10.18 -24.13 11.97
N GLY D 150 -9.52 -25.17 11.47
CA GLY D 150 -9.48 -26.42 12.21
C GLY D 150 -10.55 -27.39 11.77
N VAL D 151 -11.22 -27.09 10.65
CA VAL D 151 -12.25 -27.96 10.10
C VAL D 151 -11.99 -28.11 8.61
N SER D 152 -12.55 -29.16 8.02
CA SER D 152 -12.35 -29.48 6.61
C SER D 152 -13.13 -28.62 5.62
N ASN D 153 -12.83 -28.78 4.34
CA ASN D 153 -13.54 -28.05 3.30
C ASN D 153 -14.99 -28.51 3.32
N GLN D 154 -15.20 -29.82 3.40
CA GLN D 154 -16.55 -30.36 3.42
C GLN D 154 -17.39 -29.78 4.56
N PHE D 155 -16.76 -29.55 5.72
CA PHE D 155 -17.47 -28.98 6.86
C PHE D 155 -17.92 -27.55 6.52
N LEU D 156 -17.07 -26.80 5.82
CA LEU D 156 -17.41 -25.43 5.45
C LEU D 156 -18.53 -25.39 4.43
N ILE D 157 -18.54 -26.36 3.51
CA ILE D 157 -19.56 -26.44 2.49
C ILE D 157 -20.90 -26.82 3.11
N ASN D 158 -20.90 -27.83 3.96
CA ASN D 158 -22.13 -28.30 4.60
C ASN D 158 -22.79 -27.29 5.53
N THR D 159 -21.98 -26.49 6.23
CA THR D 159 -22.55 -25.47 7.10
C THR D 159 -22.88 -24.24 6.28
N ASN D 160 -22.62 -24.33 4.98
CA ASN D 160 -22.92 -23.25 4.04
C ASN D 160 -22.25 -21.93 4.45
N SER D 161 -20.97 -21.99 4.78
CA SER D 161 -20.25 -20.80 5.21
C SER D 161 -19.93 -19.82 4.07
N GLU D 162 -19.71 -18.57 4.48
CA GLU D 162 -19.40 -17.49 3.56
C GLU D 162 -18.20 -17.86 2.68
N LEU D 163 -17.21 -18.53 3.25
CA LEU D 163 -16.03 -18.92 2.49
C LEU D 163 -16.38 -19.88 1.37
N ALA D 164 -17.20 -20.87 1.68
CA ALA D 164 -17.60 -21.83 0.67
C ALA D 164 -18.33 -21.15 -0.48
N LEU D 165 -19.26 -20.25 -0.18
CA LEU D 165 -20.01 -19.54 -1.21
C LEU D 165 -19.10 -18.70 -2.08
N MET D 166 -18.18 -18.02 -1.41
CA MET D 166 -17.19 -17.15 -2.03
C MET D 166 -16.39 -17.86 -3.13
N TYR D 167 -15.94 -19.07 -2.82
CA TYR D 167 -15.15 -19.85 -3.76
C TYR D 167 -15.89 -20.99 -4.44
N ASN D 168 -17.22 -20.92 -4.45
CA ASN D 168 -18.05 -21.93 -5.08
C ASN D 168 -17.70 -23.38 -4.70
N ASP D 169 -17.41 -23.58 -3.41
CA ASP D 169 -17.07 -24.88 -2.85
C ASP D 169 -15.82 -25.55 -3.41
N GLU D 170 -15.07 -24.84 -4.24
CA GLU D 170 -13.85 -25.37 -4.85
C GLU D 170 -12.61 -24.97 -4.02
N SER D 171 -11.87 -25.96 -3.53
CA SER D 171 -10.67 -25.73 -2.70
C SER D 171 -10.84 -24.52 -1.79
N VAL D 172 -11.92 -24.51 -1.03
CA VAL D 172 -12.22 -23.40 -0.15
C VAL D 172 -11.10 -22.94 0.77
N LEU D 173 -10.63 -23.82 1.65
CA LEU D 173 -9.56 -23.44 2.57
C LEU D 173 -8.30 -22.97 1.83
N GLU D 174 -7.89 -23.74 0.84
CA GLU D 174 -6.70 -23.41 0.06
C GLU D 174 -6.80 -22.01 -0.57
N ASN D 175 -7.93 -21.68 -1.17
CA ASN D 175 -8.12 -20.37 -1.77
C ASN D 175 -8.00 -19.30 -0.67
N HIS D 176 -8.56 -19.61 0.49
CA HIS D 176 -8.54 -18.69 1.61
C HIS D 176 -7.11 -18.49 2.11
N HIS D 177 -6.32 -19.57 2.15
CA HIS D 177 -4.94 -19.47 2.60
C HIS D 177 -4.18 -18.49 1.70
N LEU D 178 -4.39 -18.62 0.39
CA LEU D 178 -3.75 -17.75 -0.58
C LEU D 178 -4.16 -16.30 -0.38
N ALA D 179 -5.46 -16.06 -0.25
CA ALA D 179 -5.98 -14.72 -0.06
C ALA D 179 -5.37 -14.03 1.16
N VAL D 180 -5.33 -14.73 2.29
CA VAL D 180 -4.78 -14.15 3.51
C VAL D 180 -3.28 -13.94 3.38
N GLY D 181 -2.58 -14.94 2.87
CA GLY D 181 -1.14 -14.83 2.72
C GLY D 181 -0.73 -13.58 1.96
N PHE D 182 -1.34 -13.36 0.80
CA PHE D 182 -1.03 -12.20 -0.02
C PHE D 182 -1.55 -10.89 0.54
N LYS D 183 -2.77 -10.91 1.05
CA LYS D 183 -3.37 -9.70 1.60
C LYS D 183 -2.57 -9.09 2.75
N LEU D 184 -1.86 -9.93 3.50
CA LEU D 184 -1.08 -9.42 4.62
C LEU D 184 0.14 -8.64 4.16
N LEU D 185 0.55 -8.83 2.91
CA LEU D 185 1.69 -8.11 2.37
C LEU D 185 1.37 -6.62 2.40
N GLN D 186 0.07 -6.31 2.43
CA GLN D 186 -0.38 -4.92 2.43
C GLN D 186 -0.43 -4.23 3.78
N GLU D 187 -0.22 -4.95 4.88
CA GLU D 187 -0.25 -4.27 6.16
C GLU D 187 1.04 -3.45 6.27
N GLU D 188 1.06 -2.50 7.21
CA GLU D 188 2.20 -1.62 7.41
C GLU D 188 3.55 -2.34 7.56
N HIS D 189 4.49 -2.03 6.65
CA HIS D 189 5.84 -2.60 6.66
C HIS D 189 5.90 -4.11 6.47
N CYS D 190 4.99 -4.65 5.66
CA CYS D 190 4.94 -6.09 5.44
C CYS D 190 5.20 -6.54 4.01
N ASP D 191 5.37 -5.60 3.09
CA ASP D 191 5.56 -6.00 1.70
C ASP D 191 6.96 -6.46 1.35
N ILE D 192 7.22 -7.74 1.58
CA ILE D 192 8.52 -8.32 1.31
C ILE D 192 8.80 -8.51 -0.16
N PHE D 193 7.87 -8.09 -1.02
CA PHE D 193 8.09 -8.21 -2.46
C PHE D 193 8.16 -6.82 -3.07
N MET D 194 8.16 -5.82 -2.21
CA MET D 194 8.22 -4.42 -2.60
C MET D 194 9.27 -4.09 -3.67
N ASN D 195 10.45 -4.72 -3.57
CA ASN D 195 11.52 -4.45 -4.53
C ASN D 195 11.65 -5.50 -5.62
N LEU D 196 10.66 -6.39 -5.74
CA LEU D 196 10.68 -7.41 -6.77
C LEU D 196 10.16 -6.72 -8.03
N THR D 197 10.74 -6.99 -9.18
CA THR D 197 10.24 -6.34 -10.39
C THR D 197 8.82 -6.80 -10.69
N LYS D 198 8.09 -5.99 -11.46
CA LYS D 198 6.72 -6.29 -11.83
C LYS D 198 6.60 -7.67 -12.47
N LYS D 199 7.42 -7.92 -13.48
CA LYS D 199 7.39 -9.20 -14.16
C LYS D 199 7.56 -10.36 -13.19
N GLN D 200 8.52 -10.23 -12.28
CA GLN D 200 8.76 -11.31 -11.33
C GLN D 200 7.70 -11.47 -10.24
N ARG D 201 7.03 -10.38 -9.85
CA ARG D 201 5.98 -10.50 -8.82
C ARG D 201 4.82 -11.23 -9.49
N GLN D 202 4.69 -11.04 -10.79
CA GLN D 202 3.63 -11.64 -11.55
C GLN D 202 3.88 -13.14 -11.62
N THR D 203 5.14 -13.51 -11.88
CA THR D 203 5.51 -14.91 -11.98
C THR D 203 5.45 -15.63 -10.64
N LEU D 204 5.85 -14.95 -9.58
CA LEU D 204 5.84 -15.53 -8.25
C LEU D 204 4.42 -15.78 -7.75
N ARG D 205 3.52 -14.85 -8.04
CA ARG D 205 2.14 -14.98 -7.64
C ARG D 205 1.55 -16.22 -8.28
N LYS D 206 1.81 -16.39 -9.57
CA LYS D 206 1.29 -17.55 -10.28
C LYS D 206 1.83 -18.86 -9.72
N MET D 207 3.11 -18.89 -9.37
CA MET D 207 3.72 -20.10 -8.82
C MET D 207 3.19 -20.44 -7.43
N VAL D 208 3.02 -19.42 -6.59
CA VAL D 208 2.51 -19.66 -5.25
C VAL D 208 1.07 -20.20 -5.33
N ILE D 209 0.27 -19.65 -6.23
CA ILE D 209 -1.10 -20.10 -6.38
C ILE D 209 -1.14 -21.58 -6.75
N ASP D 210 -0.31 -22.01 -7.70
CA ASP D 210 -0.30 -23.41 -8.10
C ASP D 210 0.11 -24.33 -6.95
N MET D 211 1.12 -23.92 -6.20
CA MET D 211 1.60 -24.72 -5.08
C MET D 211 0.64 -24.85 -3.91
N VAL D 212 0.05 -23.74 -3.47
CA VAL D 212 -0.89 -23.80 -2.36
C VAL D 212 -2.17 -24.54 -2.76
N LEU D 213 -2.66 -24.32 -3.97
CA LEU D 213 -3.86 -25.01 -4.42
C LEU D 213 -3.58 -26.52 -4.54
N ALA D 214 -2.33 -26.87 -4.74
CA ALA D 214 -1.94 -28.27 -4.87
C ALA D 214 -1.94 -28.98 -3.52
N THR D 215 -2.03 -28.24 -2.43
CA THR D 215 -2.04 -28.89 -1.12
C THR D 215 -3.42 -29.41 -0.74
N ASP D 216 -4.39 -29.26 -1.64
CA ASP D 216 -5.76 -29.76 -1.40
C ASP D 216 -5.76 -31.27 -1.67
N MET D 217 -6.03 -32.06 -0.62
CA MET D 217 -6.03 -33.52 -0.74
C MET D 217 -6.85 -34.10 -1.87
N SER D 218 -7.93 -33.43 -2.25
CA SER D 218 -8.76 -33.95 -3.32
C SER D 218 -8.02 -33.95 -4.65
N LYS D 219 -6.84 -33.32 -4.68
CA LYS D 219 -6.04 -33.26 -5.90
C LYS D 219 -4.85 -34.19 -5.84
N HIS D 220 -4.68 -34.87 -4.71
CA HIS D 220 -3.57 -35.79 -4.53
C HIS D 220 -3.39 -36.79 -5.66
N MET D 221 -4.47 -37.49 -6.03
CA MET D 221 -4.39 -38.50 -7.09
C MET D 221 -3.91 -37.95 -8.41
N SER D 222 -4.50 -36.85 -8.88
CA SER D 222 -4.10 -36.27 -10.15
C SER D 222 -2.66 -35.72 -10.09
N LEU D 223 -2.26 -35.25 -8.92
CA LEU D 223 -0.92 -34.72 -8.71
C LEU D 223 0.09 -35.87 -8.79
N LEU D 224 -0.28 -37.02 -8.22
CA LEU D 224 0.56 -38.21 -8.20
C LEU D 224 0.71 -38.78 -9.61
N ALA D 225 -0.37 -38.70 -10.37
CA ALA D 225 -0.36 -39.19 -11.75
C ALA D 225 0.70 -38.42 -12.54
N ASP D 226 0.66 -37.09 -12.44
CA ASP D 226 1.62 -36.24 -13.13
C ASP D 226 3.05 -36.52 -12.69
N LEU D 227 3.28 -36.71 -11.39
CA LEU D 227 4.62 -36.98 -10.90
C LEU D 227 5.13 -38.30 -11.47
N LYS D 228 4.24 -39.25 -11.70
CA LYS D 228 4.63 -40.54 -12.24
C LYS D 228 5.04 -40.37 -13.70
N THR D 229 4.33 -39.50 -14.41
CA THR D 229 4.64 -39.24 -15.82
C THR D 229 6.01 -38.58 -15.89
N MET D 230 6.34 -37.78 -14.88
CA MET D 230 7.62 -37.10 -14.84
C MET D 230 8.74 -38.12 -14.66
N VAL D 231 8.51 -39.14 -13.83
CA VAL D 231 9.51 -40.17 -13.59
C VAL D 231 9.68 -41.04 -14.84
N GLU D 232 8.57 -41.34 -15.49
CA GLU D 232 8.58 -42.15 -16.71
C GLU D 232 9.41 -41.49 -17.80
N THR D 233 9.22 -40.19 -17.98
CA THR D 233 9.92 -39.43 -19.01
C THR D 233 11.15 -38.65 -18.53
N LYS D 234 11.63 -38.92 -17.33
CA LYS D 234 12.78 -38.19 -16.80
C LYS D 234 14.07 -38.33 -17.60
N LYS D 235 14.77 -37.20 -17.74
CA LYS D 235 16.04 -37.15 -18.43
C LYS D 235 17.04 -36.80 -17.34
N VAL D 236 18.27 -37.28 -17.47
CA VAL D 236 19.25 -37.00 -16.44
C VAL D 236 20.64 -36.77 -17.04
N THR D 237 21.45 -35.95 -16.36
CA THR D 237 22.79 -35.65 -16.83
C THR D 237 23.75 -36.81 -16.52
N SER D 238 24.97 -36.68 -17.00
CA SER D 238 26.00 -37.69 -16.77
C SER D 238 26.24 -37.86 -15.28
N SER D 239 26.19 -36.76 -14.54
CA SER D 239 26.39 -36.77 -13.10
C SER D 239 25.27 -37.49 -12.37
N GLY D 240 24.06 -37.40 -12.92
CA GLY D 240 22.91 -38.05 -12.30
C GLY D 240 21.92 -37.02 -11.78
N VAL D 241 22.01 -35.81 -12.35
CA VAL D 241 21.13 -34.72 -11.96
C VAL D 241 19.98 -34.62 -12.93
N LEU D 242 18.78 -34.32 -12.42
CA LEU D 242 17.61 -34.20 -13.25
C LEU D 242 17.70 -33.08 -14.27
N LEU D 243 17.02 -33.28 -15.39
CA LEU D 243 17.00 -32.31 -16.47
C LEU D 243 15.56 -31.86 -16.66
N LEU D 244 15.24 -30.66 -16.20
CA LEU D 244 13.90 -30.11 -16.33
C LEU D 244 13.98 -28.83 -17.16
N ASP D 245 14.06 -29.04 -18.46
CA ASP D 245 14.17 -28.00 -19.47
C ASP D 245 13.09 -26.91 -19.43
N ASN D 246 11.82 -27.31 -19.36
CA ASN D 246 10.72 -26.34 -19.36
C ASN D 246 10.15 -25.96 -18.01
N TYR D 247 9.64 -24.73 -17.92
CA TYR D 247 9.02 -24.24 -16.70
C TYR D 247 7.83 -25.13 -16.39
N THR D 248 7.14 -25.54 -17.45
CA THR D 248 5.99 -26.42 -17.31
C THR D 248 6.32 -27.64 -16.45
N ASP D 249 7.52 -28.17 -16.63
CA ASP D 249 7.94 -29.34 -15.87
C ASP D 249 8.45 -28.98 -14.47
N ARG D 250 9.15 -27.87 -14.35
CA ARG D 250 9.67 -27.46 -13.04
C ARG D 250 8.52 -27.19 -12.06
N ILE D 251 7.45 -26.56 -12.54
CA ILE D 251 6.30 -26.26 -11.68
C ILE D 251 5.59 -27.54 -11.23
N GLN D 252 5.49 -28.53 -12.11
CA GLN D 252 4.84 -29.78 -11.73
C GLN D 252 5.62 -30.44 -10.59
N VAL D 253 6.94 -30.37 -10.67
CA VAL D 253 7.79 -30.95 -9.63
C VAL D 253 7.68 -30.17 -8.32
N LEU D 254 7.60 -28.84 -8.41
CA LEU D 254 7.49 -27.99 -7.22
C LEU D 254 6.16 -28.20 -6.51
N ARG D 255 5.11 -28.40 -7.29
CA ARG D 255 3.79 -28.65 -6.73
C ARG D 255 3.87 -29.93 -5.93
N ASN D 256 4.51 -30.94 -6.49
CA ASN D 256 4.66 -32.21 -5.82
C ASN D 256 5.61 -32.13 -4.64
N MET D 257 6.60 -31.25 -4.73
CA MET D 257 7.55 -31.08 -3.64
C MET D 257 6.86 -30.54 -2.39
N VAL D 258 6.08 -29.48 -2.54
CA VAL D 258 5.37 -28.90 -1.41
C VAL D 258 4.34 -29.88 -0.88
N HIS D 259 3.73 -30.64 -1.77
CA HIS D 259 2.73 -31.64 -1.39
C HIS D 259 3.42 -32.70 -0.53
N CYS D 260 4.65 -33.08 -0.91
CA CYS D 260 5.41 -34.07 -0.17
C CYS D 260 5.79 -33.54 1.21
N ALA D 261 6.16 -32.27 1.27
CA ALA D 261 6.52 -31.66 2.54
C ALA D 261 5.28 -31.64 3.45
N ASP D 262 4.13 -31.32 2.87
CA ASP D 262 2.89 -31.27 3.63
C ASP D 262 2.59 -32.67 4.20
N LEU D 263 3.01 -33.71 3.49
CA LEU D 263 2.79 -35.10 3.91
C LEU D 263 4.11 -35.76 4.34
N SER D 264 4.93 -35.05 5.11
CA SER D 264 6.22 -35.57 5.52
C SER D 264 6.31 -36.10 6.95
N ASN D 265 5.25 -35.93 7.72
CA ASN D 265 5.23 -36.37 9.11
C ASN D 265 5.66 -37.83 9.27
N PRO D 266 5.04 -38.76 8.51
CA PRO D 266 5.44 -40.17 8.65
C PRO D 266 6.88 -40.48 8.23
N THR D 267 7.58 -39.52 7.63
CA THR D 267 8.95 -39.76 7.20
C THR D 267 9.99 -39.19 8.17
N LYS D 268 9.53 -38.48 9.19
CA LYS D 268 10.46 -37.93 10.16
C LYS D 268 10.77 -39.01 11.21
N SER D 269 11.66 -38.70 12.15
CA SER D 269 11.98 -39.68 13.20
C SER D 269 10.69 -40.02 13.93
N LEU D 270 10.57 -41.26 14.39
CA LEU D 270 9.38 -41.71 15.11
C LEU D 270 8.98 -40.77 16.24
N GLU D 271 9.97 -40.20 16.91
CA GLU D 271 9.72 -39.28 18.01
C GLU D 271 8.88 -38.08 17.57
N LEU D 272 9.25 -37.48 16.45
CA LEU D 272 8.51 -36.33 15.92
C LEU D 272 7.15 -36.77 15.39
N TYR D 273 7.16 -37.78 14.52
CA TYR D 273 5.96 -38.34 13.91
C TYR D 273 4.85 -38.63 14.94
N ARG D 274 5.23 -39.20 16.09
CA ARG D 274 4.22 -39.52 17.10
C ARG D 274 3.55 -38.26 17.62
N GLN D 275 4.32 -37.19 17.74
CA GLN D 275 3.76 -35.93 18.23
C GLN D 275 2.81 -35.34 17.19
N TRP D 276 3.16 -35.48 15.91
CA TRP D 276 2.31 -34.96 14.85
C TRP D 276 0.99 -35.73 14.82
N THR D 277 1.06 -37.03 15.00
CA THR D 277 -0.14 -37.86 14.99
C THR D 277 -1.07 -37.45 16.13
N ASP D 278 -0.51 -37.18 17.30
CA ASP D 278 -1.34 -36.77 18.43
C ASP D 278 -2.08 -35.48 18.11
N ARG D 279 -1.40 -34.57 17.44
CA ARG D 279 -2.02 -33.30 17.09
C ARG D 279 -3.08 -33.43 16.02
N ILE D 280 -2.82 -34.20 14.98
CA ILE D 280 -3.81 -34.35 13.93
C ILE D 280 -5.06 -35.04 14.47
N MET D 281 -4.89 -36.04 15.32
CA MET D 281 -6.04 -36.76 15.89
C MET D 281 -6.86 -35.81 16.75
N GLU D 282 -6.16 -35.01 17.55
CA GLU D 282 -6.80 -34.04 18.42
C GLU D 282 -7.63 -33.06 17.60
N GLU D 283 -7.10 -32.61 16.46
CA GLU D 283 -7.85 -31.68 15.62
C GLU D 283 -9.07 -32.35 15.02
N PHE D 284 -8.89 -33.58 14.53
CA PHE D 284 -9.99 -34.33 13.94
C PHE D 284 -11.14 -34.48 14.94
N PHE D 285 -10.80 -34.73 16.21
CA PHE D 285 -11.83 -34.89 17.23
C PHE D 285 -12.53 -33.57 17.53
N GLN D 286 -11.79 -32.47 17.48
CA GLN D 286 -12.42 -31.17 17.72
C GLN D 286 -13.49 -30.97 16.66
N GLN D 287 -13.20 -31.34 15.42
CA GLN D 287 -14.19 -31.18 14.37
C GLN D 287 -15.35 -32.12 14.68
N GLY D 288 -15.00 -33.34 15.10
CA GLY D 288 -15.99 -34.34 15.43
C GLY D 288 -16.96 -33.79 16.46
N ASP D 289 -16.42 -33.15 17.50
CA ASP D 289 -17.26 -32.57 18.53
C ASP D 289 -18.12 -31.47 17.93
N LYS D 290 -17.53 -30.61 17.09
CA LYS D 290 -18.29 -29.54 16.46
C LYS D 290 -19.44 -30.08 15.62
N GLU D 291 -19.23 -31.20 14.94
CA GLU D 291 -20.26 -31.80 14.11
C GLU D 291 -21.36 -32.40 14.97
N ARG D 292 -20.98 -33.30 15.86
CA ARG D 292 -21.92 -33.94 16.77
C ARG D 292 -22.70 -32.86 17.49
N GLU D 293 -22.04 -31.72 17.69
CA GLU D 293 -22.62 -30.56 18.35
C GLU D 293 -23.74 -29.98 17.48
N ARG D 294 -23.36 -29.43 16.33
CA ARG D 294 -24.31 -28.79 15.40
C ARG D 294 -25.37 -29.70 14.79
N GLY D 295 -25.41 -30.96 15.22
CA GLY D 295 -26.41 -31.87 14.71
C GLY D 295 -25.97 -32.59 13.45
N MET D 296 -24.78 -32.25 12.98
CA MET D 296 -24.25 -32.87 11.78
C MET D 296 -23.79 -34.28 12.10
N GLU D 297 -23.46 -35.04 11.07
CA GLU D 297 -23.00 -36.39 11.23
C GLU D 297 -21.48 -36.44 11.24
N ILE D 298 -20.93 -37.12 12.24
CA ILE D 298 -19.48 -37.24 12.39
C ILE D 298 -18.79 -37.68 11.11
N SER D 299 -17.65 -37.05 10.82
CA SER D 299 -16.87 -37.37 9.63
C SER D 299 -15.87 -38.48 9.95
N PRO D 300 -15.28 -39.11 8.91
CA PRO D 300 -14.31 -40.18 9.14
C PRO D 300 -13.15 -39.80 10.06
N MET D 301 -12.83 -40.69 10.99
CA MET D 301 -11.73 -40.48 11.92
C MET D 301 -11.87 -39.28 12.83
N CYS D 302 -13.07 -38.72 12.93
CA CYS D 302 -13.31 -37.56 13.78
C CYS D 302 -14.10 -37.95 15.01
N ASP D 303 -14.40 -39.24 15.13
CA ASP D 303 -15.15 -39.76 16.27
C ASP D 303 -14.13 -40.29 17.27
N LYS D 304 -13.95 -39.54 18.36
CA LYS D 304 -12.98 -39.87 19.40
C LYS D 304 -13.24 -41.16 20.20
N HIS D 305 -14.47 -41.63 20.22
CA HIS D 305 -14.80 -42.84 20.97
C HIS D 305 -14.47 -44.10 20.17
N THR D 306 -14.53 -43.98 18.84
CA THR D 306 -14.29 -45.10 17.93
C THR D 306 -13.00 -45.02 17.11
N ALA D 307 -12.14 -44.07 17.44
CA ALA D 307 -10.88 -43.86 16.76
C ALA D 307 -9.91 -45.03 16.90
N SER D 308 -9.14 -45.28 15.83
CA SER D 308 -8.14 -46.33 15.82
C SER D 308 -6.86 -45.73 15.24
N VAL D 309 -6.22 -44.89 16.05
CA VAL D 309 -5.01 -44.18 15.68
C VAL D 309 -3.93 -44.98 14.97
N GLU D 310 -3.48 -46.07 15.59
CA GLU D 310 -2.44 -46.89 15.00
C GLU D 310 -2.85 -47.47 13.64
N LYS D 311 -4.08 -47.98 13.54
CA LYS D 311 -4.55 -48.54 12.28
C LYS D 311 -4.65 -47.47 11.20
N SER D 312 -5.18 -46.31 11.58
CA SER D 312 -5.33 -45.22 10.63
C SER D 312 -3.99 -44.78 10.04
N GLN D 313 -2.98 -44.67 10.88
CA GLN D 313 -1.66 -44.26 10.39
C GLN D 313 -1.12 -45.25 9.38
N VAL D 314 -1.27 -46.55 9.67
CA VAL D 314 -0.79 -47.57 8.77
C VAL D 314 -1.54 -47.50 7.45
N GLY D 315 -2.84 -47.20 7.52
CA GLY D 315 -3.62 -47.08 6.30
C GLY D 315 -3.22 -45.84 5.52
N PHE D 316 -3.02 -44.75 6.25
CA PHE D 316 -2.60 -43.48 5.69
C PHE D 316 -1.29 -43.68 4.90
N ILE D 317 -0.34 -44.36 5.50
CA ILE D 317 0.95 -44.61 4.86
C ILE D 317 0.81 -45.46 3.60
N ASP D 318 0.07 -46.57 3.68
CA ASP D 318 -0.10 -47.45 2.52
C ASP D 318 -0.96 -46.89 1.40
N TYR D 319 -1.93 -46.05 1.75
CA TYR D 319 -2.83 -45.48 0.77
C TYR D 319 -2.37 -44.17 0.13
N ILE D 320 -1.66 -43.34 0.89
CA ILE D 320 -1.23 -42.04 0.38
C ILE D 320 0.25 -41.70 0.52
N VAL D 321 0.76 -41.70 1.73
CA VAL D 321 2.15 -41.35 1.98
C VAL D 321 3.17 -42.19 1.21
N HIS D 322 3.15 -43.49 1.39
CA HIS D 322 4.10 -44.35 0.71
C HIS D 322 4.06 -44.21 -0.81
N PRO D 323 2.85 -44.25 -1.41
CA PRO D 323 2.78 -44.12 -2.86
C PRO D 323 3.43 -42.82 -3.37
N LEU D 324 3.14 -41.72 -2.68
CA LEU D 324 3.70 -40.43 -3.06
C LEU D 324 5.22 -40.40 -2.93
N TRP D 325 5.73 -40.74 -1.74
CA TRP D 325 7.16 -40.73 -1.51
C TRP D 325 7.95 -41.75 -2.33
N GLU D 326 7.28 -42.84 -2.71
CA GLU D 326 7.91 -43.88 -3.50
C GLU D 326 8.19 -43.30 -4.89
N THR D 327 7.21 -42.56 -5.40
CA THR D 327 7.32 -41.93 -6.71
C THR D 327 8.36 -40.80 -6.65
N TRP D 328 8.34 -40.02 -5.58
CA TRP D 328 9.30 -38.94 -5.43
C TRP D 328 10.72 -39.51 -5.35
N ALA D 329 10.88 -40.57 -4.57
CA ALA D 329 12.20 -41.20 -4.40
C ALA D 329 12.71 -41.70 -5.75
N ASP D 330 11.78 -42.09 -6.61
CA ASP D 330 12.11 -42.57 -7.94
C ASP D 330 12.72 -41.44 -8.76
N LEU D 331 12.10 -40.27 -8.68
CA LEU D 331 12.53 -39.09 -9.40
C LEU D 331 13.90 -38.58 -8.95
N VAL D 332 14.09 -38.44 -7.64
CA VAL D 332 15.35 -37.93 -7.11
C VAL D 332 16.35 -39.04 -6.74
N GLN D 333 16.03 -40.26 -7.14
CA GLN D 333 16.85 -41.43 -6.89
C GLN D 333 18.35 -41.15 -6.99
N PRO D 334 19.14 -41.57 -5.97
CA PRO D 334 18.76 -42.29 -4.75
C PRO D 334 18.71 -41.38 -3.53
N ASP D 335 18.40 -40.10 -3.72
CA ASP D 335 18.38 -39.15 -2.61
C ASP D 335 17.37 -39.39 -1.49
N ALA D 336 16.24 -40.01 -1.79
CA ALA D 336 15.22 -40.23 -0.78
C ALA D 336 15.18 -41.62 -0.17
N GLN D 337 16.24 -42.40 -0.34
CA GLN D 337 16.28 -43.75 0.19
C GLN D 337 16.10 -43.78 1.71
N ASP D 338 16.82 -42.91 2.43
CA ASP D 338 16.72 -42.86 3.88
C ASP D 338 15.33 -42.46 4.35
N ILE D 339 14.66 -41.61 3.58
CA ILE D 339 13.32 -41.16 3.94
C ILE D 339 12.38 -42.35 3.77
N LEU D 340 12.59 -43.12 2.70
CA LEU D 340 11.78 -44.30 2.44
C LEU D 340 11.99 -45.33 3.57
N ASP D 341 13.25 -45.57 3.93
CA ASP D 341 13.58 -46.51 5.00
C ASP D 341 12.90 -46.11 6.30
N THR D 342 12.99 -44.83 6.65
CA THR D 342 12.39 -44.34 7.87
C THR D 342 10.87 -44.48 7.80
N LEU D 343 10.30 -44.21 6.63
CA LEU D 343 8.86 -44.33 6.47
C LEU D 343 8.43 -45.77 6.74
N GLU D 344 9.20 -46.72 6.21
CA GLU D 344 8.92 -48.13 6.38
C GLU D 344 8.99 -48.56 7.84
N ASP D 345 10.00 -48.09 8.57
CA ASP D 345 10.13 -48.44 9.98
C ASP D 345 8.98 -47.87 10.80
N ASN D 346 8.68 -46.60 10.60
CA ASN D 346 7.58 -45.98 11.35
C ASN D 346 6.28 -46.71 11.06
N ARG D 347 6.11 -47.12 9.81
CA ARG D 347 4.90 -47.82 9.42
C ARG D 347 4.75 -49.08 10.25
N ASN D 348 5.81 -49.88 10.28
CA ASN D 348 5.78 -51.11 11.03
C ASN D 348 5.69 -50.92 12.53
N TRP D 349 6.18 -49.79 13.03
CA TRP D 349 6.10 -49.52 14.47
C TRP D 349 4.64 -49.35 14.84
N TYR D 350 3.92 -48.55 14.06
CA TYR D 350 2.51 -48.32 14.32
C TYR D 350 1.70 -49.61 14.12
N GLN D 351 2.12 -50.43 13.17
CA GLN D 351 1.44 -51.69 12.88
C GLN D 351 1.59 -52.61 14.10
N SER D 352 2.78 -52.63 14.67
CA SER D 352 3.07 -53.46 15.84
C SER D 352 2.46 -52.88 17.11
N MET D 353 1.84 -51.71 17.01
CA MET D 353 1.21 -51.11 18.17
C MET D 353 -0.30 -51.27 18.12
N ILE D 354 -0.80 -51.93 17.09
CA ILE D 354 -2.24 -52.17 16.98
C ILE D 354 -2.55 -53.25 18.01
N PRO D 355 -3.46 -52.95 18.95
CA PRO D 355 -3.90 -53.84 20.04
C PRO D 355 -4.63 -55.09 19.56
N GLY E 27 -2.37 49.99 42.36
CA GLY E 27 -1.25 49.90 43.34
C GLY E 27 -0.06 49.15 42.81
N VAL E 28 0.58 49.74 41.81
CA VAL E 28 1.76 49.17 41.16
C VAL E 28 2.18 50.23 40.16
N ASN E 29 3.44 50.21 39.74
CA ASN E 29 3.90 51.18 38.76
C ASN E 29 3.18 50.93 37.43
N THR E 30 2.84 52.00 36.73
CA THR E 30 2.17 51.91 35.43
C THR E 30 2.20 53.27 34.71
N GLU E 31 2.11 53.23 33.38
CA GLU E 31 2.13 54.45 32.57
C GLU E 31 0.81 54.61 31.81
N ASN E 32 0.22 53.47 31.44
CA ASN E 32 -1.04 53.42 30.70
C ASN E 32 -2.22 53.17 31.64
N GLU E 33 -2.16 53.84 32.79
CA GLU E 33 -3.16 53.73 33.84
C GLU E 33 -4.64 53.75 33.43
N ASP E 34 -4.96 54.48 32.38
CA ASP E 34 -6.34 54.58 31.91
C ASP E 34 -6.95 53.25 31.49
N HIS E 35 -6.19 52.52 30.68
CA HIS E 35 -6.63 51.23 30.18
C HIS E 35 -6.83 50.27 31.35
N LEU E 36 -5.89 50.30 32.28
CA LEU E 36 -5.94 49.44 33.46
C LEU E 36 -7.18 49.70 34.28
N ALA E 37 -7.57 50.97 34.38
CA ALA E 37 -8.76 51.34 35.15
C ALA E 37 -10.02 50.76 34.51
N LYS E 38 -10.07 50.73 33.18
CA LYS E 38 -11.24 50.19 32.50
C LYS E 38 -11.23 48.68 32.55
N GLU E 39 -10.03 48.10 32.47
CA GLU E 39 -9.88 46.66 32.52
C GLU E 39 -10.38 46.17 33.87
N LEU E 40 -10.07 46.94 34.91
CA LEU E 40 -10.50 46.60 36.27
C LEU E 40 -11.97 46.84 36.52
N GLU E 41 -12.68 47.33 35.51
CA GLU E 41 -14.10 47.59 35.66
C GLU E 41 -14.84 46.27 35.73
N ASP E 42 -14.22 45.22 35.22
CA ASP E 42 -14.82 43.89 35.23
C ASP E 42 -14.37 43.04 36.42
N LEU E 43 -13.81 43.72 37.43
CA LEU E 43 -13.32 43.07 38.63
C LEU E 43 -14.25 42.02 39.24
N ASN E 44 -15.54 42.28 39.25
CA ASN E 44 -16.48 41.35 39.83
C ASN E 44 -17.14 40.43 38.82
N LYS E 45 -16.62 40.41 37.60
CA LYS E 45 -17.18 39.59 36.53
C LYS E 45 -16.25 38.45 36.11
N TRP E 46 -16.85 37.35 35.66
CA TRP E 46 -16.11 36.18 35.21
C TRP E 46 -15.31 36.53 33.96
N GLY E 47 -15.84 37.49 33.20
CA GLY E 47 -15.20 37.90 31.96
C GLY E 47 -13.98 38.80 32.06
N LEU E 48 -13.47 39.02 33.27
CA LEU E 48 -12.28 39.88 33.40
C LEU E 48 -11.13 39.30 32.59
N ASN E 49 -10.28 40.16 32.04
CA ASN E 49 -9.14 39.69 31.26
C ASN E 49 -7.86 39.98 32.03
N ILE E 50 -7.38 38.99 32.77
CA ILE E 50 -6.18 39.13 33.57
C ILE E 50 -4.93 39.36 32.72
N PHE E 51 -4.97 38.92 31.46
CA PHE E 51 -3.84 39.10 30.56
C PHE E 51 -3.56 40.58 30.29
N ASN E 52 -4.64 41.36 30.10
CA ASN E 52 -4.49 42.79 29.85
C ASN E 52 -4.11 43.49 31.14
N VAL E 53 -4.63 43.00 32.25
CA VAL E 53 -4.32 43.59 33.55
C VAL E 53 -2.82 43.51 33.71
N ALA E 54 -2.24 42.37 33.35
CA ALA E 54 -0.79 42.19 33.45
C ALA E 54 -0.08 43.12 32.49
N GLY E 55 -0.66 43.30 31.31
CA GLY E 55 -0.06 44.17 30.31
C GLY E 55 0.00 45.64 30.70
N TYR E 56 -0.99 46.10 31.46
CA TYR E 56 -1.01 47.50 31.88
C TYR E 56 -0.51 47.67 33.31
N SER E 57 0.37 46.78 33.78
CA SER E 57 0.88 46.89 35.15
C SER E 57 2.33 46.43 35.29
N HIS E 58 3.09 46.51 34.20
CA HIS E 58 4.48 46.07 34.20
C HIS E 58 4.58 44.63 34.68
N ASN E 59 3.60 43.85 34.26
CA ASN E 59 3.49 42.43 34.58
C ASN E 59 3.43 42.11 36.07
N ARG E 60 2.53 42.80 36.78
CA ARG E 60 2.32 42.60 38.21
C ARG E 60 0.82 42.40 38.40
N PRO E 61 0.22 41.44 37.69
CA PRO E 61 -1.22 41.20 37.82
C PRO E 61 -1.68 40.72 39.18
N LEU E 62 -0.81 40.02 39.90
CA LEU E 62 -1.19 39.51 41.21
C LEU E 62 -1.31 40.65 42.22
N THR E 63 -0.29 41.49 42.28
CA THR E 63 -0.30 42.62 43.21
C THR E 63 -1.44 43.54 42.81
N CYS E 64 -1.54 43.82 41.51
CA CYS E 64 -2.58 44.69 41.00
C CYS E 64 -3.99 44.21 41.29
N ILE E 65 -4.31 42.99 40.86
CA ILE E 65 -5.65 42.45 41.05
C ILE E 65 -5.99 42.24 42.53
N MET E 66 -4.99 41.87 43.33
CA MET E 66 -5.22 41.63 44.76
C MET E 66 -5.49 42.94 45.49
N TYR E 67 -4.75 43.99 45.11
CA TYR E 67 -4.94 45.29 45.72
C TYR E 67 -6.33 45.82 45.40
N ALA E 68 -6.83 45.46 44.22
CA ALA E 68 -8.15 45.89 43.79
C ALA E 68 -9.23 45.11 44.53
N ILE E 69 -9.03 43.81 44.68
CA ILE E 69 -9.99 42.95 45.37
C ILE E 69 -10.12 43.37 46.82
N PHE E 70 -8.99 43.69 47.44
CA PHE E 70 -9.00 44.09 48.84
C PHE E 70 -9.71 45.41 49.09
N GLN E 71 -9.57 46.38 48.18
CA GLN E 71 -10.25 47.65 48.36
C GLN E 71 -11.74 47.47 48.09
N GLU E 72 -12.07 46.72 47.05
CA GLU E 72 -13.46 46.44 46.72
C GLU E 72 -14.19 45.80 47.90
N ARG E 73 -13.51 44.90 48.62
CA ARG E 73 -14.13 44.23 49.75
C ARG E 73 -13.85 44.92 51.09
N ASP E 74 -13.16 46.06 51.03
CA ASP E 74 -12.85 46.83 52.22
C ASP E 74 -12.11 45.98 53.26
N LEU E 75 -11.27 45.07 52.79
CA LEU E 75 -10.51 44.19 53.66
C LEU E 75 -9.37 44.91 54.37
N LEU E 76 -8.78 45.91 53.73
CA LEU E 76 -7.69 46.63 54.34
C LEU E 76 -8.14 47.29 55.65
N LYS E 77 -9.31 47.93 55.62
CA LYS E 77 -9.83 48.59 56.82
C LYS E 77 -10.30 47.59 57.86
N THR E 78 -11.09 46.62 57.43
CA THR E 78 -11.63 45.60 58.32
C THR E 78 -10.54 44.90 59.16
N PHE E 79 -9.37 44.68 58.55
CA PHE E 79 -8.30 43.99 59.26
C PHE E 79 -7.07 44.85 59.53
N ARG E 80 -7.27 46.17 59.45
CA ARG E 80 -6.21 47.13 59.70
C ARG E 80 -4.88 46.79 59.01
N ILE E 81 -4.90 46.79 57.70
CA ILE E 81 -3.72 46.50 56.91
C ILE E 81 -3.40 47.77 56.12
N SER E 82 -2.26 48.38 56.35
CA SER E 82 -1.92 49.58 55.61
C SER E 82 -1.58 49.16 54.18
N SER E 83 -1.81 50.05 53.22
CA SER E 83 -1.49 49.73 51.83
C SER E 83 0.00 49.44 51.73
N ASP E 84 0.77 50.15 52.54
CA ASP E 84 2.22 50.02 52.60
C ASP E 84 2.60 48.55 52.80
N THR E 85 2.04 47.97 53.85
CA THR E 85 2.32 46.59 54.20
C THR E 85 1.76 45.63 53.14
N PHE E 86 0.52 45.86 52.74
CA PHE E 86 -0.11 45.01 51.74
C PHE E 86 0.65 44.93 50.43
N ILE E 87 0.99 46.08 49.86
CA ILE E 87 1.71 46.12 48.60
C ILE E 87 3.09 45.50 48.74
N THR E 88 3.75 45.73 49.86
CA THR E 88 5.08 45.17 50.06
C THR E 88 4.99 43.63 50.07
N TYR E 89 4.04 43.09 50.80
CA TYR E 89 3.87 41.64 50.85
C TYR E 89 3.57 41.08 49.46
N MET E 90 2.50 41.59 48.86
CA MET E 90 2.08 41.13 47.53
C MET E 90 3.20 41.18 46.50
N MET E 91 4.03 42.21 46.55
CA MET E 91 5.12 42.31 45.60
C MET E 91 6.16 41.23 45.87
N THR E 92 6.35 40.92 47.15
CA THR E 92 7.29 39.90 47.56
C THR E 92 6.74 38.53 47.14
N LEU E 93 5.47 38.32 47.44
CA LEU E 93 4.80 37.08 47.08
C LEU E 93 4.89 36.87 45.57
N GLU E 94 4.48 37.88 44.81
CA GLU E 94 4.49 37.83 43.35
C GLU E 94 5.90 37.58 42.80
N ASP E 95 6.91 38.10 43.49
CA ASP E 95 8.28 37.91 43.07
C ASP E 95 8.74 36.48 43.29
N HIS E 96 8.06 35.74 44.17
CA HIS E 96 8.43 34.36 44.43
C HIS E 96 7.74 33.37 43.51
N TYR E 97 7.02 33.89 42.53
CA TYR E 97 6.41 33.05 41.52
C TYR E 97 7.46 33.14 40.41
N HIS E 98 7.81 32.01 39.80
CA HIS E 98 8.83 32.02 38.75
C HIS E 98 8.29 32.53 37.42
N SER E 99 8.83 33.64 36.94
CA SER E 99 8.36 34.19 35.69
C SER E 99 8.75 33.31 34.50
N ASP E 100 9.81 32.51 34.65
CA ASP E 100 10.23 31.64 33.54
C ASP E 100 9.41 30.35 33.44
N VAL E 101 8.42 30.21 34.32
CA VAL E 101 7.53 29.05 34.31
C VAL E 101 6.34 29.47 33.45
N ALA E 102 6.09 28.73 32.39
CA ALA E 102 5.02 29.05 31.44
C ALA E 102 3.60 29.21 31.98
N TYR E 103 3.17 28.31 32.85
CA TYR E 103 1.81 28.38 33.37
C TYR E 103 1.68 28.79 34.83
N HIS E 104 2.41 28.10 35.71
CA HIS E 104 2.33 28.41 37.14
C HIS E 104 3.16 29.61 37.58
N ASN E 105 2.84 30.78 37.01
CA ASN E 105 3.51 32.02 37.35
C ASN E 105 2.48 32.93 38.01
N SER E 106 2.86 34.16 38.39
CA SER E 106 1.90 35.03 39.08
C SER E 106 0.59 35.30 38.31
N LEU E 107 0.61 35.13 37.00
CA LEU E 107 -0.59 35.35 36.21
C LEU E 107 -1.67 34.33 36.54
N HIS E 108 -1.24 33.08 36.78
CA HIS E 108 -2.19 32.02 37.12
C HIS E 108 -2.76 32.30 38.51
N ALA E 109 -1.90 32.78 39.40
CA ALA E 109 -2.29 33.08 40.77
C ALA E 109 -3.31 34.23 40.77
N ALA E 110 -3.02 35.28 40.01
CA ALA E 110 -3.93 36.42 39.93
C ALA E 110 -5.28 35.92 39.45
N ASP E 111 -5.25 35.06 38.44
CA ASP E 111 -6.47 34.52 37.86
C ASP E 111 -7.30 33.77 38.88
N VAL E 112 -6.66 32.86 39.61
CA VAL E 112 -7.40 32.09 40.61
C VAL E 112 -7.93 32.98 41.74
N ALA E 113 -7.16 33.99 42.12
CA ALA E 113 -7.59 34.90 43.18
C ALA E 113 -8.83 35.68 42.71
N GLN E 114 -8.74 36.21 41.50
CA GLN E 114 -9.85 36.98 40.94
C GLN E 114 -11.08 36.09 40.77
N SER E 115 -10.89 34.87 40.26
CA SER E 115 -12.01 33.94 40.06
C SER E 115 -12.63 33.52 41.39
N THR E 116 -11.80 33.48 42.43
CA THR E 116 -12.29 33.11 43.75
C THR E 116 -13.10 34.29 44.25
N HIS E 117 -12.61 35.48 43.96
CA HIS E 117 -13.28 36.70 44.35
C HIS E 117 -14.70 36.73 43.78
N VAL E 118 -14.82 36.35 42.51
CA VAL E 118 -16.14 36.33 41.87
C VAL E 118 -17.00 35.22 42.47
N LEU E 119 -16.44 34.04 42.65
CA LEU E 119 -17.22 32.93 43.19
C LEU E 119 -17.77 33.20 44.59
N LEU E 120 -17.01 33.94 45.40
CA LEU E 120 -17.44 34.25 46.75
C LEU E 120 -18.68 35.15 46.77
N SER E 121 -18.94 35.83 45.66
CA SER E 121 -20.10 36.70 45.58
C SER E 121 -21.30 36.03 44.94
N THR E 122 -21.22 34.73 44.68
CA THR E 122 -22.34 34.03 44.06
C THR E 122 -23.57 34.17 44.98
N PRO E 123 -24.73 34.51 44.40
CA PRO E 123 -25.98 34.68 45.16
C PRO E 123 -26.32 33.60 46.16
N ALA E 124 -26.15 32.33 45.76
CA ALA E 124 -26.46 31.22 46.65
C ALA E 124 -25.65 31.18 47.94
N LEU E 125 -24.53 31.90 47.97
CA LEU E 125 -23.68 31.93 49.15
C LEU E 125 -23.64 33.29 49.83
N ASP E 126 -24.60 34.14 49.47
CA ASP E 126 -24.68 35.48 50.04
C ASP E 126 -24.81 35.46 51.56
N ALA E 127 -23.93 36.21 52.21
CA ALA E 127 -23.90 36.33 53.68
C ALA E 127 -23.68 35.01 54.42
N VAL E 128 -23.06 34.04 53.75
CA VAL E 128 -22.80 32.74 54.37
C VAL E 128 -21.44 32.74 55.09
N PHE E 129 -20.47 33.47 54.54
CA PHE E 129 -19.13 33.52 55.11
C PHE E 129 -18.79 34.82 55.83
N THR E 130 -17.98 34.70 56.87
CA THR E 130 -17.53 35.83 57.68
C THR E 130 -16.40 36.51 56.91
N ASP E 131 -16.02 37.71 57.33
CA ASP E 131 -14.94 38.42 56.64
C ASP E 131 -13.62 37.68 56.75
N LEU E 132 -13.41 37.00 57.88
CA LEU E 132 -12.19 36.25 58.08
C LEU E 132 -12.10 35.12 57.04
N GLU E 133 -13.22 34.44 56.81
CA GLU E 133 -13.27 33.34 55.85
C GLU E 133 -13.03 33.86 54.44
N ILE E 134 -13.57 35.04 54.13
CA ILE E 134 -13.38 35.66 52.83
C ILE E 134 -11.89 35.97 52.68
N LEU E 135 -11.30 36.55 53.72
CA LEU E 135 -9.88 36.88 53.70
C LEU E 135 -9.03 35.63 53.44
N ALA E 136 -9.33 34.55 54.17
CA ALA E 136 -8.61 33.30 54.04
C ALA E 136 -8.66 32.72 52.62
N ALA E 137 -9.86 32.64 52.05
CA ALA E 137 -10.01 32.09 50.71
C ALA E 137 -9.26 32.85 49.65
N ILE E 138 -9.33 34.18 49.67
CA ILE E 138 -8.64 34.98 48.66
C ILE E 138 -7.12 34.91 48.86
N PHE E 139 -6.70 34.90 50.13
CA PHE E 139 -5.28 34.81 50.44
C PHE E 139 -4.74 33.44 50.00
N ALA E 140 -5.52 32.38 50.28
CA ALA E 140 -5.13 31.02 49.91
C ALA E 140 -4.98 30.90 48.39
N ALA E 141 -5.90 31.51 47.66
CA ALA E 141 -5.87 31.48 46.21
C ALA E 141 -4.63 32.19 45.70
N ALA E 142 -4.28 33.30 46.34
CA ALA E 142 -3.13 34.07 45.91
C ALA E 142 -1.80 33.36 46.12
N ILE E 143 -1.69 32.57 47.18
CA ILE E 143 -0.43 31.88 47.45
C ILE E 143 -0.42 30.40 47.05
N HIS E 144 -1.55 29.86 46.66
CA HIS E 144 -1.67 28.44 46.34
C HIS E 144 -0.64 27.77 45.43
N ASP E 145 0.13 28.53 44.66
CA ASP E 145 1.13 27.94 43.78
C ASP E 145 2.46 28.67 43.85
N VAL E 146 2.66 29.47 44.88
CA VAL E 146 3.90 30.24 44.99
C VAL E 146 5.18 29.39 44.98
N ASP E 147 6.17 29.86 44.25
CA ASP E 147 7.46 29.19 44.13
C ASP E 147 7.40 27.83 43.42
N HIS E 148 6.40 27.68 42.54
CA HIS E 148 6.22 26.45 41.78
C HIS E 148 7.41 26.32 40.82
N PRO E 149 8.04 25.14 40.77
CA PRO E 149 9.19 24.94 39.88
C PRO E 149 8.86 24.65 38.41
N GLY E 150 7.61 24.37 38.09
CA GLY E 150 7.26 24.09 36.72
C GLY E 150 7.22 22.60 36.40
N VAL E 151 7.36 21.78 37.43
CA VAL E 151 7.34 20.32 37.28
C VAL E 151 6.34 19.74 38.27
N SER E 152 5.85 18.54 38.00
CA SER E 152 4.87 17.90 38.89
C SER E 152 5.47 17.34 40.18
N ASN E 153 4.59 16.89 41.08
CA ASN E 153 5.02 16.29 42.34
C ASN E 153 5.79 15.00 42.04
N GLN E 154 5.27 14.23 41.10
CA GLN E 154 5.90 12.97 40.73
C GLN E 154 7.31 13.17 40.20
N PHE E 155 7.55 14.30 39.54
CA PHE E 155 8.87 14.60 39.01
C PHE E 155 9.80 14.88 40.17
N LEU E 156 9.28 15.57 41.18
CA LEU E 156 10.08 15.90 42.34
C LEU E 156 10.43 14.62 43.09
N ILE E 157 9.47 13.70 43.12
CA ILE E 157 9.67 12.43 43.81
C ILE E 157 10.68 11.58 43.06
N ASN E 158 10.54 11.50 41.73
CA ASN E 158 11.46 10.70 40.92
C ASN E 158 12.89 11.21 40.90
N THR E 159 13.10 12.50 41.11
CA THR E 159 14.46 13.03 41.09
C THR E 159 15.05 13.08 42.50
N ASN E 160 14.32 12.56 43.47
CA ASN E 160 14.75 12.56 44.86
C ASN E 160 15.03 14.00 45.30
N SER E 161 14.08 14.87 45.00
CA SER E 161 14.15 16.28 45.33
C SER E 161 14.15 16.50 46.84
N GLU E 162 14.90 17.50 47.28
CA GLU E 162 14.97 17.82 48.68
C GLU E 162 13.57 18.08 49.24
N LEU E 163 12.68 18.61 48.40
CA LEU E 163 11.30 18.89 48.81
C LEU E 163 10.46 17.62 48.98
N ALA E 164 10.65 16.66 48.08
CA ALA E 164 9.91 15.40 48.18
C ALA E 164 10.29 14.72 49.49
N LEU E 165 11.57 14.79 49.85
CA LEU E 165 12.05 14.17 51.07
C LEU E 165 11.50 14.84 52.32
N MET E 166 11.45 16.17 52.30
CA MET E 166 10.96 16.91 53.44
C MET E 166 9.49 16.67 53.75
N TYR E 167 8.68 16.36 52.74
CA TYR E 167 7.26 16.15 52.96
C TYR E 167 6.82 14.72 52.73
N ASN E 168 7.78 13.79 52.78
CA ASN E 168 7.50 12.37 52.60
C ASN E 168 6.69 12.05 51.35
N ASP E 169 7.01 12.70 50.24
CA ASP E 169 6.33 12.49 48.97
C ASP E 169 4.82 12.78 48.99
N GLU E 170 4.32 13.35 50.07
CA GLU E 170 2.89 13.66 50.18
C GLU E 170 2.60 15.14 49.91
N SER E 171 1.82 15.42 48.86
CA SER E 171 1.47 16.80 48.47
C SER E 171 2.69 17.71 48.60
N VAL E 172 3.80 17.27 48.01
CA VAL E 172 5.04 17.99 48.08
C VAL E 172 4.94 19.48 47.75
N LEU E 173 4.51 19.80 46.54
CA LEU E 173 4.37 21.19 46.12
C LEU E 173 3.41 22.00 46.99
N GLU E 174 2.23 21.43 47.25
CA GLU E 174 1.22 22.11 48.05
C GLU E 174 1.72 22.48 49.45
N ASN E 175 2.49 21.59 50.08
CA ASN E 175 3.03 21.86 51.41
C ASN E 175 4.03 23.00 51.29
N HIS E 176 4.77 22.98 50.19
CA HIS E 176 5.80 24.00 49.94
C HIS E 176 5.17 25.37 49.70
N HIS E 177 4.08 25.41 48.94
CA HIS E 177 3.41 26.68 48.66
C HIS E 177 2.99 27.33 49.96
N LEU E 178 2.37 26.55 50.84
CA LEU E 178 1.96 27.07 52.13
C LEU E 178 3.15 27.60 52.94
N ALA E 179 4.21 26.83 53.02
CA ALA E 179 5.38 27.23 53.78
C ALA E 179 5.95 28.56 53.32
N VAL E 180 6.09 28.72 52.00
CA VAL E 180 6.62 29.94 51.44
C VAL E 180 5.63 31.09 51.67
N GLY E 181 4.35 30.82 51.42
CA GLY E 181 3.33 31.84 51.61
C GLY E 181 3.33 32.46 52.99
N PHE E 182 3.42 31.63 54.02
CA PHE E 182 3.42 32.13 55.39
C PHE E 182 4.78 32.66 55.83
N LYS E 183 5.84 32.07 55.32
CA LYS E 183 7.18 32.50 55.69
C LYS E 183 7.47 33.92 55.21
N LEU E 184 6.95 34.27 54.04
CA LEU E 184 7.19 35.60 53.51
C LEU E 184 6.57 36.69 54.39
N LEU E 185 5.63 36.32 55.25
CA LEU E 185 5.00 37.30 56.14
C LEU E 185 6.03 37.88 57.10
N GLN E 186 7.21 37.26 57.16
CA GLN E 186 8.27 37.71 58.05
C GLN E 186 9.30 38.62 57.41
N GLU E 187 9.16 38.88 56.11
CA GLU E 187 10.12 39.76 55.49
C GLU E 187 9.80 41.20 55.90
N GLU E 188 10.71 42.12 55.64
CA GLU E 188 10.54 43.52 56.05
C GLU E 188 9.21 44.17 55.67
N HIS E 189 8.45 44.54 56.70
CA HIS E 189 7.17 45.21 56.53
C HIS E 189 6.18 44.42 55.67
N CYS E 190 6.09 43.11 55.90
CA CYS E 190 5.20 42.27 55.11
C CYS E 190 4.09 41.55 55.89
N ASP E 191 4.01 41.71 57.20
CA ASP E 191 3.00 41.00 57.96
C ASP E 191 1.60 41.59 57.87
N ILE E 192 0.86 41.18 56.83
CA ILE E 192 -0.49 41.69 56.61
C ILE E 192 -1.49 41.17 57.64
N PHE E 193 -1.07 40.24 58.50
CA PHE E 193 -1.98 39.69 59.51
C PHE E 193 -1.55 40.16 60.89
N MET E 194 -0.64 41.11 60.93
CA MET E 194 -0.13 41.66 62.18
C MET E 194 -1.22 42.11 63.15
N ASN E 195 -2.28 42.73 62.65
CA ASN E 195 -3.33 43.21 63.54
C ASN E 195 -4.56 42.32 63.74
N LEU E 196 -4.44 41.01 63.45
CA LEU E 196 -5.56 40.13 63.69
C LEU E 196 -5.30 39.57 65.09
N THR E 197 -6.32 39.02 65.73
CA THR E 197 -6.13 38.45 67.06
C THR E 197 -5.48 37.07 66.91
N LYS E 198 -4.95 36.54 68.01
CA LYS E 198 -4.33 35.23 67.97
C LYS E 198 -5.41 34.25 67.49
N LYS E 199 -6.61 34.43 68.00
CA LYS E 199 -7.74 33.59 67.65
C LYS E 199 -8.00 33.63 66.14
N GLN E 200 -8.00 34.84 65.57
CA GLN E 200 -8.24 35.00 64.15
C GLN E 200 -7.11 34.43 63.30
N ARG E 201 -5.87 34.67 63.70
CA ARG E 201 -4.74 34.17 62.95
C ARG E 201 -4.73 32.63 62.95
N GLN E 202 -5.06 32.01 64.07
CA GLN E 202 -5.07 30.56 64.13
C GLN E 202 -6.15 30.01 63.24
N THR E 203 -7.30 30.67 63.24
CA THR E 203 -8.42 30.23 62.41
C THR E 203 -8.09 30.40 60.93
N LEU E 204 -7.51 31.54 60.57
CA LEU E 204 -7.16 31.80 59.19
C LEU E 204 -6.14 30.78 58.68
N ARG E 205 -5.16 30.46 59.52
CA ARG E 205 -4.11 29.52 59.16
C ARG E 205 -4.69 28.12 58.94
N LYS E 206 -5.63 27.73 59.80
CA LYS E 206 -6.24 26.42 59.68
C LYS E 206 -6.97 26.32 58.34
N MET E 207 -7.70 27.37 57.99
CA MET E 207 -8.45 27.40 56.75
C MET E 207 -7.57 27.46 55.50
N VAL E 208 -6.52 28.28 55.55
CA VAL E 208 -5.65 28.40 54.39
C VAL E 208 -4.91 27.10 54.10
N ILE E 209 -4.41 26.45 55.15
CA ILE E 209 -3.70 25.18 54.98
C ILE E 209 -4.66 24.15 54.38
N ASP E 210 -5.90 24.18 54.84
CA ASP E 210 -6.90 23.26 54.35
C ASP E 210 -7.17 23.47 52.86
N MET E 211 -7.38 24.72 52.46
CA MET E 211 -7.67 25.02 51.07
C MET E 211 -6.51 24.75 50.11
N VAL E 212 -5.31 25.19 50.47
CA VAL E 212 -4.18 24.97 49.59
C VAL E 212 -3.88 23.49 49.40
N LEU E 213 -3.89 22.72 50.49
CA LEU E 213 -3.62 21.29 50.38
C LEU E 213 -4.69 20.58 49.55
N ALA E 214 -5.86 21.19 49.44
CA ALA E 214 -6.94 20.59 48.68
C ALA E 214 -6.77 20.83 47.19
N THR E 215 -5.79 21.65 46.81
CA THR E 215 -5.54 21.92 45.41
C THR E 215 -4.68 20.83 44.77
N ASP E 216 -4.27 19.86 45.56
CA ASP E 216 -3.46 18.75 45.06
C ASP E 216 -4.47 17.91 44.24
N MET E 217 -4.18 17.72 42.96
CA MET E 217 -5.08 16.98 42.10
C MET E 217 -5.36 15.56 42.55
N SER E 218 -4.47 14.98 43.34
CA SER E 218 -4.68 13.62 43.81
C SER E 218 -5.83 13.54 44.81
N LYS E 219 -6.29 14.70 45.31
CA LYS E 219 -7.40 14.74 46.26
C LYS E 219 -8.69 15.08 45.52
N HIS E 220 -8.61 15.17 44.20
CA HIS E 220 -9.78 15.52 43.40
C HIS E 220 -11.00 14.63 43.58
N MET E 221 -10.87 13.34 43.33
CA MET E 221 -12.00 12.43 43.47
C MET E 221 -12.61 12.54 44.86
N SER E 222 -11.73 12.66 45.86
CA SER E 222 -12.16 12.80 47.23
C SER E 222 -13.02 14.07 47.39
N LEU E 223 -12.46 15.21 47.01
CA LEU E 223 -13.18 16.48 47.11
C LEU E 223 -14.53 16.41 46.44
N LEU E 224 -14.55 15.84 45.23
CA LEU E 224 -15.78 15.72 44.45
C LEU E 224 -16.83 14.85 45.13
N ALA E 225 -16.42 13.69 45.61
CA ALA E 225 -17.35 12.78 46.28
C ALA E 225 -17.99 13.48 47.47
N ASP E 226 -17.21 14.29 48.17
CA ASP E 226 -17.72 15.02 49.32
C ASP E 226 -18.66 16.12 48.88
N LEU E 227 -18.27 16.89 47.86
CA LEU E 227 -19.10 17.97 47.40
C LEU E 227 -20.46 17.45 46.95
N LYS E 228 -20.48 16.26 46.38
CA LYS E 228 -21.73 15.67 45.92
C LYS E 228 -22.66 15.40 47.09
N THR E 229 -22.14 14.70 48.10
CA THR E 229 -22.91 14.38 49.29
C THR E 229 -23.46 15.67 49.91
N MET E 230 -22.70 16.75 49.79
CA MET E 230 -23.15 18.03 50.32
C MET E 230 -24.39 18.52 49.59
N VAL E 231 -24.41 18.34 48.27
CA VAL E 231 -25.53 18.78 47.47
C VAL E 231 -26.78 17.96 47.76
N GLU E 232 -26.60 16.68 48.03
CA GLU E 232 -27.73 15.80 48.32
C GLU E 232 -28.52 16.27 49.54
N THR E 233 -27.80 16.70 50.56
CA THR E 233 -28.43 17.13 51.80
C THR E 233 -28.48 18.64 51.98
N LYS E 234 -28.17 19.40 50.95
CA LYS E 234 -28.17 20.84 51.10
C LYS E 234 -29.51 21.39 51.59
N LYS E 235 -29.40 22.34 52.52
CA LYS E 235 -30.57 22.99 53.09
C LYS E 235 -30.49 24.41 52.55
N VAL E 236 -31.59 24.88 51.97
CA VAL E 236 -31.62 26.22 51.40
C VAL E 236 -32.70 27.07 52.08
N THR E 237 -32.51 28.39 52.09
CA THR E 237 -33.48 29.27 52.73
C THR E 237 -34.66 29.53 51.79
N SER E 238 -35.73 30.11 52.34
CA SER E 238 -36.92 30.44 51.58
C SER E 238 -36.60 31.42 50.45
N SER E 239 -35.40 32.02 50.52
CA SER E 239 -34.95 32.99 49.52
C SER E 239 -34.11 32.32 48.42
N GLY E 240 -33.59 31.14 48.70
CA GLY E 240 -32.77 30.43 47.73
C GLY E 240 -31.30 30.38 48.12
N VAL E 241 -30.96 31.03 49.24
CA VAL E 241 -29.59 31.07 49.73
C VAL E 241 -29.24 29.79 50.50
N LEU E 242 -28.00 29.33 50.35
CA LEU E 242 -27.56 28.12 51.04
C LEU E 242 -27.46 28.30 52.54
N LEU E 243 -27.70 27.20 53.24
CA LEU E 243 -27.66 27.19 54.70
C LEU E 243 -26.50 26.32 55.17
N LEU E 244 -25.41 26.96 55.59
CA LEU E 244 -24.25 26.24 56.08
C LEU E 244 -24.06 26.55 57.58
N ASP E 245 -24.66 25.71 58.41
CA ASP E 245 -24.63 25.88 59.85
C ASP E 245 -23.27 25.82 60.56
N ASN E 246 -22.56 24.70 60.45
CA ASN E 246 -21.26 24.57 61.12
C ASN E 246 -20.04 24.91 60.27
N TYR E 247 -18.88 24.99 60.93
CA TYR E 247 -17.60 25.29 60.30
C TYR E 247 -17.23 24.25 59.24
N THR E 248 -17.46 22.98 59.56
CA THR E 248 -17.14 21.90 58.64
C THR E 248 -17.76 22.11 57.26
N ASP E 249 -19.05 22.43 57.23
CA ASP E 249 -19.72 22.65 55.96
C ASP E 249 -19.15 23.87 55.24
N ARG E 250 -18.89 24.94 55.98
CA ARG E 250 -18.35 26.14 55.36
C ARG E 250 -16.97 25.90 54.75
N ILE E 251 -16.07 25.28 55.50
CA ILE E 251 -14.72 25.04 54.98
C ILE E 251 -14.75 24.07 53.80
N GLN E 252 -15.73 23.17 53.78
CA GLN E 252 -15.84 22.22 52.69
C GLN E 252 -16.19 22.94 51.39
N VAL E 253 -17.10 23.92 51.48
CA VAL E 253 -17.50 24.69 50.31
C VAL E 253 -16.34 25.58 49.88
N LEU E 254 -15.57 26.12 50.82
CA LEU E 254 -14.45 26.96 50.47
C LEU E 254 -13.35 26.13 49.81
N ARG E 255 -13.17 24.89 50.26
CA ARG E 255 -12.19 23.99 49.69
C ARG E 255 -12.50 23.80 48.20
N ASN E 256 -13.73 23.41 47.93
CA ASN E 256 -14.18 23.18 46.58
C ASN E 256 -14.19 24.43 45.72
N MET E 257 -14.48 25.56 46.34
CA MET E 257 -14.51 26.82 45.61
C MET E 257 -13.16 27.13 44.99
N VAL E 258 -12.12 27.10 45.83
CA VAL E 258 -10.77 27.38 45.37
C VAL E 258 -10.34 26.32 44.38
N HIS E 259 -10.81 25.10 44.58
CA HIS E 259 -10.48 23.99 43.68
C HIS E 259 -11.10 24.29 42.31
N CYS E 260 -12.32 24.82 42.32
CA CYS E 260 -13.02 25.18 41.09
C CYS E 260 -12.31 26.34 40.39
N ALA E 261 -11.85 27.32 41.16
CA ALA E 261 -11.14 28.46 40.59
C ALA E 261 -9.87 27.95 39.91
N ASP E 262 -9.17 27.04 40.59
CA ASP E 262 -7.93 26.46 40.06
C ASP E 262 -8.25 25.74 38.74
N LEU E 263 -9.44 25.17 38.63
CA LEU E 263 -9.85 24.46 37.43
C LEU E 263 -10.88 25.26 36.61
N SER E 264 -10.79 26.58 36.63
CA SER E 264 -11.74 27.40 35.90
C SER E 264 -11.38 27.75 34.46
N ASN E 265 -10.16 27.47 34.05
CA ASN E 265 -9.74 27.80 32.69
C ASN E 265 -10.73 27.44 31.57
N PRO E 266 -11.18 26.18 31.50
CA PRO E 266 -12.13 25.86 30.42
C PRO E 266 -13.50 26.52 30.55
N THR E 267 -13.73 27.23 31.64
CA THR E 267 -15.02 27.88 31.83
C THR E 267 -14.97 29.36 31.47
N LYS E 268 -13.80 29.87 31.13
CA LYS E 268 -13.66 31.27 30.75
C LYS E 268 -13.97 31.41 29.27
N SER E 269 -14.02 32.65 28.77
CA SER E 269 -14.30 32.87 27.35
C SER E 269 -13.21 32.17 26.55
N LEU E 270 -13.59 31.60 25.41
CA LEU E 270 -12.65 30.88 24.57
C LEU E 270 -11.35 31.64 24.32
N GLU E 271 -11.44 32.96 24.23
CA GLU E 271 -10.25 33.77 24.00
C GLU E 271 -9.22 33.56 25.10
N LEU E 272 -9.69 33.57 26.35
CA LEU E 272 -8.84 33.38 27.51
C LEU E 272 -8.39 31.92 27.62
N TYR E 273 -9.38 31.02 27.61
CA TYR E 273 -9.13 29.59 27.71
C TYR E 273 -8.01 29.12 26.77
N ARG E 274 -8.01 29.59 25.53
CA ARG E 274 -6.98 29.16 24.59
C ARG E 274 -5.58 29.61 24.97
N GLN E 275 -5.48 30.76 25.63
CA GLN E 275 -4.17 31.26 26.06
C GLN E 275 -3.67 30.41 27.22
N TRP E 276 -4.60 29.96 28.07
CA TRP E 276 -4.27 29.13 29.21
C TRP E 276 -3.80 27.76 28.72
N THR E 277 -4.47 27.23 27.69
CA THR E 277 -4.09 25.94 27.14
C THR E 277 -2.68 25.98 26.57
N ASP E 278 -2.31 27.06 25.90
CA ASP E 278 -0.96 27.14 25.34
C ASP E 278 0.08 27.17 26.43
N ARG E 279 -0.21 27.89 27.50
CA ARG E 279 0.71 28.00 28.62
C ARG E 279 0.93 26.68 29.34
N ILE E 280 -0.17 25.98 29.65
CA ILE E 280 -0.05 24.70 30.34
C ILE E 280 0.70 23.68 29.47
N MET E 281 0.47 23.71 28.16
CA MET E 281 1.15 22.77 27.27
C MET E 281 2.64 23.12 27.20
N GLU E 282 2.95 24.41 27.18
CA GLU E 282 4.34 24.83 27.12
C GLU E 282 5.09 24.41 28.37
N GLU E 283 4.42 24.45 29.52
CA GLU E 283 5.07 24.06 30.77
C GLU E 283 5.30 22.54 30.78
N PHE E 284 4.29 21.80 30.38
CA PHE E 284 4.37 20.35 30.32
C PHE E 284 5.52 19.92 29.40
N PHE E 285 5.69 20.60 28.27
CA PHE E 285 6.76 20.23 27.35
C PHE E 285 8.10 20.58 27.97
N GLN E 286 8.15 21.64 28.78
CA GLN E 286 9.38 22.00 29.44
C GLN E 286 9.79 20.87 30.39
N GLN E 287 8.82 20.29 31.09
CA GLN E 287 9.11 19.18 32.00
C GLN E 287 9.61 18.02 31.16
N GLY E 288 8.93 17.80 30.03
CA GLY E 288 9.31 16.73 29.12
C GLY E 288 10.76 16.87 28.69
N ASP E 289 11.21 18.09 28.42
CA ASP E 289 12.59 18.31 28.02
C ASP E 289 13.53 18.03 29.20
N LYS E 290 13.18 18.52 30.38
CA LYS E 290 13.99 18.30 31.58
C LYS E 290 14.18 16.80 31.79
N GLU E 291 13.13 16.03 31.53
CA GLU E 291 13.18 14.58 31.71
C GLU E 291 14.14 13.95 30.72
N ARG E 292 14.10 14.39 29.48
CA ARG E 292 14.99 13.87 28.44
C ARG E 292 16.45 14.19 28.82
N GLU E 293 16.71 15.43 29.17
CA GLU E 293 18.06 15.86 29.54
C GLU E 293 18.61 15.07 30.73
N ARG E 294 17.72 14.56 31.58
CA ARG E 294 18.14 13.80 32.75
C ARG E 294 17.98 12.31 32.53
N GLY E 295 17.70 11.93 31.28
CA GLY E 295 17.56 10.53 30.94
C GLY E 295 16.45 9.82 31.68
N MET E 296 15.33 10.50 31.87
CA MET E 296 14.19 9.92 32.55
C MET E 296 13.17 9.61 31.47
N GLU E 297 12.08 8.96 31.84
CA GLU E 297 11.05 8.65 30.87
C GLU E 297 10.15 9.88 30.74
N ILE E 298 9.81 10.24 29.50
CA ILE E 298 8.94 11.39 29.25
C ILE E 298 7.53 11.09 29.74
N SER E 299 7.03 11.90 30.66
CA SER E 299 5.69 11.71 31.21
C SER E 299 4.59 11.89 30.16
N PRO E 300 3.38 11.40 30.47
CA PRO E 300 2.26 11.53 29.52
C PRO E 300 1.90 13.01 29.28
N MET E 301 1.79 13.38 28.02
CA MET E 301 1.45 14.75 27.62
C MET E 301 2.59 15.74 27.77
N CYS E 302 3.79 15.25 28.05
CA CYS E 302 4.95 16.14 28.19
C CYS E 302 5.85 16.02 26.96
N ASP E 303 5.44 15.15 26.04
CA ASP E 303 6.18 14.93 24.80
C ASP E 303 5.58 15.82 23.73
N LYS E 304 6.29 16.89 23.39
CA LYS E 304 5.84 17.85 22.38
C LYS E 304 5.67 17.27 20.99
N HIS E 305 6.11 16.02 20.80
CA HIS E 305 5.99 15.38 19.49
C HIS E 305 4.74 14.50 19.44
N THR E 306 4.48 13.76 20.51
CA THR E 306 3.34 12.87 20.54
C THR E 306 2.13 13.48 21.26
N ALA E 307 2.14 14.80 21.41
CA ALA E 307 1.04 15.47 22.11
C ALA E 307 -0.13 15.84 21.22
N SER E 308 -1.35 15.67 21.75
CA SER E 308 -2.57 16.02 21.04
C SER E 308 -3.37 16.99 21.92
N VAL E 309 -2.96 18.24 21.88
CA VAL E 309 -3.54 19.33 22.64
C VAL E 309 -5.06 19.32 22.71
N GLU E 310 -5.71 19.37 21.54
CA GLU E 310 -7.16 19.38 21.47
C GLU E 310 -7.83 18.19 22.14
N LYS E 311 -7.40 16.97 21.83
CA LYS E 311 -7.99 15.77 22.44
C LYS E 311 -7.88 15.85 23.95
N SER E 312 -6.73 16.29 24.42
CA SER E 312 -6.45 16.41 25.83
C SER E 312 -7.38 17.37 26.56
N GLN E 313 -7.69 18.51 25.94
CA GLN E 313 -8.59 19.46 26.57
C GLN E 313 -9.98 18.86 26.68
N VAL E 314 -10.37 18.06 25.69
CA VAL E 314 -11.69 17.44 25.71
C VAL E 314 -11.75 16.38 26.82
N GLY E 315 -10.64 15.67 27.00
CA GLY E 315 -10.58 14.66 28.04
C GLY E 315 -10.57 15.33 29.40
N PHE E 316 -9.84 16.44 29.49
CA PHE E 316 -9.72 17.22 30.71
C PHE E 316 -11.10 17.72 31.14
N ILE E 317 -11.90 18.14 30.17
CA ILE E 317 -13.23 18.64 30.44
C ILE E 317 -14.20 17.50 30.76
N ASP E 318 -14.20 16.46 29.92
CA ASP E 318 -15.11 15.33 30.12
C ASP E 318 -14.92 14.54 31.42
N TYR E 319 -13.68 14.39 31.87
CA TYR E 319 -13.42 13.60 33.08
C TYR E 319 -13.13 14.38 34.36
N ILE E 320 -12.67 15.62 34.23
CA ILE E 320 -12.34 16.41 35.42
C ILE E 320 -13.12 17.70 35.60
N VAL E 321 -12.94 18.65 34.69
CA VAL E 321 -13.61 19.94 34.80
C VAL E 321 -15.14 19.95 34.79
N HIS E 322 -15.75 19.26 33.84
CA HIS E 322 -17.21 19.25 33.77
C HIS E 322 -17.87 18.57 34.97
N PRO E 323 -17.39 17.38 35.36
CA PRO E 323 -18.02 16.72 36.52
C PRO E 323 -17.99 17.61 37.76
N LEU E 324 -16.89 18.33 37.95
CA LEU E 324 -16.76 19.21 39.10
C LEU E 324 -17.73 20.39 39.02
N TRP E 325 -17.66 21.15 37.93
CA TRP E 325 -18.54 22.31 37.77
C TRP E 325 -20.02 21.95 37.69
N GLU E 326 -20.30 20.74 37.25
CA GLU E 326 -21.66 20.26 37.16
C GLU E 326 -22.20 20.16 38.58
N THR E 327 -21.35 19.67 39.47
CA THR E 327 -21.70 19.49 40.87
C THR E 327 -21.77 20.85 41.58
N TRP E 328 -20.85 21.75 41.25
CA TRP E 328 -20.86 23.07 41.86
C TRP E 328 -22.13 23.80 41.43
N ALA E 329 -22.50 23.64 40.16
CA ALA E 329 -23.69 24.28 39.61
C ALA E 329 -24.92 23.82 40.38
N ASP E 330 -24.91 22.55 40.78
CA ASP E 330 -26.00 21.95 41.54
C ASP E 330 -26.14 22.65 42.87
N LEU E 331 -25.01 22.85 43.55
CA LEU E 331 -24.99 23.50 44.84
C LEU E 331 -25.49 24.95 44.76
N VAL E 332 -24.88 25.75 43.88
CA VAL E 332 -25.25 27.16 43.75
C VAL E 332 -26.36 27.44 42.73
N GLN E 333 -27.06 26.39 42.33
CA GLN E 333 -28.16 26.47 41.37
C GLN E 333 -29.06 27.67 41.62
N PRO E 334 -29.36 28.46 40.57
CA PRO E 334 -28.93 28.36 39.17
C PRO E 334 -27.84 29.36 38.81
N ASP E 335 -27.09 29.81 39.80
CA ASP E 335 -26.04 30.80 39.60
C ASP E 335 -24.91 30.45 38.64
N ALA E 336 -24.60 29.17 38.47
CA ALA E 336 -23.49 28.79 37.60
C ALA E 336 -23.88 28.28 36.22
N GLN E 337 -25.16 28.41 35.87
CA GLN E 337 -25.63 27.94 34.57
C GLN E 337 -24.89 28.57 33.38
N ASP E 338 -24.53 29.84 33.49
CA ASP E 338 -23.80 30.51 32.40
C ASP E 338 -22.42 29.87 32.22
N ILE E 339 -21.73 29.65 33.33
CA ILE E 339 -20.42 29.04 33.31
C ILE E 339 -20.52 27.64 32.72
N LEU E 340 -21.54 26.91 33.14
CA LEU E 340 -21.76 25.55 32.65
C LEU E 340 -21.97 25.53 31.14
N ASP E 341 -22.65 26.54 30.60
CA ASP E 341 -22.89 26.63 29.16
C ASP E 341 -21.62 26.95 28.40
N THR E 342 -20.85 27.90 28.91
CA THR E 342 -19.59 28.29 28.28
C THR E 342 -18.65 27.09 28.23
N LEU E 343 -18.66 26.32 29.30
CA LEU E 343 -17.82 25.14 29.40
C LEU E 343 -18.16 24.16 28.30
N GLU E 344 -19.44 23.89 28.10
CA GLU E 344 -19.87 22.95 27.08
C GLU E 344 -19.59 23.45 25.66
N ASP E 345 -19.61 24.77 25.46
CA ASP E 345 -19.30 25.31 24.13
C ASP E 345 -17.82 25.13 23.86
N ASN E 346 -16.98 25.57 24.80
CA ASN E 346 -15.53 25.46 24.65
C ASN E 346 -15.11 24.01 24.41
N ARG E 347 -15.85 23.08 24.99
CA ARG E 347 -15.56 21.67 24.86
C ARG E 347 -15.75 21.26 23.39
N ASN E 348 -16.92 21.53 22.84
CA ASN E 348 -17.19 21.19 21.45
C ASN E 348 -16.20 21.87 20.50
N TRP E 349 -15.85 23.11 20.80
CA TRP E 349 -14.89 23.84 19.95
C TRP E 349 -13.60 23.06 19.85
N TYR E 350 -13.02 22.72 20.99
CA TYR E 350 -11.77 21.95 21.00
C TYR E 350 -11.99 20.59 20.36
N GLN E 351 -13.21 20.06 20.50
CA GLN E 351 -13.55 18.76 19.93
C GLN E 351 -13.44 18.82 18.41
N SER E 352 -13.96 19.88 17.83
CA SER E 352 -13.94 20.08 16.37
C SER E 352 -12.52 20.34 15.85
N MET E 353 -11.69 20.94 16.70
CA MET E 353 -10.31 21.27 16.31
C MET E 353 -9.35 20.10 16.35
N ILE E 354 -9.85 18.89 16.60
CA ILE E 354 -9.01 17.71 16.63
C ILE E 354 -8.64 17.37 15.17
N PRO E 355 -7.35 17.34 14.83
CA PRO E 355 -6.87 17.04 13.47
C PRO E 355 -7.42 15.77 12.80
N VAL F 28 20.65 19.05 20.92
CA VAL F 28 21.35 19.63 19.74
C VAL F 28 20.86 18.98 18.44
N ASN F 29 20.73 19.79 17.39
CA ASN F 29 20.25 19.32 16.09
C ASN F 29 21.35 18.97 15.10
N THR F 30 21.00 18.23 14.05
CA THR F 30 21.95 17.79 13.03
C THR F 30 22.69 18.93 12.31
N GLU F 31 21.98 20.01 11.99
CA GLU F 31 22.59 21.16 11.32
C GLU F 31 23.40 21.97 12.32
N ASN F 32 22.99 21.89 13.58
CA ASN F 32 23.63 22.60 14.68
C ASN F 32 24.84 21.83 15.20
N GLU F 33 24.87 20.54 14.93
CA GLU F 33 25.96 19.69 15.38
C GLU F 33 27.28 20.16 14.78
N ASP F 34 27.26 20.47 13.49
CA ASP F 34 28.45 20.95 12.81
C ASP F 34 28.89 22.30 13.36
N HIS F 35 27.93 23.21 13.46
CA HIS F 35 28.19 24.55 13.97
C HIS F 35 28.74 24.51 15.39
N LEU F 36 28.17 23.65 16.22
CA LEU F 36 28.61 23.53 17.60
C LEU F 36 30.03 23.01 17.68
N ALA F 37 30.30 21.94 16.93
CA ALA F 37 31.63 21.37 16.92
C ALA F 37 32.66 22.41 16.52
N LYS F 38 32.36 23.14 15.45
CA LYS F 38 33.25 24.17 14.93
C LYS F 38 33.51 25.23 15.99
N GLU F 39 32.47 25.59 16.73
CA GLU F 39 32.57 26.59 17.78
C GLU F 39 33.41 26.09 18.94
N LEU F 40 33.33 24.79 19.21
CA LEU F 40 34.08 24.20 20.31
C LEU F 40 35.57 24.02 19.97
N GLU F 41 35.95 24.35 18.74
CA GLU F 41 37.35 24.24 18.35
C GLU F 41 38.15 25.24 19.15
N ASP F 42 37.47 26.23 19.72
CA ASP F 42 38.14 27.25 20.51
C ASP F 42 37.99 27.02 22.02
N LEU F 43 37.65 25.79 22.39
CA LEU F 43 37.45 25.44 23.78
C LEU F 43 38.62 25.84 24.68
N ASN F 44 39.84 25.73 24.16
CA ASN F 44 41.02 26.06 24.95
C ASN F 44 41.51 27.49 24.75
N LYS F 45 40.75 28.27 23.99
CA LYS F 45 41.13 29.65 23.69
C LYS F 45 40.32 30.68 24.47
N TRP F 46 40.96 31.79 24.80
CA TRP F 46 40.32 32.88 25.53
C TRP F 46 39.26 33.52 24.63
N GLY F 47 39.39 33.31 23.32
CA GLY F 47 38.44 33.87 22.37
C GLY F 47 37.22 33.04 22.03
N LEU F 48 37.00 31.95 22.75
CA LEU F 48 35.82 31.13 22.48
C LEU F 48 34.59 32.01 22.67
N ASN F 49 33.56 31.77 21.87
CA ASN F 49 32.33 32.55 21.96
C ASN F 49 31.25 31.69 22.62
N ILE F 50 31.04 31.91 23.91
CA ILE F 50 30.06 31.14 24.65
C ILE F 50 28.64 31.41 24.16
N PHE F 51 28.40 32.62 23.64
CA PHE F 51 27.07 33.00 23.14
C PHE F 51 26.64 32.10 21.98
N ASN F 52 27.59 31.78 21.10
CA ASN F 52 27.27 30.92 19.95
C ASN F 52 27.01 29.50 20.44
N VAL F 53 27.83 29.05 21.40
CA VAL F 53 27.66 27.72 21.97
C VAL F 53 26.23 27.61 22.48
N ALA F 54 25.79 28.60 23.25
CA ALA F 54 24.44 28.59 23.78
C ALA F 54 23.40 28.47 22.66
N GLY F 55 23.67 29.14 21.53
CA GLY F 55 22.75 29.11 20.42
C GLY F 55 22.65 27.77 19.70
N TYR F 56 23.74 27.00 19.70
CA TYR F 56 23.73 25.71 19.03
C TYR F 56 23.48 24.53 19.97
N SER F 57 23.07 24.81 21.20
CA SER F 57 22.82 23.74 22.16
C SER F 57 21.50 23.89 22.91
N HIS F 58 20.54 24.52 22.24
CA HIS F 58 19.23 24.74 22.85
C HIS F 58 19.33 25.41 24.20
N ASN F 59 20.20 26.42 24.27
CA ASN F 59 20.43 27.21 25.47
C ASN F 59 20.86 26.42 26.70
N ARG F 60 21.84 25.54 26.50
CA ARG F 60 22.39 24.74 27.58
C ARG F 60 23.90 24.88 27.49
N PRO F 61 24.40 26.12 27.55
CA PRO F 61 25.85 26.33 27.46
C PRO F 61 26.67 25.76 28.62
N LEU F 62 26.08 25.73 29.82
CA LEU F 62 26.83 25.20 30.97
C LEU F 62 27.08 23.70 30.82
N THR F 63 26.03 22.95 30.52
CA THR F 63 26.15 21.50 30.35
C THR F 63 27.07 21.18 29.17
N CYS F 64 26.87 21.88 28.06
CA CYS F 64 27.67 21.67 26.87
C CYS F 64 29.15 21.96 27.07
N ILE F 65 29.48 23.14 27.62
CA ILE F 65 30.88 23.47 27.82
C ILE F 65 31.55 22.60 28.88
N MET F 66 30.84 22.30 29.96
CA MET F 66 31.41 21.46 31.01
C MET F 66 31.77 20.07 30.50
N TYR F 67 30.87 19.48 29.72
CA TYR F 67 31.10 18.17 29.16
C TYR F 67 32.36 18.23 28.28
N ALA F 68 32.46 19.26 27.46
CA ALA F 68 33.62 19.41 26.59
C ALA F 68 34.91 19.51 27.40
N ILE F 69 34.91 20.37 28.41
CA ILE F 69 36.07 20.57 29.27
C ILE F 69 36.49 19.24 29.91
N PHE F 70 35.53 18.55 30.51
CA PHE F 70 35.82 17.28 31.17
C PHE F 70 36.34 16.23 30.21
N GLN F 71 35.92 16.27 28.95
CA GLN F 71 36.43 15.30 27.99
C GLN F 71 37.83 15.70 27.54
N GLU F 72 38.04 17.00 27.33
CA GLU F 72 39.33 17.54 26.92
C GLU F 72 40.40 17.20 27.97
N ARG F 73 40.05 17.35 29.24
CA ARG F 73 40.98 17.08 30.33
C ARG F 73 40.94 15.63 30.81
N ASP F 74 40.07 14.85 30.19
CA ASP F 74 39.91 13.43 30.53
C ASP F 74 39.49 13.19 32.00
N LEU F 75 38.80 14.16 32.59
CA LEU F 75 38.35 14.07 33.98
C LEU F 75 37.30 12.99 34.25
N LEU F 76 36.46 12.69 33.27
CA LEU F 76 35.45 11.67 33.48
C LEU F 76 36.10 10.31 33.74
N LYS F 77 37.18 10.02 33.02
CA LYS F 77 37.89 8.77 33.21
C LYS F 77 38.72 8.80 34.49
N THR F 78 39.47 9.88 34.67
CA THR F 78 40.32 10.04 35.83
C THR F 78 39.60 9.88 37.15
N PHE F 79 38.43 10.49 37.28
CA PHE F 79 37.68 10.41 38.53
C PHE F 79 36.50 9.46 38.52
N ARG F 80 36.50 8.53 37.56
CA ARG F 80 35.46 7.53 37.44
C ARG F 80 34.04 8.10 37.56
N ILE F 81 33.70 8.95 36.61
CA ILE F 81 32.38 9.57 36.55
C ILE F 81 31.79 9.11 35.23
N SER F 82 30.63 8.45 35.26
CA SER F 82 30.03 8.00 34.01
C SER F 82 29.42 9.22 33.35
N SER F 83 29.34 9.19 32.02
CA SER F 83 28.76 10.30 31.27
C SER F 83 27.33 10.55 31.72
N ASP F 84 26.59 9.46 31.90
CA ASP F 84 25.20 9.53 32.32
C ASP F 84 25.03 10.38 33.58
N THR F 85 25.82 10.08 34.60
CA THR F 85 25.79 10.80 35.86
C THR F 85 26.17 12.26 35.67
N PHE F 86 27.25 12.49 34.92
CA PHE F 86 27.74 13.84 34.69
C PHE F 86 26.69 14.73 34.00
N ILE F 87 26.09 14.24 32.92
CA ILE F 87 25.09 15.00 32.20
C ILE F 87 23.86 15.26 33.06
N THR F 88 23.42 14.25 33.80
CA THR F 88 22.26 14.42 34.65
C THR F 88 22.50 15.48 35.73
N TYR F 89 23.69 15.45 36.34
CA TYR F 89 24.01 16.45 37.35
C TYR F 89 24.08 17.84 36.71
N MET F 90 24.80 17.93 35.58
CA MET F 90 24.93 19.20 34.88
C MET F 90 23.60 19.79 34.41
N MET F 91 22.74 18.97 33.81
CA MET F 91 21.45 19.47 33.36
C MET F 91 20.63 19.95 34.56
N THR F 92 20.84 19.31 35.70
CA THR F 92 20.12 19.68 36.92
C THR F 92 20.67 20.98 37.46
N LEU F 93 21.99 21.10 37.46
CA LEU F 93 22.63 22.30 37.95
C LEU F 93 22.23 23.48 37.07
N GLU F 94 22.39 23.31 35.75
CA GLU F 94 22.06 24.37 34.80
C GLU F 94 20.62 24.82 34.98
N ASP F 95 19.75 23.87 35.27
CA ASP F 95 18.34 24.15 35.48
C ASP F 95 18.09 24.99 36.71
N HIS F 96 19.07 25.08 37.60
CA HIS F 96 18.89 25.88 38.80
C HIS F 96 19.44 27.31 38.65
N TYR F 97 19.88 27.63 37.45
CA TYR F 97 20.33 28.98 37.16
C TYR F 97 19.05 29.57 36.56
N HIS F 98 18.63 30.73 37.04
CA HIS F 98 17.41 31.37 36.55
C HIS F 98 17.55 31.96 35.17
N SER F 99 16.77 31.45 34.22
CA SER F 99 16.82 31.94 32.87
C SER F 99 16.28 33.37 32.79
N ASP F 100 15.47 33.76 33.78
CA ASP F 100 14.90 35.10 33.79
C ASP F 100 15.81 36.16 34.43
N VAL F 101 16.99 35.76 34.87
CA VAL F 101 17.94 36.70 35.45
C VAL F 101 18.83 37.08 34.28
N ALA F 102 18.91 38.38 34.00
CA ALA F 102 19.68 38.89 32.86
C ALA F 102 21.16 38.54 32.79
N TYR F 103 21.86 38.58 33.90
CA TYR F 103 23.28 38.28 33.86
C TYR F 103 23.68 36.95 34.53
N HIS F 104 23.33 36.80 35.80
CA HIS F 104 23.68 35.60 36.54
C HIS F 104 22.87 34.35 36.23
N ASN F 105 22.89 33.95 34.95
CA ASN F 105 22.22 32.75 34.48
C ASN F 105 23.29 31.76 34.02
N SER F 106 22.87 30.60 33.50
CA SER F 106 23.83 29.58 33.08
C SER F 106 24.90 30.07 32.10
N LEU F 107 24.59 31.05 31.28
CA LEU F 107 25.58 31.55 30.32
C LEU F 107 26.80 32.13 31.04
N HIS F 108 26.58 32.84 32.15
CA HIS F 108 27.67 33.41 32.92
C HIS F 108 28.49 32.27 33.54
N ALA F 109 27.80 31.27 34.07
CA ALA F 109 28.45 30.11 34.68
C ALA F 109 29.35 29.38 33.68
N ALA F 110 28.83 29.15 32.49
CA ALA F 110 29.58 28.46 31.43
C ALA F 110 30.81 29.30 31.09
N ASP F 111 30.63 30.61 31.08
CA ASP F 111 31.70 31.52 30.75
C ASP F 111 32.82 31.47 31.78
N VAL F 112 32.49 31.56 33.06
CA VAL F 112 33.49 31.50 34.11
C VAL F 112 34.16 30.12 34.13
N ALA F 113 33.38 29.08 33.85
CA ALA F 113 33.89 27.71 33.82
C ALA F 113 34.92 27.57 32.69
N GLN F 114 34.54 28.00 31.50
CA GLN F 114 35.43 27.93 30.35
C GLN F 114 36.65 28.83 30.54
N SER F 115 36.47 29.98 31.18
CA SER F 115 37.58 30.89 31.41
C SER F 115 38.57 30.32 32.41
N THR F 116 38.04 29.65 33.43
CA THR F 116 38.89 29.02 34.45
C THR F 116 39.68 27.89 33.76
N HIS F 117 39.01 27.18 32.86
CA HIS F 117 39.62 26.09 32.11
C HIS F 117 40.87 26.56 31.34
N VAL F 118 40.79 27.76 30.77
CA VAL F 118 41.91 28.32 30.03
C VAL F 118 43.01 28.79 30.97
N LEU F 119 42.63 29.48 32.03
CA LEU F 119 43.59 30.00 32.99
C LEU F 119 44.41 28.89 33.67
N LEU F 120 43.80 27.71 33.80
CA LEU F 120 44.49 26.58 34.43
C LEU F 120 45.63 26.10 33.55
N SER F 121 45.54 26.37 32.25
CA SER F 121 46.57 25.94 31.32
C SER F 121 47.60 27.01 31.00
N THR F 122 47.61 28.08 31.80
CA THR F 122 48.58 29.14 31.59
C THR F 122 49.96 28.52 31.81
N PRO F 123 50.87 28.63 30.81
CA PRO F 123 52.23 28.08 30.87
C PRO F 123 52.99 28.22 32.19
N ALA F 124 52.86 29.37 32.84
CA ALA F 124 53.58 29.61 34.09
C ALA F 124 53.12 28.74 35.26
N LEU F 125 51.91 28.21 35.17
CA LEU F 125 51.35 27.37 36.22
C LEU F 125 51.34 25.90 35.82
N ASP F 126 52.13 25.56 34.82
CA ASP F 126 52.19 24.18 34.36
C ASP F 126 52.70 23.20 35.42
N ALA F 127 52.05 22.05 35.50
CA ALA F 127 52.40 20.99 36.46
C ALA F 127 52.40 21.45 37.91
N VAL F 128 51.71 22.55 38.19
CA VAL F 128 51.64 23.08 39.54
C VAL F 128 50.45 22.50 40.32
N PHE F 129 49.31 22.35 39.65
CA PHE F 129 48.11 21.84 40.29
C PHE F 129 47.86 20.35 40.09
N THR F 130 47.29 19.73 41.11
CA THR F 130 46.96 18.30 41.09
C THR F 130 45.65 18.11 40.33
N ASP F 131 45.35 16.87 39.95
CA ASP F 131 44.12 16.60 39.22
C ASP F 131 42.90 16.96 40.05
N LEU F 132 42.98 16.76 41.36
CA LEU F 132 41.86 17.07 42.24
C LEU F 132 41.64 18.58 42.28
N GLU F 133 42.71 19.35 42.31
CA GLU F 133 42.60 20.80 42.38
C GLU F 133 41.99 21.34 41.07
N ILE F 134 42.34 20.72 39.96
CA ILE F 134 41.80 21.15 38.68
C ILE F 134 40.29 20.87 38.66
N LEU F 135 39.91 19.68 39.14
CA LEU F 135 38.52 19.28 39.20
C LEU F 135 37.74 20.25 40.11
N ALA F 136 38.35 20.61 41.24
CA ALA F 136 37.72 21.51 42.19
C ALA F 136 37.45 22.89 41.56
N ALA F 137 38.48 23.46 40.95
CA ALA F 137 38.38 24.77 40.33
C ALA F 137 37.27 24.85 39.30
N ILE F 138 37.26 23.93 38.34
CA ILE F 138 36.24 23.93 37.31
C ILE F 138 34.84 23.68 37.89
N PHE F 139 34.75 22.81 38.90
CA PHE F 139 33.46 22.54 39.50
C PHE F 139 32.97 23.78 40.24
N ALA F 140 33.90 24.43 40.93
CA ALA F 140 33.56 25.64 41.69
C ALA F 140 33.02 26.70 40.74
N ALA F 141 33.73 26.90 39.64
CA ALA F 141 33.33 27.88 38.63
C ALA F 141 31.91 27.63 38.12
N ALA F 142 31.58 26.37 37.87
CA ALA F 142 30.26 26.00 37.35
C ALA F 142 29.10 26.21 38.33
N ILE F 143 29.36 26.11 39.62
CA ILE F 143 28.29 26.29 40.60
C ILE F 143 28.37 27.63 41.33
N HIS F 144 29.42 28.41 41.05
CA HIS F 144 29.62 29.66 41.77
C HIS F 144 28.47 30.68 41.88
N ASP F 145 27.49 30.65 40.97
CA ASP F 145 26.37 31.58 41.06
C ASP F 145 25.02 30.87 40.89
N VAL F 146 24.98 29.56 41.07
CA VAL F 146 23.73 28.85 40.90
C VAL F 146 22.61 29.34 41.80
N ASP F 147 21.41 29.41 41.23
CA ASP F 147 20.21 29.85 41.93
C ASP F 147 20.30 31.30 42.40
N HIS F 148 21.01 32.13 41.63
CA HIS F 148 21.16 33.55 41.94
C HIS F 148 19.80 34.23 41.66
N PRO F 149 19.26 34.96 42.66
CA PRO F 149 17.96 35.63 42.48
C PRO F 149 17.97 36.87 41.61
N GLY F 150 19.15 37.42 41.33
CA GLY F 150 19.20 38.60 40.49
C GLY F 150 19.28 39.87 41.30
N VAL F 151 19.51 39.74 42.60
CA VAL F 151 19.63 40.88 43.50
C VAL F 151 20.88 40.66 44.36
N SER F 152 21.40 41.75 44.94
CA SER F 152 22.61 41.72 45.75
C SER F 152 22.44 41.17 47.17
N ASN F 153 23.56 40.97 47.85
CA ASN F 153 23.53 40.49 49.21
C ASN F 153 22.85 41.53 50.07
N GLN F 154 23.24 42.78 49.88
CA GLN F 154 22.65 43.88 50.65
C GLN F 154 21.12 43.93 50.49
N PHE F 155 20.62 43.64 49.30
CA PHE F 155 19.18 43.63 49.08
C PHE F 155 18.54 42.52 49.92
N LEU F 156 19.19 41.37 50.01
CA LEU F 156 18.65 40.26 50.79
C LEU F 156 18.65 40.59 52.27
N ILE F 157 19.70 41.28 52.74
CA ILE F 157 19.80 41.66 54.13
C ILE F 157 18.75 42.70 54.49
N ASN F 158 18.61 43.73 53.66
CA ASN F 158 17.64 44.79 53.92
C ASN F 158 16.19 44.34 53.91
N THR F 159 15.86 43.39 53.05
CA THR F 159 14.48 42.89 53.01
C THR F 159 14.31 41.84 54.10
N ASN F 160 15.39 41.59 54.84
CA ASN F 160 15.39 40.62 55.93
C ASN F 160 14.94 39.23 55.48
N SER F 161 15.50 38.75 54.37
CA SER F 161 15.13 37.45 53.84
C SER F 161 15.66 36.27 54.66
N GLU F 162 14.99 35.14 54.48
CA GLU F 162 15.33 33.90 55.16
C GLU F 162 16.79 33.53 54.94
N LEU F 163 17.29 33.78 53.73
CA LEU F 163 18.68 33.46 53.40
C LEU F 163 19.63 34.27 54.23
N ALA F 164 19.36 35.56 54.35
CA ALA F 164 20.22 36.44 55.12
C ALA F 164 20.28 35.98 56.57
N LEU F 165 19.14 35.67 57.16
CA LEU F 165 19.08 35.24 58.55
C LEU F 165 19.86 33.94 58.77
N MET F 166 19.66 33.03 57.83
CA MET F 166 20.30 31.72 57.80
C MET F 166 21.82 31.83 57.90
N TYR F 167 22.40 32.74 57.12
CA TYR F 167 23.85 32.90 57.10
C TYR F 167 24.36 34.14 57.84
N ASN F 168 23.54 34.67 58.74
CA ASN F 168 23.90 35.84 59.53
C ASN F 168 24.48 37.00 58.71
N ASP F 169 23.87 37.24 57.55
CA ASP F 169 24.25 38.32 56.64
C ASP F 169 25.66 38.25 56.06
N GLU F 170 26.37 37.15 56.33
CA GLU F 170 27.73 36.97 55.84
C GLU F 170 27.73 36.19 54.50
N SER F 171 28.27 36.80 53.45
CA SER F 171 28.32 36.19 52.10
C SER F 171 27.09 35.35 51.82
N VAL F 172 25.92 35.95 52.01
CA VAL F 172 24.66 35.25 51.81
C VAL F 172 24.51 34.49 50.51
N LEU F 173 24.57 35.18 49.38
CA LEU F 173 24.42 34.52 48.10
C LEU F 173 25.47 33.42 47.90
N GLU F 174 26.73 33.75 48.17
CA GLU F 174 27.81 32.80 48.00
C GLU F 174 27.59 31.50 48.81
N ASN F 175 27.17 31.65 50.06
CA ASN F 175 26.90 30.48 50.90
C ASN F 175 25.77 29.67 50.28
N HIS F 176 24.79 30.37 49.74
CA HIS F 176 23.64 29.73 49.12
C HIS F 176 24.07 28.99 47.85
N HIS F 177 24.97 29.58 47.07
CA HIS F 177 25.44 28.95 45.86
C HIS F 177 26.09 27.60 46.21
N LEU F 178 26.92 27.60 47.26
CA LEU F 178 27.58 26.39 47.71
C LEU F 178 26.57 25.32 48.13
N ALA F 179 25.60 25.73 48.95
CA ALA F 179 24.59 24.82 49.46
C ALA F 179 23.82 24.12 48.33
N VAL F 180 23.38 24.90 47.35
CA VAL F 180 22.64 24.33 46.23
C VAL F 180 23.53 23.43 45.37
N GLY F 181 24.73 23.92 45.06
CA GLY F 181 25.64 23.16 44.23
C GLY F 181 25.87 21.76 44.77
N PHE F 182 26.18 21.67 46.06
CA PHE F 182 26.44 20.38 46.69
C PHE F 182 25.18 19.55 46.90
N LYS F 183 24.12 20.19 47.35
CA LYS F 183 22.86 19.50 47.62
C LYS F 183 22.31 18.78 46.39
N LEU F 184 22.60 19.31 45.20
CA LEU F 184 22.08 18.69 44.00
C LEU F 184 22.77 17.38 43.67
N LEU F 185 23.94 17.17 44.26
CA LEU F 185 24.67 15.93 44.04
C LEU F 185 23.83 14.77 44.56
N GLN F 186 22.90 15.09 45.46
CA GLN F 186 22.03 14.08 46.07
C GLN F 186 20.79 13.70 45.27
N GLU F 187 20.48 14.42 44.19
CA GLU F 187 19.30 14.04 43.43
C GLU F 187 19.64 12.75 42.67
N GLU F 188 18.60 12.07 42.19
CA GLU F 188 18.76 10.80 41.48
C GLU F 188 19.76 10.84 40.32
N HIS F 189 20.82 10.02 40.42
CA HIS F 189 21.86 9.90 39.39
C HIS F 189 22.68 11.17 39.16
N CYS F 190 22.92 11.92 40.24
CA CYS F 190 23.66 13.17 40.12
C CYS F 190 24.98 13.23 40.88
N ASP F 191 25.30 12.17 41.63
CA ASP F 191 26.53 12.22 42.42
C ASP F 191 27.80 11.92 41.64
N ILE F 192 28.33 12.97 40.99
CA ILE F 192 29.54 12.84 40.21
C ILE F 192 30.79 12.65 41.06
N PHE F 193 30.63 12.58 42.38
CA PHE F 193 31.79 12.35 43.24
C PHE F 193 31.65 11.01 43.95
N MET F 194 30.65 10.25 43.52
CA MET F 194 30.35 8.95 44.07
C MET F 194 31.56 8.02 44.21
N ASN F 195 32.46 8.04 43.23
CA ASN F 195 33.64 7.18 43.26
C ASN F 195 34.91 7.88 43.72
N LEU F 196 34.77 9.07 44.27
CA LEU F 196 35.92 9.82 44.77
C LEU F 196 36.17 9.25 46.16
N THR F 197 37.42 9.05 46.56
CA THR F 197 37.66 8.50 47.89
C THR F 197 37.22 9.49 48.95
N LYS F 198 36.96 8.99 50.15
CA LYS F 198 36.53 9.82 51.27
C LYS F 198 37.48 10.98 51.52
N LYS F 199 38.76 10.67 51.63
CA LYS F 199 39.75 11.70 51.88
C LYS F 199 39.69 12.79 50.81
N GLN F 200 39.59 12.39 49.55
CA GLN F 200 39.54 13.37 48.48
C GLN F 200 38.23 14.16 48.37
N ARG F 201 37.11 13.57 48.78
CA ARG F 201 35.84 14.32 48.71
C ARG F 201 35.92 15.39 49.79
N GLN F 202 36.63 15.06 50.86
CA GLN F 202 36.80 15.96 51.98
C GLN F 202 37.64 17.15 51.54
N THR F 203 38.73 16.87 50.83
CA THR F 203 39.62 17.90 50.35
C THR F 203 38.97 18.79 49.27
N LEU F 204 38.20 18.17 48.39
CA LEU F 204 37.55 18.90 47.31
C LEU F 204 36.47 19.83 47.83
N ARG F 205 35.74 19.38 48.85
CA ARG F 205 34.68 20.18 49.45
C ARG F 205 35.31 21.43 50.04
N LYS F 206 36.41 21.26 50.76
CA LYS F 206 37.08 22.39 51.36
C LYS F 206 37.58 23.39 50.32
N MET F 207 38.13 22.90 49.22
CA MET F 207 38.63 23.77 48.16
C MET F 207 37.51 24.52 47.45
N VAL F 208 36.41 23.85 47.17
CA VAL F 208 35.29 24.50 46.49
C VAL F 208 34.71 25.60 47.38
N ILE F 209 34.62 25.34 48.67
CA ILE F 209 34.10 26.33 49.60
C ILE F 209 34.97 27.60 49.57
N ASP F 210 36.29 27.44 49.64
CA ASP F 210 37.16 28.62 49.60
C ASP F 210 37.02 29.41 48.31
N MET F 211 36.93 28.70 47.19
CA MET F 211 36.82 29.36 45.90
C MET F 211 35.50 30.10 45.68
N VAL F 212 34.38 29.44 45.98
CA VAL F 212 33.09 30.10 45.79
C VAL F 212 32.92 31.27 46.76
N LEU F 213 33.37 31.12 48.00
CA LEU F 213 33.25 32.21 48.96
C LEU F 213 34.12 33.39 48.54
N ALA F 214 35.18 33.09 47.80
CA ALA F 214 36.08 34.13 47.33
C ALA F 214 35.48 34.97 46.21
N THR F 215 34.37 34.52 45.63
CA THR F 215 33.75 35.29 44.56
C THR F 215 32.89 36.44 45.10
N ASP F 216 32.86 36.61 46.41
CA ASP F 216 32.11 37.70 47.04
C ASP F 216 32.93 39.00 46.91
N MET F 217 32.41 39.97 46.16
CA MET F 217 33.11 41.23 45.94
C MET F 217 33.64 41.94 47.18
N SER F 218 32.97 41.78 48.31
CA SER F 218 33.43 42.44 49.52
C SER F 218 34.78 41.90 49.96
N LYS F 219 35.22 40.81 49.35
CA LYS F 219 36.50 40.20 49.71
C LYS F 219 37.57 40.48 48.67
N HIS F 220 37.19 41.18 47.61
CA HIS F 220 38.13 41.51 46.53
C HIS F 220 39.43 42.15 47.01
N MET F 221 39.33 43.18 47.84
CA MET F 221 40.53 43.86 48.33
C MET F 221 41.49 42.95 49.07
N SER F 222 40.98 42.18 50.03
CA SER F 222 41.83 41.29 50.81
C SER F 222 42.41 40.18 49.92
N LEU F 223 41.65 39.78 48.92
CA LEU F 223 42.08 38.72 48.01
C LEU F 223 43.23 39.25 47.15
N LEU F 224 43.10 40.51 46.73
CA LEU F 224 44.11 41.18 45.90
C LEU F 224 45.40 41.40 46.69
N ALA F 225 45.24 41.71 47.97
CA ALA F 225 46.40 41.92 48.84
C ALA F 225 47.24 40.63 48.84
N ASP F 226 46.57 39.50 49.12
CA ASP F 226 47.24 38.20 49.15
C ASP F 226 47.91 37.86 47.82
N LEU F 227 47.22 38.12 46.72
CA LEU F 227 47.82 37.83 45.41
C LEU F 227 49.08 38.66 45.19
N LYS F 228 49.10 39.87 45.74
CA LYS F 228 50.27 40.73 45.59
C LYS F 228 51.43 40.17 46.40
N THR F 229 51.13 39.64 47.58
CA THR F 229 52.15 39.04 48.43
C THR F 229 52.74 37.82 47.73
N MET F 230 51.90 37.13 46.96
CA MET F 230 52.34 35.96 46.21
C MET F 230 53.34 36.37 45.12
N VAL F 231 53.06 37.49 44.46
CA VAL F 231 53.94 37.99 43.40
C VAL F 231 55.26 38.48 43.99
N GLU F 232 55.16 39.15 45.14
CA GLU F 232 56.35 39.65 45.83
C GLU F 232 57.30 38.53 46.20
N THR F 233 56.76 37.44 46.74
CA THR F 233 57.56 36.31 47.18
C THR F 233 57.64 35.14 46.18
N LYS F 234 57.20 35.35 44.95
CA LYS F 234 57.21 34.26 43.98
C LYS F 234 58.57 33.68 43.65
N LYS F 235 58.60 32.36 43.53
CA LYS F 235 59.81 31.62 43.19
C LYS F 235 59.52 31.03 41.82
N VAL F 236 60.53 30.88 40.99
CA VAL F 236 60.32 30.35 39.65
C VAL F 236 61.45 29.41 39.21
N THR F 237 61.11 28.45 38.37
CA THR F 237 62.10 27.50 37.87
C THR F 237 62.94 28.12 36.78
N SER F 238 63.96 27.38 36.34
CA SER F 238 64.84 27.83 35.28
C SER F 238 64.03 28.11 34.01
N SER F 239 63.03 27.29 33.76
CA SER F 239 62.18 27.43 32.57
C SER F 239 61.32 28.68 32.65
N GLY F 240 60.95 29.07 33.86
CA GLY F 240 60.11 30.25 34.04
C GLY F 240 58.74 29.87 34.54
N VAL F 241 58.66 28.69 35.16
CA VAL F 241 57.39 28.19 35.69
C VAL F 241 57.33 28.47 37.18
N LEU F 242 56.15 28.84 37.66
CA LEU F 242 55.95 29.14 39.08
C LEU F 242 56.24 27.95 39.98
N LEU F 243 56.66 28.26 41.19
CA LEU F 243 56.96 27.25 42.19
C LEU F 243 56.04 27.49 43.37
N LEU F 244 55.04 26.63 43.52
CA LEU F 244 54.09 26.74 44.63
C LEU F 244 54.14 25.46 45.44
N ASP F 245 55.17 25.40 46.28
CA ASP F 245 55.46 24.28 47.14
C ASP F 245 54.34 23.82 48.07
N ASN F 246 53.70 24.75 48.77
CA ASN F 246 52.63 24.41 49.71
C ASN F 246 51.21 24.54 49.20
N TYR F 247 50.32 23.71 49.74
CA TYR F 247 48.91 23.76 49.37
C TYR F 247 48.38 25.13 49.75
N THR F 248 48.87 25.65 50.88
CA THR F 248 48.46 26.95 51.37
C THR F 248 48.60 28.01 50.27
N ASP F 249 49.66 27.89 49.47
CA ASP F 249 49.89 28.85 48.41
C ASP F 249 49.11 28.52 47.15
N ARG F 250 48.96 27.25 46.83
CA ARG F 250 48.20 26.87 45.65
C ARG F 250 46.73 27.30 45.76
N ILE F 251 46.15 27.16 46.95
CA ILE F 251 44.76 27.54 47.15
C ILE F 251 44.57 29.05 47.03
N GLN F 252 45.53 29.83 47.52
CA GLN F 252 45.44 31.30 47.41
C GLN F 252 45.41 31.69 45.94
N VAL F 253 46.23 31.03 45.13
CA VAL F 253 46.27 31.31 43.69
C VAL F 253 44.98 30.88 42.99
N LEU F 254 44.43 29.73 43.38
CA LEU F 254 43.19 29.22 42.80
C LEU F 254 42.01 30.12 43.13
N ARG F 255 42.01 30.66 44.35
CA ARG F 255 40.93 31.55 44.77
C ARG F 255 40.97 32.77 43.86
N ASN F 256 42.18 33.29 43.61
CA ASN F 256 42.35 34.45 42.76
C ASN F 256 42.08 34.11 41.31
N MET F 257 42.35 32.88 40.91
CA MET F 257 42.12 32.47 39.53
C MET F 257 40.63 32.50 39.20
N VAL F 258 39.81 31.90 40.06
CA VAL F 258 38.36 31.88 39.83
C VAL F 258 37.80 33.31 39.92
N HIS F 259 38.38 34.12 40.81
CA HIS F 259 37.95 35.50 40.98
C HIS F 259 38.23 36.25 39.69
N CYS F 260 39.37 35.96 39.08
CA CYS F 260 39.76 36.60 37.82
C CYS F 260 38.82 36.19 36.70
N ALA F 261 38.44 34.92 36.69
CA ALA F 261 37.53 34.43 35.65
C ALA F 261 36.18 35.10 35.83
N ASP F 262 35.76 35.27 37.08
CA ASP F 262 34.48 35.90 37.38
C ASP F 262 34.50 37.35 36.87
N LEU F 263 35.69 37.97 36.90
CA LEU F 263 35.87 39.34 36.43
C LEU F 263 36.66 39.38 35.11
N SER F 264 36.30 38.53 34.17
CA SER F 264 37.02 38.47 32.89
C SER F 264 36.32 39.11 31.69
N ASN F 265 35.09 39.57 31.89
CA ASN F 265 34.33 40.19 30.80
C ASN F 265 35.11 41.30 30.09
N PRO F 266 35.65 42.27 30.84
CA PRO F 266 36.40 43.34 30.18
C PRO F 266 37.67 42.89 29.46
N THR F 267 38.08 41.64 29.64
CA THR F 267 39.29 41.17 28.98
C THR F 267 39.01 40.37 27.71
N LYS F 268 37.75 40.09 27.44
CA LYS F 268 37.39 39.34 26.23
C LYS F 268 37.33 40.31 25.05
N SER F 269 37.09 39.79 23.85
CA SER F 269 36.98 40.66 22.68
C SER F 269 35.86 41.65 22.93
N LEU F 270 36.02 42.87 22.42
CA LEU F 270 35.01 43.92 22.60
C LEU F 270 33.60 43.46 22.27
N GLU F 271 33.50 42.62 21.25
CA GLU F 271 32.20 42.10 20.81
C GLU F 271 31.47 41.37 21.95
N LEU F 272 32.20 40.49 22.63
CA LEU F 272 31.63 39.74 23.75
C LEU F 272 31.37 40.66 24.94
N TYR F 273 32.40 41.39 25.35
CA TYR F 273 32.33 42.33 26.47
C TYR F 273 31.12 43.25 26.40
N ARG F 274 30.81 43.77 25.22
CA ARG F 274 29.66 44.66 25.09
C ARG F 274 28.36 43.94 25.42
N GLN F 275 28.26 42.67 25.04
CA GLN F 275 27.06 41.90 25.33
C GLN F 275 26.95 41.64 26.84
N TRP F 276 28.08 41.41 27.49
CA TRP F 276 28.09 41.18 28.93
C TRP F 276 27.63 42.43 29.66
N THR F 277 28.13 43.58 29.20
CA THR F 277 27.77 44.85 29.84
C THR F 277 26.27 45.10 29.73
N ASP F 278 25.69 44.78 28.57
CA ASP F 278 24.25 44.97 28.40
C ASP F 278 23.46 44.13 29.39
N ARG F 279 23.95 42.92 29.62
CA ARG F 279 23.27 42.02 30.56
C ARG F 279 23.41 42.46 32.01
N ILE F 280 24.62 42.84 32.41
CA ILE F 280 24.80 43.26 33.79
C ILE F 280 23.99 44.51 34.09
N MET F 281 23.94 45.45 33.15
CA MET F 281 23.18 46.69 33.36
C MET F 281 21.71 46.35 33.48
N GLU F 282 21.24 45.48 32.61
CA GLU F 282 19.85 45.05 32.61
C GLU F 282 19.48 44.44 33.96
N GLU F 283 20.37 43.65 34.53
CA GLU F 283 20.10 43.01 35.81
C GLU F 283 20.08 44.06 36.92
N PHE F 284 21.04 44.97 36.88
CA PHE F 284 21.12 46.04 37.88
C PHE F 284 19.84 46.86 37.90
N PHE F 285 19.27 47.14 36.72
CA PHE F 285 18.03 47.91 36.65
C PHE F 285 16.85 47.10 37.17
N GLN F 286 16.84 45.79 36.94
CA GLN F 286 15.75 44.96 37.46
C GLN F 286 15.74 45.11 38.97
N GLN F 287 16.91 45.12 39.59
CA GLN F 287 16.97 45.26 41.03
C GLN F 287 16.48 46.65 41.38
N GLY F 288 16.94 47.63 40.61
CA GLY F 288 16.53 49.01 40.80
C GLY F 288 15.02 49.13 40.83
N ASP F 289 14.37 48.49 39.86
CA ASP F 289 12.92 48.54 39.80
C ASP F 289 12.34 47.87 41.05
N LYS F 290 12.89 46.71 41.43
CA LYS F 290 12.41 46.00 42.62
C LYS F 290 12.52 46.88 43.87
N GLU F 291 13.60 47.64 43.97
CA GLU F 291 13.81 48.50 45.14
C GLU F 291 12.83 49.66 45.12
N ARG F 292 12.83 50.42 44.02
CA ARG F 292 11.94 51.57 43.85
C ARG F 292 10.51 51.08 44.10
N GLU F 293 10.28 49.82 43.76
CA GLU F 293 8.99 49.17 43.92
C GLU F 293 8.66 49.03 45.41
N ARG F 294 9.42 48.19 46.10
CA ARG F 294 9.22 47.91 47.52
C ARG F 294 9.38 49.09 48.48
N GLY F 295 9.62 50.28 47.92
CA GLY F 295 9.77 51.46 48.75
C GLY F 295 11.19 51.69 49.22
N MET F 296 12.08 50.77 48.82
CA MET F 296 13.47 50.89 49.21
C MET F 296 14.14 51.97 48.36
N GLU F 297 15.36 52.32 48.74
CA GLU F 297 16.11 53.33 48.02
C GLU F 297 17.02 52.68 47.00
N ILE F 298 16.97 53.20 45.77
CA ILE F 298 17.77 52.66 44.67
C ILE F 298 19.25 52.53 45.04
N SER F 299 19.87 51.43 44.62
CA SER F 299 21.27 51.17 44.88
C SER F 299 22.12 51.73 43.75
N PRO F 300 23.44 51.85 43.97
CA PRO F 300 24.33 52.38 42.94
C PRO F 300 24.23 51.66 41.59
N MET F 301 24.18 52.45 40.52
CA MET F 301 24.11 51.91 39.16
C MET F 301 22.89 51.05 38.87
N CYS F 302 21.87 51.14 39.71
CA CYS F 302 20.65 50.36 39.51
C CYS F 302 19.51 51.27 39.07
N ASP F 303 19.82 52.55 38.91
CA ASP F 303 18.82 53.52 38.49
C ASP F 303 18.94 53.75 36.99
N LYS F 304 17.92 53.34 36.24
CA LYS F 304 17.96 53.54 34.81
C LYS F 304 17.91 55.05 34.50
N HIS F 305 17.35 55.81 35.44
CA HIS F 305 17.21 57.26 35.27
C HIS F 305 18.50 58.04 35.50
N THR F 306 19.59 57.37 35.86
CA THR F 306 20.85 58.06 36.07
C THR F 306 22.02 57.20 35.62
N ALA F 307 21.74 56.14 34.86
CA ALA F 307 22.81 55.25 34.44
C ALA F 307 23.77 55.86 33.43
N SER F 308 25.05 55.57 33.65
CA SER F 308 26.11 56.03 32.75
C SER F 308 27.00 54.82 32.46
N VAL F 309 26.46 53.93 31.63
CA VAL F 309 27.12 52.69 31.25
C VAL F 309 28.60 52.82 30.86
N GLU F 310 28.90 53.66 29.88
CA GLU F 310 30.27 53.82 29.43
C GLU F 310 31.20 54.28 30.55
N LYS F 311 30.76 55.26 31.33
CA LYS F 311 31.58 55.77 32.42
C LYS F 311 31.80 54.71 33.47
N SER F 312 30.73 54.02 33.84
CA SER F 312 30.81 52.97 34.85
C SER F 312 31.83 51.88 34.47
N GLN F 313 31.79 51.44 33.23
CA GLN F 313 32.73 50.42 32.79
C GLN F 313 34.17 50.90 32.92
N VAL F 314 34.43 52.14 32.54
CA VAL F 314 35.79 52.68 32.65
C VAL F 314 36.20 52.75 34.11
N GLY F 315 35.25 53.07 34.98
CA GLY F 315 35.57 53.14 36.39
C GLY F 315 35.83 51.75 36.94
N PHE F 316 34.98 50.81 36.54
CA PHE F 316 35.06 49.42 36.94
C PHE F 316 36.46 48.88 36.59
N ILE F 317 36.90 49.14 35.36
CA ILE F 317 38.21 48.66 34.93
C ILE F 317 39.36 49.29 35.73
N ASP F 318 39.33 50.61 35.93
CA ASP F 318 40.40 51.26 36.68
C ASP F 318 40.41 51.01 38.17
N TYR F 319 39.24 50.74 38.73
CA TYR F 319 39.13 50.51 40.17
C TYR F 319 39.26 49.04 40.61
N ILE F 320 38.80 48.12 39.76
CA ILE F 320 38.84 46.70 40.12
C ILE F 320 39.50 45.76 39.11
N VAL F 321 38.95 45.71 37.90
CA VAL F 321 39.48 44.81 36.89
C VAL F 321 40.97 44.96 36.59
N HIS F 322 41.40 46.15 36.18
CA HIS F 322 42.80 46.36 35.85
C HIS F 322 43.76 46.03 37.00
N PRO F 323 43.46 46.52 38.23
CA PRO F 323 44.36 46.21 39.33
C PRO F 323 44.52 44.70 39.54
N LEU F 324 43.42 43.97 39.49
CA LEU F 324 43.46 42.51 39.67
C LEU F 324 44.25 41.83 38.56
N TRP F 325 43.87 42.08 37.31
CA TRP F 325 44.57 41.45 36.20
C TRP F 325 46.02 41.87 36.04
N GLU F 326 46.34 43.06 36.52
CA GLU F 326 47.72 43.55 36.44
C GLU F 326 48.57 42.70 37.37
N THR F 327 48.03 42.42 38.56
CA THR F 327 48.72 41.61 39.55
C THR F 327 48.82 40.17 39.06
N TRP F 328 47.74 39.65 38.47
CA TRP F 328 47.76 38.29 37.96
C TRP F 328 48.77 38.15 36.84
N ALA F 329 48.80 39.13 35.93
CA ALA F 329 49.73 39.12 34.80
C ALA F 329 51.16 39.10 35.33
N ASP F 330 51.37 39.74 36.47
CA ASP F 330 52.67 39.81 37.12
C ASP F 330 53.11 38.41 37.54
N LEU F 331 52.17 37.68 38.15
CA LEU F 331 52.43 36.34 38.64
C LEU F 331 52.72 35.34 37.51
N VAL F 332 51.87 35.34 36.47
CA VAL F 332 52.04 34.40 35.37
C VAL F 332 52.86 34.97 34.20
N GLN F 333 53.45 36.13 34.43
CA GLN F 333 54.27 36.83 33.46
C GLN F 333 55.13 35.88 32.60
N PRO F 334 55.09 36.05 31.27
CA PRO F 334 54.33 37.04 30.49
C PRO F 334 53.08 36.46 29.83
N ASP F 335 52.48 35.45 30.44
CA ASP F 335 51.31 34.79 29.86
C ASP F 335 50.05 35.65 29.68
N ALA F 336 49.86 36.65 30.52
CA ALA F 336 48.65 37.46 30.42
C ALA F 336 48.81 38.80 29.71
N GLN F 337 49.90 38.95 28.95
CA GLN F 337 50.13 40.21 28.26
C GLN F 337 49.00 40.56 27.29
N ASP F 338 48.58 39.59 26.48
CA ASP F 338 47.50 39.83 25.52
C ASP F 338 46.18 40.17 26.21
N ILE F 339 45.95 39.60 27.38
CA ILE F 339 44.72 39.88 28.11
C ILE F 339 44.78 41.32 28.60
N LEU F 340 45.96 41.74 29.05
CA LEU F 340 46.15 43.10 29.53
C LEU F 340 45.95 44.08 28.36
N ASP F 341 46.57 43.76 27.22
CA ASP F 341 46.44 44.61 26.03
C ASP F 341 44.99 44.77 25.63
N THR F 342 44.26 43.67 25.60
CA THR F 342 42.85 43.72 25.23
C THR F 342 42.06 44.52 26.25
N LEU F 343 42.40 44.36 27.53
CA LEU F 343 41.69 45.09 28.57
C LEU F 343 41.89 46.58 28.35
N GLU F 344 43.12 46.97 28.02
CA GLU F 344 43.44 48.38 27.79
C GLU F 344 42.67 48.96 26.59
N ASP F 345 42.57 48.19 25.51
CA ASP F 345 41.84 48.66 24.34
C ASP F 345 40.36 48.83 24.64
N ASN F 346 39.76 47.81 25.25
CA ASN F 346 38.33 47.89 25.57
C ASN F 346 38.07 49.06 26.50
N ARG F 347 39.01 49.32 27.40
CA ARG F 347 38.84 50.41 28.34
C ARG F 347 38.73 51.71 27.57
N ASN F 348 39.68 51.93 26.68
CA ASN F 348 39.69 53.16 25.90
C ASN F 348 38.52 53.27 24.92
N TRP F 349 37.99 52.13 24.47
CA TRP F 349 36.85 52.15 23.55
C TRP F 349 35.65 52.73 24.30
N TYR F 350 35.41 52.23 25.51
CA TYR F 350 34.30 52.72 26.32
C TYR F 350 34.50 54.17 26.72
N GLN F 351 35.76 54.55 26.94
CA GLN F 351 36.09 55.91 27.34
C GLN F 351 35.75 56.85 26.17
N SER F 352 36.08 56.41 24.96
CA SER F 352 35.82 57.19 23.75
C SER F 352 34.33 57.16 23.37
N MET F 353 33.53 56.41 24.11
CA MET F 353 32.10 56.34 23.83
C MET F 353 31.31 57.17 24.84
N ILE F 354 32.00 57.83 25.75
CA ILE F 354 31.34 58.69 26.73
C ILE F 354 31.01 60.02 26.06
N PRO F 355 29.87 60.62 26.39
CA PRO F 355 29.54 61.90 25.75
C PRO F 355 30.50 63.06 26.05
N GLN F 356 30.42 64.10 25.22
CA GLN F 356 31.22 65.33 25.31
C GLN F 356 32.73 65.17 25.39
N ARG G 25 33.17 -28.59 -51.29
CA ARG G 25 32.99 -27.15 -50.96
C ARG G 25 32.10 -26.95 -49.72
N PHE G 26 31.40 -28.02 -49.32
CA PHE G 26 30.53 -27.98 -48.16
C PHE G 26 31.31 -27.87 -46.86
N GLY G 27 32.62 -28.06 -46.94
CA GLY G 27 33.44 -27.99 -45.75
C GLY G 27 33.19 -29.19 -44.84
N VAL G 28 32.30 -30.09 -45.25
CA VAL G 28 31.99 -31.28 -44.47
C VAL G 28 33.23 -32.16 -44.35
N ASN G 29 33.45 -32.71 -43.17
CA ASN G 29 34.61 -33.55 -42.92
C ASN G 29 34.46 -34.97 -43.45
N THR G 30 35.58 -35.65 -43.63
CA THR G 30 35.61 -37.02 -44.14
C THR G 30 34.75 -37.97 -43.32
N GLU G 31 34.85 -37.86 -42.00
CA GLU G 31 34.07 -38.72 -41.10
C GLU G 31 32.58 -38.52 -41.33
N ASN G 32 32.15 -37.27 -41.23
CA ASN G 32 30.76 -36.89 -41.42
C ASN G 32 30.26 -37.26 -42.82
N GLU G 33 31.17 -37.30 -43.79
CA GLU G 33 30.78 -37.64 -45.15
C GLU G 33 30.10 -39.00 -45.20
N ASP G 34 30.60 -39.92 -44.40
CA ASP G 34 30.03 -41.26 -44.33
C ASP G 34 28.69 -41.23 -43.63
N HIS G 35 28.65 -40.58 -42.47
CA HIS G 35 27.43 -40.45 -41.70
C HIS G 35 26.35 -39.73 -42.50
N LEU G 36 26.74 -38.63 -43.13
CA LEU G 36 25.82 -37.83 -43.92
C LEU G 36 25.30 -38.62 -45.12
N ALA G 37 26.18 -39.40 -45.73
CA ALA G 37 25.81 -40.20 -46.88
C ALA G 37 24.80 -41.26 -46.44
N LYS G 38 24.98 -41.79 -45.23
CA LYS G 38 24.07 -42.81 -44.73
C LYS G 38 22.70 -42.19 -44.50
N GLU G 39 22.68 -41.04 -43.83
CA GLU G 39 21.44 -40.35 -43.53
C GLU G 39 20.66 -40.05 -44.80
N LEU G 40 21.38 -39.70 -45.87
CA LEU G 40 20.73 -39.37 -47.13
C LEU G 40 20.13 -40.58 -47.86
N GLU G 41 20.27 -41.77 -47.28
CA GLU G 41 19.69 -42.96 -47.89
C GLU G 41 18.17 -42.83 -47.76
N ASP G 42 17.75 -42.10 -46.73
CA ASP G 42 16.33 -41.90 -46.46
C ASP G 42 15.77 -40.70 -47.21
N LEU G 43 16.55 -40.18 -48.16
CA LEU G 43 16.14 -39.01 -48.92
C LEU G 43 14.72 -39.07 -49.47
N ASN G 44 14.31 -40.22 -49.97
CA ASN G 44 12.98 -40.37 -50.53
C ASN G 44 11.97 -40.91 -49.52
N LYS G 45 12.37 -40.97 -48.26
CA LYS G 45 11.50 -41.48 -47.20
C LYS G 45 11.00 -40.39 -46.25
N TRP G 46 9.75 -40.53 -45.83
CA TRP G 46 9.12 -39.59 -44.90
C TRP G 46 9.87 -39.63 -43.56
N GLY G 47 10.60 -40.71 -43.33
CA GLY G 47 11.33 -40.87 -42.08
C GLY G 47 12.72 -40.29 -42.03
N LEU G 48 13.10 -39.49 -43.02
CA LEU G 48 14.43 -38.90 -43.02
C LEU G 48 14.58 -37.98 -41.82
N ASN G 49 15.71 -38.09 -41.13
CA ASN G 49 15.95 -37.25 -39.96
C ASN G 49 16.81 -36.07 -40.40
N ILE G 50 16.15 -34.95 -40.68
CA ILE G 50 16.82 -33.74 -41.13
C ILE G 50 17.73 -33.13 -40.06
N PHE G 51 17.43 -33.39 -38.79
CA PHE G 51 18.24 -32.88 -37.69
C PHE G 51 19.66 -33.42 -37.78
N ASN G 52 19.79 -34.73 -38.04
CA ASN G 52 21.10 -35.35 -38.15
C ASN G 52 21.83 -34.83 -39.39
N VAL G 53 21.09 -34.62 -40.48
CA VAL G 53 21.67 -34.10 -41.71
C VAL G 53 22.33 -32.75 -41.40
N ALA G 54 21.71 -31.95 -40.54
CA ALA G 54 22.25 -30.65 -40.18
C ALA G 54 23.58 -30.83 -39.44
N GLY G 55 23.57 -31.76 -38.50
CA GLY G 55 24.76 -32.03 -37.71
C GLY G 55 25.94 -32.54 -38.51
N TYR G 56 25.68 -33.13 -39.67
CA TYR G 56 26.76 -33.64 -40.51
C TYR G 56 27.12 -32.77 -41.71
N SER G 57 26.59 -31.56 -41.75
CA SER G 57 26.88 -30.65 -42.86
C SER G 57 27.21 -29.24 -42.39
N HIS G 58 27.79 -29.14 -41.20
CA HIS G 58 28.14 -27.86 -40.62
C HIS G 58 26.93 -26.96 -40.61
N ASN G 59 25.80 -27.56 -40.22
CA ASN G 59 24.53 -26.87 -40.12
C ASN G 59 24.10 -26.16 -41.40
N ARG G 60 24.13 -26.90 -42.50
CA ARG G 60 23.71 -26.38 -43.79
C ARG G 60 22.74 -27.40 -44.39
N PRO G 61 21.69 -27.76 -43.63
CA PRO G 61 20.71 -28.74 -44.12
C PRO G 61 19.97 -28.37 -45.38
N LEU G 62 19.61 -27.11 -45.54
CA LEU G 62 18.88 -26.69 -46.71
C LEU G 62 19.69 -26.88 -47.99
N THR G 63 20.91 -26.36 -48.00
CA THR G 63 21.78 -26.48 -49.16
C THR G 63 22.05 -27.96 -49.43
N CYS G 64 22.38 -28.68 -48.36
CA CYS G 64 22.67 -30.09 -48.47
C CYS G 64 21.48 -30.89 -49.01
N ILE G 65 20.35 -30.83 -48.32
CA ILE G 65 19.18 -31.57 -48.76
C ILE G 65 18.67 -31.17 -50.15
N MET G 66 18.82 -29.91 -50.50
CA MET G 66 18.35 -29.46 -51.81
C MET G 66 19.20 -30.04 -52.92
N TYR G 67 20.52 -30.06 -52.72
CA TYR G 67 21.45 -30.59 -53.71
C TYR G 67 21.14 -32.07 -53.93
N ALA G 68 20.93 -32.81 -52.85
CA ALA G 68 20.63 -34.23 -52.92
C ALA G 68 19.34 -34.45 -53.72
N ILE G 69 18.32 -33.65 -53.43
CA ILE G 69 17.04 -33.76 -54.12
C ILE G 69 17.19 -33.42 -55.60
N PHE G 70 17.96 -32.38 -55.91
CA PHE G 70 18.13 -31.99 -57.30
C PHE G 70 18.87 -33.01 -58.16
N GLN G 71 19.78 -33.77 -57.55
CA GLN G 71 20.51 -34.79 -58.28
C GLN G 71 19.59 -35.99 -58.47
N GLU G 72 18.91 -36.38 -57.39
CA GLU G 72 17.97 -37.49 -57.40
C GLU G 72 16.92 -37.33 -58.50
N ARG G 73 16.53 -36.09 -58.77
CA ARG G 73 15.53 -35.83 -59.79
C ARG G 73 16.14 -35.37 -61.10
N ASP G 74 17.46 -35.38 -61.14
CA ASP G 74 18.18 -34.96 -62.35
C ASP G 74 17.76 -33.58 -62.83
N LEU G 75 17.39 -32.71 -61.90
CA LEU G 75 16.95 -31.35 -62.24
C LEU G 75 18.08 -30.46 -62.75
N LEU G 76 19.28 -30.64 -62.19
CA LEU G 76 20.41 -29.85 -62.63
C LEU G 76 20.64 -30.02 -64.14
N LYS G 77 20.58 -31.26 -64.60
CA LYS G 77 20.77 -31.57 -66.03
C LYS G 77 19.62 -31.05 -66.87
N THR G 78 18.39 -31.34 -66.43
CA THR G 78 17.19 -30.93 -67.16
C THR G 78 17.10 -29.44 -67.42
N PHE G 79 17.52 -28.63 -66.44
CA PHE G 79 17.44 -27.19 -66.57
C PHE G 79 18.77 -26.48 -66.70
N ARG G 80 19.80 -27.25 -67.03
CA ARG G 80 21.14 -26.72 -67.24
C ARG G 80 21.65 -25.78 -66.14
N ILE G 81 21.63 -26.28 -64.92
CA ILE G 81 22.08 -25.53 -63.76
C ILE G 81 23.39 -26.18 -63.30
N SER G 82 24.49 -25.45 -63.39
CA SER G 82 25.77 -26.01 -62.96
C SER G 82 25.77 -26.15 -61.44
N SER G 83 26.57 -27.06 -60.92
CA SER G 83 26.64 -27.25 -59.48
C SER G 83 27.13 -25.96 -58.84
N ASP G 84 28.00 -25.27 -59.56
CA ASP G 84 28.57 -24.00 -59.11
C ASP G 84 27.44 -23.01 -58.81
N THR G 85 26.58 -22.79 -59.79
CA THR G 85 25.47 -21.87 -59.62
C THR G 85 24.50 -22.30 -58.54
N PHE G 86 24.09 -23.56 -58.57
CA PHE G 86 23.14 -24.08 -57.60
C PHE G 86 23.62 -23.94 -56.16
N ILE G 87 24.85 -24.37 -55.90
CA ILE G 87 25.39 -24.28 -54.57
C ILE G 87 25.59 -22.84 -54.11
N THR G 88 25.99 -21.97 -55.04
CA THR G 88 26.21 -20.57 -54.70
C THR G 88 24.88 -19.94 -54.29
N TYR G 89 23.82 -20.22 -55.04
CA TYR G 89 22.51 -19.66 -54.70
C TYR G 89 21.98 -20.23 -53.38
N MET G 90 21.98 -21.56 -53.26
CA MET G 90 21.48 -22.22 -52.04
C MET G 90 22.20 -21.77 -50.78
N MET G 91 23.51 -21.57 -50.86
CA MET G 91 24.27 -21.13 -49.70
C MET G 91 23.90 -19.68 -49.39
N THR G 92 23.53 -18.94 -50.42
CA THR G 92 23.14 -17.55 -50.23
C THR G 92 21.75 -17.53 -49.61
N LEU G 93 20.88 -18.39 -50.12
CA LEU G 93 19.52 -18.48 -49.61
C LEU G 93 19.55 -18.96 -48.16
N GLU G 94 20.32 -20.02 -47.89
CA GLU G 94 20.40 -20.55 -46.55
C GLU G 94 20.91 -19.49 -45.58
N ASP G 95 21.83 -18.65 -46.05
CA ASP G 95 22.39 -17.58 -45.23
C ASP G 95 21.37 -16.51 -44.87
N HIS G 96 20.24 -16.50 -45.58
CA HIS G 96 19.21 -15.51 -45.30
C HIS G 96 18.13 -16.01 -44.35
N TYR G 97 18.32 -17.22 -43.84
CA TYR G 97 17.40 -17.76 -42.86
C TYR G 97 18.14 -17.42 -41.56
N HIS G 98 17.45 -16.86 -40.58
CA HIS G 98 18.09 -16.46 -39.33
C HIS G 98 18.35 -17.63 -38.40
N SER G 99 19.61 -17.90 -38.12
CA SER G 99 19.95 -19.00 -37.23
C SER G 99 19.48 -18.75 -35.79
N ASP G 100 19.29 -17.50 -35.42
CA ASP G 100 18.85 -17.18 -34.05
C ASP G 100 17.33 -17.21 -33.85
N VAL G 101 16.60 -17.60 -34.89
CA VAL G 101 15.15 -17.74 -34.80
C VAL G 101 14.94 -19.23 -34.48
N ALA G 102 14.26 -19.52 -33.38
CA ALA G 102 14.04 -20.91 -32.94
C ALA G 102 13.46 -21.92 -33.93
N TYR G 103 12.39 -21.55 -34.62
CA TYR G 103 11.75 -22.48 -35.55
C TYR G 103 11.96 -22.18 -37.03
N HIS G 104 11.57 -20.98 -37.46
CA HIS G 104 11.69 -20.61 -38.85
C HIS G 104 13.09 -20.29 -39.34
N ASN G 105 13.98 -21.26 -39.23
CA ASN G 105 15.36 -21.13 -39.69
C ASN G 105 15.50 -22.12 -40.86
N SER G 106 16.71 -22.28 -41.38
CA SER G 106 16.92 -23.16 -42.53
C SER G 106 16.54 -24.61 -42.30
N LEU G 107 16.54 -25.06 -41.05
CA LEU G 107 16.19 -26.45 -40.80
C LEU G 107 14.73 -26.72 -41.15
N HIS G 108 13.87 -25.75 -40.87
CA HIS G 108 12.45 -25.88 -41.19
C HIS G 108 12.29 -25.88 -42.70
N ALA G 109 13.07 -25.05 -43.38
CA ALA G 109 13.02 -24.97 -44.84
C ALA G 109 13.51 -26.28 -45.46
N ALA G 110 14.57 -26.83 -44.87
CA ALA G 110 15.11 -28.09 -45.34
C ALA G 110 14.01 -29.15 -45.22
N ASP G 111 13.38 -29.19 -44.05
CA ASP G 111 12.30 -30.16 -43.79
C ASP G 111 11.14 -30.06 -44.78
N VAL G 112 10.67 -28.85 -45.04
CA VAL G 112 9.56 -28.65 -45.95
C VAL G 112 9.95 -29.02 -47.38
N ALA G 113 11.18 -28.71 -47.77
CA ALA G 113 11.66 -29.03 -49.11
C ALA G 113 11.68 -30.54 -49.27
N GLN G 114 12.33 -31.20 -48.31
CA GLN G 114 12.44 -32.66 -48.32
C GLN G 114 11.06 -33.32 -48.28
N SER G 115 10.14 -32.79 -47.46
CA SER G 115 8.81 -33.37 -47.37
C SER G 115 8.03 -33.21 -48.67
N THR G 116 8.21 -32.05 -49.31
CA THR G 116 7.54 -31.78 -50.57
C THR G 116 8.07 -32.75 -51.62
N HIS G 117 9.37 -33.03 -51.53
CA HIS G 117 10.03 -33.95 -52.44
C HIS G 117 9.40 -35.35 -52.39
N VAL G 118 9.06 -35.80 -51.19
CA VAL G 118 8.46 -37.12 -51.01
C VAL G 118 7.02 -37.14 -51.51
N LEU G 119 6.25 -36.14 -51.12
CA LEU G 119 4.85 -36.04 -51.54
C LEU G 119 4.70 -36.01 -53.06
N LEU G 120 5.68 -35.44 -53.75
CA LEU G 120 5.65 -35.35 -55.21
C LEU G 120 5.76 -36.71 -55.85
N SER G 121 6.38 -37.65 -55.14
CA SER G 121 6.57 -39.00 -55.65
C SER G 121 5.48 -39.96 -55.22
N THR G 122 4.45 -39.44 -54.55
CA THR G 122 3.37 -40.29 -54.09
C THR G 122 2.73 -40.95 -55.31
N PRO G 123 2.44 -42.27 -55.23
CA PRO G 123 1.84 -43.05 -56.32
C PRO G 123 0.66 -42.43 -57.08
N ALA G 124 -0.35 -41.99 -56.34
CA ALA G 124 -1.53 -41.41 -56.97
C ALA G 124 -1.26 -40.19 -57.86
N LEU G 125 -0.07 -39.60 -57.73
CA LEU G 125 0.27 -38.43 -58.53
C LEU G 125 1.40 -38.74 -59.52
N ASP G 126 1.69 -40.02 -59.69
CA ASP G 126 2.75 -40.44 -60.59
C ASP G 126 2.57 -39.95 -62.03
N ALA G 127 3.65 -39.39 -62.58
CA ALA G 127 3.66 -38.89 -63.94
C ALA G 127 2.65 -37.78 -64.24
N VAL G 128 2.13 -37.15 -63.19
CA VAL G 128 1.15 -36.09 -63.36
C VAL G 128 1.80 -34.70 -63.58
N PHE G 129 2.86 -34.42 -62.83
CA PHE G 129 3.53 -33.12 -62.93
C PHE G 129 4.74 -33.08 -63.85
N THR G 130 4.87 -31.97 -64.56
CA THR G 130 5.98 -31.79 -65.49
C THR G 130 7.24 -31.48 -64.67
N ASP G 131 8.40 -31.48 -65.32
CA ASP G 131 9.64 -31.19 -64.61
C ASP G 131 9.65 -29.76 -64.10
N LEU G 132 9.04 -28.84 -64.87
CA LEU G 132 8.98 -27.45 -64.47
C LEU G 132 8.17 -27.29 -63.17
N GLU G 133 7.03 -27.97 -63.11
CA GLU G 133 6.17 -27.90 -61.93
C GLU G 133 6.87 -28.49 -60.70
N ILE G 134 7.62 -29.57 -60.90
CA ILE G 134 8.35 -30.20 -59.81
C ILE G 134 9.40 -29.24 -59.30
N LEU G 135 10.08 -28.56 -60.22
CA LEU G 135 11.12 -27.60 -59.88
C LEU G 135 10.52 -26.45 -59.07
N ALA G 136 9.33 -26.01 -59.48
CA ALA G 136 8.63 -24.92 -58.82
C ALA G 136 8.22 -25.25 -57.38
N ALA G 137 7.60 -26.40 -57.19
CA ALA G 137 7.15 -26.80 -55.86
C ALA G 137 8.30 -26.97 -54.88
N ILE G 138 9.43 -27.48 -55.37
CA ILE G 138 10.57 -27.67 -54.49
C ILE G 138 11.31 -26.37 -54.22
N PHE G 139 11.33 -25.47 -55.19
CA PHE G 139 11.98 -24.18 -55.02
C PHE G 139 11.15 -23.34 -54.06
N ALA G 140 9.83 -23.43 -54.23
CA ALA G 140 8.90 -22.72 -53.38
C ALA G 140 9.11 -23.14 -51.93
N ALA G 141 9.19 -24.44 -51.71
CA ALA G 141 9.39 -24.98 -50.37
C ALA G 141 10.68 -24.47 -49.76
N ALA G 142 11.74 -24.42 -50.56
CA ALA G 142 13.03 -23.98 -50.06
C ALA G 142 13.07 -22.51 -49.62
N ILE G 143 12.26 -21.67 -50.28
CA ILE G 143 12.25 -20.24 -49.95
C ILE G 143 11.02 -19.76 -49.20
N HIS G 144 10.06 -20.64 -48.97
CA HIS G 144 8.80 -20.23 -48.35
C HIS G 144 8.84 -19.46 -47.02
N ASP G 145 9.96 -19.49 -46.30
CA ASP G 145 10.07 -18.73 -45.04
C ASP G 145 11.40 -17.98 -44.95
N VAL G 146 12.05 -17.74 -46.08
CA VAL G 146 13.33 -17.06 -46.04
C VAL G 146 13.27 -15.66 -45.40
N ASP G 147 14.28 -15.38 -44.58
CA ASP G 147 14.39 -14.10 -43.88
C ASP G 147 13.24 -13.86 -42.90
N HIS G 148 12.71 -14.95 -42.34
CA HIS G 148 11.63 -14.86 -41.38
C HIS G 148 12.22 -14.25 -40.11
N PRO G 149 11.58 -13.20 -39.56
CA PRO G 149 12.07 -12.55 -38.35
C PRO G 149 11.72 -13.21 -37.02
N GLY G 150 10.88 -14.25 -37.04
CA GLY G 150 10.54 -14.91 -35.80
C GLY G 150 9.31 -14.37 -35.10
N VAL G 151 8.58 -13.49 -35.77
CA VAL G 151 7.36 -12.91 -35.21
C VAL G 151 6.23 -13.04 -36.23
N SER G 152 4.99 -12.98 -35.77
CA SER G 152 3.82 -13.12 -36.65
C SER G 152 3.55 -11.86 -37.50
N ASN G 153 2.63 -11.99 -38.46
CA ASN G 153 2.26 -10.88 -39.31
C ASN G 153 1.61 -9.79 -38.44
N GLN G 154 0.79 -10.22 -37.49
CA GLN G 154 0.10 -9.27 -36.65
C GLN G 154 1.09 -8.46 -35.84
N PHE G 155 2.18 -9.08 -35.42
CA PHE G 155 3.20 -8.36 -34.67
C PHE G 155 3.78 -7.28 -35.56
N LEU G 156 4.09 -7.64 -36.80
CA LEU G 156 4.65 -6.69 -37.74
C LEU G 156 3.69 -5.53 -37.99
N ILE G 157 2.40 -5.81 -37.98
CA ILE G 157 1.37 -4.81 -38.21
C ILE G 157 1.20 -3.90 -36.99
N ASN G 158 1.14 -4.49 -35.80
CA ASN G 158 0.97 -3.71 -34.58
C ASN G 158 2.14 -2.77 -34.29
N THR G 159 3.34 -3.16 -34.71
CA THR G 159 4.52 -2.33 -34.48
C THR G 159 4.70 -1.34 -35.62
N ASN G 160 3.81 -1.39 -36.61
CA ASN G 160 3.86 -0.49 -37.75
C ASN G 160 5.19 -0.62 -38.50
N SER G 161 5.65 -1.85 -38.68
CA SER G 161 6.90 -2.11 -39.38
C SER G 161 6.83 -1.78 -40.88
N GLU G 162 7.98 -1.47 -41.44
CA GLU G 162 8.11 -1.13 -42.85
C GLU G 162 7.53 -2.21 -43.77
N LEU G 163 7.71 -3.48 -43.40
CA LEU G 163 7.21 -4.58 -44.21
C LEU G 163 5.69 -4.58 -44.27
N ALA G 164 5.06 -4.25 -43.17
CA ALA G 164 3.60 -4.22 -43.11
C ALA G 164 3.07 -3.11 -44.01
N LEU G 165 3.77 -1.98 -44.05
CA LEU G 165 3.35 -0.86 -44.89
C LEU G 165 3.61 -1.21 -46.36
N MET G 166 4.73 -1.88 -46.59
CA MET G 166 5.15 -2.31 -47.92
C MET G 166 4.09 -3.17 -48.58
N TYR G 167 3.46 -4.06 -47.81
CA TYR G 167 2.45 -4.95 -48.35
C TYR G 167 1.02 -4.76 -47.87
N ASN G 168 0.70 -3.55 -47.42
CA ASN G 168 -0.65 -3.23 -46.94
C ASN G 168 -1.24 -4.20 -45.94
N ASP G 169 -0.41 -4.69 -45.01
CA ASP G 169 -0.85 -5.63 -43.98
C ASP G 169 -1.39 -6.97 -44.48
N GLU G 170 -1.24 -7.23 -45.79
CA GLU G 170 -1.74 -8.48 -46.38
C GLU G 170 -0.63 -9.48 -46.66
N SER G 171 -0.66 -10.62 -45.99
CA SER G 171 0.36 -11.67 -46.16
C SER G 171 1.74 -11.02 -46.19
N VAL G 172 2.00 -10.18 -45.20
CA VAL G 172 3.27 -9.47 -45.12
C VAL G 172 4.47 -10.37 -45.25
N LEU G 173 4.63 -11.28 -44.28
CA LEU G 173 5.75 -12.21 -44.30
C LEU G 173 5.88 -13.00 -45.60
N GLU G 174 4.77 -13.57 -46.06
CA GLU G 174 4.79 -14.36 -47.28
C GLU G 174 5.25 -13.56 -48.51
N ASN G 175 4.75 -12.33 -48.65
CA ASN G 175 5.18 -11.48 -49.77
C ASN G 175 6.68 -11.22 -49.65
N HIS G 176 7.15 -11.06 -48.42
CA HIS G 176 8.54 -10.79 -48.18
C HIS G 176 9.43 -12.00 -48.54
N HIS G 177 8.99 -13.20 -48.16
CA HIS G 177 9.78 -14.40 -48.47
C HIS G 177 9.99 -14.48 -49.99
N LEU G 178 8.91 -14.25 -50.74
CA LEU G 178 8.96 -14.28 -52.20
C LEU G 178 9.94 -13.24 -52.73
N ALA G 179 9.83 -12.02 -52.23
CA ALA G 179 10.71 -10.95 -52.68
C ALA G 179 12.19 -11.30 -52.49
N VAL G 180 12.53 -11.84 -51.33
CA VAL G 180 13.91 -12.19 -51.04
C VAL G 180 14.39 -13.39 -51.86
N GLY G 181 13.61 -14.46 -51.85
CA GLY G 181 13.96 -15.65 -52.61
C GLY G 181 14.29 -15.33 -54.06
N PHE G 182 13.45 -14.53 -54.71
CA PHE G 182 13.67 -14.15 -56.10
C PHE G 182 14.79 -13.14 -56.25
N LYS G 183 14.88 -12.20 -55.33
CA LYS G 183 15.90 -11.16 -55.38
C LYS G 183 17.33 -11.73 -55.37
N LEU G 184 17.54 -12.76 -54.57
CA LEU G 184 18.86 -13.38 -54.46
C LEU G 184 19.37 -13.96 -55.79
N LEU G 185 18.47 -14.22 -56.73
CA LEU G 185 18.85 -14.78 -58.02
C LEU G 185 19.76 -13.79 -58.77
N GLN G 186 19.70 -12.52 -58.39
CA GLN G 186 20.51 -11.49 -59.03
C GLN G 186 21.93 -11.37 -58.48
N GLU G 187 22.24 -12.03 -57.37
CA GLU G 187 23.60 -11.94 -56.84
C GLU G 187 24.53 -12.76 -57.73
N GLU G 188 25.84 -12.46 -57.65
CA GLU G 188 26.87 -13.14 -58.45
C GLU G 188 26.77 -14.66 -58.50
N HIS G 189 26.69 -15.20 -59.72
CA HIS G 189 26.60 -16.65 -59.95
C HIS G 189 25.45 -17.33 -59.23
N CYS G 190 24.32 -16.64 -59.10
CA CYS G 190 23.18 -17.21 -58.40
C CYS G 190 21.92 -17.47 -59.23
N ASP G 191 21.91 -17.11 -60.51
CA ASP G 191 20.70 -17.33 -61.29
C ASP G 191 20.49 -18.77 -61.76
N ILE G 192 19.87 -19.58 -60.91
CA ILE G 192 19.62 -20.97 -61.23
C ILE G 192 18.58 -21.16 -62.33
N PHE G 193 17.92 -20.08 -62.76
CA PHE G 193 16.92 -20.19 -63.82
C PHE G 193 17.42 -19.52 -65.10
N MET G 194 18.70 -19.18 -65.11
CA MET G 194 19.32 -18.52 -66.25
C MET G 194 19.05 -19.22 -67.57
N ASN G 195 19.06 -20.55 -67.56
CA ASN G 195 18.83 -21.31 -68.79
C ASN G 195 17.43 -21.83 -69.07
N LEU G 196 16.42 -21.29 -68.41
CA LEU G 196 15.05 -21.72 -68.71
C LEU G 196 14.63 -20.68 -69.74
N THR G 197 13.65 -21.00 -70.57
CA THR G 197 13.20 -20.02 -71.56
C THR G 197 12.36 -18.96 -70.85
N LYS G 198 12.13 -17.83 -71.51
CA LYS G 198 11.33 -16.78 -70.93
C LYS G 198 9.96 -17.34 -70.54
N LYS G 199 9.43 -18.23 -71.36
CA LYS G 199 8.13 -18.85 -71.11
C LYS G 199 8.15 -19.69 -69.83
N GLN G 200 9.16 -20.53 -69.71
CA GLN G 200 9.28 -21.37 -68.52
C GLN G 200 9.46 -20.56 -67.24
N ARG G 201 10.25 -19.48 -67.32
CA ARG G 201 10.49 -18.66 -66.15
C ARG G 201 9.21 -17.98 -65.67
N GLN G 202 8.42 -17.47 -66.61
CA GLN G 202 7.17 -16.80 -66.24
C GLN G 202 6.21 -17.74 -65.56
N THR G 203 6.14 -18.98 -66.06
CA THR G 203 5.23 -19.96 -65.49
C THR G 203 5.72 -20.45 -64.15
N LEU G 204 7.03 -20.59 -64.00
CA LEU G 204 7.61 -21.03 -62.74
C LEU G 204 7.36 -19.96 -61.68
N ARG G 205 7.55 -18.70 -62.07
CA ARG G 205 7.35 -17.59 -61.15
C ARG G 205 5.88 -17.51 -60.71
N LYS G 206 4.96 -17.73 -61.65
CA LYS G 206 3.54 -17.69 -61.33
C LYS G 206 3.15 -18.77 -60.32
N MET G 207 3.72 -19.96 -60.48
CA MET G 207 3.41 -21.07 -59.58
C MET G 207 4.03 -20.89 -58.20
N VAL G 208 5.27 -20.42 -58.16
CA VAL G 208 5.96 -20.21 -56.90
C VAL G 208 5.27 -19.16 -56.05
N ILE G 209 4.92 -18.04 -56.67
CA ILE G 209 4.23 -16.97 -55.97
C ILE G 209 2.93 -17.53 -55.40
N ASP G 210 2.21 -18.28 -56.24
CA ASP G 210 0.95 -18.88 -55.83
C ASP G 210 1.15 -19.80 -54.62
N MET G 211 2.17 -20.63 -54.68
CA MET G 211 2.45 -21.57 -53.59
C MET G 211 2.91 -20.92 -52.28
N VAL G 212 3.83 -19.98 -52.36
CA VAL G 212 4.31 -19.33 -51.16
C VAL G 212 3.21 -18.50 -50.49
N LEU G 213 2.45 -17.72 -51.25
CA LEU G 213 1.39 -16.92 -50.66
C LEU G 213 0.33 -17.80 -50.01
N ALA G 214 0.29 -19.08 -50.41
CA ALA G 214 -0.68 -20.01 -49.87
C ALA G 214 -0.28 -20.57 -48.50
N THR G 215 0.96 -20.34 -48.10
CA THR G 215 1.42 -20.82 -46.81
C THR G 215 0.96 -19.92 -45.67
N ASP G 216 0.34 -18.79 -46.02
CA ASP G 216 -0.18 -17.87 -45.02
C ASP G 216 -1.42 -18.53 -44.40
N MET G 217 -1.34 -18.88 -43.13
CA MET G 217 -2.44 -19.54 -42.43
C MET G 217 -3.80 -18.87 -42.51
N SER G 218 -3.86 -17.57 -42.76
CA SER G 218 -5.16 -16.92 -42.83
C SER G 218 -5.94 -17.47 -44.04
N LYS G 219 -5.23 -18.14 -44.93
CA LYS G 219 -5.86 -18.72 -46.11
C LYS G 219 -6.13 -20.23 -45.99
N HIS G 220 -5.85 -20.79 -44.81
CA HIS G 220 -6.04 -22.22 -44.57
C HIS G 220 -7.44 -22.76 -44.86
N MET G 221 -8.47 -22.11 -44.29
CA MET G 221 -9.85 -22.55 -44.50
C MET G 221 -10.18 -22.60 -45.99
N SER G 222 -9.83 -21.53 -46.67
CA SER G 222 -10.07 -21.41 -48.09
C SER G 222 -9.39 -22.55 -48.87
N LEU G 223 -8.14 -22.83 -48.52
CA LEU G 223 -7.37 -23.89 -49.16
C LEU G 223 -8.00 -25.26 -48.97
N LEU G 224 -8.44 -25.55 -47.75
CA LEU G 224 -9.06 -26.84 -47.43
C LEU G 224 -10.37 -27.03 -48.18
N ALA G 225 -11.13 -25.96 -48.32
CA ALA G 225 -12.40 -26.03 -49.03
C ALA G 225 -12.19 -26.49 -50.47
N ASP G 226 -11.21 -25.87 -51.14
CA ASP G 226 -10.90 -26.23 -52.51
C ASP G 226 -10.42 -27.66 -52.63
N LEU G 227 -9.50 -28.07 -51.75
CA LEU G 227 -8.98 -29.42 -51.78
C LEU G 227 -10.11 -30.43 -51.66
N LYS G 228 -11.09 -30.13 -50.79
CA LYS G 228 -12.23 -31.01 -50.60
C LYS G 228 -13.05 -31.07 -51.88
N THR G 229 -13.17 -29.93 -52.55
CA THR G 229 -13.91 -29.82 -53.80
C THR G 229 -13.15 -30.59 -54.87
N MET G 230 -11.85 -30.74 -54.66
CA MET G 230 -11.01 -31.46 -55.61
C MET G 230 -11.26 -32.95 -55.45
N VAL G 231 -11.25 -33.41 -54.20
CA VAL G 231 -11.48 -34.82 -53.90
C VAL G 231 -12.87 -35.26 -54.36
N GLU G 232 -13.86 -34.40 -54.18
CA GLU G 232 -15.23 -34.71 -54.59
C GLU G 232 -15.40 -34.92 -56.09
N THR G 233 -14.58 -34.23 -56.89
CA THR G 233 -14.70 -34.36 -58.34
C THR G 233 -13.46 -34.97 -59.01
N LYS G 234 -12.63 -35.66 -58.24
CA LYS G 234 -11.43 -36.26 -58.79
C LYS G 234 -11.73 -37.35 -59.80
N LYS G 235 -10.85 -37.48 -60.78
CA LYS G 235 -10.97 -38.50 -61.82
C LYS G 235 -9.70 -39.32 -61.78
N VAL G 236 -9.84 -40.63 -61.58
CA VAL G 236 -8.68 -41.51 -61.50
C VAL G 236 -8.61 -42.41 -62.74
N THR G 237 -7.41 -42.59 -63.28
CA THR G 237 -7.24 -43.45 -64.45
C THR G 237 -7.46 -44.90 -64.04
N SER G 238 -7.66 -45.76 -65.03
CA SER G 238 -7.87 -47.17 -64.80
C SER G 238 -6.76 -47.78 -63.94
N SER G 239 -5.56 -47.20 -64.03
CA SER G 239 -4.42 -47.68 -63.25
C SER G 239 -4.66 -47.44 -61.75
N GLY G 240 -5.00 -46.20 -61.42
CA GLY G 240 -5.24 -45.82 -60.03
C GLY G 240 -4.62 -44.45 -59.78
N VAL G 241 -4.08 -43.86 -60.83
CA VAL G 241 -3.43 -42.57 -60.77
C VAL G 241 -4.44 -41.43 -60.98
N LEU G 242 -4.17 -40.28 -60.37
CA LEU G 242 -5.05 -39.13 -60.49
C LEU G 242 -4.95 -38.52 -61.87
N LEU G 243 -6.02 -37.91 -62.32
CA LEU G 243 -6.08 -37.28 -63.64
C LEU G 243 -6.34 -35.79 -63.46
N LEU G 244 -5.29 -34.99 -63.61
CA LEU G 244 -5.39 -33.53 -63.48
C LEU G 244 -5.26 -32.88 -64.84
N ASP G 245 -6.41 -32.56 -65.44
CA ASP G 245 -6.49 -31.95 -66.77
C ASP G 245 -5.74 -30.64 -66.97
N ASN G 246 -6.38 -29.54 -66.59
CA ASN G 246 -5.80 -28.22 -66.74
C ASN G 246 -4.84 -27.76 -65.63
N TYR G 247 -4.32 -26.54 -65.80
CA TYR G 247 -3.39 -25.92 -64.87
C TYR G 247 -4.08 -25.71 -63.53
N THR G 248 -5.28 -25.13 -63.59
CA THR G 248 -6.07 -24.83 -62.40
C THR G 248 -6.17 -25.97 -61.39
N ASP G 249 -6.31 -27.20 -61.87
CA ASP G 249 -6.41 -28.33 -60.95
C ASP G 249 -5.04 -28.75 -60.45
N ARG G 250 -4.03 -28.62 -61.31
CA ARG G 250 -2.69 -29.02 -60.91
C ARG G 250 -2.07 -28.08 -59.88
N ILE G 251 -2.14 -26.77 -60.13
CA ILE G 251 -1.56 -25.81 -59.21
C ILE G 251 -2.29 -25.89 -57.86
N GLN G 252 -3.59 -26.15 -57.91
CA GLN G 252 -4.39 -26.26 -56.71
C GLN G 252 -3.89 -27.42 -55.84
N VAL G 253 -3.44 -28.50 -56.48
CA VAL G 253 -2.91 -29.65 -55.77
C VAL G 253 -1.50 -29.35 -55.26
N LEU G 254 -0.73 -28.59 -56.03
CA LEU G 254 0.62 -28.23 -55.60
C LEU G 254 0.57 -27.26 -54.42
N ARG G 255 -0.43 -26.38 -54.42
CA ARG G 255 -0.62 -25.44 -53.33
C ARG G 255 -0.74 -26.22 -52.05
N ASN G 256 -1.75 -27.09 -52.01
CA ASN G 256 -2.03 -27.89 -50.84
C ASN G 256 -0.89 -28.82 -50.47
N MET G 257 -0.10 -29.22 -51.46
CA MET G 257 1.01 -30.11 -51.19
C MET G 257 2.03 -29.39 -50.33
N VAL G 258 2.47 -28.21 -50.76
CA VAL G 258 3.44 -27.42 -50.00
C VAL G 258 2.86 -27.04 -48.64
N HIS G 259 1.56 -26.73 -48.62
CA HIS G 259 0.87 -26.38 -47.37
C HIS G 259 0.91 -27.56 -46.40
N CYS G 260 0.68 -28.77 -46.91
CA CYS G 260 0.71 -29.97 -46.08
C CYS G 260 2.12 -30.21 -45.57
N ALA G 261 3.11 -29.95 -46.42
CA ALA G 261 4.50 -30.12 -46.02
C ALA G 261 4.83 -29.15 -44.89
N ASP G 262 4.33 -27.93 -45.01
CA ASP G 262 4.54 -26.90 -44.00
C ASP G 262 3.91 -27.35 -42.68
N LEU G 263 2.81 -28.09 -42.77
CA LEU G 263 2.12 -28.59 -41.58
C LEU G 263 2.34 -30.09 -41.36
N SER G 264 3.52 -30.58 -41.70
CA SER G 264 3.81 -32.01 -41.57
C SER G 264 4.51 -32.44 -40.27
N ASN G 265 4.83 -31.49 -39.40
CA ASN G 265 5.51 -31.83 -38.16
C ASN G 265 4.81 -32.94 -37.38
N PRO G 266 3.49 -32.80 -37.11
CA PRO G 266 2.77 -33.83 -36.37
C PRO G 266 2.62 -35.18 -37.07
N THR G 267 3.02 -35.27 -38.34
CA THR G 267 2.91 -36.53 -39.07
C THR G 267 4.25 -37.25 -39.17
N LYS G 268 5.24 -36.77 -38.44
CA LYS G 268 6.57 -37.39 -38.46
C LYS G 268 6.72 -38.26 -37.22
N SER G 269 7.85 -38.95 -37.09
CA SER G 269 8.05 -39.79 -35.93
C SER G 269 7.97 -38.91 -34.67
N LEU G 270 7.39 -39.46 -33.61
CA LEU G 270 7.25 -38.71 -32.36
C LEU G 270 8.55 -38.04 -31.94
N GLU G 271 9.68 -38.69 -32.22
CA GLU G 271 10.99 -38.16 -31.87
C GLU G 271 11.24 -36.83 -32.58
N LEU G 272 10.88 -36.77 -33.86
CA LEU G 272 11.06 -35.57 -34.64
C LEU G 272 10.03 -34.53 -34.23
N TYR G 273 8.76 -34.95 -34.20
CA TYR G 273 7.66 -34.07 -33.85
C TYR G 273 7.85 -33.36 -32.51
N ARG G 274 8.41 -34.06 -31.53
CA ARG G 274 8.61 -33.44 -30.22
C ARG G 274 9.66 -32.35 -30.25
N GLN G 275 10.59 -32.43 -31.21
CA GLN G 275 11.64 -31.43 -31.35
C GLN G 275 11.09 -30.20 -32.07
N TRP G 276 10.18 -30.44 -33.02
CA TRP G 276 9.56 -29.36 -33.76
C TRP G 276 8.70 -28.55 -32.82
N THR G 277 8.04 -29.24 -31.89
CA THR G 277 7.19 -28.58 -30.92
C THR G 277 8.00 -27.71 -29.97
N ASP G 278 9.15 -28.21 -29.52
CA ASP G 278 10.00 -27.41 -28.63
C ASP G 278 10.41 -26.11 -29.31
N ARG G 279 10.84 -26.23 -30.57
CA ARG G 279 11.27 -25.09 -31.34
C ARG G 279 10.16 -24.06 -31.58
N ILE G 280 9.00 -24.51 -32.05
CA ILE G 280 7.93 -23.56 -32.31
C ILE G 280 7.51 -22.83 -31.03
N MET G 281 7.56 -23.51 -29.90
CA MET G 281 7.19 -22.89 -28.65
C MET G 281 8.25 -21.90 -28.21
N GLU G 282 9.50 -22.23 -28.46
CA GLU G 282 10.61 -21.36 -28.10
C GLU G 282 10.49 -20.05 -28.88
N GLU G 283 10.15 -20.16 -30.16
CA GLU G 283 10.01 -18.98 -31.00
C GLU G 283 8.87 -18.10 -30.50
N PHE G 284 7.76 -18.73 -30.12
CA PHE G 284 6.62 -17.99 -29.62
C PHE G 284 7.01 -17.23 -28.36
N PHE G 285 7.78 -17.87 -27.48
CA PHE G 285 8.19 -17.19 -26.25
C PHE G 285 9.11 -16.03 -26.58
N GLN G 286 9.89 -16.18 -27.65
CA GLN G 286 10.79 -15.12 -28.07
C GLN G 286 9.96 -13.91 -28.48
N GLN G 287 8.84 -14.15 -29.17
CA GLN G 287 7.99 -13.04 -29.58
C GLN G 287 7.42 -12.37 -28.34
N GLY G 288 7.06 -13.18 -27.35
CA GLY G 288 6.53 -12.65 -26.10
C GLY G 288 7.54 -11.72 -25.46
N ASP G 289 8.82 -12.09 -25.50
CA ASP G 289 9.86 -11.25 -24.94
C ASP G 289 9.89 -9.92 -25.68
N LYS G 290 9.85 -9.98 -27.01
CA LYS G 290 9.88 -8.77 -27.81
C LYS G 290 8.66 -7.89 -27.54
N GLU G 291 7.49 -8.51 -27.37
CA GLU G 291 6.27 -7.76 -27.09
C GLU G 291 6.40 -7.02 -25.77
N ARG G 292 6.98 -7.69 -24.77
CA ARG G 292 7.19 -7.09 -23.46
C ARG G 292 8.16 -5.91 -23.56
N GLU G 293 9.24 -6.09 -24.31
CA GLU G 293 10.23 -5.03 -24.47
C GLU G 293 9.62 -3.79 -25.12
N ARG G 294 8.72 -4.00 -26.05
CA ARG G 294 8.08 -2.88 -26.75
C ARG G 294 6.85 -2.35 -26.04
N GLY G 295 6.63 -2.84 -24.82
CA GLY G 295 5.49 -2.40 -24.03
C GLY G 295 4.14 -2.93 -24.50
N MET G 296 4.13 -4.07 -25.18
CA MET G 296 2.89 -4.65 -25.70
C MET G 296 2.36 -5.79 -24.83
N GLU G 297 1.05 -6.06 -24.93
CA GLU G 297 0.50 -7.18 -24.16
C GLU G 297 1.11 -8.43 -24.77
N ILE G 298 1.26 -9.48 -23.96
CA ILE G 298 1.81 -10.72 -24.47
C ILE G 298 0.72 -11.48 -25.19
N SER G 299 0.99 -11.89 -26.43
CA SER G 299 0.02 -12.63 -27.22
C SER G 299 -0.22 -14.03 -26.66
N PRO G 300 -1.38 -14.63 -26.98
CA PRO G 300 -1.69 -15.97 -26.49
C PRO G 300 -0.61 -16.99 -26.92
N MET G 301 -0.25 -17.88 -26.01
CA MET G 301 0.76 -18.91 -26.26
C MET G 301 2.18 -18.40 -26.34
N CYS G 302 2.36 -17.11 -26.07
CA CYS G 302 3.69 -16.53 -26.13
C CYS G 302 4.24 -16.31 -24.72
N ASP G 303 3.50 -16.78 -23.72
CA ASP G 303 3.90 -16.66 -22.33
C ASP G 303 4.40 -18.03 -21.82
N LYS G 304 5.68 -18.11 -21.52
CA LYS G 304 6.30 -19.32 -21.01
C LYS G 304 5.54 -19.88 -19.80
N HIS G 305 5.00 -18.98 -18.99
CA HIS G 305 4.29 -19.33 -17.76
C HIS G 305 2.80 -19.70 -17.83
N THR G 306 2.13 -19.40 -18.92
CA THR G 306 0.71 -19.74 -19.01
C THR G 306 0.42 -20.63 -20.21
N ALA G 307 1.46 -21.01 -20.94
CA ALA G 307 1.27 -21.85 -22.10
C ALA G 307 0.99 -23.30 -21.67
N SER G 308 0.26 -24.03 -22.50
CA SER G 308 -0.03 -25.43 -22.24
C SER G 308 0.24 -26.17 -23.54
N VAL G 309 1.52 -26.50 -23.71
CA VAL G 309 2.05 -27.18 -24.88
C VAL G 309 1.24 -28.38 -25.37
N GLU G 310 1.10 -29.38 -24.51
CA GLU G 310 0.39 -30.59 -24.86
C GLU G 310 -1.01 -30.32 -25.38
N LYS G 311 -1.80 -29.60 -24.59
CA LYS G 311 -3.17 -29.26 -24.98
C LYS G 311 -3.23 -28.51 -26.31
N SER G 312 -2.23 -27.69 -26.58
CA SER G 312 -2.20 -26.93 -27.81
C SER G 312 -1.88 -27.77 -29.04
N GLN G 313 -1.02 -28.79 -28.87
CA GLN G 313 -0.71 -29.64 -29.99
C GLN G 313 -1.95 -30.44 -30.36
N VAL G 314 -2.70 -30.88 -29.35
CA VAL G 314 -3.91 -31.64 -29.60
C VAL G 314 -4.86 -30.75 -30.36
N GLY G 315 -4.96 -29.49 -29.94
CA GLY G 315 -5.83 -28.54 -30.62
C GLY G 315 -5.39 -28.29 -32.05
N PHE G 316 -4.09 -28.15 -32.25
CA PHE G 316 -3.52 -27.93 -33.56
C PHE G 316 -3.86 -29.10 -34.47
N ILE G 317 -3.72 -30.32 -33.95
CA ILE G 317 -4.02 -31.51 -34.74
C ILE G 317 -5.52 -31.63 -35.05
N ASP G 318 -6.36 -31.59 -34.02
CA ASP G 318 -7.80 -31.72 -34.17
C ASP G 318 -8.49 -30.70 -35.08
N TYR G 319 -7.97 -29.47 -35.13
CA TYR G 319 -8.61 -28.43 -35.93
C TYR G 319 -7.91 -28.01 -37.22
N ILE G 320 -6.60 -28.23 -37.32
CA ILE G 320 -5.88 -27.82 -38.52
C ILE G 320 -5.17 -28.93 -39.27
N VAL G 321 -4.27 -29.65 -38.59
CA VAL G 321 -3.51 -30.72 -39.23
C VAL G 321 -4.35 -31.91 -39.70
N HIS G 322 -5.11 -32.53 -38.80
CA HIS G 322 -5.91 -33.70 -39.17
C HIS G 322 -6.91 -33.44 -40.28
N PRO G 323 -7.69 -32.36 -40.16
CA PRO G 323 -8.65 -32.08 -41.21
C PRO G 323 -7.97 -31.95 -42.57
N LEU G 324 -6.79 -31.33 -42.59
CA LEU G 324 -6.07 -31.15 -43.85
C LEU G 324 -5.54 -32.46 -44.39
N TRP G 325 -4.74 -33.17 -43.58
CA TRP G 325 -4.17 -34.44 -44.04
C TRP G 325 -5.21 -35.49 -44.36
N GLU G 326 -6.34 -35.43 -43.67
CA GLU G 326 -7.41 -36.38 -43.92
C GLU G 326 -7.91 -36.19 -45.35
N THR G 327 -8.11 -34.94 -45.74
CA THR G 327 -8.56 -34.62 -47.09
C THR G 327 -7.48 -34.97 -48.12
N TRP G 328 -6.23 -34.82 -47.74
CA TRP G 328 -5.13 -35.15 -48.65
C TRP G 328 -5.04 -36.66 -48.81
N ALA G 329 -5.23 -37.39 -47.71
CA ALA G 329 -5.18 -38.85 -47.75
C ALA G 329 -6.27 -39.35 -48.69
N ASP G 330 -7.35 -38.57 -48.76
CA ASP G 330 -8.48 -38.87 -49.63
C ASP G 330 -8.08 -38.78 -51.09
N LEU G 331 -7.51 -37.64 -51.47
CA LEU G 331 -7.08 -37.37 -52.82
C LEU G 331 -6.09 -38.40 -53.36
N VAL G 332 -5.08 -38.74 -52.56
CA VAL G 332 -4.05 -39.69 -52.99
C VAL G 332 -4.23 -41.08 -52.38
N GLN G 333 -5.47 -41.43 -52.10
CA GLN G 333 -5.83 -42.73 -51.52
C GLN G 333 -5.21 -43.91 -52.27
N PRO G 334 -4.58 -44.85 -51.53
CA PRO G 334 -4.39 -44.91 -50.08
C PRO G 334 -2.93 -44.67 -49.68
N ASP G 335 -2.23 -43.84 -50.44
CA ASP G 335 -0.82 -43.55 -50.16
C ASP G 335 -0.52 -42.93 -48.81
N ALA G 336 -1.34 -41.97 -48.39
CA ALA G 336 -1.11 -41.26 -47.13
C ALA G 336 -1.62 -41.97 -45.89
N GLN G 337 -2.02 -43.22 -46.01
CA GLN G 337 -2.54 -43.94 -44.86
C GLN G 337 -1.59 -44.03 -43.67
N ASP G 338 -0.33 -44.39 -43.91
CA ASP G 338 0.63 -44.49 -42.81
C ASP G 338 0.78 -43.16 -42.09
N ILE G 339 0.90 -42.08 -42.86
CA ILE G 339 1.03 -40.75 -42.31
C ILE G 339 -0.17 -40.48 -41.39
N LEU G 340 -1.35 -40.74 -41.91
CA LEU G 340 -2.57 -40.52 -41.16
C LEU G 340 -2.60 -41.32 -39.85
N ASP G 341 -1.97 -42.49 -39.85
CA ASP G 341 -1.93 -43.31 -38.64
C ASP G 341 -0.96 -42.72 -37.62
N THR G 342 0.23 -42.35 -38.07
CA THR G 342 1.24 -41.76 -37.20
C THR G 342 0.68 -40.50 -36.54
N LEU G 343 -0.03 -39.69 -37.33
CA LEU G 343 -0.61 -38.46 -36.84
C LEU G 343 -1.54 -38.76 -35.67
N GLU G 344 -2.40 -39.75 -35.83
CA GLU G 344 -3.35 -40.12 -34.79
C GLU G 344 -2.68 -40.75 -33.57
N ASP G 345 -1.48 -41.30 -33.76
CA ASP G 345 -0.75 -41.89 -32.64
C ASP G 345 -0.10 -40.78 -31.83
N ASN G 346 0.50 -39.82 -32.54
CA ASN G 346 1.14 -38.70 -31.87
C ASN G 346 0.11 -37.85 -31.17
N ARG G 347 -1.07 -37.77 -31.78
CA ARG G 347 -2.17 -37.00 -31.23
C ARG G 347 -2.53 -37.55 -29.86
N ASN G 348 -2.63 -38.88 -29.76
CA ASN G 348 -2.97 -39.50 -28.49
C ASN G 348 -1.85 -39.41 -27.47
N TRP G 349 -0.60 -39.41 -27.95
CA TRP G 349 0.52 -39.30 -27.03
C TRP G 349 0.43 -37.95 -26.33
N TYR G 350 0.33 -36.89 -27.11
CA TYR G 350 0.24 -35.54 -26.55
C TYR G 350 -0.98 -35.39 -25.65
N GLN G 351 -2.06 -36.03 -26.05
CA GLN G 351 -3.30 -35.98 -25.27
C GLN G 351 -3.04 -36.59 -23.89
N SER G 352 -2.24 -37.64 -23.85
CA SER G 352 -1.95 -38.30 -22.58
C SER G 352 -0.96 -37.51 -21.74
N MET G 353 -0.26 -36.57 -22.37
CA MET G 353 0.73 -35.76 -21.66
C MET G 353 0.16 -34.47 -21.09
N ILE G 354 -1.13 -34.24 -21.31
CA ILE G 354 -1.76 -33.05 -20.77
C ILE G 354 -1.77 -33.27 -19.26
N PRO G 355 -1.20 -32.34 -18.49
CA PRO G 355 -1.17 -32.48 -17.04
C PRO G 355 -2.52 -32.66 -16.34
N GLN G 356 -2.51 -33.54 -15.34
CA GLN G 356 -3.65 -33.88 -14.48
C GLN G 356 -5.06 -33.54 -14.96
N ARG H 25 -48.12 -8.08 -12.48
CA ARG H 25 -46.95 -7.38 -11.87
C ARG H 25 -45.86 -7.10 -12.91
N PHE H 26 -45.96 -7.77 -14.06
CA PHE H 26 -44.99 -7.61 -15.14
C PHE H 26 -45.10 -6.25 -15.79
N GLY H 27 -46.16 -5.52 -15.48
CA GLY H 27 -46.34 -4.20 -16.06
C GLY H 27 -46.70 -4.30 -17.53
N VAL H 28 -46.78 -5.52 -18.05
CA VAL H 28 -47.13 -5.75 -19.45
C VAL H 28 -48.54 -5.24 -19.73
N ASN H 29 -48.72 -4.58 -20.88
CA ASN H 29 -50.01 -4.03 -21.24
C ASN H 29 -51.00 -5.08 -21.75
N THR H 30 -52.29 -4.73 -21.74
CA THR H 30 -53.34 -5.62 -22.20
C THR H 30 -53.14 -6.08 -23.65
N GLU H 31 -52.78 -5.15 -24.54
CA GLU H 31 -52.55 -5.49 -25.94
C GLU H 31 -51.42 -6.51 -26.08
N ASN H 32 -50.26 -6.20 -25.50
CA ASN H 32 -49.10 -7.06 -25.53
C ASN H 32 -49.39 -8.41 -24.88
N GLU H 33 -50.32 -8.43 -23.93
CA GLU H 33 -50.66 -9.68 -23.25
C GLU H 33 -51.09 -10.73 -24.25
N ASP H 34 -51.83 -10.30 -25.27
CA ASP H 34 -52.30 -11.22 -26.32
C ASP H 34 -51.13 -11.64 -27.19
N HIS H 35 -50.35 -10.66 -27.64
CA HIS H 35 -49.20 -10.93 -28.48
C HIS H 35 -48.19 -11.82 -27.77
N LEU H 36 -47.92 -11.50 -26.51
CA LEU H 36 -46.98 -12.27 -25.70
C LEU H 36 -47.48 -13.68 -25.46
N ALA H 37 -48.79 -13.81 -25.26
CA ALA H 37 -49.39 -15.12 -25.02
C ALA H 37 -49.25 -15.95 -26.28
N LYS H 38 -49.39 -15.31 -27.44
CA LYS H 38 -49.28 -16.03 -28.70
C LYS H 38 -47.85 -16.53 -28.88
N GLU H 39 -46.89 -15.63 -28.67
CA GLU H 39 -45.48 -15.96 -28.81
C GLU H 39 -45.11 -17.14 -27.92
N LEU H 40 -45.67 -17.18 -26.72
CA LEU H 40 -45.38 -18.26 -25.78
C LEU H 40 -45.95 -19.62 -26.17
N GLU H 41 -46.66 -19.68 -27.29
CA GLU H 41 -47.22 -20.95 -27.75
C GLU H 41 -46.04 -21.80 -28.22
N ASP H 42 -44.97 -21.13 -28.64
CA ASP H 42 -43.78 -21.80 -29.11
C ASP H 42 -42.81 -22.12 -27.97
N LEU H 43 -43.27 -21.97 -26.74
CA LEU H 43 -42.43 -22.23 -25.57
C LEU H 43 -41.65 -23.53 -25.61
N ASN H 44 -42.27 -24.60 -26.09
CA ASN H 44 -41.58 -25.88 -26.16
C ASN H 44 -40.95 -26.14 -27.52
N LYS H 45 -40.92 -25.12 -28.36
CA LYS H 45 -40.36 -25.26 -29.70
C LYS H 45 -39.01 -24.53 -29.86
N TRP H 46 -38.11 -25.14 -30.63
CA TRP H 46 -36.79 -24.57 -30.90
C TRP H 46 -36.96 -23.28 -31.68
N GLY H 47 -38.12 -23.11 -32.30
CA GLY H 47 -38.37 -21.93 -33.10
C GLY H 47 -38.94 -20.73 -32.38
N LEU H 48 -38.97 -20.77 -31.05
CA LEU H 48 -39.50 -19.63 -30.29
C LEU H 48 -38.66 -18.39 -30.56
N ASN H 49 -39.31 -17.27 -30.81
CA ASN H 49 -38.60 -16.04 -31.07
C ASN H 49 -38.54 -15.24 -29.78
N ILE H 50 -37.42 -15.37 -29.06
CA ILE H 50 -37.22 -14.69 -27.79
C ILE H 50 -37.14 -13.17 -27.94
N PHE H 51 -36.75 -12.69 -29.11
CA PHE H 51 -36.67 -11.25 -29.35
C PHE H 51 -38.04 -10.60 -29.22
N ASN H 52 -39.07 -11.24 -29.80
CA ASN H 52 -40.43 -10.70 -29.72
C ASN H 52 -40.93 -10.77 -28.29
N VAL H 53 -40.58 -11.85 -27.58
CA VAL H 53 -40.99 -12.01 -26.19
C VAL H 53 -40.49 -10.82 -25.37
N ALA H 54 -39.29 -10.36 -25.68
CA ALA H 54 -38.72 -9.22 -24.98
C ALA H 54 -39.54 -7.97 -25.25
N GLY H 55 -39.87 -7.77 -26.53
CA GLY H 55 -40.66 -6.61 -26.92
C GLY H 55 -42.04 -6.55 -26.30
N TYR H 56 -42.58 -7.70 -25.90
CA TYR H 56 -43.91 -7.73 -25.33
C TYR H 56 -43.93 -7.86 -23.80
N SER H 57 -42.77 -7.73 -23.17
CA SER H 57 -42.70 -7.85 -21.71
C SER H 57 -41.87 -6.74 -21.08
N HIS H 58 -41.87 -5.57 -21.73
CA HIS H 58 -41.10 -4.44 -21.24
C HIS H 58 -39.66 -4.85 -21.04
N ASN H 59 -39.16 -5.60 -22.02
CA ASN H 59 -37.79 -6.08 -22.03
C ASN H 59 -37.39 -6.86 -20.78
N ARG H 60 -38.20 -7.85 -20.43
CA ARG H 60 -37.93 -8.70 -19.29
C ARG H 60 -38.09 -10.13 -19.77
N PRO H 61 -37.40 -10.51 -20.85
CA PRO H 61 -37.51 -11.87 -21.38
C PRO H 61 -37.11 -12.99 -20.45
N LEU H 62 -36.07 -12.77 -19.64
CA LEU H 62 -35.62 -13.82 -18.74
C LEU H 62 -36.66 -14.15 -17.69
N THR H 63 -37.18 -13.12 -17.02
CA THR H 63 -38.19 -13.34 -16.00
C THR H 63 -39.43 -13.95 -16.63
N CYS H 64 -39.83 -13.38 -17.77
CA CYS H 64 -40.99 -13.86 -18.49
C CYS H 64 -40.85 -15.31 -18.93
N ILE H 65 -39.81 -15.60 -19.71
CA ILE H 65 -39.62 -16.95 -20.21
C ILE H 65 -39.41 -17.98 -19.09
N MET H 66 -38.77 -17.58 -17.99
CA MET H 66 -38.53 -18.51 -16.89
C MET H 66 -39.83 -18.88 -16.21
N TYR H 67 -40.68 -17.89 -15.97
CA TYR H 67 -41.96 -18.11 -15.34
C TYR H 67 -42.79 -19.11 -16.17
N ALA H 68 -42.83 -18.88 -17.49
CA ALA H 68 -43.57 -19.75 -18.40
C ALA H 68 -43.04 -21.18 -18.33
N ILE H 69 -41.73 -21.33 -18.33
CA ILE H 69 -41.10 -22.65 -18.26
C ILE H 69 -41.40 -23.33 -16.93
N PHE H 70 -41.33 -22.57 -15.84
CA PHE H 70 -41.60 -23.14 -14.54
C PHE H 70 -43.04 -23.63 -14.34
N GLN H 71 -43.99 -22.95 -14.97
CA GLN H 71 -45.38 -23.37 -14.88
C GLN H 71 -45.58 -24.61 -15.75
N GLU H 72 -45.06 -24.55 -16.97
CA GLU H 72 -45.14 -25.66 -17.93
C GLU H 72 -44.61 -26.96 -17.32
N ARG H 73 -43.59 -26.86 -16.48
CA ARG H 73 -43.02 -28.05 -15.85
C ARG H 73 -43.51 -28.27 -14.45
N ASP H 74 -44.45 -27.43 -14.01
CA ASP H 74 -45.03 -27.53 -12.68
C ASP H 74 -43.96 -27.51 -11.58
N LEU H 75 -42.85 -26.81 -11.83
CA LEU H 75 -41.76 -26.72 -10.87
C LEU H 75 -42.11 -25.91 -9.63
N LEU H 76 -42.90 -24.85 -9.80
CA LEU H 76 -43.29 -24.04 -8.66
C LEU H 76 -44.00 -24.91 -7.60
N LYS H 77 -44.90 -25.77 -8.05
CA LYS H 77 -45.65 -26.67 -7.15
C LYS H 77 -44.74 -27.74 -6.55
N THR H 78 -43.96 -28.39 -7.39
CA THR H 78 -43.06 -29.45 -6.95
C THR H 78 -42.09 -29.02 -5.86
N PHE H 79 -41.56 -27.81 -5.96
CA PHE H 79 -40.59 -27.33 -4.98
C PHE H 79 -41.10 -26.23 -4.05
N ARG H 80 -42.42 -26.08 -4.00
CA ARG H 80 -43.06 -25.11 -3.14
C ARG H 80 -42.47 -23.70 -3.22
N ILE H 81 -42.45 -23.16 -4.43
CA ILE H 81 -41.95 -21.82 -4.68
C ILE H 81 -43.14 -20.95 -5.05
N SER H 82 -43.46 -19.97 -4.20
CA SER H 82 -44.60 -19.09 -4.50
C SER H 82 -44.25 -18.22 -5.69
N SER H 83 -45.27 -17.75 -6.41
CA SER H 83 -45.02 -16.89 -7.55
C SER H 83 -44.32 -15.62 -7.07
N ASP H 84 -44.69 -15.20 -5.87
CA ASP H 84 -44.12 -14.01 -5.25
C ASP H 84 -42.60 -14.14 -5.18
N THR H 85 -42.13 -15.22 -4.58
CA THR H 85 -40.70 -15.46 -4.44
C THR H 85 -40.00 -15.61 -5.78
N PHE H 86 -40.56 -16.42 -6.67
CA PHE H 86 -39.96 -16.67 -7.96
C PHE H 86 -39.79 -15.41 -8.79
N ILE H 87 -40.84 -14.61 -8.88
CA ILE H 87 -40.80 -13.39 -9.66
C ILE H 87 -39.86 -12.37 -9.03
N THR H 88 -39.84 -12.30 -7.70
CA THR H 88 -38.97 -11.36 -7.03
C THR H 88 -37.51 -11.70 -7.31
N TYR H 89 -37.17 -12.98 -7.24
CA TYR H 89 -35.80 -13.41 -7.53
C TYR H 89 -35.42 -13.16 -8.99
N MET H 90 -36.25 -13.67 -9.90
CA MET H 90 -35.99 -13.52 -11.34
C MET H 90 -35.85 -12.06 -11.78
N MET H 91 -36.65 -11.17 -11.20
CA MET H 91 -36.56 -9.77 -11.57
C MET H 91 -35.27 -9.20 -11.00
N THR H 92 -34.82 -9.76 -9.88
CA THR H 92 -33.58 -9.31 -9.27
C THR H 92 -32.41 -9.83 -10.12
N LEU H 93 -32.51 -11.09 -10.54
CA LEU H 93 -31.48 -11.70 -11.36
C LEU H 93 -31.40 -10.97 -12.70
N GLU H 94 -32.56 -10.77 -13.34
CA GLU H 94 -32.59 -10.08 -14.63
C GLU H 94 -31.96 -8.69 -14.53
N ASP H 95 -32.18 -8.03 -13.40
CA ASP H 95 -31.65 -6.69 -13.17
C ASP H 95 -30.12 -6.69 -13.08
N HIS H 96 -29.53 -7.87 -12.86
CA HIS H 96 -28.08 -7.95 -12.75
C HIS H 96 -27.39 -8.29 -14.05
N TYR H 97 -28.16 -8.38 -15.12
CA TYR H 97 -27.60 -8.59 -16.45
C TYR H 97 -27.52 -7.14 -16.96
N HIS H 98 -26.40 -6.75 -17.53
CA HIS H 98 -26.22 -5.38 -18.01
C HIS H 98 -26.91 -5.13 -19.34
N SER H 99 -27.88 -4.24 -19.34
CA SER H 99 -28.59 -3.93 -20.58
C SER H 99 -27.69 -3.24 -21.61
N ASP H 100 -26.62 -2.59 -21.16
CA ASP H 100 -25.72 -1.90 -22.08
C ASP H 100 -24.62 -2.80 -22.69
N VAL H 101 -24.67 -4.09 -22.38
CA VAL H 101 -23.72 -5.03 -22.96
C VAL H 101 -24.47 -5.60 -24.17
N ALA H 102 -23.88 -5.49 -25.35
CA ALA H 102 -24.52 -5.94 -26.59
C ALA H 102 -25.04 -7.37 -26.66
N TYR H 103 -24.25 -8.35 -26.23
CA TYR H 103 -24.68 -9.76 -26.32
C TYR H 103 -25.06 -10.41 -25.00
N HIS H 104 -24.12 -10.44 -24.05
CA HIS H 104 -24.36 -11.07 -22.77
C HIS H 104 -25.27 -10.32 -21.81
N ASN H 105 -26.50 -10.08 -22.25
CA ASN H 105 -27.50 -9.41 -21.44
C ASN H 105 -28.58 -10.46 -21.15
N SER H 106 -29.68 -10.06 -20.51
CA SER H 106 -30.73 -11.01 -20.15
C SER H 106 -31.35 -11.73 -21.35
N LEU H 107 -31.31 -11.13 -22.53
CA LEU H 107 -31.90 -11.79 -23.68
C LEU H 107 -31.16 -13.09 -24.02
N HIS H 108 -29.83 -13.07 -23.88
CA HIS H 108 -29.03 -14.26 -24.14
C HIS H 108 -29.35 -15.31 -23.07
N ALA H 109 -29.53 -14.86 -21.84
CA ALA H 109 -29.85 -15.76 -20.74
C ALA H 109 -31.23 -16.38 -20.99
N ALA H 110 -32.17 -15.55 -21.43
CA ALA H 110 -33.51 -16.02 -21.70
C ALA H 110 -33.40 -17.13 -22.75
N ASP H 111 -32.67 -16.84 -23.82
CA ASP H 111 -32.48 -17.78 -24.92
C ASP H 111 -31.88 -19.12 -24.48
N VAL H 112 -30.83 -19.07 -23.68
CA VAL H 112 -30.19 -20.30 -23.20
C VAL H 112 -31.12 -21.09 -22.28
N ALA H 113 -31.88 -20.38 -21.45
CA ALA H 113 -32.80 -21.04 -20.53
C ALA H 113 -33.86 -21.77 -21.35
N GLN H 114 -34.47 -21.03 -22.28
CA GLN H 114 -35.50 -21.58 -23.14
C GLN H 114 -34.98 -22.74 -23.99
N SER H 115 -33.76 -22.61 -24.51
CA SER H 115 -33.18 -23.69 -25.33
C SER H 115 -32.89 -24.93 -24.49
N THR H 116 -32.46 -24.72 -23.26
CA THR H 116 -32.16 -25.83 -22.36
C THR H 116 -33.47 -26.54 -22.04
N HIS H 117 -34.53 -25.75 -21.93
CA HIS H 117 -35.85 -26.29 -21.63
C HIS H 117 -36.35 -27.26 -22.71
N VAL H 118 -36.05 -26.94 -23.97
CA VAL H 118 -36.46 -27.77 -25.09
C VAL H 118 -35.60 -29.03 -25.16
N LEU H 119 -34.29 -28.88 -25.03
CA LEU H 119 -33.37 -30.01 -25.08
C LEU H 119 -33.68 -31.03 -24.00
N LEU H 120 -34.18 -30.57 -22.85
CA LEU H 120 -34.51 -31.46 -21.75
C LEU H 120 -35.67 -32.38 -22.10
N SER H 121 -36.52 -31.93 -23.01
CA SER H 121 -37.69 -32.70 -23.42
C SER H 121 -37.44 -33.56 -24.65
N THR H 122 -36.20 -33.59 -25.11
CA THR H 122 -35.86 -34.39 -26.29
C THR H 122 -36.22 -35.85 -25.98
N PRO H 123 -36.85 -36.56 -26.94
CA PRO H 123 -37.25 -37.96 -26.80
C PRO H 123 -36.24 -38.93 -26.21
N ALA H 124 -35.03 -38.94 -26.76
CA ALA H 124 -34.00 -39.85 -26.28
C ALA H 124 -33.64 -39.71 -24.80
N LEU H 125 -34.06 -38.62 -24.18
CA LEU H 125 -33.75 -38.37 -22.77
C LEU H 125 -35.01 -38.38 -21.91
N ASP H 126 -36.11 -38.82 -22.50
CA ASP H 126 -37.38 -38.88 -21.81
C ASP H 126 -37.34 -39.70 -20.51
N ALA H 127 -37.89 -39.10 -19.46
CA ALA H 127 -37.96 -39.73 -18.13
C ALA H 127 -36.61 -40.10 -17.53
N VAL H 128 -35.54 -39.51 -18.05
CA VAL H 128 -34.20 -39.81 -17.54
C VAL H 128 -33.81 -38.93 -16.35
N PHE H 129 -34.14 -37.64 -16.42
CA PHE H 129 -33.77 -36.72 -15.35
C PHE H 129 -34.86 -36.50 -14.28
N THR H 130 -34.43 -36.37 -13.05
CA THR H 130 -35.33 -36.13 -11.93
C THR H 130 -35.77 -34.67 -11.98
N ASP H 131 -36.76 -34.31 -11.16
CA ASP H 131 -37.24 -32.94 -11.15
C ASP H 131 -36.15 -31.99 -10.62
N LEU H 132 -35.35 -32.48 -9.68
CA LEU H 132 -34.28 -31.67 -9.12
C LEU H 132 -33.25 -31.33 -10.19
N GLU H 133 -32.88 -32.33 -10.99
CA GLU H 133 -31.90 -32.14 -12.05
C GLU H 133 -32.41 -31.17 -13.11
N ILE H 134 -33.70 -31.25 -13.42
CA ILE H 134 -34.34 -30.38 -14.41
C ILE H 134 -34.30 -28.94 -13.89
N LEU H 135 -34.58 -28.78 -12.60
CA LEU H 135 -34.56 -27.48 -11.95
C LEU H 135 -33.15 -26.89 -11.99
N ALA H 136 -32.16 -27.75 -11.77
CA ALA H 136 -30.76 -27.33 -11.77
C ALA H 136 -30.27 -26.84 -13.14
N ALA H 137 -30.56 -27.61 -14.18
CA ALA H 137 -30.13 -27.26 -15.53
C ALA H 137 -30.76 -25.95 -16.01
N ILE H 138 -32.01 -25.72 -15.64
CA ILE H 138 -32.70 -24.52 -16.07
C ILE H 138 -32.27 -23.31 -15.25
N PHE H 139 -31.98 -23.52 -13.98
CA PHE H 139 -31.53 -22.45 -13.10
C PHE H 139 -30.12 -22.04 -13.54
N ALA H 140 -29.32 -23.04 -13.85
CA ALA H 140 -27.95 -22.82 -14.30
C ALA H 140 -27.95 -21.97 -15.55
N ALA H 141 -28.81 -22.32 -16.50
CA ALA H 141 -28.90 -21.59 -17.75
C ALA H 141 -29.29 -20.15 -17.51
N ALA H 142 -30.23 -19.93 -16.60
CA ALA H 142 -30.70 -18.59 -16.30
C ALA H 142 -29.63 -17.68 -15.71
N ILE H 143 -28.72 -18.25 -14.92
CA ILE H 143 -27.68 -17.45 -14.28
C ILE H 143 -26.29 -17.58 -14.90
N HIS H 144 -26.14 -18.45 -15.90
CA HIS H 144 -24.82 -18.70 -16.48
C HIS H 144 -23.96 -17.52 -16.94
N ASP H 145 -24.56 -16.34 -17.16
CA ASP H 145 -23.77 -15.18 -17.57
C ASP H 145 -24.17 -13.91 -16.78
N VAL H 146 -24.80 -14.09 -15.63
CA VAL H 146 -25.23 -12.93 -14.86
C VAL H 146 -24.07 -12.00 -14.49
N ASP H 147 -24.34 -10.71 -14.60
CA ASP H 147 -23.39 -9.65 -14.29
C ASP H 147 -22.16 -9.68 -15.18
N HIS H 148 -22.34 -10.17 -16.41
CA HIS H 148 -21.25 -10.22 -17.39
C HIS H 148 -20.90 -8.79 -17.76
N PRO H 149 -19.61 -8.43 -17.70
CA PRO H 149 -19.18 -7.07 -18.03
C PRO H 149 -18.99 -6.74 -19.52
N GLY H 150 -19.12 -7.75 -20.38
CA GLY H 150 -18.96 -7.52 -21.80
C GLY H 150 -17.52 -7.62 -22.31
N VAL H 151 -16.64 -8.17 -21.49
CA VAL H 151 -15.23 -8.35 -21.90
C VAL H 151 -14.84 -9.79 -21.57
N SER H 152 -13.79 -10.28 -22.22
CA SER H 152 -13.31 -11.65 -22.00
C SER H 152 -12.54 -11.83 -20.69
N ASN H 153 -12.26 -13.08 -20.33
CA ASN H 153 -11.51 -13.38 -19.13
C ASN H 153 -10.11 -12.82 -19.26
N GLN H 154 -9.53 -12.95 -20.45
CA GLN H 154 -8.19 -12.46 -20.68
C GLN H 154 -8.11 -10.96 -20.48
N PHE H 155 -9.17 -10.26 -20.87
CA PHE H 155 -9.20 -8.81 -20.67
C PHE H 155 -9.14 -8.52 -19.17
N LEU H 156 -9.95 -9.25 -18.41
CA LEU H 156 -9.97 -9.06 -16.97
C LEU H 156 -8.62 -9.36 -16.33
N ILE H 157 -7.90 -10.32 -16.90
CA ILE H 157 -6.59 -10.70 -16.40
C ILE H 157 -5.52 -9.67 -16.78
N ASN H 158 -5.54 -9.22 -18.03
CA ASN H 158 -4.57 -8.24 -18.48
C ASN H 158 -4.68 -6.88 -17.78
N THR H 159 -5.89 -6.53 -17.37
CA THR H 159 -6.09 -5.26 -16.68
C THR H 159 -5.88 -5.40 -15.18
N ASN H 160 -5.59 -6.63 -14.75
CA ASN H 160 -5.36 -6.94 -13.34
C ASN H 160 -6.59 -6.60 -12.49
N SER H 161 -7.77 -6.93 -13.00
CA SER H 161 -8.99 -6.65 -12.28
C SER H 161 -9.16 -7.48 -11.02
N GLU H 162 -9.92 -6.93 -10.07
CA GLU H 162 -10.19 -7.59 -8.80
C GLU H 162 -10.77 -9.00 -8.96
N LEU H 163 -11.62 -9.20 -9.96
CA LEU H 163 -12.22 -10.51 -10.21
C LEU H 163 -11.18 -11.54 -10.60
N ALA H 164 -10.20 -11.12 -11.40
CA ALA H 164 -9.16 -12.02 -11.83
C ALA H 164 -8.35 -12.46 -10.63
N LEU H 165 -8.08 -11.54 -9.71
CA LEU H 165 -7.30 -11.86 -8.52
C LEU H 165 -8.12 -12.76 -7.60
N MET H 166 -9.40 -12.44 -7.53
CA MET H 166 -10.36 -13.17 -6.71
C MET H 166 -10.37 -14.67 -7.06
N TYR H 167 -10.28 -14.98 -8.34
CA TYR H 167 -10.33 -16.37 -8.78
C TYR H 167 -9.07 -16.92 -9.45
N ASN H 168 -7.92 -16.35 -9.10
CA ASN H 168 -6.62 -16.78 -9.64
C ASN H 168 -6.59 -16.97 -11.16
N ASP H 169 -7.20 -16.05 -11.89
CA ASP H 169 -7.23 -16.09 -13.35
C ASP H 169 -7.89 -17.34 -13.96
N GLU H 170 -8.53 -18.16 -13.13
CA GLU H 170 -9.17 -19.39 -13.62
C GLU H 170 -10.69 -19.27 -13.72
N SER H 171 -11.22 -19.34 -14.94
CA SER H 171 -12.66 -19.23 -15.14
C SER H 171 -13.21 -18.07 -14.32
N VAL H 172 -12.55 -16.92 -14.45
CA VAL H 172 -12.93 -15.73 -13.71
C VAL H 172 -14.42 -15.40 -13.85
N LEU H 173 -14.85 -15.08 -15.05
CA LEU H 173 -16.25 -14.75 -15.29
C LEU H 173 -17.22 -15.82 -14.79
N GLU H 174 -16.96 -17.08 -15.15
CA GLU H 174 -17.84 -18.16 -14.74
C GLU H 174 -17.97 -18.29 -13.22
N ASN H 175 -16.88 -18.16 -12.49
CA ASN H 175 -16.92 -18.23 -11.02
C ASN H 175 -17.77 -17.06 -10.51
N HIS H 176 -17.62 -15.92 -11.17
CA HIS H 176 -18.37 -14.74 -10.78
C HIS H 176 -19.88 -14.90 -11.01
N HIS H 177 -20.27 -15.44 -12.16
CA HIS H 177 -21.69 -15.64 -12.47
C HIS H 177 -22.32 -16.49 -11.36
N LEU H 178 -21.62 -17.56 -10.96
CA LEU H 178 -22.10 -18.44 -9.91
C LEU H 178 -22.26 -17.69 -8.59
N ALA H 179 -21.23 -16.94 -8.21
CA ALA H 179 -21.26 -16.20 -6.96
C ALA H 179 -22.46 -15.24 -6.90
N VAL H 180 -22.72 -14.53 -8.00
CA VAL H 180 -23.83 -13.59 -8.03
C VAL H 180 -25.18 -14.30 -8.04
N GLY H 181 -25.34 -15.27 -8.92
CA GLY H 181 -26.58 -16.02 -9.01
C GLY H 181 -27.03 -16.55 -7.67
N PHE H 182 -26.11 -17.17 -6.94
CA PHE H 182 -26.42 -17.72 -5.62
C PHE H 182 -26.56 -16.65 -4.56
N LYS H 183 -25.74 -15.62 -4.63
CA LYS H 183 -25.79 -14.54 -3.64
C LYS H 183 -27.15 -13.84 -3.59
N LEU H 184 -27.75 -13.65 -4.76
CA LEU H 184 -29.04 -12.98 -4.84
C LEU H 184 -30.15 -13.70 -4.09
N LEU H 185 -29.97 -15.00 -3.85
CA LEU H 185 -30.97 -15.78 -3.11
C LEU H 185 -31.18 -15.23 -1.70
N GLN H 186 -30.20 -14.49 -1.21
CA GLN H 186 -30.27 -13.93 0.14
C GLN H 186 -31.02 -12.60 0.23
N GLU H 187 -31.34 -11.99 -0.91
CA GLU H 187 -32.09 -10.72 -0.84
C GLU H 187 -33.53 -11.00 -0.43
N GLU H 188 -34.21 -9.98 0.05
CA GLU H 188 -35.60 -10.08 0.51
C GLU H 188 -36.56 -10.85 -0.42
N HIS H 189 -37.20 -11.89 0.12
CA HIS H 189 -38.16 -12.71 -0.63
C HIS H 189 -37.60 -13.30 -1.92
N CYS H 190 -36.32 -13.67 -1.91
CA CYS H 190 -35.69 -14.22 -3.10
C CYS H 190 -35.22 -15.68 -3.03
N ASP H 191 -35.36 -16.33 -1.88
CA ASP H 191 -34.89 -17.70 -1.79
C ASP H 191 -35.81 -18.74 -2.40
N ILE H 192 -35.67 -18.96 -3.70
CA ILE H 192 -36.50 -19.91 -4.40
C ILE H 192 -36.21 -21.36 -4.02
N PHE H 193 -35.18 -21.59 -3.22
CA PHE H 193 -34.84 -22.96 -2.81
C PHE H 193 -35.11 -23.14 -1.31
N MET H 194 -35.79 -22.17 -0.72
CA MET H 194 -36.11 -22.20 0.70
C MET H 194 -36.77 -23.50 1.14
N ASN H 195 -37.63 -24.06 0.30
CA ASN H 195 -38.33 -25.28 0.67
C ASN H 195 -37.78 -26.60 0.14
N LEU H 196 -36.52 -26.62 -0.29
CA LEU H 196 -35.94 -27.89 -0.73
C LEU H 196 -35.27 -28.38 0.54
N THR H 197 -35.02 -29.67 0.66
CA THR H 197 -34.35 -30.17 1.86
C THR H 197 -32.86 -29.83 1.76
N LYS H 198 -32.17 -29.91 2.89
CA LYS H 198 -30.74 -29.62 2.89
C LYS H 198 -30.04 -30.51 1.86
N LYS H 199 -30.49 -31.76 1.75
CA LYS H 199 -29.92 -32.71 0.82
C LYS H 199 -30.12 -32.27 -0.63
N GLN H 200 -31.35 -31.87 -0.96
CA GLN H 200 -31.64 -31.42 -2.31
C GLN H 200 -30.87 -30.16 -2.67
N ARG H 201 -30.73 -29.24 -1.73
CA ARG H 201 -30.01 -28.00 -2.00
C ARG H 201 -28.56 -28.25 -2.31
N GLN H 202 -27.92 -29.13 -1.53
CA GLN H 202 -26.52 -29.45 -1.73
C GLN H 202 -26.27 -30.06 -3.10
N THR H 203 -27.17 -30.94 -3.52
CA THR H 203 -27.02 -31.60 -4.81
C THR H 203 -27.30 -30.63 -5.96
N LEU H 204 -28.27 -29.75 -5.77
CA LEU H 204 -28.61 -28.77 -6.80
C LEU H 204 -27.43 -27.82 -6.97
N ARG H 205 -26.83 -27.41 -5.86
CA ARG H 205 -25.71 -26.50 -5.89
C ARG H 205 -24.50 -27.14 -6.59
N LYS H 206 -24.27 -28.42 -6.30
CA LYS H 206 -23.17 -29.13 -6.91
C LYS H 206 -23.32 -29.24 -8.43
N MET H 207 -24.55 -29.47 -8.89
CA MET H 207 -24.80 -29.58 -10.32
C MET H 207 -24.71 -28.24 -11.05
N VAL H 208 -25.25 -27.20 -10.42
CA VAL H 208 -25.24 -25.87 -11.02
C VAL H 208 -23.82 -25.34 -11.19
N ILE H 209 -23.01 -25.49 -10.14
CA ILE H 209 -21.63 -25.04 -10.20
C ILE H 209 -20.93 -25.79 -11.33
N ASP H 210 -21.17 -27.09 -11.39
CA ASP H 210 -20.58 -27.93 -12.43
C ASP H 210 -20.97 -27.44 -13.82
N MET H 211 -22.26 -27.17 -14.00
CA MET H 211 -22.75 -26.71 -15.29
C MET H 211 -22.25 -25.32 -15.70
N VAL H 212 -22.30 -24.36 -14.79
CA VAL H 212 -21.86 -23.02 -15.13
C VAL H 212 -20.37 -22.96 -15.43
N LEU H 213 -19.55 -23.60 -14.61
CA LEU H 213 -18.12 -23.61 -14.84
C LEU H 213 -17.79 -24.26 -16.17
N ALA H 214 -18.70 -25.07 -16.68
CA ALA H 214 -18.49 -25.78 -17.94
C ALA H 214 -18.73 -24.91 -19.17
N THR H 215 -19.33 -23.74 -18.97
CA THR H 215 -19.61 -22.85 -20.08
C THR H 215 -18.37 -22.06 -20.48
N ASP H 216 -17.30 -22.19 -19.70
CA ASP H 216 -16.05 -21.51 -20.00
C ASP H 216 -15.44 -22.22 -21.21
N MET H 217 -15.35 -21.52 -22.34
CA MET H 217 -14.82 -22.11 -23.57
C MET H 217 -13.46 -22.77 -23.49
N SER H 218 -12.64 -22.39 -22.52
CA SER H 218 -11.32 -23.03 -22.44
C SER H 218 -11.48 -24.52 -22.13
N LYS H 219 -12.68 -24.91 -21.69
CA LYS H 219 -12.96 -26.30 -21.36
C LYS H 219 -13.72 -27.03 -22.47
N HIS H 220 -13.96 -26.35 -23.59
CA HIS H 220 -14.69 -26.94 -24.70
C HIS H 220 -14.15 -28.27 -25.24
N MET H 221 -12.86 -28.32 -25.55
CA MET H 221 -12.24 -29.53 -26.07
C MET H 221 -12.47 -30.69 -25.10
N SER H 222 -12.20 -30.44 -23.84
CA SER H 222 -12.37 -31.44 -22.80
C SER H 222 -13.80 -31.96 -22.74
N LEU H 223 -14.77 -31.05 -22.83
CA LEU H 223 -16.17 -31.39 -22.78
C LEU H 223 -16.60 -32.28 -23.96
N LEU H 224 -16.13 -31.93 -25.16
CA LEU H 224 -16.45 -32.67 -26.37
C LEU H 224 -15.88 -34.08 -26.31
N ALA H 225 -14.67 -34.22 -25.78
CA ALA H 225 -14.03 -35.52 -25.67
C ALA H 225 -14.90 -36.47 -24.84
N ASP H 226 -15.37 -36.00 -23.69
CA ASP H 226 -16.21 -36.80 -22.81
C ASP H 226 -17.53 -37.17 -23.49
N LEU H 227 -18.18 -36.18 -24.10
CA LEU H 227 -19.45 -36.44 -24.77
C LEU H 227 -19.28 -37.53 -25.81
N LYS H 228 -18.16 -37.50 -26.53
CA LYS H 228 -17.89 -38.51 -27.55
C LYS H 228 -17.71 -39.88 -26.89
N THR H 229 -17.06 -39.87 -25.73
CA THR H 229 -16.84 -41.10 -24.97
C THR H 229 -18.18 -41.59 -24.44
N MET H 230 -19.13 -40.67 -24.31
CA MET H 230 -20.47 -41.01 -23.83
C MET H 230 -21.22 -41.72 -24.94
N VAL H 231 -21.18 -41.13 -26.14
CA VAL H 231 -21.86 -41.69 -27.30
C VAL H 231 -21.32 -43.08 -27.63
N GLU H 232 -20.01 -43.25 -27.52
CA GLU H 232 -19.38 -44.54 -27.81
C GLU H 232 -19.83 -45.67 -26.89
N THR H 233 -20.17 -45.34 -25.65
CA THR H 233 -20.59 -46.37 -24.70
C THR H 233 -22.04 -46.24 -24.24
N LYS H 234 -22.85 -45.51 -24.99
CA LYS H 234 -24.24 -45.31 -24.60
C LYS H 234 -25.04 -46.60 -24.64
N LYS H 235 -26.02 -46.68 -23.75
CA LYS H 235 -26.89 -47.85 -23.65
C LYS H 235 -28.31 -47.33 -23.83
N VAL H 236 -29.02 -47.85 -24.83
CA VAL H 236 -30.38 -47.43 -25.10
C VAL H 236 -31.38 -48.53 -24.74
N THR H 237 -32.48 -48.16 -24.11
CA THR H 237 -33.50 -49.14 -23.73
C THR H 237 -34.19 -49.64 -25.00
N SER H 238 -34.90 -50.76 -24.87
CA SER H 238 -35.63 -51.36 -25.98
C SER H 238 -36.54 -50.34 -26.67
N SER H 239 -37.03 -49.37 -25.90
CA SER H 239 -37.92 -48.33 -26.43
C SER H 239 -37.16 -47.46 -27.44
N GLY H 240 -36.01 -46.95 -27.00
CA GLY H 240 -35.20 -46.09 -27.86
C GLY H 240 -34.66 -44.93 -27.03
N VAL H 241 -34.94 -44.99 -25.72
CA VAL H 241 -34.52 -43.97 -24.77
C VAL H 241 -33.14 -44.28 -24.23
N LEU H 242 -32.39 -43.24 -23.86
CA LEU H 242 -31.05 -43.40 -23.31
C LEU H 242 -31.12 -43.93 -21.89
N LEU H 243 -30.08 -44.66 -21.50
CA LEU H 243 -30.01 -45.24 -20.18
C LEU H 243 -28.80 -44.68 -19.44
N LEU H 244 -29.05 -43.74 -18.54
CA LEU H 244 -27.98 -43.11 -17.77
C LEU H 244 -28.02 -43.58 -16.32
N ASP H 245 -27.20 -44.58 -16.02
CA ASP H 245 -27.12 -45.19 -14.70
C ASP H 245 -26.83 -44.26 -13.52
N ASN H 246 -25.56 -43.96 -13.31
CA ASN H 246 -25.14 -43.11 -12.20
C ASN H 246 -25.18 -41.61 -12.45
N TYR H 247 -24.80 -40.86 -11.41
CA TYR H 247 -24.77 -39.40 -11.45
C TYR H 247 -23.76 -38.92 -12.48
N THR H 248 -22.57 -39.50 -12.42
CA THR H 248 -21.48 -39.16 -13.33
C THR H 248 -21.89 -39.07 -14.80
N ASP H 249 -22.73 -39.99 -15.26
CA ASP H 249 -23.15 -39.98 -16.66
C ASP H 249 -24.24 -38.94 -16.89
N ARG H 250 -25.10 -38.75 -15.89
CA ARG H 250 -26.18 -37.80 -16.03
C ARG H 250 -25.71 -36.36 -16.03
N ILE H 251 -24.86 -36.00 -15.06
CA ILE H 251 -24.36 -34.63 -14.98
C ILE H 251 -23.51 -34.30 -16.21
N GLN H 252 -22.80 -35.30 -16.72
CA GLN H 252 -21.97 -35.12 -17.90
C GLN H 252 -22.84 -34.75 -19.09
N VAL H 253 -24.05 -35.32 -19.16
CA VAL H 253 -24.97 -35.02 -20.25
C VAL H 253 -25.60 -33.65 -20.04
N LEU H 254 -25.86 -33.29 -18.78
CA LEU H 254 -26.43 -31.98 -18.48
C LEU H 254 -25.45 -30.83 -18.76
N ARG H 255 -24.15 -31.04 -18.52
CA ARG H 255 -23.14 -30.00 -18.78
C ARG H 255 -23.12 -29.71 -20.27
N ASN H 256 -23.05 -30.78 -21.07
CA ASN H 256 -23.02 -30.61 -22.52
C ASN H 256 -24.32 -30.04 -23.03
N MET H 257 -25.41 -30.31 -22.33
CA MET H 257 -26.70 -29.79 -22.75
C MET H 257 -26.69 -28.27 -22.63
N VAL H 258 -26.34 -27.75 -21.46
CA VAL H 258 -26.28 -26.31 -21.26
C VAL H 258 -25.24 -25.68 -22.18
N HIS H 259 -24.12 -26.38 -22.38
CA HIS H 259 -23.05 -25.91 -23.25
C HIS H 259 -23.58 -25.79 -24.69
N CYS H 260 -24.35 -26.79 -25.14
CA CYS H 260 -24.93 -26.75 -26.48
C CYS H 260 -25.93 -25.60 -26.59
N ALA H 261 -26.70 -25.38 -25.54
CA ALA H 261 -27.67 -24.30 -25.53
C ALA H 261 -26.92 -22.96 -25.66
N ASP H 262 -25.80 -22.85 -24.96
CA ASP H 262 -24.98 -21.63 -24.99
C ASP H 262 -24.47 -21.41 -26.41
N LEU H 263 -24.21 -22.51 -27.12
CA LEU H 263 -23.72 -22.45 -28.50
C LEU H 263 -24.80 -22.80 -29.52
N SER H 264 -26.05 -22.45 -29.24
CA SER H 264 -27.15 -22.78 -30.15
C SER H 264 -27.55 -21.69 -31.15
N ASN H 265 -26.90 -20.54 -31.10
CA ASN H 265 -27.24 -19.47 -32.02
C ASN H 265 -27.27 -19.91 -33.49
N PRO H 266 -26.18 -20.55 -33.97
CA PRO H 266 -26.14 -20.99 -35.37
C PRO H 266 -27.13 -22.10 -35.73
N THR H 267 -27.82 -22.67 -34.75
CA THR H 267 -28.78 -23.74 -35.03
C THR H 267 -30.22 -23.23 -35.01
N LYS H 268 -30.39 -21.91 -34.97
CA LYS H 268 -31.72 -21.31 -34.95
C LYS H 268 -32.04 -20.81 -36.36
N SER H 269 -33.24 -20.29 -36.56
CA SER H 269 -33.61 -19.79 -37.87
C SER H 269 -32.62 -18.69 -38.26
N LEU H 270 -32.27 -18.64 -39.54
CA LEU H 270 -31.33 -17.65 -40.03
C LEU H 270 -31.68 -16.24 -39.54
N GLU H 271 -32.98 -15.97 -39.41
CA GLU H 271 -33.44 -14.66 -38.97
C GLU H 271 -32.94 -14.36 -37.54
N LEU H 272 -33.00 -15.37 -36.68
CA LEU H 272 -32.57 -15.23 -35.31
C LEU H 272 -31.05 -15.20 -35.25
N TYR H 273 -30.44 -16.19 -35.90
CA TYR H 273 -28.98 -16.32 -35.93
C TYR H 273 -28.26 -15.06 -36.43
N ARG H 274 -28.84 -14.38 -37.41
CA ARG H 274 -28.20 -13.17 -37.92
C ARG H 274 -28.23 -12.04 -36.91
N GLN H 275 -29.20 -12.06 -36.00
CA GLN H 275 -29.32 -11.03 -34.98
C GLN H 275 -28.33 -11.32 -33.84
N TRP H 276 -28.12 -12.60 -33.57
CA TRP H 276 -27.20 -13.02 -32.54
C TRP H 276 -25.78 -12.66 -32.97
N THR H 277 -25.52 -12.80 -34.26
CA THR H 277 -24.21 -12.48 -34.80
C THR H 277 -23.93 -10.97 -34.70
N ASP H 278 -24.92 -10.15 -35.02
CA ASP H 278 -24.72 -8.71 -34.93
C ASP H 278 -24.36 -8.32 -33.51
N ARG H 279 -25.10 -8.85 -32.55
CA ARG H 279 -24.87 -8.56 -31.15
C ARG H 279 -23.50 -9.00 -30.65
N ILE H 280 -23.11 -10.24 -30.93
CA ILE H 280 -21.82 -10.72 -30.46
C ILE H 280 -20.69 -9.90 -31.06
N MET H 281 -20.85 -9.44 -32.30
CA MET H 281 -19.82 -8.64 -32.94
C MET H 281 -19.77 -7.25 -32.33
N GLU H 282 -20.94 -6.72 -31.99
CA GLU H 282 -21.04 -5.39 -31.39
C GLU H 282 -20.32 -5.40 -30.05
N GLU H 283 -20.52 -6.46 -29.28
CA GLU H 283 -19.88 -6.58 -27.98
C GLU H 283 -18.37 -6.66 -28.13
N PHE H 284 -17.90 -7.40 -29.12
CA PHE H 284 -16.48 -7.53 -29.35
C PHE H 284 -15.88 -6.17 -29.69
N PHE H 285 -16.57 -5.39 -30.52
CA PHE H 285 -16.08 -4.06 -30.87
C PHE H 285 -16.06 -3.17 -29.63
N GLN H 286 -17.00 -3.39 -28.72
CA GLN H 286 -17.05 -2.60 -27.49
C GLN H 286 -15.78 -2.89 -26.67
N GLN H 287 -15.36 -4.15 -26.65
CA GLN H 287 -14.16 -4.49 -25.91
C GLN H 287 -12.96 -3.81 -26.56
N GLY H 288 -12.97 -3.77 -27.89
CA GLY H 288 -11.91 -3.12 -28.62
C GLY H 288 -11.79 -1.66 -28.22
N ASP H 289 -12.93 -1.01 -28.04
CA ASP H 289 -12.95 0.39 -27.63
C ASP H 289 -12.31 0.52 -26.27
N LYS H 290 -12.70 -0.36 -25.35
CA LYS H 290 -12.16 -0.35 -24.00
C LYS H 290 -10.66 -0.59 -24.00
N GLU H 291 -10.20 -1.52 -24.85
CA GLU H 291 -8.77 -1.83 -24.92
C GLU H 291 -8.01 -0.60 -25.39
N ARG H 292 -8.57 0.11 -26.37
CA ARG H 292 -7.95 1.32 -26.90
C ARG H 292 -7.86 2.39 -25.81
N GLU H 293 -8.95 2.58 -25.08
CA GLU H 293 -8.98 3.58 -24.02
C GLU H 293 -7.92 3.30 -22.95
N ARG H 294 -7.70 2.03 -22.64
CA ARG H 294 -6.73 1.67 -21.63
C ARG H 294 -5.32 1.52 -22.17
N GLY H 295 -5.14 1.92 -23.42
CA GLY H 295 -3.82 1.84 -24.05
C GLY H 295 -3.37 0.45 -24.43
N MET H 296 -4.31 -0.47 -24.64
CA MET H 296 -3.98 -1.86 -25.00
C MET H 296 -4.12 -2.16 -26.49
N GLU H 297 -3.43 -3.21 -26.94
CA GLU H 297 -3.51 -3.61 -28.34
C GLU H 297 -4.91 -4.19 -28.55
N ILE H 298 -5.53 -3.88 -29.69
CA ILE H 298 -6.86 -4.38 -29.96
C ILE H 298 -6.81 -5.88 -30.23
N SER H 299 -7.62 -6.64 -29.50
CA SER H 299 -7.66 -8.08 -29.66
C SER H 299 -8.26 -8.49 -31.01
N PRO H 300 -7.94 -9.71 -31.49
CA PRO H 300 -8.46 -10.19 -32.77
C PRO H 300 -10.00 -10.18 -32.78
N MET H 301 -10.58 -9.74 -33.90
CA MET H 301 -12.02 -9.69 -34.06
C MET H 301 -12.70 -8.58 -33.26
N CYS H 302 -11.91 -7.75 -32.61
CA CYS H 302 -12.46 -6.66 -31.83
C CYS H 302 -12.32 -5.34 -32.56
N ASP H 303 -11.83 -5.41 -33.79
CA ASP H 303 -11.63 -4.22 -34.61
C ASP H 303 -12.72 -4.15 -35.68
N LYS H 304 -13.58 -3.15 -35.59
CA LYS H 304 -14.68 -2.93 -36.53
C LYS H 304 -14.17 -2.92 -37.99
N HIS H 305 -12.96 -2.39 -38.19
CA HIS H 305 -12.36 -2.26 -39.51
C HIS H 305 -11.60 -3.42 -40.11
N THR H 306 -11.23 -4.43 -39.32
CA THR H 306 -10.49 -5.56 -39.88
C THR H 306 -11.20 -6.88 -39.63
N ALA H 307 -12.38 -6.81 -39.04
CA ALA H 307 -13.13 -8.02 -38.77
C ALA H 307 -13.77 -8.53 -40.05
N SER H 308 -13.98 -9.85 -40.12
CA SER H 308 -14.63 -10.47 -41.26
C SER H 308 -15.68 -11.41 -40.68
N VAL H 309 -16.84 -10.83 -40.41
CA VAL H 309 -17.99 -11.50 -39.82
C VAL H 309 -18.36 -12.83 -40.44
N GLU H 310 -18.69 -12.82 -41.73
CA GLU H 310 -19.09 -14.03 -42.42
C GLU H 310 -18.07 -15.15 -42.28
N LYS H 311 -16.82 -14.87 -42.63
CA LYS H 311 -15.75 -15.86 -42.54
C LYS H 311 -15.59 -16.42 -41.13
N SER H 312 -15.84 -15.58 -40.14
CA SER H 312 -15.70 -15.99 -38.75
C SER H 312 -16.83 -16.91 -38.30
N GLN H 313 -18.03 -16.68 -38.79
CA GLN H 313 -19.15 -17.54 -38.41
C GLN H 313 -18.90 -18.92 -39.00
N VAL H 314 -18.40 -18.96 -40.22
CA VAL H 314 -18.12 -20.23 -40.86
C VAL H 314 -17.07 -20.96 -40.02
N GLY H 315 -16.06 -20.23 -39.58
CA GLY H 315 -15.04 -20.83 -38.76
C GLY H 315 -15.58 -21.33 -37.43
N PHE H 316 -16.46 -20.52 -36.83
CA PHE H 316 -17.08 -20.86 -35.56
C PHE H 316 -17.87 -22.16 -35.71
N ILE H 317 -18.61 -22.28 -36.81
CA ILE H 317 -19.41 -23.46 -37.07
C ILE H 317 -18.54 -24.69 -37.35
N ASP H 318 -17.64 -24.57 -38.32
CA ASP H 318 -16.76 -25.68 -38.70
C ASP H 318 -15.87 -26.25 -37.60
N TYR H 319 -15.44 -25.43 -36.65
CA TYR H 319 -14.54 -25.90 -35.61
C TYR H 319 -15.11 -26.06 -34.20
N ILE H 320 -16.19 -25.35 -33.89
CA ILE H 320 -16.77 -25.46 -32.56
C ILE H 320 -18.22 -25.93 -32.50
N VAL H 321 -19.12 -25.23 -33.19
CA VAL H 321 -20.53 -25.57 -33.14
C VAL H 321 -20.86 -26.94 -33.79
N HIS H 322 -20.51 -27.13 -35.06
CA HIS H 322 -20.81 -28.38 -35.74
C HIS H 322 -20.25 -29.61 -35.05
N PRO H 323 -18.95 -29.59 -34.70
CA PRO H 323 -18.41 -30.77 -34.03
C PRO H 323 -19.17 -31.11 -32.76
N LEU H 324 -19.61 -30.09 -32.02
CA LEU H 324 -20.34 -30.33 -30.78
C LEU H 324 -21.74 -30.87 -31.05
N TRP H 325 -22.53 -30.15 -31.84
CA TRP H 325 -23.89 -30.58 -32.13
C TRP H 325 -23.96 -31.93 -32.85
N GLU H 326 -22.93 -32.22 -33.65
CA GLU H 326 -22.88 -33.48 -34.37
C GLU H 326 -22.82 -34.61 -33.36
N THR H 327 -21.97 -34.45 -32.34
CA THR H 327 -21.82 -35.46 -31.29
C THR H 327 -23.09 -35.54 -30.45
N TRP H 328 -23.78 -34.41 -30.29
CA TRP H 328 -25.01 -34.40 -29.50
C TRP H 328 -26.12 -35.08 -30.29
N ALA H 329 -26.15 -34.82 -31.60
CA ALA H 329 -27.16 -35.43 -32.47
C ALA H 329 -26.99 -36.95 -32.40
N ASP H 330 -25.75 -37.38 -32.17
CA ASP H 330 -25.40 -38.78 -32.06
C ASP H 330 -26.04 -39.40 -30.82
N LEU H 331 -25.79 -38.76 -29.68
CA LEU H 331 -26.30 -39.22 -28.40
C LEU H 331 -27.82 -39.34 -28.36
N VAL H 332 -28.53 -38.33 -28.84
CA VAL H 332 -29.98 -38.32 -28.85
C VAL H 332 -30.61 -38.65 -30.21
N GLN H 333 -29.90 -39.45 -30.98
CA GLN H 333 -30.32 -39.87 -32.31
C GLN H 333 -31.75 -40.42 -32.32
N PRO H 334 -32.60 -39.95 -33.25
CA PRO H 334 -32.36 -38.96 -34.30
C PRO H 334 -33.09 -37.64 -34.02
N ASP H 335 -33.25 -37.30 -32.74
CA ASP H 335 -33.95 -36.08 -32.36
C ASP H 335 -33.37 -34.77 -32.87
N ALA H 336 -32.05 -34.64 -32.82
CA ALA H 336 -31.39 -33.41 -33.24
C ALA H 336 -31.14 -33.27 -34.73
N GLN H 337 -31.73 -34.15 -35.54
CA GLN H 337 -31.51 -34.08 -36.98
C GLN H 337 -31.89 -32.74 -37.63
N ASP H 338 -33.07 -32.22 -37.31
CA ASP H 338 -33.50 -30.96 -37.90
C ASP H 338 -32.52 -29.85 -37.56
N ILE H 339 -32.12 -29.79 -36.29
CA ILE H 339 -31.17 -28.79 -35.83
C ILE H 339 -29.90 -28.88 -36.67
N LEU H 340 -29.39 -30.09 -36.79
CA LEU H 340 -28.18 -30.34 -37.57
C LEU H 340 -28.32 -29.89 -39.02
N ASP H 341 -29.53 -29.96 -39.57
CA ASP H 341 -29.75 -29.53 -40.95
C ASP H 341 -29.74 -28.02 -41.06
N THR H 342 -30.45 -27.36 -40.15
CA THR H 342 -30.52 -25.90 -40.13
C THR H 342 -29.12 -25.30 -39.97
N LEU H 343 -28.33 -25.93 -39.11
CA LEU H 343 -26.96 -25.49 -38.86
C LEU H 343 -26.18 -25.48 -40.17
N GLU H 344 -26.27 -26.59 -40.91
CA GLU H 344 -25.56 -26.72 -42.18
C GLU H 344 -26.10 -25.79 -43.26
N ASP H 345 -27.36 -25.36 -43.14
CA ASP H 345 -27.93 -24.43 -44.10
C ASP H 345 -27.42 -23.03 -43.81
N ASN H 346 -27.41 -22.67 -42.53
CA ASN H 346 -26.95 -21.35 -42.12
C ASN H 346 -25.45 -21.24 -42.41
N ARG H 347 -24.75 -22.35 -42.24
CA ARG H 347 -23.32 -22.41 -42.49
C ARG H 347 -23.05 -22.01 -43.94
N ASN H 348 -23.81 -22.58 -44.87
CA ASN H 348 -23.61 -22.28 -46.29
C ASN H 348 -24.06 -20.86 -46.63
N TRP H 349 -25.06 -20.36 -45.94
CA TRP H 349 -25.51 -19.00 -46.22
C TRP H 349 -24.37 -18.04 -45.91
N TYR H 350 -23.81 -18.14 -44.71
CA TYR H 350 -22.71 -17.28 -44.31
C TYR H 350 -21.50 -17.46 -45.21
N GLN H 351 -21.27 -18.70 -45.64
CA GLN H 351 -20.16 -18.99 -46.53
C GLN H 351 -20.35 -18.22 -47.83
N SER H 352 -21.59 -18.12 -48.29
CA SER H 352 -21.86 -17.43 -49.54
C SER H 352 -21.79 -15.92 -49.39
N MET H 353 -21.84 -15.45 -48.14
CA MET H 353 -21.80 -14.01 -47.88
C MET H 353 -20.38 -13.48 -47.66
N ILE H 354 -19.39 -14.38 -47.69
CA ILE H 354 -18.01 -13.94 -47.55
C ILE H 354 -17.73 -13.10 -48.80
N PRO H 355 -17.29 -11.84 -48.61
CA PRO H 355 -17.01 -10.98 -49.75
C PRO H 355 -15.97 -11.50 -50.77
N GLN H 356 -16.28 -11.27 -52.05
CA GLN H 356 -15.45 -11.63 -53.20
C GLN H 356 -14.39 -12.71 -53.03
C1 Z72 I . -32.73 15.86 -6.61
C2 Z72 I . -33.41 16.58 -7.63
O3 Z72 I . -34.80 16.79 -7.56
C4 Z72 I . -35.52 15.63 -7.09
C5 Z72 I . -36.51 15.14 -8.15
C6 Z72 I . -37.92 15.49 -7.66
C7 Z72 I . -37.77 16.17 -6.29
C8 Z72 I . -36.33 15.96 -5.84
C9 Z72 I . -32.69 17.02 -8.77
CA Z72 I . -32.79 14.85 -4.37
OA Z72 I . -33.46 15.48 -5.44
OB Z72 I . -33.50 14.58 -3.37
O10 Z72 I . -33.36 17.76 -9.76
C11 Z72 I . -32.48 18.45 -10.67
C12 Z72 I . -31.29 16.76 -8.90
C13 Z72 I . -30.62 16.02 -7.87
C14 Z72 I . -31.35 15.58 -6.71
C15 Z72 I . -30.74 14.88 -5.67
N16 Z72 I . -29.38 14.43 -5.86
C17 Z72 I . -31.39 14.57 -4.52
C18 Z72 I . -28.75 13.51 -4.94
C19 Z72 I . -27.72 13.93 -4.17
CL20 Z72 I . -27.13 15.52 -4.35
C21 Z72 I . -27.15 13.07 -3.20
N22 Z72 I . -27.63 11.76 -3.04
C23 Z72 I . -28.69 11.37 -3.85
C24 Z72 I . -29.24 12.24 -4.81
CL25 Z72 I . -30.47 11.71 -5.84
ZN ZN J . -24.11 12.94 -7.08
MG MG K . -24.33 10.06 -4.49
S SO4 L . 2.87 13.18 -20.64
O1 SO4 L . 2.95 12.14 -19.60
O2 SO4 L . 4.17 13.86 -20.80
O3 SO4 L . 2.51 12.52 -21.91
O4 SO4 L . 1.86 14.20 -20.29
C1 Z72 M . 39.77 -4.57 -36.37
C2 Z72 M . 40.38 -5.36 -35.38
O3 Z72 M . 41.52 -6.10 -35.68
C4 Z72 M . 41.41 -6.85 -36.90
C5 Z72 M . 41.54 -8.35 -36.63
C6 Z72 M . 42.96 -8.76 -37.03
C7 Z72 M . 43.61 -7.56 -37.73
C8 Z72 M . 42.54 -6.47 -37.87
C9 Z72 M . 39.81 -5.43 -34.11
CA Z72 M . 39.86 -3.65 -38.66
OA Z72 M . 40.42 -4.48 -37.66
OB Z72 M . 40.51 -3.59 -39.73
O10 Z72 M . 40.43 -6.23 -33.13
C11 Z72 M . 39.95 -6.00 -31.80
C12 Z72 M . 38.60 -4.72 -33.80
C13 Z72 M . 37.99 -3.93 -34.81
C14 Z72 M . 38.59 -3.85 -36.13
C15 Z72 M . 38.04 -3.09 -37.17
N16 Z72 M . 36.77 -2.44 -36.94
C17 Z72 M . 38.65 -2.96 -38.37
C18 Z72 M . 35.99 -1.84 -38.01
C19 Z72 M . 35.74 -0.51 -38.00
CL20 Z72 M . 36.32 0.46 -36.70
C21 Z72 M . 35.01 0.08 -39.06
N22 Z72 M . 34.54 -0.67 -40.12
C23 Z72 M . 34.80 -2.03 -40.12
C24 Z72 M . 35.53 -2.62 -39.06
CL25 Z72 M . 35.79 -4.32 -39.06
ZN ZN N . 31.70 -0.37 -35.31
MG MG O . 30.76 -0.10 -39.19
S SO4 P . 9.34 8.94 -17.55
O1 SO4 P . 8.71 7.64 -17.29
O2 SO4 P . 10.81 8.79 -17.59
O3 SO4 P . 8.84 9.46 -18.83
O4 SO4 P . 8.99 9.89 -16.47
C1 Z72 Q . -11.46 -2.07 30.80
C2 Z72 Q . -11.00 -2.60 32.00
O3 Z72 Q . -9.95 -1.99 32.69
C4 Z72 Q . -8.80 -1.74 31.86
C5 Z72 Q . -7.60 -2.51 32.38
C6 Z72 Q . -6.77 -1.53 33.21
C7 Z72 Q . -7.32 -0.11 32.94
C8 Z72 Q . -8.42 -0.26 31.90
C9 Z72 Q . -11.55 -3.76 32.51
CA Z72 Q . -11.41 -0.21 29.16
OA Z72 Q . -10.90 -0.83 30.33
OB Z72 Q . -10.93 0.91 28.89
O10 Z72 Q . -11.11 -4.24 33.75
C11 Z72 Q . -11.95 -5.25 34.32
C12 Z72 Q . -12.59 -4.45 31.78
C13 Z72 Q . -13.06 -3.92 30.55
C14 Z72 Q . -12.47 -2.70 30.04
C15 Z72 Q . -12.91 -2.10 28.84
N16 Z72 Q . -13.90 -2.78 28.06
C17 Z72 Q . -12.42 -0.91 28.42
C18 Z72 Q . -14.25 -2.35 26.70
C19 Z72 Q . -15.51 -1.90 26.43
CL20 Z72 Q . -16.68 -1.79 27.68
C21 Z72 Q . -15.84 -1.48 25.12
N22 Z72 Q . -14.91 -1.51 24.09
C23 Z72 Q . -13.64 -1.97 24.39
C24 Z72 Q . -13.31 -2.40 25.69
CL25 Z72 Q . -11.74 -3.00 26.01
ZN ZN R . -17.55 -6.05 25.27
MG MG S . -16.44 -4.30 21.96
C1 Z72 T . -3.11 -36.86 7.95
C2 Z72 T . -2.51 -37.61 8.98
O3 Z72 T . -3.09 -38.83 9.41
C4 Z72 T . -4.52 -38.75 9.57
C5 Z72 T . -4.92 -39.00 11.02
C6 Z72 T . -5.64 -40.37 11.08
C7 Z72 T . -5.69 -40.91 9.66
C8 Z72 T . -5.24 -39.80 8.71
C9 Z72 T . -1.39 -37.12 9.66
CA Z72 T . -4.80 -36.71 6.16
OA Z72 T . -4.22 -37.41 7.24
OB Z72 T . -5.75 -37.26 5.61
O10 Z72 T . -0.80 -37.88 10.67
C11 Z72 T . 0.42 -37.34 11.17
C12 Z72 T . -0.83 -35.86 9.30
C13 Z72 T . -1.43 -35.09 8.25
C14 Z72 T . -2.58 -35.61 7.56
C15 Z72 T . -3.23 -34.90 6.53
N16 Z72 T . -2.76 -33.59 6.22
C17 Z72 T . -4.26 -35.42 5.84
C18 Z72 T . -3.47 -32.72 5.32
C19 Z72 T . -2.92 -32.39 4.13
CL20 Z72 T . -1.37 -32.99 3.69
C21 Z72 T . -3.63 -31.61 3.22
N22 Z72 T . -4.89 -31.13 3.52
C23 Z72 T . -5.43 -31.47 4.74
C24 Z72 T . -4.71 -32.27 5.65
CL25 Z72 T . -5.41 -32.64 7.17
ZN ZN U . -0.62 -28.38 5.57
MG MG V . -3.94 -27.42 3.95
C1 Z72 W . -4.75 21.02 33.24
C2 Z72 W . -5.06 21.48 31.95
O3 Z72 W . -5.15 20.58 30.89
C4 Z72 W . -3.99 19.72 30.78
C5 Z72 W . -3.28 19.94 29.45
C6 Z72 W . -3.75 18.83 28.50
C7 Z72 W . -4.51 17.79 29.35
C8 Z72 W . -4.42 18.24 30.80
C9 Z72 W . -5.24 22.82 31.71
CA Z72 W . -4.42 19.10 34.76
OA Z72 W . -4.62 19.60 33.44
OB Z72 W . -4.41 17.85 34.87
O10 Z72 W . -5.57 23.24 30.42
C11 Z72 W . -6.06 24.60 30.36
C12 Z72 W . -5.10 23.79 32.78
C13 Z72 W . -4.77 23.32 34.09
C14 Z72 W . -4.59 21.91 34.32
C15 Z72 W . -4.31 21.38 35.60
N16 Z72 W . -4.12 22.30 36.69
C17 Z72 W . -4.24 20.05 35.83
C18 Z72 W . -3.61 21.87 37.99
C19 Z72 W . -4.40 21.98 39.10
CL20 Z72 W . -6.01 22.58 38.96
C21 Z72 W . -3.90 21.56 40.36
N22 Z72 W . -2.63 21.02 40.49
C23 Z72 W . -1.86 20.91 39.35
C24 Z72 W . -2.35 21.34 38.10
CL25 Z72 W . -1.36 21.23 36.71
ZN ZN X . -3.06 26.37 40.46
MG MG Y . -0.96 23.80 42.48
C1 Z72 Z . 30.40 44.20 37.06
C2 Z72 Z . 30.37 44.76 35.76
O3 Z72 Z . 30.26 46.15 35.60
C4 Z72 Z . 29.24 46.75 36.45
C5 Z72 Z . 28.12 47.39 35.60
C6 Z72 Z . 28.25 48.91 35.74
C7 Z72 Z . 29.42 49.20 36.70
C8 Z72 Z . 29.84 47.87 37.31
C9 Z72 Z . 30.36 43.92 34.65
CA Z72 Z . 30.54 44.55 39.50
OA Z72 Z . 30.46 45.08 38.19
OB Z72 Z . 30.62 45.38 40.42
O10 Z72 Z . 30.36 44.48 33.37
C11 Z72 Z . 30.47 43.53 32.31
C12 Z72 Z . 30.38 42.49 34.80
C13 Z72 Z . 30.40 41.94 36.10
C14 Z72 Z . 30.41 42.80 37.26
C15 Z72 Z . 30.43 42.31 38.57
N16 Z72 Z . 30.35 40.89 38.76
C17 Z72 Z . 30.52 43.12 39.65
C18 Z72 Z . 30.17 40.30 40.07
C19 Z72 Z . 31.16 39.60 40.63
CL20 Z72 Z . 32.64 39.39 39.78
C21 Z72 Z . 31.02 39.08 41.93
N22 Z72 Z . 29.87 39.28 42.65
C23 Z72 Z . 28.86 40.01 42.05
C24 Z72 Z . 29.00 40.52 40.76
CL25 Z72 Z . 27.71 41.39 40.04
ZN ZN AA . 29.85 35.29 38.96
MG MG BA . 28.55 35.67 42.51
C1 Z72 CA . 1.98 -24.59 -35.39
C2 Z72 CA . 2.31 -25.55 -34.42
O3 Z72 CA . 1.58 -25.62 -33.26
C4 Z72 CA . 1.51 -24.37 -32.58
C5 Z72 CA . 2.05 -24.52 -31.15
C6 Z72 CA . 0.83 -24.63 -30.23
C7 Z72 CA . -0.41 -24.24 -31.05
C8 Z72 CA . 0.07 -23.87 -32.46
C9 Z72 CA . 3.40 -26.38 -34.60
CA Z72 CA . 0.38 -22.89 -36.21
OA Z72 CA . 0.81 -23.78 -35.18
OB Z72 CA . -0.70 -22.29 -36.01
O10 Z72 CA . 3.70 -27.34 -33.63
C11 Z72 CA . 4.80 -28.19 -33.96
C12 Z72 CA . 4.22 -26.28 -35.78
C13 Z72 CA . 3.89 -25.30 -36.76
C14 Z72 CA . 2.74 -24.44 -36.55
C15 Z72 CA . 2.35 -23.47 -37.49
N16 Z72 CA . 3.22 -23.21 -38.57
C17 Z72 CA . 1.21 -22.76 -37.37
C18 Z72 CA . 3.02 -22.06 -39.43
C19 Z72 CA . 2.68 -22.26 -40.72
CL20 Z72 CA . 2.50 -23.86 -41.31
C21 Z72 CA . 2.42 -21.17 -41.56
N22 Z72 CA . 2.54 -19.86 -41.09
C23 Z72 CA . 2.90 -19.68 -39.76
C24 Z72 CA . 3.15 -20.79 -38.93
CL25 Z72 CA . 3.64 -20.52 -37.31
ZN ZN DA . 6.89 -22.71 -42.88
MG MG EA . 5.52 -19.09 -43.39
C1 Z72 FA . -19.23 -16.98 -30.57
C2 Z72 FA . -19.80 -16.57 -31.77
O3 Z72 FA . -19.01 -16.36 -32.87
C4 Z72 FA . -17.96 -15.43 -32.62
C5 Z72 FA . -18.02 -14.27 -33.60
C6 Z72 FA . -16.99 -14.54 -34.69
C7 Z72 FA . -16.09 -15.70 -34.20
C8 Z72 FA . -16.59 -16.10 -32.82
C9 Z72 FA . -21.18 -16.31 -31.84
CA Z72 FA . -17.23 -17.83 -29.37
OA Z72 FA . -17.82 -17.29 -30.55
OB Z72 FA . -16.03 -18.17 -29.47
O10 Z72 FA . -21.73 -15.91 -33.06
C11 Z72 FA . -23.16 -15.75 -33.02
C12 Z72 FA . -22.01 -16.47 -30.68
C13 Z72 FA . -21.41 -16.88 -29.47
C14 Z72 FA . -20.00 -17.14 -29.41
C15 Z72 FA . -19.35 -17.56 -28.24
N16 Z72 FA . -20.09 -17.55 -27.03
C17 Z72 FA . -18.04 -17.94 -28.21
C18 Z72 FA . -19.46 -17.73 -25.74
C19 Z72 FA . -19.70 -18.84 -25.04
CL20 Z72 FA . -20.82 -19.99 -25.61
C21 Z72 FA . -19.04 -19.06 -23.81
N22 Z72 FA . -18.11 -18.15 -23.32
C23 Z72 FA . -17.88 -17.01 -24.07
C24 Z72 FA . -18.54 -16.80 -25.29
CL25 Z72 FA . -18.25 -15.36 -26.19
ZN ZN GA . -23.53 -17.61 -22.54
MG MG HA . -20.37 -17.28 -20.29
#